data_6XP5
#
_entry.id   6XP5
#
_cell.length_a   1.00
_cell.length_b   1.00
_cell.length_c   1.00
_cell.angle_alpha   90.00
_cell.angle_beta   90.00
_cell.angle_gamma   90.00
#
_symmetry.space_group_name_H-M   'P 1'
#
loop_
_entity.id
_entity.type
_entity.pdbx_description
1 polymer 'Mediator of RNA polymerase II transcription subunit 21'
2 polymer 'Mediator of RNA polymerase II transcription subunit 4'
3 polymer 'Mediator of RNA polymerase II transcription subunit 6'
4 polymer 'Mediator of RNA polymerase II transcription subunit 7'
5 polymer 'Mediator of RNA polymerase II transcription subunit 9'
6 polymer 'Mediator of RNA polymerase II transcription subunit 14'
7 polymer 'Mediator of RNA polymerase II transcription subunit 17'
8 polymer 'Mediator of RNA polymerase II transcription subunit 31'
9 polymer 'Mediator of RNA polymerase II transcription subunit 8'
10 polymer 'Mediator of RNA polymerase II transcription subunit 11'
11 polymer 'Mediator of RNA polymerase II transcription subunit 18'
12 polymer Med22
13 polymer 'Mediator of RNA polymerase II transcription subunit 1'
14 polymer 'Unknown peptide'
15 polymer HEAT
#
loop_
_entity_poly.entity_id
_entity_poly.type
_entity_poly.pdbx_seq_one_letter_code
_entity_poly.pdbx_strand_id
1 'polypeptide(L)'
;DRLTQLQEAMDELLEMFLSAFFWVERHHDLKTFGPNDKIPDLKADQPKEVDTKSPEEYKAGQLQLARDIIVKEQQIEYLI
STLPGLDNSEREQIQLLRELEDDLVTAEAQRQEALKERDEVLGKLDALLRGLERP
;
U
2 'polypeptide(L)'
;MDKELDGRFERLEKALATMIDSLSKNNPSTKLAQDLVAAEAELLEGLKLLEAHQNNHARIQQLRQSTEQADAQIKDIISS
LWKMRQELTSVQTSPIPKGAKFQFTTGELLDFARRISRNTLPPPGVTNGVNMTPAAARHSQQPSSVEPEDSFRVTSQSQT
QTPNTSFNVSFNGTLVDTPGPFNNNSTPIPNAGPANSQNPHTELPEHLKLATNPLHGASFFPWPSVEQVRSGALGAYQLL
VDKGIDPRGYDPEFEEQRRKDAEREAEERAKQEREEAERRAREEAERIARQRELERQRARESMAAAAEEGRRDSVVGGPA
AGKPKQFTFLGGDDDDDDDDD
;
D
3 'polypeptide(L)'
;MADPSSSTSAMPLDEIQWHTNPAVVGGSIHDNSVLFYFRESPFYDKTSNNEVLYQQGLHNQTMMQFLETRERFERRLREM
SGLEFVVAQEPAETAPGTGTGVWVINKQTRRKRQGEEDEISVHGTYFLVGENVYMAAPTLADIISMRLASASSSISRLLP
IAASVQSWSPGTGRVYKTPSMTSQTNQANQPSSQTQSQPTSQPATTTTTTALPPPDPRWLEETLMIHEFFGDHHLDKNPI
TGKPGDFHLSSTGRKIQTLPTAAAGNKKPGSGLPPLPAINTKVQQNPMGSGKQVTGKETKSPKTPSSSTGPGTGGMSTGM
GKPKKRKSSKAAVTPTS
;
F
4 'polypeptide(L)'
;MDSSEDDGNKVAHLWPDPPAFWKDFTPENIERYNALKQTYAQQHGLSSDALVRIPDVPADLINLQPPPEPVDGKWKLYGQ
QEALANSLQSLEDAGIQRLAPASETTSDSKHFDRGFELKKLAKSLLVNYLELMGIMSINPAHASEKVQDIKTIVLNFHHI
LNEYRPHQAREQLIQLMQDHLDAKRNETAAVRAVVDKAKRLIEGLASIEIPKVEDDNGRKAVEVERAALAERREIAAWQE
ADALFT
;
G
5 'polypeptide(L)'
;MTAPLPEGLTPDAVDTLTELSAIIKKLRAAQQQQAANPSSQAAAGGPGTTGAPGSQPSSSGPNATAAGGAIGTTSLPSSA
TTGPTPSNALHSVKELPATTDPIKHKLQRARAAVRLLGDMSRTMAQQEAELARLEERRRKQAAMLAKAQEEGARLSKGFG
EVGETPVVLVETGDKMAME
;
I
6 'polypeptide(L)'
;MEARAHGALPNNYDRERFINGVGGDDKALKRKLEEPLSDITKELDTVIAQSDVAVADPKGQLCPDADVPDEMEHITDGIL
PLNLLLIRLAEFSHSKLEELVTMLASKPVPQHAVNGNGSHSTLVEDASPESQEKKRLLLNTIQDLHSRWVKALVITEWAR
NAEKVGKLIDIRTHLFKKLELYPQVLNDFINLKRDMAWAKVPSPDLKTALHILTHGEVTWMPDFNFLDPPPLTTEETLRW
INDMNLALHARLQLEEHDKLPPPFKNYTIDSGRVTFRVRGEFEVDLSISEEDFSEQFWFINFRFDFSPAPAELTPAVRYW
MTEKVNNILKTEGLGGCYKYLHEFTLTQKIAELHRQAIALNKGRWANSLRVEKLNRNLGIHYWANRLHSQNLKSWIIIGV
HSGEDPQGLEEPKPSYLMVQWFREGVEQFIDIPFSQEKLSIEEILEFVTAKHVGYLLFSLFRKFDGKPRFTQGKKARLEL
NVWTQKPEDYYLSMQLLDDEDLKIQVNPWMGDFITTPSTGPWNRTLNSLGNPAEEGSKELENFRYIYIISVLKAQGKSHG
WSVVRSPISQDELRSIVHSESASSRETFQAAWTRFVDWDPQWYAMRSMSLAGDQWWLVEVTSQRQSISGNRLVFFTKMAP
CFSEERLTDGFFNGLRDHSRRLIAEITNLRELYPGITPSQLRKLIDPTRQPPVLPVKASKILGDFGGADAQSIAWLKDPV
WLIYRGSACDAAATRVSDSPQQKRTQPVLDVFEAYLDVTDRRRFQTLNPRLDRDILYNPYTGRFMFRLRAKMGVPVVPLL
GIRVRQLQRLLDFLEGLRRVGDQAVPERVTLREIVFSYGATRKRDSTNQPKVRPWRVRLDLTKEEGVGVVLEKGNPHLRV
INRLEDLVNSQKFYSLATYLTLSLPLFRAFEQLENAWQTAQENGRGSCFILHLSLDKHTIRFVLPGHQRQISLLIQPHEK
EGKLVWEVGRPRHDPELLNENCEFNRVLKERVWTISGSGFKGLVTGAAAEPDEGIERLLVLISDAVLHLSTSQPATAPPQ
PPQAQPSQQVQQVQQQQVVSQLQPQAQQPRSAMPHASVGQQQPHGAPAPMARFPPQQQQIFQQQRPPQPQPNMHGGQISQ
PNMHGGPKPQLQGQHGQPGQMVAAPQQQGQRPGTGTAAGMGRSNAPLVVLD
;
N
7 'polypeptide(L)'
;MTDRPFILQVPPTQQRGPQNIAEFVARINPDAFRVLNEAELRRKVEEEKNGVGQDEDVDMESSPSDNEGEPADAKDIITA
KHEMLRVIDQTRQTTLYALDFVSLLLSKENPGQAVTTFSPGLRELVGIGTLGATMLDAPTPLTQSRIPDNKLVTIGKRLM
DLNKAADTALAASKRLQKEIAAETKYWSEVLAVRNDGWQTSRMPREPQTMGVKFGFNNAAPEFKAVSIAPMRRADNGSVL
LDRSSIGHKSQRIQVRILEDGRIVGRSSLPSPVSADAPLQDRVKEMRDTIFAQELWHEINREARTLLNQGVHLEPSSITY
TMDASTTVSIRLATLGEEEEGLDEQQEGPQDVMAESLNIALSLLLSHAHRMNELRRSEPGINKGPPRTYPILLPLISYHK
YNQSIQTCLQTLSAHISVLRSASVDSSMTVKEPLLSSPPGAPAATSLYTILTRPPAVQFDITITPDSRIRILLKPTQLTG
AAFSICCLPALHPGAQNPLATTCPPSTDDYDSLTQVVSYLQAAIPRALAAHYEAVLVVEATVNGGMLGDLPPSPSRWMPL
IDGKGIVDPETMRFGIRFSFGRNPAKGGQLELGAQTDYVDGSRKRVRRNWIWPGAQSSLDSVAKHVLARGPPEE
;
Q
8 'polypeptide(L)'
;MSVDSSGMEPPPLPSDGPEEPKHGGHTRFELELEFVQALSNPEYVNWLASRKYLMNPAFVAYLDYLQYWSRPPYLKYLTY
PTATLRMLQLLQSERFRQEILVPDVAWQLRLEGMKAAVLWHKEG
;
Z
9 'polypeptide(L)'
;MASLNLAPEELKQLELLRNRFAQLQSSLTSLAGNLIRTEPLPTYESLQASASILQQNLRSIQELMTENSDIFKRIAIHPS
TNFPGRTQEHMLLQLLRKKLEPEVESWVEEARETARAAGIDVSKLSGPGGGAPTRGMNGYGDDDEYGLDDEDEGVPSDPF
NEQWADMLETFQHSLHHYVTVQLKKQYTVEEQEMGIENVRTGLKRELGDEDEDEDEDEEEEEEGVAGVAGGAASQGAGAG
TAGAAAKKPVIQPEYLFWLAARGDTRVSRNIEFEAMRKVAQTAKRPAPPR
;
H
10 'polypeptide(L)'
;MAQPSQSSVPESDAGSFPVDIHKPFTPAERIQQLGEIDNDIASLLQHLSAALKALATPPGKRIFQEQDSESNSPSASDTS
NPNDTPPSSCGIDPVTAFKTAQNDFFRTIDRIDKHLTRQIYALEEAGIITLKSGTGSGAGTVGAGATEEQAQQLPQPQMI
PGQPQAAGITADASVAPVPKARLEPDGMGRYGKLDVGRLNMASSIVEREMEGELWRKAREHLGRMTSQASGREDRMEE
;
K
11 'polypeptide(L)'
;MPYEIFLAGVVSDNDEAKARAVLGGFTEMREHHRFTRVQHYEPQDIKIRGFPTIKELLKERGPTTALYQELHNILVRQPY
TLQIRTNITDAILGPAQAGAEAAPHGTVSGGKPHILRWSDIPDPPNQRIPPFITQRKIIEIPDQRAPRILAASKFRNKSD
LVEESYHWWFNDVEYSMVRTYLISLDPSPQTTDQVPSLAGLEPIGDFWLLYVRMRVEATPDRMQQAHNQLQQIRDQLLGV
FEFKVWDRRAHDTRIMEQPTQGNGNVIGDAHNSNKKSNGVSPTTASSSEEVSPVDSQLTIPLPDDDDGDNVEDTPDTEMD
EDDDESEYDSDSERDWPKDD
;
R
12 'polypeptide(L)'
;MDRDQGASDNLLERKNILIASIMTSYRDLITHATSPITSATASPGHAGYSSMALSTAIHAAVKYTEDLLSLTRTLREALW
VVGPLTGPGEKDAQAEEGMAKDAEVVWDVLNEMRDRERERMMAALMEGDTRVRGAVRFERGDVEVVVAGQGQQIEMGRGV
NGEVKSEGA
;
V
13 'polypeptide(L)'
;MSTPIPTPGRNPLQGRTPSQAHGAAGTPPVSTPFSAAQAVFSPNGPRSSPQQFKRSPATVGSTTATGGRPPSAINFDSPS
ASAALGALQPMTPGMDMTIRSLANLGRASEDERAKRLEEVIHILSKSKGLVSEAGLERLARSLELEFMWESSMGSDNKRT
LIVAGSALELLVEFSQDVVQSVTLNFPDSPEIVTKHAQKAGEILFNDLRLAPGQSPLTKSLARFAANFERLAVLDKLSIL
PGLNLYEAVADVYESLARLHAWELQKLREDPSLAGKDDEYLENLVLCTKSGKPAMNDRGRVGLALDYWKEKHLLRTPEAE
VASWIADNERTWSILIGCAPLRDLSINPVRISDKWIGPNVVKTSLPDGLHTGEPIIDWLDPEPTFIPATDQQQQQQQQQQ
QQQQQQQQQQQADAPLLPPRLPEVAFHAVFDPPVHIPINLWQHLQEMGCVLPDETATQPFQQHHFRSFDSLVIPPPQGKE
TDATETRVFSCRKKTPFVPRRSGVRNGEGATQKMEYRIHQNTLFVPKPVMCRTLTEMSFSHPQQLVSILPYLRQYAFLAQ
LLENSFKPGPALQLPTDPNADTTTSKPTPNAKASHKKLDDFEAFLAKHSSHSGPISNMTPSQHQPSSDLSIDVTLRLVLP
SPKLQIVFPLHATSKEEVKGKIAHVTFAVRENGRLEVEMQNMIEEEGDQMEGVKTEGDEDGEEKKRRRPQPGDLARALEV
LEDVGKWAEFVRTRWV
;
a
14 'polypeptide(L)'
;(UNK)(UNK)(UNK)(UNK)(UNK)(UNK)(UNK)(UNK)(UNK)(UNK)(UNK)(UNK)(UNK)(UNK)(UNK)(UNK)
(UNK)(UNK)(UNK)(UNK)(UNK)
;
b
15 'polypeptide(L)'
;(UNK)(UNK)(UNK)(UNK)(UNK)(UNK)(UNK)(UNK)(UNK)(UNK)(UNK)(UNK)(UNK)(UNK)(UNK)(UNK)
(UNK)(UNK)(UNK)(UNK)(UNK)(UNK)(UNK)(UNK)(UNK)(UNK)(UNK)(UNK)(UNK)(UNK)(UNK)(UNK)
(UNK)(UNK)(UNK)(UNK)(UNK)(UNK)(UNK)(UNK)(UNK)(UNK)(UNK)(UNK)(UNK)(UNK)(UNK)(UNK)
(UNK)(UNK)(UNK)(UNK)(UNK)(UNK)(UNK)(UNK)(UNK)(UNK)(UNK)(UNK)(UNK)(UNK)(UNK)(UNK)
(UNK)(UNK)(UNK)(UNK)(UNK)(UNK)(UNK)(UNK)(UNK)(UNK)(UNK)(UNK)(UNK)(UNK)(UNK)(UNK)
(UNK)(UNK)(UNK)(UNK)(UNK)(UNK)(UNK)(UNK)(UNK)(UNK)(UNK)(UNK)(UNK)(UNK)(UNK)(UNK)
(UNK)(UNK)(UNK)(UNK)(UNK)(UNK)(UNK)(UNK)(UNK)(UNK)(UNK)(UNK)(UNK)(UNK)(UNK)(UNK)
(UNK)(UNK)(UNK)(UNK)(UNK)(UNK)(UNK)(UNK)(UNK)(UNK)(UNK)(UNK)(UNK)(UNK)(UNK)(UNK)
(UNK)(UNK)(UNK)(UNK)(UNK)(UNK)(UNK)(UNK)(UNK)(UNK)(UNK)(UNK)(UNK)(UNK)(UNK)(UNK)
(UNK)(UNK)(UNK)(UNK)(UNK)(UNK)(UNK)(UNK)(UNK)(UNK)(UNK)(UNK)(UNK)(UNK)(UNK)(UNK)
(UNK)(UNK)(UNK)(UNK)(UNK)(UNK)(UNK)(UNK)(UNK)(UNK)(UNK)(UNK)(UNK)(UNK)(UNK)(UNK)
(UNK)(UNK)(UNK)(UNK)(UNK)(UNK)(UNK)(UNK)(UNK)(UNK)(UNK)(UNK)(UNK)(UNK)(UNK)(UNK)
(UNK)(UNK)(UNK)(UNK)(UNK)(UNK)(UNK)(UNK)
;
c
#
# COMPACT_ATOMS: atom_id res chain seq x y z
N ASP A 1 4.86 29.26 82.60
CA ASP A 1 5.75 30.11 81.82
C ASP A 1 6.14 31.33 82.64
N ARG A 2 5.15 32.16 82.97
CA ARG A 2 5.35 33.26 83.90
C ARG A 2 6.04 32.78 85.17
N LEU A 3 5.53 31.69 85.74
CA LEU A 3 6.16 31.09 86.90
C LEU A 3 7.61 30.73 86.61
N THR A 4 7.86 30.14 85.43
CA THR A 4 9.20 29.75 85.07
C THR A 4 10.15 30.95 85.06
N GLN A 5 9.75 32.02 84.37
CA GLN A 5 10.64 33.17 84.25
C GLN A 5 10.86 33.83 85.60
N LEU A 6 9.80 33.99 86.39
CA LEU A 6 9.98 34.60 87.71
C LEU A 6 10.91 33.76 88.58
N GLN A 7 10.77 32.44 88.54
CA GLN A 7 11.62 31.57 89.34
C GLN A 7 13.07 31.70 88.90
N GLU A 8 13.33 31.56 87.59
CA GLU A 8 14.71 31.63 87.12
C GLU A 8 15.32 33.00 87.39
N ALA A 9 14.51 34.07 87.36
CA ALA A 9 15.03 35.39 87.67
C ALA A 9 15.40 35.50 89.14
N MET A 10 14.49 35.06 90.02
CA MET A 10 14.78 35.02 91.45
C MET A 10 16.05 34.23 91.75
N ASP A 11 16.29 33.14 91.01
CA ASP A 11 17.50 32.37 91.23
C ASP A 11 18.74 33.11 90.74
N GLU A 12 18.72 33.55 89.47
CA GLU A 12 19.89 34.23 88.92
C GLU A 12 20.21 35.51 89.67
N LEU A 13 19.25 36.04 90.43
CA LEU A 13 19.57 37.15 91.32
C LEU A 13 20.68 36.79 92.30
N LEU A 14 20.72 35.54 92.78
CA LEU A 14 21.78 35.12 93.69
C LEU A 14 23.14 35.13 92.99
N GLU A 15 23.18 34.61 91.76
CA GLU A 15 24.39 34.73 90.96
C GLU A 15 24.81 36.18 90.82
N MET A 16 23.85 37.08 90.64
CA MET A 16 24.16 38.51 90.58
C MET A 16 24.79 39.00 91.88
N PHE A 17 24.25 38.56 93.01
CA PHE A 17 24.80 38.98 94.31
C PHE A 17 26.24 38.50 94.46
N LEU A 18 26.51 37.26 94.08
CA LEU A 18 27.88 36.76 94.13
C LEU A 18 28.80 37.52 93.19
N SER A 19 28.30 37.84 91.99
CA SER A 19 29.08 38.61 91.04
C SER A 19 29.43 39.98 91.60
N ALA A 20 28.49 40.58 92.33
CA ALA A 20 28.70 41.91 92.88
C ALA A 20 29.65 41.89 94.07
N PHE A 21 29.29 41.14 95.11
CA PHE A 21 29.97 41.23 96.40
C PHE A 21 31.45 40.84 96.31
N PHE A 22 31.72 39.65 95.78
CA PHE A 22 33.08 39.15 95.80
C PHE A 22 33.97 39.84 94.77
N TRP A 23 33.39 40.35 93.68
CA TRP A 23 34.18 41.18 92.78
C TRP A 23 34.48 42.55 93.39
N VAL A 24 33.56 43.12 94.17
CA VAL A 24 33.88 44.36 94.87
C VAL A 24 34.89 44.10 95.98
N GLU A 25 34.92 42.87 96.51
CA GLU A 25 35.98 42.52 97.46
C GLU A 25 37.32 42.33 96.77
N ARG A 26 37.34 41.64 95.62
CA ARG A 26 38.53 41.60 94.78
C ARG A 26 39.04 42.99 94.48
N HIS A 27 38.13 43.95 94.35
CA HIS A 27 38.53 45.35 94.46
C HIS A 27 39.00 45.53 95.90
N HIS A 28 40.32 45.52 96.08
CA HIS A 28 40.91 45.28 97.38
C HIS A 28 40.54 46.36 98.39
N ASP A 29 40.22 45.92 99.60
CA ASP A 29 39.74 46.82 100.63
C ASP A 29 40.83 47.76 101.11
N LEU A 30 40.67 49.05 100.80
CA LEU A 30 41.55 50.10 101.31
C LEU A 30 41.06 50.57 102.68
N LYS A 31 40.34 49.70 103.37
CA LYS A 31 39.68 50.05 104.62
C LYS A 31 40.72 50.33 105.71
N THR A 32 40.23 50.78 106.87
CA THR A 32 41.04 51.04 108.05
C THR A 32 41.09 49.83 108.97
N PHE A 33 40.97 48.64 108.37
CA PHE A 33 40.99 47.37 109.09
C PHE A 33 42.17 47.29 110.05
N GLY A 34 42.08 46.41 111.06
CA GLY A 34 43.04 46.39 112.14
C GLY A 34 44.27 45.49 111.99
N PRO A 35 44.76 45.24 110.76
CA PRO A 35 46.18 44.87 110.64
C PRO A 35 47.12 46.02 110.96
N ASN A 36 48.41 45.71 111.03
CA ASN A 36 49.46 46.68 111.30
C ASN A 36 49.70 47.55 110.07
N ASP A 37 50.78 48.33 110.08
CA ASP A 37 50.96 49.37 109.06
C ASP A 37 51.32 48.76 107.71
N LYS A 38 50.48 47.83 107.25
CA LYS A 38 50.58 47.23 105.92
C LYS A 38 49.15 47.13 105.41
N ILE A 39 48.75 48.09 104.58
CA ILE A 39 47.40 48.14 104.02
C ILE A 39 47.15 46.86 103.24
N PRO A 40 46.26 45.96 103.70
CA PRO A 40 46.09 44.67 103.03
C PRO A 40 45.54 44.82 101.62
N ASP A 41 46.36 44.52 100.61
CA ASP A 41 46.01 44.81 99.22
C ASP A 41 46.21 43.65 98.25
N LEU A 42 47.10 42.70 98.54
CA LEU A 42 47.51 41.72 97.54
C LEU A 42 47.25 40.27 97.95
N LYS A 43 47.74 39.84 99.11
CA LYS A 43 47.77 38.41 99.42
C LYS A 43 46.48 37.95 100.07
N ALA A 44 45.82 38.81 100.84
CA ALA A 44 44.69 38.41 101.65
C ALA A 44 43.34 38.62 100.96
N ASP A 45 43.32 39.13 99.73
CA ASP A 45 42.07 39.35 99.01
C ASP A 45 41.58 38.08 98.34
N THR A 52 45.98 50.25 91.83
CA THR A 52 44.86 49.77 92.65
C THR A 52 43.68 49.34 91.77
N LYS A 53 42.66 48.76 92.39
CA LYS A 53 41.40 48.54 91.71
C LYS A 53 40.47 49.71 91.99
N SER A 54 39.59 50.00 91.04
CA SER A 54 38.83 51.24 91.06
C SER A 54 38.12 51.41 92.40
N PRO A 55 38.45 52.44 93.17
CA PRO A 55 37.94 52.53 94.56
C PRO A 55 36.49 52.97 94.62
N GLU A 56 35.87 53.13 93.44
CA GLU A 56 34.52 53.70 93.36
C GLU A 56 33.44 52.79 93.91
N GLU A 57 33.78 51.59 94.40
CA GLU A 57 32.77 50.63 94.81
C GLU A 57 32.97 50.03 96.20
N TYR A 58 34.02 50.39 96.93
CA TYR A 58 34.31 49.75 98.21
C TYR A 58 33.18 49.97 99.20
N LYS A 59 32.93 51.22 99.59
CA LYS A 59 31.76 51.56 100.38
C LYS A 59 30.90 52.65 99.76
N ALA A 60 31.43 53.39 98.77
CA ALA A 60 30.57 54.26 97.97
C ALA A 60 29.72 53.43 97.02
N GLY A 61 30.28 52.36 96.47
CA GLY A 61 29.51 51.45 95.63
C GLY A 61 28.35 50.79 96.34
N GLN A 62 28.42 50.67 97.66
CA GLN A 62 27.29 50.20 98.44
C GLN A 62 26.08 51.13 98.31
N LEU A 63 26.29 52.35 97.81
CA LEU A 63 25.22 53.24 97.42
C LEU A 63 25.34 53.72 95.98
N GLN A 64 26.36 53.28 95.23
CA GLN A 64 26.52 53.63 93.83
C GLN A 64 26.02 52.53 92.90
N LEU A 65 26.56 51.31 93.04
CA LEU A 65 26.22 50.23 92.14
C LEU A 65 25.01 49.43 92.63
N ALA A 66 24.74 49.42 93.92
CA ALA A 66 23.55 48.75 94.43
C ALA A 66 22.29 49.51 94.05
N ARG A 67 22.40 50.83 93.86
CA ARG A 67 21.29 51.59 93.32
C ARG A 67 21.02 51.23 91.87
N ASP A 68 22.03 50.70 91.16
CA ASP A 68 21.79 50.15 89.84
C ASP A 68 20.99 48.87 89.91
N ILE A 69 21.05 48.16 91.04
CA ILE A 69 20.41 46.85 91.16
C ILE A 69 19.11 46.88 91.97
N ILE A 70 18.80 48.00 92.62
CA ILE A 70 17.56 48.07 93.40
C ILE A 70 16.36 47.81 92.49
N VAL A 71 16.38 48.37 91.28
CA VAL A 71 15.30 48.09 90.33
C VAL A 71 15.36 46.66 89.83
N LYS A 72 16.58 46.11 89.70
CA LYS A 72 16.73 44.72 89.28
C LYS A 72 16.20 43.76 90.33
N GLU A 73 16.12 44.20 91.58
CA GLU A 73 15.53 43.41 92.65
C GLU A 73 14.09 43.78 92.93
N GLN A 74 13.61 44.89 92.39
CA GLN A 74 12.20 45.24 92.48
C GLN A 74 11.39 44.73 91.29
N GLN A 75 12.04 44.35 90.20
CA GLN A 75 11.33 43.82 89.03
C GLN A 75 10.51 42.59 89.38
N ILE A 76 10.88 41.86 90.42
CA ILE A 76 10.24 40.57 90.72
C ILE A 76 8.76 40.76 91.03
N GLU A 77 8.43 41.81 91.77
CA GLU A 77 7.04 42.00 92.20
C GLU A 77 6.12 42.35 91.03
N TYR A 78 6.68 42.69 89.86
CA TYR A 78 5.86 43.02 88.72
C TYR A 78 4.96 41.86 88.32
N LEU A 79 5.59 40.76 87.89
CA LEU A 79 4.83 39.59 87.46
C LEU A 79 4.05 38.93 88.58
N ILE A 80 4.37 39.25 89.83
CA ILE A 80 3.60 38.73 90.96
C ILE A 80 2.14 39.10 90.81
N SER A 81 1.88 40.35 90.41
CA SER A 81 0.51 40.79 90.20
C SER A 81 -0.14 40.11 89.00
N THR A 82 0.67 39.59 88.06
CA THR A 82 0.12 39.04 86.82
C THR A 82 -0.41 37.62 86.97
N LEU A 83 -0.26 37.01 88.14
CA LEU A 83 -0.74 35.64 88.31
C LEU A 83 -2.25 35.58 88.10
N PRO A 84 -2.76 34.50 87.54
CA PRO A 84 -4.22 34.37 87.40
C PRO A 84 -4.87 33.85 88.68
N GLY A 85 -5.19 34.75 89.59
CA GLY A 85 -5.86 34.37 90.83
C GLY A 85 -7.36 34.27 90.68
N LEU A 86 -7.89 33.07 90.84
CA LEU A 86 -9.32 32.83 90.70
C LEU A 86 -9.65 31.54 91.45
N ASP A 87 -10.85 30.99 91.21
CA ASP A 87 -11.25 29.73 91.82
C ASP A 87 -10.29 28.63 91.37
N ASN A 88 -9.49 28.12 92.30
CA ASN A 88 -8.49 27.10 91.98
C ASN A 88 -9.13 25.83 91.43
N SER A 89 -10.38 25.55 91.79
CA SER A 89 -11.15 24.52 91.10
C SER A 89 -11.75 25.16 89.85
N GLU A 90 -10.96 25.19 88.78
CA GLU A 90 -11.35 25.84 87.53
C GLU A 90 -12.36 25.06 86.73
N ARG A 91 -13.06 24.09 87.34
CA ARG A 91 -13.94 23.21 86.60
C ARG A 91 -15.01 23.97 85.82
N GLU A 92 -15.27 25.23 86.17
CA GLU A 92 -16.25 26.03 85.42
C GLU A 92 -15.81 26.23 83.98
N GLN A 93 -14.54 26.58 83.77
CA GLN A 93 -14.08 26.91 82.41
C GLN A 93 -14.16 25.69 81.51
N ILE A 94 -13.84 24.50 82.03
CA ILE A 94 -13.91 23.31 81.18
C ILE A 94 -15.36 22.95 80.89
N GLN A 95 -16.24 23.11 81.88
CA GLN A 95 -17.67 22.89 81.64
C GLN A 95 -18.19 23.81 80.53
N LEU A 96 -17.72 25.06 80.51
CA LEU A 96 -18.23 26.03 79.56
C LEU A 96 -17.48 26.04 78.23
N LEU A 97 -16.34 25.36 78.15
CA LEU A 97 -15.61 25.25 76.89
C LEU A 97 -15.74 23.90 76.21
N ARG A 98 -16.18 22.86 76.92
CA ARG A 98 -16.35 21.55 76.29
C ARG A 98 -17.29 21.60 75.11
N GLU A 99 -18.20 22.58 75.09
CA GLU A 99 -19.08 22.76 73.94
C GLU A 99 -18.29 22.96 72.66
N LEU A 100 -17.20 23.74 72.75
CA LEU A 100 -16.40 24.07 71.57
C LEU A 100 -15.92 22.85 70.81
N GLU A 101 -15.64 21.73 71.49
CA GLU A 101 -15.16 20.55 70.79
C GLU A 101 -16.18 20.02 69.79
N ASP A 102 -17.46 20.23 70.06
CA ASP A 102 -18.50 19.84 69.11
C ASP A 102 -19.02 21.00 68.28
N ASP A 103 -18.95 22.22 68.81
CA ASP A 103 -19.44 23.38 68.07
C ASP A 103 -18.71 23.53 66.75
N LEU A 104 -17.38 23.43 66.78
CA LEU A 104 -16.60 23.64 65.57
C LEU A 104 -16.89 22.57 64.54
N VAL A 105 -17.04 21.31 64.97
CA VAL A 105 -17.30 20.23 64.02
C VAL A 105 -18.72 20.33 63.47
N THR A 106 -19.68 20.65 64.33
CA THR A 106 -21.06 20.79 63.88
C THR A 106 -21.20 21.91 62.85
N ALA A 107 -20.68 23.10 63.19
CA ALA A 107 -20.69 24.19 62.21
C ALA A 107 -19.78 23.86 61.03
N GLU A 108 -18.83 22.96 61.23
CA GLU A 108 -17.87 22.66 60.17
C GLU A 108 -18.47 21.78 59.10
N ALA A 109 -19.23 20.75 59.50
CA ALA A 109 -19.77 19.80 58.53
C ALA A 109 -20.26 20.49 57.26
N GLN A 110 -20.93 21.63 57.41
CA GLN A 110 -21.36 22.41 56.26
C GLN A 110 -20.18 22.90 55.45
N ARG A 111 -19.20 23.53 56.10
CA ARG A 111 -18.08 24.10 55.35
C ARG A 111 -17.14 23.02 54.83
N GLN A 112 -17.07 21.88 55.52
CA GLN A 112 -16.39 20.70 55.02
C GLN A 112 -16.99 20.27 53.68
N GLU A 113 -18.28 19.94 53.70
CA GLU A 113 -18.93 19.61 52.44
C GLU A 113 -18.99 20.79 51.49
N ALA A 114 -18.72 22.01 51.96
CA ALA A 114 -18.84 23.18 51.11
C ALA A 114 -17.85 23.13 49.95
N LEU A 115 -16.55 23.21 50.22
CA LEU A 115 -15.57 23.24 49.14
C LEU A 115 -15.94 22.24 48.04
N LYS A 116 -16.08 20.98 48.44
CA LYS A 116 -16.41 19.92 47.51
C LYS A 116 -17.74 20.16 46.80
N GLU A 117 -18.82 20.35 47.57
CA GLU A 117 -20.17 20.34 46.99
C GLU A 117 -20.46 21.62 46.21
N ARG A 118 -19.93 22.77 46.66
CA ARG A 118 -20.02 23.98 45.86
C ARG A 118 -19.22 23.84 44.58
N ASP A 119 -18.11 23.11 44.61
CA ASP A 119 -17.46 22.75 43.35
C ASP A 119 -18.31 21.77 42.58
N GLU A 120 -19.14 20.98 43.27
CA GLU A 120 -19.90 19.92 42.62
C GLU A 120 -21.14 20.46 41.93
N VAL A 121 -21.72 21.54 42.46
CA VAL A 121 -22.81 22.19 41.76
C VAL A 121 -22.31 22.72 40.43
N LEU A 122 -21.01 22.98 40.34
CA LEU A 122 -20.34 23.27 39.09
C LEU A 122 -19.91 22.01 38.34
N GLY A 123 -19.60 20.94 39.05
CA GLY A 123 -19.16 19.72 38.39
C GLY A 123 -20.28 18.99 37.68
N LYS A 124 -21.46 18.98 38.29
CA LYS A 124 -22.68 18.52 37.63
C LYS A 124 -22.84 19.12 36.25
N LEU A 125 -22.24 20.30 36.03
CA LEU A 125 -22.23 20.97 34.75
C LEU A 125 -20.87 20.97 34.07
N ASP A 126 -19.80 20.54 34.76
CA ASP A 126 -18.45 20.70 34.24
C ASP A 126 -18.24 19.97 32.92
N ALA A 127 -18.95 18.87 32.69
CA ALA A 127 -18.92 18.24 31.38
C ALA A 127 -19.04 19.28 30.27
N LEU A 128 -20.14 20.05 30.31
CA LEU A 128 -20.35 21.11 29.32
C LEU A 128 -19.45 22.31 29.58
N LEU A 129 -19.32 22.70 30.85
CA LEU A 129 -18.52 23.86 31.25
C LEU A 129 -17.06 23.72 30.89
N ARG A 130 -16.61 22.55 30.47
CA ARG A 130 -15.25 22.33 30.04
C ARG A 130 -15.14 21.84 28.62
N GLY A 131 -16.19 21.20 28.09
CA GLY A 131 -16.21 20.89 26.68
C GLY A 131 -16.60 22.05 25.79
N LEU A 132 -17.18 23.12 26.35
CA LEU A 132 -17.72 24.20 25.53
C LEU A 132 -16.66 24.93 24.72
N GLU A 133 -15.40 24.89 25.15
CA GLU A 133 -14.35 25.71 24.57
C GLU A 133 -14.01 25.28 23.15
N ARG A 134 -14.84 24.40 22.56
CA ARG A 134 -14.63 23.76 21.26
C ARG A 134 -13.87 24.63 20.28
N PRO A 135 -14.28 25.89 20.01
CA PRO A 135 -13.46 26.63 19.04
C PRO A 135 -12.13 27.09 19.60
N GLU B 4 -6.84 37.05 -8.80
CA GLU B 4 -6.39 38.43 -8.76
C GLU B 4 -7.08 39.28 -9.82
N LEU B 5 -6.31 39.94 -10.67
CA LEU B 5 -6.88 40.86 -11.65
C LEU B 5 -5.95 40.98 -12.85
N ASP B 6 -6.53 40.90 -14.05
CA ASP B 6 -5.81 41.23 -15.27
C ASP B 6 -6.66 41.99 -16.27
N GLY B 7 -7.91 42.32 -15.93
CA GLY B 7 -8.78 42.96 -16.89
C GLY B 7 -8.32 44.34 -17.30
N ARG B 8 -8.02 45.19 -16.31
CA ARG B 8 -7.47 46.50 -16.62
C ARG B 8 -6.14 46.39 -17.36
N PHE B 9 -5.33 45.40 -17.01
CA PHE B 9 -4.01 45.26 -17.62
C PHE B 9 -4.12 44.90 -19.10
N GLU B 10 -5.09 44.05 -19.45
CA GLU B 10 -5.28 43.74 -20.87
C GLU B 10 -6.03 44.85 -21.61
N ARG B 11 -7.02 45.49 -20.97
CA ARG B 11 -7.68 46.61 -21.61
C ARG B 11 -6.71 47.75 -21.88
N LEU B 12 -5.62 47.83 -21.12
CA LEU B 12 -4.58 48.82 -21.42
C LEU B 12 -4.06 48.66 -22.85
N GLU B 13 -3.49 47.48 -23.17
CA GLU B 13 -2.99 47.27 -24.51
C GLU B 13 -4.11 47.31 -25.54
N LYS B 14 -5.32 46.91 -25.15
CA LYS B 14 -6.44 47.01 -26.08
C LYS B 14 -6.70 48.46 -26.47
N ALA B 15 -6.88 49.34 -25.48
CA ALA B 15 -7.08 50.75 -25.75
C ALA B 15 -5.89 51.34 -26.51
N LEU B 16 -4.68 50.85 -26.22
CA LEU B 16 -3.52 51.29 -26.99
C LEU B 16 -3.71 50.99 -28.47
N ALA B 17 -4.11 49.74 -28.79
CA ALA B 17 -4.41 49.39 -30.17
C ALA B 17 -5.53 50.26 -30.75
N THR B 18 -6.51 50.63 -29.92
CA THR B 18 -7.58 51.50 -30.38
C THR B 18 -7.04 52.83 -30.84
N MET B 19 -6.26 53.49 -29.98
CA MET B 19 -5.65 54.77 -30.35
C MET B 19 -4.73 54.62 -31.55
N ILE B 20 -4.02 53.49 -31.64
CA ILE B 20 -3.18 53.23 -32.81
C ILE B 20 -4.02 53.27 -34.08
N ASP B 21 -5.07 52.45 -34.14
CA ASP B 21 -5.90 52.39 -35.34
C ASP B 21 -6.51 53.74 -35.66
N SER B 22 -7.04 54.43 -34.65
CA SER B 22 -7.72 55.70 -34.88
C SER B 22 -6.75 56.76 -35.40
N LEU B 23 -5.68 57.03 -34.66
CA LEU B 23 -4.71 58.03 -35.10
C LEU B 23 -3.98 57.61 -36.37
N SER B 24 -3.99 56.32 -36.72
CA SER B 24 -3.45 55.89 -38.00
C SER B 24 -4.36 56.29 -39.13
N LYS B 25 -5.64 55.93 -39.04
CA LYS B 25 -6.60 56.35 -40.05
C LYS B 25 -6.86 57.85 -40.03
N ASN B 26 -6.35 58.56 -39.02
CA ASN B 26 -6.47 60.02 -38.98
C ASN B 26 -5.97 60.68 -40.26
N ASN B 27 -5.04 60.03 -40.97
CA ASN B 27 -4.60 60.56 -42.24
C ASN B 27 -5.78 60.65 -43.21
N PRO B 28 -5.92 61.76 -43.93
CA PRO B 28 -6.98 61.83 -44.94
C PRO B 28 -6.84 60.74 -45.99
N SER B 29 -7.80 59.81 -46.02
CA SER B 29 -7.74 58.66 -46.90
C SER B 29 -9.12 58.42 -47.49
N THR B 30 -9.17 57.54 -48.50
CA THR B 30 -10.42 57.36 -49.24
C THR B 30 -11.43 56.53 -48.45
N LYS B 31 -11.08 55.30 -48.08
CA LYS B 31 -12.07 54.38 -47.55
C LYS B 31 -11.87 54.07 -46.07
N LEU B 32 -10.70 53.55 -45.69
CA LEU B 32 -10.40 53.15 -44.31
C LEU B 32 -11.53 52.31 -43.72
N ALA B 33 -12.05 51.39 -44.52
CA ALA B 33 -13.22 50.60 -44.14
C ALA B 33 -12.82 49.43 -43.23
N GLN B 34 -12.09 49.77 -42.18
CA GLN B 34 -11.71 48.82 -41.13
C GLN B 34 -12.21 49.41 -39.81
N ASP B 35 -13.36 48.94 -39.36
CA ASP B 35 -13.95 49.44 -38.13
C ASP B 35 -13.01 49.23 -36.95
N LEU B 36 -13.29 49.94 -35.86
CA LEU B 36 -12.56 49.78 -34.61
C LEU B 36 -13.03 48.50 -33.91
N VAL B 37 -12.80 47.38 -34.60
CA VAL B 37 -13.27 46.09 -34.10
C VAL B 37 -12.49 45.67 -32.86
N ALA B 38 -11.18 45.84 -32.87
CA ALA B 38 -10.40 45.64 -31.64
C ALA B 38 -10.35 46.91 -30.81
N ALA B 39 -11.48 47.56 -30.71
CA ALA B 39 -11.93 48.54 -29.74
C ALA B 39 -13.32 48.19 -29.25
N GLU B 40 -14.19 47.72 -30.13
CA GLU B 40 -15.47 47.18 -29.72
C GLU B 40 -15.30 45.89 -28.95
N ALA B 41 -14.17 45.21 -29.13
CA ALA B 41 -13.82 44.10 -28.24
C ALA B 41 -13.71 44.59 -26.80
N GLU B 42 -12.95 45.67 -26.57
CA GLU B 42 -12.89 46.23 -25.24
C GLU B 42 -14.21 46.86 -24.83
N LEU B 43 -15.04 47.27 -25.79
CA LEU B 43 -16.38 47.71 -25.46
C LEU B 43 -17.20 46.57 -24.88
N LEU B 44 -17.07 45.37 -25.45
CA LEU B 44 -17.65 44.17 -24.84
C LEU B 44 -17.08 43.97 -23.44
N GLU B 45 -15.76 44.07 -23.30
CA GLU B 45 -15.13 44.04 -21.99
C GLU B 45 -15.71 45.12 -21.07
N GLY B 46 -16.32 46.14 -21.65
CA GLY B 46 -17.15 47.07 -20.91
C GLY B 46 -18.27 46.30 -20.25
N LEU B 47 -18.40 46.50 -18.94
CA LEU B 47 -19.32 45.78 -18.04
C LEU B 47 -18.85 44.37 -17.75
N LYS B 48 -17.90 43.84 -18.52
CA LYS B 48 -17.25 42.60 -18.11
C LYS B 48 -16.25 42.88 -17.00
N LEU B 49 -15.35 43.83 -17.26
CA LEU B 49 -14.51 44.39 -16.20
C LEU B 49 -15.35 44.84 -15.02
N LEU B 50 -16.54 45.39 -15.28
CA LEU B 50 -17.36 45.91 -14.21
C LEU B 50 -17.95 44.80 -13.36
N GLU B 51 -18.43 43.73 -13.99
CA GLU B 51 -18.90 42.58 -13.21
C GLU B 51 -17.76 41.95 -12.42
N ALA B 52 -16.57 41.86 -13.03
CA ALA B 52 -15.42 41.37 -12.28
C ALA B 52 -15.14 42.25 -11.07
N HIS B 53 -15.21 43.57 -11.23
CA HIS B 53 -14.96 44.49 -10.13
C HIS B 53 -16.00 44.35 -9.04
N GLN B 54 -17.28 44.27 -9.43
CA GLN B 54 -18.34 44.14 -8.44
C GLN B 54 -18.23 42.81 -7.70
N ASN B 55 -17.85 41.75 -8.41
CA ASN B 55 -17.59 40.48 -7.76
C ASN B 55 -16.50 40.62 -6.71
N ASN B 56 -15.32 41.10 -7.13
CA ASN B 56 -14.18 41.20 -6.23
C ASN B 56 -14.46 42.16 -5.08
N HIS B 57 -15.30 43.17 -5.30
CA HIS B 57 -15.52 44.18 -4.27
C HIS B 57 -16.63 43.78 -3.30
N ALA B 58 -17.70 43.17 -3.79
CA ALA B 58 -18.62 42.48 -2.89
C ALA B 58 -17.86 41.47 -2.05
N ARG B 59 -16.89 40.77 -2.65
CA ARG B 59 -16.03 39.90 -1.88
C ARG B 59 -15.34 40.67 -0.77
N ILE B 60 -14.44 41.59 -1.14
CA ILE B 60 -13.68 42.36 -0.15
C ILE B 60 -14.57 42.87 0.96
N GLN B 61 -15.70 43.46 0.60
CA GLN B 61 -16.66 44.00 1.56
C GLN B 61 -17.12 42.92 2.54
N GLN B 62 -17.74 41.86 2.03
CA GLN B 62 -18.30 40.85 2.93
C GLN B 62 -17.20 40.14 3.71
N LEU B 63 -16.02 40.00 3.12
CA LEU B 63 -14.91 39.35 3.81
C LEU B 63 -14.44 40.16 5.01
N ARG B 64 -14.39 41.49 4.88
CA ARG B 64 -14.02 42.30 6.03
C ARG B 64 -15.01 42.11 7.17
N GLN B 65 -16.30 42.10 6.85
CA GLN B 65 -17.32 41.87 7.89
C GLN B 65 -17.17 40.49 8.50
N SER B 66 -16.88 39.48 7.67
CA SER B 66 -16.72 38.13 8.19
C SER B 66 -15.52 38.05 9.13
N THR B 67 -14.41 38.69 8.75
CA THR B 67 -13.24 38.70 9.62
C THR B 67 -13.55 39.39 10.94
N GLU B 68 -14.22 40.55 10.88
CA GLU B 68 -14.61 41.24 12.11
C GLU B 68 -15.48 40.35 12.99
N GLN B 69 -16.50 39.71 12.40
CA GLN B 69 -17.44 38.92 13.18
C GLN B 69 -16.78 37.67 13.75
N ALA B 70 -15.83 37.11 13.00
CA ALA B 70 -15.07 35.98 13.52
C ALA B 70 -14.20 36.40 14.69
N ASP B 71 -13.39 37.45 14.51
CA ASP B 71 -12.44 37.83 15.53
C ASP B 71 -13.15 38.34 16.78
N ALA B 72 -14.35 38.88 16.63
CA ALA B 72 -15.16 39.30 17.78
C ALA B 72 -15.86 38.09 18.38
N GLN B 73 -15.06 37.21 18.98
CA GLN B 73 -15.60 36.12 19.81
C GLN B 73 -15.04 36.28 21.21
N ILE B 74 -15.90 36.12 22.21
CA ILE B 74 -15.43 36.02 23.59
C ILE B 74 -15.28 34.54 23.93
N LYS B 75 -14.14 33.96 23.56
CA LYS B 75 -13.81 32.59 23.91
C LYS B 75 -12.88 32.52 25.11
N ASP B 76 -12.60 33.65 25.75
CA ASP B 76 -11.70 33.68 26.90
C ASP B 76 -12.42 33.96 28.20
N ILE B 77 -13.74 33.86 28.22
CA ILE B 77 -14.47 33.84 29.49
C ILE B 77 -14.12 32.57 30.26
N ILE B 78 -13.88 31.48 29.54
CA ILE B 78 -13.46 30.22 30.15
C ILE B 78 -12.15 30.40 30.90
N SER B 79 -11.29 31.28 30.40
CA SER B 79 -10.05 31.58 31.09
C SER B 79 -10.32 32.01 32.54
N SER B 80 -11.13 33.04 32.73
CA SER B 80 -11.45 33.49 34.08
C SER B 80 -12.22 32.41 34.83
N LEU B 81 -13.09 31.69 34.12
CA LEU B 81 -13.84 30.61 34.75
C LEU B 81 -12.92 29.61 35.42
N TRP B 82 -11.99 29.04 34.66
CA TRP B 82 -11.05 28.08 35.23
C TRP B 82 -10.13 28.76 36.24
N LYS B 83 -9.75 30.01 35.99
CA LYS B 83 -8.86 30.70 36.92
C LYS B 83 -9.47 30.73 38.31
N MET B 84 -10.75 31.07 38.41
CA MET B 84 -11.41 31.04 39.72
C MET B 84 -11.66 29.61 40.16
N ARG B 85 -11.96 28.71 39.22
CA ARG B 85 -12.31 27.35 39.59
C ARG B 85 -11.15 26.61 40.25
N GLN B 86 -9.93 26.93 39.86
CA GLN B 86 -8.78 26.30 40.48
C GLN B 86 -8.42 26.94 41.82
N GLU B 87 -9.06 28.05 42.17
CA GLU B 87 -8.79 28.66 43.47
C GLU B 87 -9.39 27.85 44.60
N LEU B 88 -10.49 27.14 44.33
CA LEU B 88 -11.18 26.39 45.38
C LEU B 88 -10.25 25.42 46.09
N THR B 89 -9.32 24.81 45.34
CA THR B 89 -8.42 23.84 45.96
C THR B 89 -7.45 24.50 46.92
N SER B 90 -6.86 25.63 46.53
CA SER B 90 -5.78 26.25 47.29
C SER B 90 -6.39 27.03 48.45
N VAL B 91 -6.66 26.34 49.56
CA VAL B 91 -7.16 26.95 50.79
C VAL B 91 -6.57 26.17 51.96
N GLN B 92 -6.80 26.64 53.18
CA GLN B 92 -6.44 25.88 54.36
C GLN B 92 -7.10 24.50 54.30
N THR B 93 -6.39 23.49 54.77
CA THR B 93 -6.84 22.11 54.66
C THR B 93 -6.82 21.44 56.03
N SER B 94 -7.99 21.03 56.50
CA SER B 94 -8.10 20.26 57.72
C SER B 94 -8.81 18.94 57.40
N PRO B 95 -8.11 17.82 57.38
CA PRO B 95 -8.74 16.57 56.94
C PRO B 95 -9.33 15.74 58.06
N ILE B 96 -10.49 15.14 57.80
CA ILE B 96 -11.10 14.17 58.70
C ILE B 96 -12.24 13.45 57.97
N PHE B 102 -9.67 9.49 71.18
CA PHE B 102 -9.46 8.04 71.19
C PHE B 102 -10.16 7.41 72.39
N GLN B 103 -9.39 7.13 73.45
CA GLN B 103 -9.91 6.52 74.67
C GLN B 103 -9.16 7.10 75.86
N PHE B 104 -9.72 8.15 76.47
CA PHE B 104 -9.13 8.76 77.66
C PHE B 104 -10.07 9.83 78.18
N THR B 105 -9.84 10.23 79.43
CA THR B 105 -10.48 11.39 80.02
C THR B 105 -9.41 12.43 80.34
N THR B 106 -9.88 13.63 80.68
CA THR B 106 -8.96 14.75 80.90
C THR B 106 -7.99 14.46 82.04
N GLY B 107 -8.53 14.21 83.24
CA GLY B 107 -7.69 14.12 84.43
C GLY B 107 -6.50 13.18 84.28
N GLU B 108 -6.65 12.11 83.51
CA GLU B 108 -5.54 11.21 83.25
C GLU B 108 -4.41 11.93 82.54
N LEU B 109 -4.74 12.65 81.46
CA LEU B 109 -3.73 13.32 80.65
C LEU B 109 -2.98 14.37 81.45
N LEU B 110 -3.66 15.07 82.36
CA LEU B 110 -2.98 16.04 83.21
C LEU B 110 -1.84 15.38 83.98
N ASP B 111 -2.17 14.31 84.70
CA ASP B 111 -1.15 13.56 85.42
C ASP B 111 -0.03 13.13 84.49
N PHE B 112 -0.39 12.42 83.41
CA PHE B 112 0.58 11.91 82.45
C PHE B 112 1.56 12.99 82.02
N ALA B 113 1.05 14.18 81.72
CA ALA B 113 1.90 15.30 81.36
C ALA B 113 2.85 15.65 82.50
N ARG B 114 2.30 15.85 83.69
CA ARG B 114 3.12 16.24 84.83
C ARG B 114 4.07 15.14 85.27
N ARG B 115 3.93 13.94 84.71
CA ARG B 115 4.78 12.81 85.04
C ARG B 115 5.89 12.59 84.03
N ILE B 116 5.62 12.83 82.75
CA ILE B 116 6.65 12.69 81.72
C ILE B 116 7.33 14.02 81.42
N SER B 117 6.95 15.10 82.11
CA SER B 117 7.58 16.40 81.91
C SER B 117 9.10 16.35 81.93
N ARG B 118 9.68 15.68 82.93
CA ARG B 118 11.11 15.80 83.19
C ARG B 118 11.99 15.18 82.12
N ASN B 119 11.51 14.18 81.38
CA ASN B 119 12.39 13.51 80.43
C ASN B 119 12.43 14.22 79.08
N THR B 120 11.38 14.95 78.71
CA THR B 120 11.36 15.66 77.44
C THR B 120 11.03 17.13 77.68
N LEU B 121 12.05 17.90 78.08
CA LEU B 121 12.07 19.36 78.04
C LEU B 121 13.46 19.83 78.43
N PRO B 122 14.03 20.83 77.75
CA PRO B 122 15.33 21.35 78.16
C PRO B 122 15.27 22.09 79.50
N PRO B 123 4.23 3.58 87.43
CA PRO B 123 5.07 3.45 88.62
C PRO B 123 5.70 4.78 88.98
N PRO B 124 5.13 5.47 89.97
CA PRO B 124 5.68 6.75 90.39
C PRO B 124 7.06 6.57 91.01
N GLY B 125 7.15 5.82 92.10
CA GLY B 125 8.44 5.52 92.71
C GLY B 125 8.64 4.03 92.93
N VAL B 126 7.81 3.17 92.31
CA VAL B 126 7.99 1.73 92.47
C VAL B 126 9.38 1.29 92.00
N THR B 127 9.93 1.99 91.01
CA THR B 127 11.34 1.85 90.65
C THR B 127 11.95 3.26 90.72
N ASN B 128 12.33 3.66 91.94
CA ASN B 128 12.83 5.00 92.19
C ASN B 128 14.34 5.13 91.98
N GLY B 129 15.02 4.05 91.62
CA GLY B 129 16.45 4.06 91.36
C GLY B 129 16.77 3.32 90.08
N VAL B 130 15.99 3.56 89.03
CA VAL B 130 16.14 2.86 87.77
C VAL B 130 16.61 3.75 86.64
N ASN B 131 17.16 4.93 86.94
CA ASN B 131 17.47 5.93 85.93
C ASN B 131 18.97 6.14 85.73
N MET B 132 19.80 5.28 86.31
CA MET B 132 21.24 5.41 86.15
C MET B 132 21.69 4.59 84.95
N THR B 133 23.01 4.45 84.77
CA THR B 133 23.53 3.65 83.67
C THR B 133 23.09 2.20 83.80
N PRO B 134 23.54 1.52 84.85
CA PRO B 134 23.13 0.13 85.09
C PRO B 134 22.86 -0.10 86.57
N ALA B 135 22.77 0.98 87.33
CA ALA B 135 22.57 0.89 88.78
C ALA B 135 21.15 0.47 89.13
N ALA B 136 20.36 0.10 88.11
CA ALA B 136 18.99 -0.30 88.32
C ALA B 136 18.96 -1.74 88.83
N ALA B 137 17.77 -2.33 88.89
CA ALA B 137 17.61 -3.72 89.31
C ALA B 137 18.54 -4.63 88.51
N ARG B 138 19.42 -5.32 89.21
CA ARG B 138 20.43 -6.16 88.58
C ARG B 138 20.46 -7.52 89.26
N HIS B 139 20.41 -8.58 88.44
CA HIS B 139 20.58 -9.94 88.91
C HIS B 139 22.01 -10.37 88.60
N SER B 140 22.86 -10.42 89.62
CA SER B 140 24.28 -10.68 89.45
C SER B 140 24.56 -12.14 89.75
N GLN B 141 25.17 -12.83 88.78
CA GLN B 141 25.49 -14.26 88.90
C GLN B 141 24.26 -15.06 89.30
N GLN B 142 23.13 -14.76 88.66
CA GLN B 142 21.86 -15.42 88.92
C GLN B 142 21.49 -15.36 90.41
N LEU C 13 42.77 -14.71 77.78
CA LEU C 13 41.55 -13.99 77.41
C LEU C 13 41.92 -12.53 77.24
N ASP C 14 42.77 -12.27 76.24
CA ASP C 14 43.49 -11.02 76.08
C ASP C 14 43.27 -10.44 74.69
N GLU C 15 42.01 -10.36 74.27
CA GLU C 15 41.68 -9.83 72.96
C GLU C 15 41.30 -8.36 72.98
N ILE C 16 40.40 -7.93 73.87
CA ILE C 16 39.98 -6.54 73.94
C ILE C 16 39.87 -6.11 75.40
N GLN C 17 39.95 -4.80 75.62
CA GLN C 17 39.92 -4.24 76.96
C GLN C 17 38.51 -4.25 77.53
N TRP C 18 38.43 -4.07 78.85
CA TRP C 18 37.15 -3.85 79.51
C TRP C 18 37.37 -3.10 80.80
N HIS C 19 36.31 -2.41 81.25
CA HIS C 19 36.41 -1.46 82.35
C HIS C 19 35.67 -1.96 83.59
N THR C 20 36.40 -2.65 84.45
CA THR C 20 36.19 -2.57 85.89
C THR C 20 37.12 -1.54 86.50
N ASN C 21 37.61 -0.61 85.67
CA ASN C 21 38.72 0.27 86.01
C ASN C 21 38.34 1.72 85.76
N PRO C 22 37.35 2.26 86.48
CA PRO C 22 36.93 3.64 86.23
C PRO C 22 37.65 4.69 87.07
N ALA C 23 38.42 4.29 88.07
CA ALA C 23 39.07 5.23 88.98
C ALA C 23 40.39 5.71 88.37
N VAL C 24 40.60 7.03 88.40
CA VAL C 24 41.91 7.62 88.10
C VAL C 24 42.65 8.02 89.36
N VAL C 25 42.13 7.65 90.54
CA VAL C 25 42.66 8.17 91.80
C VAL C 25 44.13 7.77 91.99
N GLY C 26 44.44 6.49 91.79
CA GLY C 26 45.79 6.00 91.96
C GLY C 26 46.41 5.63 90.63
N GLY C 27 47.37 6.44 90.18
CA GLY C 27 47.71 7.68 90.85
C GLY C 27 47.94 8.78 89.84
N SER C 28 49.09 9.45 89.93
CA SER C 28 49.49 10.39 88.89
C SER C 28 49.98 9.61 87.67
N ILE C 29 49.39 9.89 86.52
CA ILE C 29 49.66 9.07 85.33
C ILE C 29 50.97 9.53 84.70
N HIS C 30 52.08 9.04 85.22
CA HIS C 30 53.40 9.33 84.65
C HIS C 30 54.37 8.31 85.22
N ASP C 31 55.65 8.45 84.83
CA ASP C 31 56.68 7.47 85.17
C ASP C 31 56.64 7.07 86.65
N ASN C 32 56.42 8.04 87.53
CA ASN C 32 56.41 7.74 88.96
C ASN C 32 55.24 6.84 89.34
N SER C 33 54.04 7.13 88.83
CA SER C 33 52.83 6.46 89.30
C SER C 33 51.95 5.99 88.16
N VAL C 34 52.54 5.43 87.09
CA VAL C 34 51.76 4.84 86.01
C VAL C 34 51.51 3.36 86.22
N LEU C 35 52.31 2.69 87.06
CA LEU C 35 52.21 1.26 87.24
C LEU C 35 51.13 0.87 88.23
N PHE C 36 50.60 1.83 89.01
CA PHE C 36 49.52 1.52 89.95
C PHE C 36 48.30 0.96 89.23
N TYR C 37 48.06 1.41 88.00
CA TYR C 37 46.94 0.88 87.24
C TYR C 37 47.09 -0.63 87.04
N PHE C 38 48.32 -1.10 86.76
CA PHE C 38 48.55 -2.53 86.67
C PHE C 38 48.55 -3.18 88.05
N ARG C 39 49.03 -2.46 89.06
CA ARG C 39 49.03 -2.96 90.43
C ARG C 39 47.60 -3.28 90.87
N GLU C 40 46.64 -2.57 90.30
CA GLU C 40 45.22 -2.85 90.49
C GLU C 40 44.56 -3.20 89.16
N SER C 41 45.30 -3.89 88.29
CA SER C 41 44.77 -4.35 87.02
C SER C 41 43.72 -5.43 87.23
N PRO C 42 42.91 -5.71 86.19
CA PRO C 42 42.01 -6.86 86.24
C PRO C 42 42.71 -8.18 86.54
N PHE C 43 44.02 -8.25 86.29
CA PHE C 43 44.81 -9.43 86.60
C PHE C 43 46.12 -9.00 87.24
N TYR C 44 46.41 -9.54 88.42
CA TYR C 44 47.60 -9.20 89.18
C TYR C 44 48.41 -10.46 89.42
N ASP C 45 49.73 -10.30 89.56
CA ASP C 45 50.60 -11.47 89.67
C ASP C 45 50.60 -12.03 91.09
N LYS C 46 50.38 -11.18 92.09
CA LYS C 46 50.12 -11.58 93.47
C LYS C 46 51.35 -12.15 94.18
N THR C 47 52.46 -12.35 93.46
CA THR C 47 53.64 -12.95 94.07
C THR C 47 54.96 -12.34 93.61
N SER C 48 54.94 -11.29 92.79
CA SER C 48 56.17 -10.78 92.22
C SER C 48 57.01 -10.06 93.28
N ASN C 49 58.20 -9.62 92.88
CA ASN C 49 59.09 -8.92 93.80
C ASN C 49 58.47 -7.64 94.33
N ASN C 50 57.91 -6.82 93.44
CA ASN C 50 57.21 -5.62 93.91
C ASN C 50 56.04 -5.99 94.80
N GLU C 51 55.31 -7.06 94.46
CA GLU C 51 54.15 -7.46 95.23
C GLU C 51 54.54 -8.00 96.60
N VAL C 52 55.80 -8.41 96.78
CA VAL C 52 56.26 -8.93 98.06
C VAL C 52 57.19 -7.95 98.77
N LEU C 53 57.46 -6.79 98.18
CA LEU C 53 58.28 -5.77 98.82
C LEU C 53 57.53 -4.48 99.11
N TYR C 54 56.80 -3.95 98.13
CA TYR C 54 56.18 -2.63 98.27
C TYR C 54 54.75 -2.68 98.78
N GLN C 55 54.14 -3.86 98.86
CA GLN C 55 52.92 -4.00 99.64
C GLN C 55 53.17 -3.71 101.10
N GLN C 56 54.43 -3.80 101.54
CA GLN C 56 54.88 -3.33 102.83
C GLN C 56 55.32 -1.87 102.77
N GLY C 57 54.89 -1.14 101.75
CA GLY C 57 55.28 0.26 101.56
C GLY C 57 54.81 1.19 102.66
N LEU C 58 54.00 0.71 103.59
CA LEU C 58 53.62 1.52 104.74
C LEU C 58 54.86 1.94 105.52
N HIS C 59 54.94 3.24 105.83
CA HIS C 59 56.06 3.86 106.55
C HIS C 59 57.42 3.43 105.98
N ASN C 60 57.49 3.17 104.68
CA ASN C 60 58.71 2.71 104.04
C ASN C 60 58.82 3.34 102.67
N GLN C 61 59.78 2.88 101.88
CA GLN C 61 60.00 3.36 100.52
C GLN C 61 58.80 3.04 99.64
N THR C 62 58.10 4.06 99.18
CA THR C 62 56.83 3.88 98.48
C THR C 62 56.76 4.79 97.25
N MET C 63 57.84 4.80 96.47
CA MET C 63 57.86 5.61 95.26
C MET C 63 58.66 4.90 94.17
N MET C 64 58.40 5.28 92.92
CA MET C 64 59.14 4.74 91.79
C MET C 64 60.63 5.05 91.90
N GLN C 65 60.97 6.18 92.51
CA GLN C 65 62.38 6.49 92.76
C GLN C 65 63.06 5.37 93.54
N PHE C 66 62.36 4.83 94.53
CA PHE C 66 62.89 3.68 95.26
C PHE C 66 62.76 2.39 94.45
N LEU C 67 61.66 2.25 93.71
CA LEU C 67 61.47 1.08 92.86
C LEU C 67 62.59 0.92 91.83
N GLU C 68 63.27 2.02 91.49
CA GLU C 68 64.38 1.97 90.53
C GLU C 68 65.61 1.28 91.09
N THR C 69 65.54 0.71 92.29
CA THR C 69 66.67 0.00 92.87
C THR C 69 66.56 -1.50 92.61
N LEU C 77 62.85 -5.37 92.72
CA LEU C 77 64.21 -4.85 92.57
C LEU C 77 65.07 -5.81 91.74
N ARG C 78 65.80 -5.26 90.77
CA ARG C 78 66.74 -6.07 90.00
C ARG C 78 67.78 -6.70 90.91
N GLU C 79 68.14 -6.01 91.99
CA GLU C 79 69.02 -6.60 92.99
C GLU C 79 68.44 -7.88 93.56
N MET C 80 67.13 -7.92 93.77
CA MET C 80 66.47 -9.11 94.27
C MET C 80 66.48 -10.21 93.20
N SER C 81 65.94 -11.38 93.56
CA SER C 81 65.95 -12.55 92.69
C SER C 81 64.52 -13.09 92.59
N GLY C 82 63.81 -12.69 91.54
CA GLY C 82 62.44 -13.14 91.34
C GLY C 82 61.78 -12.54 90.11
N LEU C 83 60.45 -12.44 90.14
CA LEU C 83 59.69 -11.95 88.99
C LEU C 83 59.70 -10.43 88.98
N GLU C 84 60.08 -9.85 87.84
CA GLU C 84 60.28 -8.41 87.71
C GLU C 84 59.57 -7.88 86.47
N PHE C 85 59.57 -6.55 86.35
CA PHE C 85 58.92 -5.85 85.24
C PHE C 85 59.83 -4.74 84.76
N VAL C 86 59.77 -4.43 83.47
CA VAL C 86 60.58 -3.39 82.86
C VAL C 86 59.73 -2.61 81.87
N VAL C 87 59.81 -1.28 81.94
CA VAL C 87 59.17 -0.41 80.96
C VAL C 87 60.15 -0.17 79.82
N ALA C 88 59.67 -0.26 78.59
CA ALA C 88 60.54 -0.16 77.42
C ALA C 88 60.26 1.07 76.56
N GLN C 89 59.00 1.41 76.33
CA GLN C 89 58.66 2.52 75.45
C GLN C 89 57.70 3.46 76.17
N GLU C 90 57.71 4.72 75.77
CA GLU C 90 56.84 5.72 76.37
C GLU C 90 55.99 6.41 75.30
N THR C 98 55.51 4.90 69.06
CA THR C 98 54.77 5.47 70.17
C THR C 98 54.22 6.85 69.81
N GLY C 99 52.92 6.93 69.54
CA GLY C 99 52.32 8.18 69.18
C GLY C 99 52.12 9.15 70.34
N THR C 100 51.23 8.82 71.28
CA THR C 100 51.04 9.67 72.44
C THR C 100 51.05 8.89 73.75
N GLY C 101 50.56 7.65 73.74
CA GLY C 101 50.39 6.91 74.97
C GLY C 101 50.76 5.43 74.93
N VAL C 102 51.74 5.07 74.10
CA VAL C 102 52.14 3.68 73.94
C VAL C 102 53.08 3.32 75.09
N TRP C 103 52.57 2.58 76.08
CA TRP C 103 53.40 1.99 77.13
C TRP C 103 53.43 0.48 76.97
N VAL C 104 54.57 -0.11 77.31
CA VAL C 104 54.76 -1.56 77.22
C VAL C 104 55.46 -2.04 78.48
N ILE C 105 55.00 -3.16 79.03
CA ILE C 105 55.63 -3.79 80.18
C ILE C 105 56.14 -5.15 79.73
N ASN C 106 57.46 -5.33 79.83
CA ASN C 106 58.11 -6.59 79.44
C ASN C 106 58.37 -7.42 80.69
N LYS C 107 57.29 -7.96 81.24
CA LYS C 107 57.38 -8.77 82.46
C LYS C 107 58.26 -9.98 82.23
N GLN C 108 59.12 -10.29 83.21
CA GLN C 108 59.99 -11.46 83.15
C GLN C 108 60.09 -12.07 84.53
N THR C 109 60.72 -13.23 84.60
CA THR C 109 60.92 -13.96 85.86
C THR C 109 62.42 -14.17 86.05
N ARG C 110 63.08 -13.18 86.66
CA ARG C 110 64.51 -13.28 86.94
C ARG C 110 64.73 -13.90 88.32
N ARG C 111 64.21 -15.11 88.49
CA ARG C 111 64.32 -15.80 89.77
C ARG C 111 65.77 -16.18 90.08
N LYS C 112 66.63 -16.25 89.07
CA LYS C 112 68.03 -16.57 89.27
C LYS C 112 68.94 -15.56 88.56
N GLU C 117 72.79 -16.84 88.77
CA GLU C 117 72.59 -15.40 88.91
C GLU C 117 72.39 -14.74 87.56
N ASP C 118 71.51 -13.73 87.53
CA ASP C 118 71.19 -12.98 86.32
C ASP C 118 70.64 -13.90 85.23
N GLU C 119 69.51 -14.53 85.53
CA GLU C 119 68.79 -15.38 84.57
C GLU C 119 67.33 -14.94 84.57
N ILE C 120 66.94 -14.20 83.53
CA ILE C 120 65.58 -13.71 83.42
C ILE C 120 64.76 -14.71 82.60
N SER C 121 63.46 -14.77 82.89
CA SER C 121 62.52 -15.65 82.20
C SER C 121 61.30 -14.82 81.80
N VAL C 122 61.34 -14.27 80.58
CA VAL C 122 60.23 -13.49 80.07
C VAL C 122 59.05 -14.42 79.83
N HIS C 123 57.98 -14.23 80.59
CA HIS C 123 56.78 -15.04 80.48
C HIS C 123 55.58 -14.21 80.03
N GLY C 124 55.82 -13.17 79.22
CA GLY C 124 54.73 -12.40 78.68
C GLY C 124 54.90 -10.89 78.79
N THR C 125 54.63 -10.19 77.70
CA THR C 125 54.63 -8.73 77.69
C THR C 125 53.19 -8.22 77.67
N TYR C 126 53.03 -6.90 77.80
CA TYR C 126 51.71 -6.31 77.87
C TYR C 126 51.73 -4.90 77.29
N PHE C 127 50.79 -4.62 76.38
CA PHE C 127 50.55 -3.27 75.90
C PHE C 127 49.61 -2.55 76.87
N LEU C 128 50.08 -1.47 77.49
CA LEU C 128 49.30 -0.71 78.45
C LEU C 128 48.68 0.54 77.84
N VAL C 129 48.87 0.79 76.54
CA VAL C 129 48.24 1.92 75.90
C VAL C 129 46.72 1.79 76.00
N GLY C 130 46.04 2.92 75.88
CA GLY C 130 44.59 2.93 76.01
C GLY C 130 44.12 2.49 77.38
N GLU C 131 44.90 2.76 78.43
CA GLU C 131 44.58 2.45 79.82
C GLU C 131 43.96 1.07 80.01
N ASN C 132 44.52 0.07 79.34
CA ASN C 132 44.26 -1.33 79.68
C ASN C 132 45.34 -2.20 79.03
N VAL C 133 45.24 -3.50 79.24
CA VAL C 133 46.29 -4.44 78.86
C VAL C 133 45.94 -5.09 77.53
N TYR C 134 46.97 -5.42 76.76
CA TYR C 134 46.81 -6.05 75.46
C TYR C 134 48.04 -6.92 75.16
N MET C 135 47.81 -8.04 74.48
CA MET C 135 48.88 -8.91 74.02
C MET C 135 48.31 -9.91 73.03
N ALA C 136 49.07 -10.20 71.98
CA ALA C 136 48.65 -11.13 70.94
C ALA C 136 49.86 -11.89 70.40
N ALA C 137 49.60 -13.11 69.94
CA ALA C 137 50.60 -14.02 69.37
C ALA C 137 50.53 -14.01 67.85
N PRO C 138 51.65 -14.20 67.15
CA PRO C 138 51.65 -14.09 65.69
C PRO C 138 51.00 -15.25 64.98
N THR C 139 50.43 -16.22 65.70
CA THR C 139 49.61 -17.24 65.07
C THR C 139 48.45 -16.60 64.29
N LEU C 140 47.87 -15.54 64.87
CA LEU C 140 46.81 -14.77 64.22
C LEU C 140 47.05 -14.56 62.73
N ALA C 141 48.21 -13.98 62.41
CA ALA C 141 48.49 -13.52 61.05
C ALA C 141 48.34 -14.60 60.00
N ASP C 142 48.26 -15.86 60.40
CA ASP C 142 48.04 -16.93 59.44
C ASP C 142 46.74 -17.67 59.72
N ILE C 143 46.41 -17.86 60.99
CA ILE C 143 45.30 -18.75 61.32
C ILE C 143 44.02 -17.95 61.39
N ILE C 144 44.06 -16.69 60.96
CA ILE C 144 42.84 -15.97 60.60
C ILE C 144 42.76 -15.77 59.09
N SER C 145 43.91 -15.55 58.44
CA SER C 145 43.92 -15.34 57.01
C SER C 145 43.52 -16.60 56.26
N MET C 146 43.96 -17.77 56.73
CA MET C 146 43.49 -19.02 56.15
C MET C 146 41.98 -19.14 56.26
N ARG C 147 41.46 -19.17 57.49
CA ARG C 147 40.03 -19.40 57.67
C ARG C 147 39.17 -18.29 57.09
N LEU C 148 39.75 -17.18 56.65
CA LEU C 148 39.00 -16.21 55.86
C LEU C 148 39.10 -16.46 54.36
N ALA C 149 40.33 -16.59 53.84
CA ALA C 149 40.52 -16.67 52.40
C ALA C 149 39.97 -17.96 51.82
N SER C 150 40.28 -19.09 52.44
CA SER C 150 39.75 -20.36 51.95
C SER C 150 38.23 -20.36 51.98
N ALA C 151 37.66 -20.07 53.15
CA ALA C 151 36.22 -20.09 53.32
C ALA C 151 35.51 -19.09 52.41
N SER C 152 36.19 -18.03 51.99
CA SER C 152 35.58 -17.09 51.05
C SER C 152 35.68 -17.61 49.62
N SER C 153 36.90 -17.87 49.15
CA SER C 153 37.11 -18.26 47.76
C SER C 153 36.46 -19.59 47.41
N SER C 154 36.14 -20.44 48.39
CA SER C 154 35.56 -21.73 48.08
C SER C 154 34.07 -21.67 47.80
N ILE C 155 33.49 -20.49 47.64
CA ILE C 155 32.05 -20.38 47.40
C ILE C 155 31.72 -20.12 45.94
N SER C 156 32.69 -19.70 45.12
CA SER C 156 32.44 -19.41 43.71
C SER C 156 32.12 -20.65 42.89
N ARG C 157 31.99 -21.82 43.50
CA ARG C 157 31.74 -23.05 42.76
C ARG C 157 30.26 -23.35 42.62
N LEU C 158 29.42 -22.33 42.67
CA LEU C 158 28.02 -22.49 42.32
C LEU C 158 27.91 -22.75 40.81
N LEU C 159 26.99 -23.64 40.44
CA LEU C 159 26.79 -23.93 39.03
C LEU C 159 26.32 -22.67 38.33
N PRO C 160 27.06 -22.14 37.36
CA PRO C 160 26.60 -20.93 36.67
C PRO C 160 25.50 -21.22 35.66
N ILE C 161 25.73 -22.21 34.80
CA ILE C 161 24.75 -22.66 33.81
C ILE C 161 24.97 -24.15 33.62
N ALA C 162 23.91 -24.88 33.29
CA ALA C 162 24.01 -26.31 33.09
C ALA C 162 23.10 -26.77 31.96
N ALA C 163 23.72 -27.03 30.81
CA ALA C 163 23.10 -27.71 29.67
C ALA C 163 24.13 -27.92 28.57
N SER C 164 23.83 -28.78 27.60
CA SER C 164 24.61 -28.94 26.37
C SER C 164 23.91 -29.91 25.43
N VAL C 165 24.65 -30.39 24.44
CA VAL C 165 24.26 -31.58 23.70
C VAL C 165 23.76 -32.62 24.68
N GLN C 166 24.57 -32.97 25.69
CA GLN C 166 23.99 -33.65 26.83
C GLN C 166 23.81 -32.71 28.02
N SER C 167 24.90 -32.36 28.73
CA SER C 167 24.93 -31.18 29.58
C SER C 167 26.34 -30.88 30.03
N TRP C 168 27.06 -30.01 29.31
CA TRP C 168 28.20 -29.29 29.90
C TRP C 168 28.24 -27.84 29.46
N SER C 169 27.95 -27.59 28.19
CA SER C 169 28.20 -26.29 27.56
C SER C 169 26.90 -25.67 27.07
N PRO C 170 26.35 -24.70 27.80
CA PRO C 170 25.08 -24.04 27.47
C PRO C 170 25.26 -22.59 27.05
N PRO C 215 7.76 -12.21 12.39
CA PRO C 215 8.08 -11.56 11.12
C PRO C 215 7.90 -10.05 11.17
N ASP C 216 6.64 -9.59 11.20
CA ASP C 216 6.30 -8.18 11.23
C ASP C 216 7.04 -7.44 12.34
N PRO C 217 6.95 -7.86 13.62
CA PRO C 217 7.74 -7.17 14.64
C PRO C 217 9.23 -7.38 14.48
N ARG C 218 9.63 -8.52 13.91
CA ARG C 218 11.03 -8.82 13.61
C ARG C 218 11.55 -7.94 12.48
N TRP C 219 10.69 -7.11 11.91
CA TRP C 219 11.00 -6.39 10.68
C TRP C 219 11.15 -4.89 10.88
N LEU C 220 10.81 -4.36 12.06
CA LEU C 220 11.03 -2.94 12.32
C LEU C 220 12.51 -2.56 12.27
N GLU C 221 13.40 -3.52 12.52
CA GLU C 221 14.82 -3.22 12.53
C GLU C 221 15.32 -2.77 11.17
N GLU C 222 14.80 -3.37 10.10
CA GLU C 222 15.22 -3.00 8.75
C GLU C 222 14.93 -1.55 8.42
N THR C 223 14.15 -0.85 9.24
CA THR C 223 13.85 0.55 9.00
C THR C 223 14.68 1.50 9.86
N LEU C 224 15.28 1.00 10.93
CA LEU C 224 16.03 1.84 11.87
C LEU C 224 16.94 2.84 11.17
N MET C 225 17.82 2.36 10.29
CA MET C 225 18.75 3.26 9.64
C MET C 225 18.03 4.27 8.74
N ILE C 226 16.97 3.85 8.06
CA ILE C 226 16.28 4.77 7.17
C ILE C 226 15.50 5.80 7.97
N HIS C 227 15.13 5.48 9.22
CA HIS C 227 14.49 6.46 10.09
C HIS C 227 15.22 7.80 10.07
N GLU C 228 16.54 7.78 10.25
CA GLU C 228 17.29 9.02 10.28
C GLU C 228 17.50 9.60 8.89
N PHE C 229 17.23 8.81 7.84
CA PHE C 229 17.56 9.18 6.47
C PHE C 229 16.29 9.54 5.71
N PHE C 230 16.21 10.79 5.24
CA PHE C 230 15.07 11.24 4.49
C PHE C 230 14.78 12.71 4.70
N LEU D 14 30.32 -3.08 81.32
CA LEU D 14 29.42 -4.13 80.87
C LEU D 14 28.00 -3.61 80.67
N TRP D 15 27.05 -4.53 80.74
CA TRP D 15 25.63 -4.23 80.63
C TRP D 15 24.85 -5.38 81.25
N PRO D 16 23.70 -5.14 81.85
CA PRO D 16 22.90 -6.25 82.35
C PRO D 16 22.23 -7.00 81.22
N ASP D 17 22.96 -7.95 80.63
CA ASP D 17 22.45 -8.71 79.50
C ASP D 17 21.09 -9.32 79.84
N PRO D 18 20.22 -9.48 78.83
CA PRO D 18 18.78 -9.50 79.11
C PRO D 18 18.37 -10.78 79.81
N PRO D 19 17.32 -10.71 80.65
CA PRO D 19 16.60 -11.89 81.17
C PRO D 19 15.54 -12.35 80.18
N ALA D 20 15.96 -13.14 79.21
CA ALA D 20 15.12 -13.56 78.09
C ALA D 20 14.38 -14.86 78.36
N PHE D 21 13.92 -15.05 79.60
CA PHE D 21 13.38 -16.33 80.04
C PHE D 21 12.26 -16.83 79.12
N TRP D 22 11.16 -16.08 79.04
CA TRP D 22 10.05 -16.51 78.20
C TRP D 22 10.46 -16.45 76.74
N LYS D 23 10.24 -17.55 76.03
CA LYS D 23 10.65 -17.65 74.64
C LYS D 23 9.57 -18.31 73.78
N PRO D 27 7.53 -21.64 73.14
CA PRO D 27 7.91 -20.93 71.92
C PRO D 27 6.86 -21.03 70.81
N GLU D 28 7.32 -21.26 69.58
CA GLU D 28 6.41 -21.29 68.42
C GLU D 28 5.27 -22.29 68.59
N ASN D 29 5.40 -23.23 69.50
CA ASN D 29 4.37 -24.20 69.84
C ASN D 29 3.23 -23.59 70.63
N ILE D 30 3.12 -22.27 70.67
CA ILE D 30 2.23 -21.60 71.62
C ILE D 30 0.79 -21.71 71.13
N GLU D 31 0.09 -22.75 71.57
CA GLU D 31 -1.34 -22.89 71.38
C GLU D 31 -2.11 -22.86 72.68
N ARG D 32 -1.45 -23.12 73.82
CA ARG D 32 -2.01 -22.85 75.14
C ARG D 32 -2.66 -21.47 75.16
N TYR D 33 -1.85 -20.43 74.91
CA TYR D 33 -2.41 -19.16 74.48
C TYR D 33 -3.06 -19.35 73.12
N ASN D 34 -4.25 -18.75 72.95
CA ASN D 34 -5.21 -18.88 71.85
C ASN D 34 -6.02 -20.18 71.96
N ALA D 35 -5.75 -21.03 72.94
CA ALA D 35 -6.68 -22.11 73.25
C ALA D 35 -7.76 -21.65 74.22
N LEU D 36 -7.43 -20.75 75.14
CA LEU D 36 -8.41 -20.27 76.10
C LEU D 36 -9.29 -19.18 75.51
N LYS D 37 -8.78 -18.46 74.51
CA LYS D 37 -9.51 -17.33 73.95
C LYS D 37 -10.85 -17.73 73.33
N GLN D 38 -11.08 -19.03 73.12
CA GLN D 38 -12.35 -19.50 72.58
C GLN D 38 -13.48 -19.50 73.60
N THR D 39 -13.24 -19.02 74.82
CA THR D 39 -14.27 -18.97 75.84
C THR D 39 -15.21 -17.79 75.63
N ARG D 98 -24.55 35.61 28.14
CA ARG D 98 -24.63 36.86 28.87
C ARG D 98 -25.48 36.73 30.13
N LEU D 99 -25.56 35.50 30.64
CA LEU D 99 -26.27 35.21 31.89
C LEU D 99 -25.49 34.36 32.87
N ALA D 100 -24.48 33.63 32.42
CA ALA D 100 -23.60 32.83 33.27
C ALA D 100 -22.94 33.61 34.40
N PRO D 101 -22.68 34.94 34.25
CA PRO D 101 -22.23 35.73 35.40
C PRO D 101 -22.99 35.47 36.70
N ALA D 102 -24.28 35.14 36.63
CA ALA D 102 -25.00 34.79 37.85
C ALA D 102 -24.36 33.61 38.55
N SER D 103 -24.15 32.51 37.82
CA SER D 103 -23.51 31.33 38.39
C SER D 103 -22.10 31.65 38.85
N GLU D 104 -21.35 32.40 38.04
CA GLU D 104 -20.00 32.78 38.40
C GLU D 104 -19.97 33.51 39.74
N THR D 105 -20.88 34.47 39.92
CA THR D 105 -20.87 35.29 41.12
C THR D 105 -21.30 34.49 42.34
N THR D 106 -22.36 33.68 42.22
CA THR D 106 -22.79 32.90 43.37
C THR D 106 -21.72 31.89 43.78
N SER D 107 -21.00 31.33 42.80
CA SER D 107 -19.88 30.44 43.03
C SER D 107 -18.77 31.12 43.80
N ASP D 108 -18.32 32.28 43.31
CA ASP D 108 -17.33 33.06 44.04
C ASP D 108 -17.80 33.37 45.47
N SER D 109 -19.06 33.77 45.63
CA SER D 109 -19.54 34.19 46.94
C SER D 109 -19.53 33.02 47.93
N LYS D 110 -20.08 31.87 47.51
CA LYS D 110 -20.09 30.71 48.39
C LYS D 110 -18.68 30.27 48.74
N HIS D 111 -17.80 30.17 47.74
CA HIS D 111 -16.41 29.86 48.00
C HIS D 111 -15.80 30.77 49.05
N PHE D 112 -15.91 32.08 48.84
CA PHE D 112 -15.26 33.03 49.74
C PHE D 112 -15.81 32.91 51.15
N ASP D 113 -17.14 32.86 51.29
CA ASP D 113 -17.75 32.76 52.60
C ASP D 113 -17.27 31.52 53.34
N ARG D 114 -17.36 30.35 52.69
CA ARG D 114 -16.97 29.11 53.34
C ARG D 114 -15.49 29.14 53.73
N GLY D 115 -14.63 29.51 52.80
CA GLY D 115 -13.21 29.58 53.07
C GLY D 115 -12.88 30.47 54.24
N PHE D 116 -13.43 31.69 54.24
CA PHE D 116 -13.16 32.64 55.30
C PHE D 116 -13.62 32.09 56.66
N GLU D 117 -14.87 31.61 56.72
CA GLU D 117 -15.40 31.08 57.98
C GLU D 117 -14.51 29.96 58.52
N LEU D 118 -14.21 28.99 57.66
CA LEU D 118 -13.36 27.87 58.07
C LEU D 118 -12.02 28.35 58.59
N LYS D 119 -11.27 29.08 57.76
CA LYS D 119 -9.93 29.51 58.15
C LYS D 119 -9.96 30.32 59.43
N LYS D 120 -11.00 31.12 59.64
CA LYS D 120 -11.01 32.00 60.81
C LYS D 120 -11.34 31.24 62.09
N LEU D 121 -12.50 30.59 62.13
CA LEU D 121 -12.96 30.05 63.41
C LEU D 121 -12.15 28.86 63.91
N ALA D 122 -11.07 28.47 63.23
CA ALA D 122 -10.24 27.39 63.72
C ALA D 122 -9.55 27.78 65.03
N LYS D 123 -9.29 29.07 65.25
CA LYS D 123 -8.58 29.57 66.41
C LYS D 123 -9.25 29.19 67.73
N SER D 124 -10.47 28.67 67.65
CA SER D 124 -11.14 28.10 68.81
C SER D 124 -10.26 27.04 69.47
N LEU D 125 -9.56 26.26 68.65
CA LEU D 125 -8.60 25.29 69.19
C LEU D 125 -7.56 25.98 70.04
N LEU D 126 -7.00 27.09 69.54
CA LEU D 126 -5.96 27.79 70.28
C LEU D 126 -6.51 28.36 71.58
N VAL D 127 -7.72 28.92 71.55
CA VAL D 127 -8.25 29.53 72.77
C VAL D 127 -8.56 28.46 73.81
N ASN D 128 -9.08 27.30 73.38
CA ASN D 128 -9.32 26.22 74.33
C ASN D 128 -8.00 25.70 74.89
N TYR D 129 -6.98 25.58 74.04
CA TYR D 129 -5.66 25.17 74.50
C TYR D 129 -5.13 26.13 75.55
N LEU D 130 -5.26 27.43 75.32
CA LEU D 130 -4.78 28.43 76.26
C LEU D 130 -5.53 28.33 77.59
N GLU D 131 -6.85 28.17 77.53
CA GLU D 131 -7.63 28.08 78.78
C GLU D 131 -7.23 26.85 79.59
N LEU D 132 -7.15 25.69 78.92
CA LEU D 132 -6.74 24.47 79.61
C LEU D 132 -5.34 24.61 80.18
N MET D 133 -4.41 25.16 79.39
CA MET D 133 -3.03 25.31 79.83
C MET D 133 -2.93 26.21 81.05
N GLY D 134 -3.67 27.32 81.04
CA GLY D 134 -3.64 28.21 82.19
C GLY D 134 -4.21 27.55 83.43
N ILE D 135 -5.35 26.86 83.28
CA ILE D 135 -5.93 26.15 84.41
C ILE D 135 -4.92 25.16 85.00
N MET D 136 -4.25 24.41 84.13
CA MET D 136 -3.23 23.50 84.61
C MET D 136 -2.10 24.23 85.32
N SER D 137 -1.44 25.15 84.61
CA SER D 137 -0.28 25.84 85.16
C SER D 137 -0.59 26.51 86.50
N ILE D 138 -1.85 26.90 86.75
CA ILE D 138 -2.17 27.46 88.04
C ILE D 138 -2.53 26.40 89.08
N ASN D 139 -3.09 25.26 88.67
CA ASN D 139 -3.68 24.37 89.67
C ASN D 139 -2.62 23.80 90.64
N PRO D 140 -1.68 22.91 90.22
CA PRO D 140 -0.73 22.37 91.20
C PRO D 140 0.55 23.19 91.36
N ALA D 141 1.00 23.85 90.29
CA ALA D 141 2.32 24.48 90.33
C ALA D 141 2.34 25.65 91.30
N HIS D 142 1.18 26.27 91.53
CA HIS D 142 1.09 27.31 92.54
C HIS D 142 1.52 26.79 93.90
N ALA D 143 1.11 25.56 94.24
CA ALA D 143 1.51 24.98 95.51
C ALA D 143 3.01 24.74 95.58
N SER D 144 3.59 24.25 94.49
CA SER D 144 5.03 24.03 94.47
C SER D 144 5.79 25.33 94.67
N GLU D 145 5.33 26.40 94.03
CA GLU D 145 5.94 27.71 94.24
C GLU D 145 5.77 28.17 95.68
N LYS D 146 4.56 28.00 96.22
CA LYS D 146 4.25 28.40 97.59
C LYS D 146 5.08 27.63 98.60
N VAL D 147 5.55 26.44 98.22
CA VAL D 147 6.42 25.67 99.11
C VAL D 147 7.88 26.04 98.93
N GLN D 148 8.34 26.21 97.70
CA GLN D 148 9.74 26.50 97.45
C GLN D 148 10.12 27.93 97.80
N ASP D 149 9.16 28.83 97.93
CA ASP D 149 9.47 30.23 98.16
C ASP D 149 10.23 30.43 99.49
N ILE D 150 9.65 29.96 100.60
CA ILE D 150 10.22 30.23 101.91
C ILE D 150 11.52 29.47 102.15
N LYS D 151 11.82 28.46 101.33
CA LYS D 151 13.07 27.73 101.46
C LYS D 151 14.27 28.67 101.28
N THR D 152 14.18 29.55 100.29
CA THR D 152 15.27 30.52 100.07
C THR D 152 15.47 31.42 101.28
N ILE D 153 14.37 31.87 101.90
CA ILE D 153 14.51 32.72 103.08
C ILE D 153 15.10 31.94 104.24
N VAL D 154 14.66 30.69 104.42
CA VAL D 154 15.20 29.87 105.49
C VAL D 154 16.70 29.66 105.30
N LEU D 155 17.13 29.56 104.05
CA LEU D 155 18.56 29.42 103.74
C LEU D 155 19.31 30.75 103.80
N ASN D 156 18.61 31.88 103.71
CA ASN D 156 19.28 33.18 103.74
C ASN D 156 20.06 33.37 105.02
N PHE D 157 19.50 32.97 106.16
CA PHE D 157 20.16 33.13 107.45
C PHE D 157 21.26 32.08 107.58
N HIS D 158 22.40 32.38 106.94
CA HIS D 158 23.53 31.46 106.97
C HIS D 158 24.34 31.61 108.26
N HIS D 159 24.89 32.80 108.49
CA HIS D 159 25.79 33.02 109.62
C HIS D 159 25.44 34.29 110.38
N ILE D 160 24.27 34.88 110.12
CA ILE D 160 23.93 36.19 110.68
C ILE D 160 23.58 36.04 112.17
N LEU D 161 24.11 36.94 112.98
CA LEU D 161 23.78 37.02 114.39
C LEU D 161 23.72 38.48 114.81
N ASN D 162 23.27 38.73 116.04
CA ASN D 162 23.06 40.10 116.53
C ASN D 162 24.36 40.68 117.06
N GLU D 163 25.24 41.05 116.14
CA GLU D 163 26.49 41.72 116.47
C GLU D 163 26.63 43.09 115.79
N TYR D 164 25.59 43.55 115.10
CA TYR D 164 25.63 44.80 114.35
C TYR D 164 26.82 44.86 113.40
N ILE D 174 31.01 38.79 112.18
CA ILE D 174 31.77 39.52 113.18
C ILE D 174 32.18 40.88 112.65
N GLN D 175 32.06 41.06 111.33
CA GLN D 175 32.42 42.31 110.68
C GLN D 175 31.22 43.26 110.75
N LEU D 176 31.31 44.38 110.03
CA LEU D 176 30.22 45.34 109.98
C LEU D 176 28.93 44.69 109.46
N MET D 177 29.06 43.76 108.51
CA MET D 177 27.96 42.98 107.92
C MET D 177 26.77 43.85 107.54
N GLN D 178 27.03 45.11 107.21
CA GLN D 178 25.97 46.01 106.77
C GLN D 178 25.31 45.46 105.50
N ASP D 179 26.10 44.86 104.62
CA ASP D 179 25.54 44.19 103.45
C ASP D 179 24.58 43.07 103.86
N HIS D 180 24.95 42.30 104.88
CA HIS D 180 24.07 41.23 105.36
C HIS D 180 22.77 41.79 105.92
N LEU D 181 22.85 42.84 106.74
CA LEU D 181 21.65 43.43 107.32
C LEU D 181 20.73 43.99 106.23
N ASP D 182 21.30 44.74 105.29
CA ASP D 182 20.49 45.31 104.21
C ASP D 182 19.90 44.22 103.32
N ALA D 183 20.67 43.16 103.06
CA ALA D 183 20.11 42.03 102.35
C ALA D 183 18.91 41.46 103.09
N LYS D 184 19.09 41.07 104.35
CA LYS D 184 17.99 40.46 105.10
C LYS D 184 16.75 41.34 105.04
N ARG D 185 16.94 42.67 105.16
CA ARG D 185 15.81 43.58 105.00
C ARG D 185 15.16 43.43 103.63
N ASN D 186 15.96 43.43 102.56
CA ASN D 186 15.42 43.41 101.21
C ASN D 186 14.68 42.11 100.91
N GLU D 187 15.31 40.97 101.16
CA GLU D 187 14.65 39.68 100.95
C GLU D 187 13.47 39.48 101.89
N THR D 188 13.52 40.07 103.09
CA THR D 188 12.35 40.01 103.96
C THR D 188 11.17 40.74 103.33
N ALA D 189 11.40 41.93 102.81
CA ALA D 189 10.35 42.64 102.09
C ALA D 189 9.84 41.85 100.91
N ALA D 190 10.75 41.25 100.14
CA ALA D 190 10.33 40.45 98.99
C ALA D 190 9.46 39.28 99.38
N VAL D 191 9.90 38.50 100.38
CA VAL D 191 9.10 37.38 100.85
C VAL D 191 7.78 37.81 101.43
N ARG D 192 7.76 38.95 102.14
CA ARG D 192 6.49 39.48 102.63
C ARG D 192 5.54 39.81 101.52
N ALA D 193 6.04 40.45 100.45
CA ALA D 193 5.19 40.72 99.30
C ALA D 193 4.68 39.44 98.65
N VAL D 194 5.56 38.46 98.49
CA VAL D 194 5.14 37.18 97.93
C VAL D 194 4.05 36.52 98.75
N VAL D 195 4.22 36.52 100.07
CA VAL D 195 3.22 35.92 100.93
C VAL D 195 1.90 36.67 100.90
N ASP D 196 1.98 38.01 100.89
CA ASP D 196 0.77 38.80 100.76
C ASP D 196 0.03 38.51 99.47
N LYS D 197 0.77 38.29 98.38
CA LYS D 197 0.13 37.86 97.15
C LYS D 197 -0.47 36.48 97.26
N ALA D 198 0.25 35.56 97.90
CA ALA D 198 -0.21 34.17 97.96
C ALA D 198 -1.52 34.01 98.69
N LYS D 199 -1.64 34.60 99.88
CA LYS D 199 -2.87 34.48 100.65
C LYS D 199 -4.08 34.96 99.89
N ARG D 200 -3.92 36.06 99.14
CA ARG D 200 -5.03 36.52 98.31
C ARG D 200 -5.26 35.63 97.10
N LEU D 201 -4.21 34.96 96.63
CA LEU D 201 -4.34 34.16 95.42
C LEU D 201 -5.43 33.10 95.49
N ILE D 202 -5.46 32.35 96.59
CA ILE D 202 -6.41 31.26 96.71
C ILE D 202 -7.80 31.71 97.10
N GLU D 203 -8.48 32.45 96.22
CA GLU D 203 -9.82 32.90 96.52
C GLU D 203 -10.80 31.75 96.66
N GLY D 204 -10.71 30.77 95.79
CA GLY D 204 -11.60 29.63 95.86
C GLY D 204 -11.30 28.72 97.03
N LEU D 205 -12.20 27.76 97.25
CA LEU D 205 -12.05 26.79 98.31
C LEU D 205 -11.98 25.37 97.80
N ALA E 22 -17.52 55.15 -3.23
CA ALA E 22 -16.47 56.02 -2.73
C ALA E 22 -15.12 55.72 -3.39
N ILE E 23 -15.16 55.39 -4.68
CA ILE E 23 -13.94 55.07 -5.41
C ILE E 23 -13.18 56.34 -5.76
N ILE E 24 -11.87 56.32 -5.52
CA ILE E 24 -11.00 57.45 -5.80
C ILE E 24 -10.43 57.42 -7.21
N LYS E 25 -10.80 56.43 -8.01
CA LYS E 25 -10.30 56.30 -9.37
C LYS E 25 -10.86 57.41 -10.26
N LYS E 26 -10.50 57.35 -11.54
CA LYS E 26 -11.05 58.28 -12.51
C LYS E 26 -12.56 58.14 -12.58
N LEU E 27 -13.23 59.27 -12.81
CA LEU E 27 -14.70 59.29 -12.77
C LEU E 27 -15.28 58.36 -13.82
N ARG E 28 -16.45 57.81 -13.53
CA ARG E 28 -17.13 56.93 -14.47
C ARG E 28 -17.35 57.63 -15.80
N ALA E 29 -17.98 58.80 -15.77
CA ALA E 29 -18.23 59.53 -17.01
C ALA E 29 -16.93 59.97 -17.67
N ALA E 30 -15.95 60.37 -16.86
CA ALA E 30 -14.66 60.77 -17.41
C ALA E 30 -14.03 59.62 -18.19
N GLN E 31 -14.27 58.38 -17.75
CA GLN E 31 -13.81 57.19 -18.46
C GLN E 31 -14.76 56.88 -19.62
N GLN E 32 -14.93 57.89 -20.48
CA GLN E 32 -15.81 57.74 -21.64
C GLN E 32 -15.27 56.66 -22.57
N GLN E 33 -16.15 55.72 -22.94
CA GLN E 33 -15.72 54.59 -23.76
C GLN E 33 -15.23 55.06 -25.12
N GLN E 34 -15.98 55.94 -25.77
CA GLN E 34 -15.59 56.46 -27.07
C GLN E 34 -15.82 57.96 -27.10
N ALA E 35 -15.06 58.63 -27.98
CA ALA E 35 -15.27 60.05 -28.20
C ALA E 35 -16.68 60.29 -28.69
N ALA E 36 -17.47 61.02 -27.90
CA ALA E 36 -18.83 61.35 -28.29
C ALA E 36 -18.86 62.03 -29.65
N ASN E 37 -18.12 63.12 -29.79
CA ASN E 37 -17.90 63.75 -31.09
C ASN E 37 -16.66 63.15 -31.74
N PRO E 38 -16.77 61.85 -32.03
CA PRO E 38 -15.66 61.12 -32.66
C PRO E 38 -15.23 61.81 -33.95
N SER E 39 -16.19 62.07 -34.83
CA SER E 39 -15.89 62.89 -36.01
C SER E 39 -15.62 64.34 -35.61
N SER E 40 -16.25 64.79 -34.52
CA SER E 40 -16.18 66.19 -34.10
C SER E 40 -16.61 67.12 -35.23
N GLN E 41 -17.64 66.71 -35.96
CA GLN E 41 -18.18 67.47 -37.09
C GLN E 41 -17.09 67.80 -38.11
N ALA E 42 -16.26 66.80 -38.40
CA ALA E 42 -15.20 66.94 -39.40
C ALA E 42 -15.61 66.36 -40.74
N ALA E 43 -16.89 66.42 -41.09
CA ALA E 43 -17.33 66.02 -42.42
C ALA E 43 -16.59 66.83 -43.48
N ALA E 44 -16.07 66.14 -44.49
CA ALA E 44 -15.10 66.73 -45.41
C ALA E 44 -15.83 67.71 -46.33
N GLY E 45 -15.95 68.94 -45.84
CA GLY E 45 -16.58 70.04 -46.57
C GLY E 45 -16.08 71.34 -45.95
N GLY E 46 -16.76 72.45 -46.28
CA GLY E 46 -16.41 73.73 -45.66
C GLY E 46 -16.54 73.67 -44.14
N PRO E 47 -17.50 72.89 -43.65
CA PRO E 47 -17.71 72.72 -42.21
C PRO E 47 -17.05 71.42 -41.77
N GLY E 48 -15.80 71.52 -41.31
CA GLY E 48 -15.05 70.36 -40.84
C GLY E 48 -14.08 70.79 -39.75
N THR E 49 -13.91 69.95 -38.75
CA THR E 49 -12.92 70.22 -37.72
C THR E 49 -11.52 70.20 -38.34
N THR E 50 -10.87 71.35 -38.34
CA THR E 50 -9.55 71.50 -38.94
C THR E 50 -8.44 71.59 -37.90
N GLY E 51 -8.75 71.33 -36.63
CA GLY E 51 -7.75 71.32 -35.56
C GLY E 51 -7.17 69.91 -35.41
N ALA E 52 -6.65 69.40 -36.54
CA ALA E 52 -6.10 68.05 -36.57
C ALA E 52 -5.03 67.85 -35.50
N PRO E 53 -4.16 68.84 -35.32
CA PRO E 53 -3.14 68.78 -34.28
C PRO E 53 -3.78 68.93 -32.89
N GLY E 54 -4.72 69.86 -32.75
CA GLY E 54 -5.45 69.97 -31.49
C GLY E 54 -6.32 68.75 -31.24
N SER E 55 -6.81 68.12 -32.31
CA SER E 55 -7.55 66.87 -32.15
C SER E 55 -6.64 65.75 -31.66
N GLN E 56 -5.42 65.68 -32.20
CA GLN E 56 -4.44 64.72 -31.70
C GLN E 56 -4.10 65.01 -30.25
N PRO E 57 -4.05 66.29 -29.87
CA PRO E 57 -3.78 66.66 -28.49
C PRO E 57 -4.93 66.24 -27.57
N SER E 58 -6.17 66.40 -28.04
CA SER E 58 -7.31 65.92 -27.26
C SER E 58 -7.28 64.41 -27.13
N SER E 59 -6.88 63.70 -28.19
CA SER E 59 -6.74 62.25 -28.10
C SER E 59 -5.64 61.85 -27.12
N SER E 60 -4.54 62.60 -27.11
CA SER E 60 -3.48 62.35 -26.13
C SER E 60 -3.95 62.63 -24.71
N GLY E 61 -4.79 63.63 -24.53
CA GLY E 61 -5.37 63.89 -23.22
C GLY E 61 -6.29 62.75 -22.79
N PRO E 62 -7.09 62.25 -23.73
CA PRO E 62 -7.93 61.08 -23.46
C PRO E 62 -7.07 59.87 -23.07
N ASN E 63 -5.94 59.69 -23.77
CA ASN E 63 -5.05 58.58 -23.45
C ASN E 63 -4.38 58.76 -22.09
N ALA E 64 -4.04 60.00 -21.73
CA ALA E 64 -3.48 60.26 -20.40
C ALA E 64 -4.51 59.99 -19.33
N THR E 65 -5.76 60.37 -19.57
CA THR E 65 -6.84 60.02 -18.63
C THR E 65 -6.99 58.51 -18.53
N ALA E 66 -6.88 57.81 -19.65
CA ALA E 66 -6.98 56.35 -19.64
C ALA E 66 -5.84 55.74 -18.83
N ALA E 67 -4.63 56.27 -18.97
CA ALA E 67 -3.51 55.77 -18.19
C ALA E 67 -3.66 56.10 -16.71
N GLY E 68 -4.23 57.25 -16.40
CA GLY E 68 -4.51 57.59 -15.00
C GLY E 68 -5.52 56.62 -14.41
N GLY E 69 -6.59 56.33 -15.15
CA GLY E 69 -7.56 55.33 -14.71
C GLY E 69 -6.90 53.96 -14.56
N ALA E 70 -5.96 53.64 -15.45
CA ALA E 70 -5.24 52.38 -15.36
C ALA E 70 -4.46 52.29 -14.06
N ILE E 71 -3.70 53.34 -13.73
CA ILE E 71 -2.95 53.36 -12.49
C ILE E 71 -3.89 53.27 -11.29
N GLY E 72 -4.98 54.03 -11.32
CA GLY E 72 -5.94 54.01 -10.22
C GLY E 72 -6.57 52.63 -10.05
N THR E 73 -6.80 51.91 -11.15
CA THR E 73 -7.34 50.57 -11.06
C THR E 73 -6.31 49.58 -10.53
N THR E 74 -5.08 49.67 -11.02
CA THR E 74 -4.01 48.78 -10.56
C THR E 74 -3.75 48.96 -9.08
N SER E 75 -3.90 50.19 -8.57
CA SER E 75 -3.63 50.46 -7.17
C SER E 75 -4.87 50.39 -6.28
N LEU E 76 -6.08 50.38 -6.87
CA LEU E 76 -7.29 50.52 -6.08
C LEU E 76 -7.62 49.26 -5.30
N PRO E 77 -7.89 48.17 -6.01
CA PRO E 77 -8.48 46.98 -5.40
C PRO E 77 -7.42 45.91 -5.14
N SER E 78 -7.67 45.14 -4.09
CA SER E 78 -6.77 44.03 -3.76
C SER E 78 -6.94 42.87 -4.73
N SER E 79 -8.17 42.63 -5.19
CA SER E 79 -8.51 41.45 -5.98
C SER E 79 -8.01 40.19 -5.27
N ALA E 80 -8.72 39.85 -4.19
CA ALA E 80 -8.17 39.10 -3.07
C ALA E 80 -7.30 37.92 -3.47
N THR E 81 -7.88 36.86 -4.04
CA THR E 81 -7.05 35.79 -4.57
C THR E 81 -7.30 35.51 -6.05
N THR E 82 -8.50 35.06 -6.42
CA THR E 82 -8.69 34.53 -7.76
C THR E 82 -10.05 34.80 -8.37
N GLY E 83 -10.87 35.67 -7.78
CA GLY E 83 -12.26 35.90 -8.19
C GLY E 83 -13.14 34.70 -7.88
N PRO E 84 -12.54 33.62 -7.38
CA PRO E 84 -13.28 32.49 -6.81
C PRO E 84 -12.73 32.00 -5.48
N THR E 85 -11.42 32.19 -5.24
CA THR E 85 -10.82 31.65 -4.03
C THR E 85 -11.32 32.39 -2.79
N PRO E 86 -11.45 33.71 -2.86
CA PRO E 86 -11.97 34.44 -1.71
C PRO E 86 -13.45 34.12 -1.50
N SER E 87 -14.16 33.75 -2.58
CA SER E 87 -15.52 33.28 -2.40
C SER E 87 -15.55 31.97 -1.62
N ASN E 88 -14.66 31.05 -1.96
CA ASN E 88 -14.53 29.82 -1.18
C ASN E 88 -14.17 30.13 0.27
N ALA E 89 -13.24 31.06 0.47
CA ALA E 89 -12.86 31.47 1.83
C ALA E 89 -14.03 32.10 2.57
N LEU E 90 -14.88 32.82 1.85
CA LEU E 90 -16.07 33.41 2.46
C LEU E 90 -17.04 32.33 2.90
N HIS E 91 -17.22 31.30 2.08
CA HIS E 91 -18.03 30.16 2.50
C HIS E 91 -17.47 29.51 3.75
N SER E 92 -16.14 29.31 3.79
CA SER E 92 -15.50 28.76 4.97
C SER E 92 -15.74 29.64 6.19
N VAL E 93 -15.60 30.96 6.02
CA VAL E 93 -15.80 31.88 7.13
C VAL E 93 -17.25 31.89 7.60
N LYS E 94 -18.19 31.72 6.68
CA LYS E 94 -19.60 31.63 7.06
C LYS E 94 -19.86 30.38 7.89
N GLU E 95 -19.31 29.25 7.45
CA GLU E 95 -19.42 28.03 8.25
C GLU E 95 -18.82 28.23 9.64
N LEU E 96 -17.64 28.86 9.70
CA LEU E 96 -17.00 29.11 10.98
C LEU E 96 -17.85 30.01 11.86
N PRO E 97 -18.45 31.05 11.29
CA PRO E 97 -19.31 31.95 12.05
C PRO E 97 -20.52 31.21 12.59
N ALA E 98 -21.14 30.38 11.76
CA ALA E 98 -22.27 29.58 12.24
C ALA E 98 -21.86 28.69 13.41
N THR E 99 -20.73 28.00 13.27
CA THR E 99 -20.26 27.13 14.34
C THR E 99 -19.97 27.92 15.62
N THR E 100 -19.32 29.08 15.49
CA THR E 100 -19.00 29.88 16.65
C THR E 100 -20.26 30.36 17.36
N ASP E 101 -21.24 30.84 16.60
CA ASP E 101 -22.51 31.25 17.21
C ASP E 101 -23.19 30.08 17.89
N PRO E 102 -23.07 28.89 17.31
CA PRO E 102 -23.63 27.69 17.94
C PRO E 102 -23.04 27.47 19.32
N ILE E 103 -21.73 27.71 19.46
CA ILE E 103 -21.08 27.48 20.76
C ILE E 103 -21.60 28.45 21.82
N LYS E 104 -21.70 29.73 21.47
CA LYS E 104 -22.22 30.71 22.42
C LYS E 104 -23.67 30.40 22.77
N HIS E 105 -24.45 29.94 21.79
CA HIS E 105 -25.83 29.58 22.07
C HIS E 105 -25.92 28.41 23.04
N LYS E 106 -25.12 27.36 22.79
CA LYS E 106 -25.09 26.22 23.70
C LYS E 106 -24.68 26.65 25.11
N LEU E 107 -23.69 27.53 25.20
CA LEU E 107 -23.24 28.01 26.50
C LEU E 107 -24.34 28.76 27.23
N GLN E 108 -25.01 29.68 26.52
CA GLN E 108 -26.11 30.43 27.15
C GLN E 108 -27.23 29.50 27.59
N ARG E 109 -27.57 28.51 26.76
CA ARG E 109 -28.63 27.57 27.13
C ARG E 109 -28.25 26.76 28.35
N ALA E 110 -26.98 26.32 28.42
CA ALA E 110 -26.54 25.57 29.58
C ALA E 110 -26.56 26.44 30.84
N ARG E 111 -26.15 27.70 30.70
CA ARG E 111 -26.22 28.62 31.83
C ARG E 111 -27.65 28.80 32.31
N ALA E 112 -28.59 28.91 31.36
CA ALA E 112 -30.00 29.03 31.72
C ALA E 112 -30.49 27.79 32.44
N ALA E 113 -30.15 26.60 31.92
CA ALA E 113 -30.53 25.36 32.58
C ALA E 113 -29.93 25.28 33.98
N VAL E 114 -28.76 25.87 34.17
CA VAL E 114 -28.11 25.92 35.46
C VAL E 114 -28.71 27.06 36.29
N ARG E 115 -28.04 27.41 37.40
CA ARG E 115 -28.45 28.47 38.30
C ARG E 115 -29.82 28.20 38.91
N LEU E 116 -30.21 26.93 38.99
CA LEU E 116 -31.47 26.58 39.65
C LEU E 116 -31.39 26.81 41.16
N LEU E 117 -30.28 26.39 41.78
CA LEU E 117 -30.10 26.56 43.22
C LEU E 117 -28.62 26.57 43.58
N GLU F 91 40.18 32.97 107.01
CA GLU F 91 39.71 33.30 108.35
C GLU F 91 38.83 34.57 108.31
N PHE F 92 39.15 35.47 107.39
CA PHE F 92 38.38 36.70 107.25
C PHE F 92 36.92 36.42 106.94
N SER F 93 36.67 35.66 105.88
CA SER F 93 35.31 35.36 105.45
C SER F 93 35.29 34.00 104.77
N HIS F 94 34.08 33.54 104.46
CA HIS F 94 33.85 32.22 103.84
C HIS F 94 33.02 32.42 102.58
N SER F 95 33.72 32.62 101.45
CA SER F 95 33.03 32.74 100.17
C SER F 95 32.48 31.39 99.70
N LYS F 96 33.11 30.29 100.13
CA LYS F 96 32.75 28.98 99.61
C LYS F 96 31.31 28.60 99.99
N LEU F 97 30.90 28.93 101.21
CA LEU F 97 29.53 28.61 101.63
C LEU F 97 28.51 29.36 100.80
N GLU F 98 28.71 30.68 100.63
CA GLU F 98 27.80 31.47 99.81
C GLU F 98 27.77 30.95 98.38
N GLU F 99 28.91 30.51 97.86
CA GLU F 99 28.94 29.94 96.51
C GLU F 99 28.14 28.65 96.44
N LEU F 100 28.38 27.74 97.37
CA LEU F 100 27.69 26.44 97.33
C LEU F 100 26.21 26.58 97.59
N VAL F 101 25.80 27.68 98.21
CA VAL F 101 24.36 27.91 98.44
C VAL F 101 23.58 27.86 97.14
N THR F 102 24.01 28.64 96.14
CA THR F 102 23.31 28.66 94.86
C THR F 102 23.37 27.31 94.17
N MET F 103 24.53 26.64 94.25
CA MET F 103 24.67 25.33 93.63
C MET F 103 23.66 24.34 94.22
N LEU F 104 23.51 24.34 95.54
CA LEU F 104 22.53 23.47 96.16
C LEU F 104 21.11 23.88 95.80
N ALA F 105 20.84 25.18 95.76
CA ALA F 105 19.51 25.66 95.41
C ALA F 105 19.13 25.22 94.01
N SER F 106 20.09 25.20 93.09
CA SER F 106 19.79 24.78 91.71
C SER F 106 19.29 23.34 91.68
N LYS F 107 20.00 22.43 92.34
CA LYS F 107 19.55 21.04 92.39
C LYS F 107 18.22 20.93 93.14
N PRO F 108 18.01 21.78 94.14
CA PRO F 108 16.81 21.71 94.97
C PRO F 108 15.64 22.48 94.39
N VAL F 109 15.79 23.06 93.20
CA VAL F 109 14.67 23.80 92.60
C VAL F 109 13.47 22.89 92.39
N PRO F 110 13.64 21.83 91.61
CA PRO F 110 12.59 20.83 91.35
C PRO F 110 11.27 21.50 90.96
N GLN F 111 11.36 22.41 89.99
CA GLN F 111 10.23 23.23 89.60
C GLN F 111 9.78 23.00 88.16
N HIS F 112 10.55 22.28 87.36
CA HIS F 112 10.18 22.02 85.98
C HIS F 112 8.80 21.37 85.90
N ALA F 113 7.87 22.02 85.20
CA ALA F 113 6.51 21.49 85.09
C ALA F 113 5.89 22.01 83.81
N VAL F 114 5.91 21.19 82.76
CA VAL F 114 5.30 21.53 81.48
C VAL F 114 5.31 20.33 80.54
N ASN F 115 4.28 20.20 79.71
CA ASN F 115 4.22 19.14 78.72
C ASN F 115 3.10 19.46 77.73
N GLY F 116 3.43 19.37 76.44
CA GLY F 116 2.42 19.60 75.41
C GLY F 116 2.47 18.54 74.31
N ASN F 117 3.38 17.57 74.40
CA ASN F 117 3.36 16.44 73.49
C ASN F 117 2.34 15.38 73.90
N GLY F 118 1.77 15.52 75.10
CA GLY F 118 0.79 14.54 75.57
C GLY F 118 -0.38 14.42 74.60
N SER F 119 -0.98 15.55 74.24
CA SER F 119 -2.11 15.54 73.30
C SER F 119 -1.72 14.87 71.99
N HIS F 120 -0.66 15.36 71.35
CA HIS F 120 -0.27 14.81 70.06
C HIS F 120 0.28 13.39 70.15
N SER F 121 0.49 12.86 71.36
CA SER F 121 0.92 11.49 71.52
C SER F 121 -0.21 10.52 71.85
N THR F 122 -1.27 11.01 72.49
CA THR F 122 -2.41 10.17 72.84
C THR F 122 -3.52 10.22 71.80
N LEU F 123 -3.19 10.43 70.54
CA LEU F 123 -4.18 10.45 69.47
C LEU F 123 -3.55 10.04 68.15
N PRO F 229 13.70 3.98 55.50
CA PRO F 229 13.39 3.47 56.84
C PRO F 229 12.08 2.69 56.82
N PRO F 230 11.09 3.20 56.09
CA PRO F 230 9.77 2.60 55.98
C PRO F 230 8.96 3.27 54.88
N PRO F 231 7.80 2.69 54.55
CA PRO F 231 6.98 3.21 53.47
C PRO F 231 5.52 2.91 53.76
N LEU F 232 4.65 3.37 52.87
CA LEU F 232 3.21 3.23 53.03
C LEU F 232 2.53 3.27 51.66
N THR F 233 1.28 2.81 51.63
CA THR F 233 0.54 2.61 50.40
C THR F 233 -0.47 3.73 50.19
N THR F 234 -0.98 3.80 48.96
CA THR F 234 -2.00 4.76 48.57
C THR F 234 -3.28 4.03 48.18
N GLU F 235 -4.43 4.59 48.56
CA GLU F 235 -5.71 4.02 48.17
C GLU F 235 -6.08 4.50 46.77
N GLU F 236 -7.25 4.06 46.30
CA GLU F 236 -7.64 4.35 44.92
C GLU F 236 -8.37 5.69 44.80
N THR F 237 -9.04 6.13 45.85
CA THR F 237 -9.82 7.36 45.76
C THR F 237 -8.93 8.57 45.47
N LEU F 238 -7.80 8.67 46.17
CA LEU F 238 -6.93 9.83 46.01
C LEU F 238 -6.30 9.86 44.61
N ARG F 239 -5.79 8.71 44.16
CA ARG F 239 -5.21 8.66 42.82
C ARG F 239 -6.26 8.95 41.76
N TRP F 240 -7.51 8.52 41.99
CA TRP F 240 -8.56 8.86 41.05
C TRP F 240 -8.82 10.36 41.05
N ILE F 241 -8.82 10.98 42.23
CA ILE F 241 -8.97 12.43 42.29
C ILE F 241 -7.87 13.09 41.45
N ASN F 242 -6.62 12.68 41.69
CA ASN F 242 -5.49 13.32 41.01
C ASN F 242 -5.56 13.13 39.50
N ASP F 243 -5.81 11.90 39.02
CA ASP F 243 -5.80 11.72 37.58
C ASP F 243 -6.99 12.41 36.92
N MET F 244 -8.16 12.34 37.56
CA MET F 244 -9.29 13.10 37.03
C MET F 244 -8.97 14.59 36.92
N ASN F 245 -8.26 15.12 37.92
CA ASN F 245 -7.85 16.52 37.83
C ASN F 245 -6.90 16.74 36.67
N LEU F 246 -5.99 15.79 36.44
CA LEU F 246 -5.13 15.86 35.28
C LEU F 246 -5.94 15.79 33.98
N ALA F 247 -6.87 14.85 33.91
CA ALA F 247 -7.69 14.65 32.72
C ALA F 247 -8.57 15.86 32.47
N LEU F 248 -8.67 16.74 33.47
CA LEU F 248 -9.39 17.99 33.32
C LEU F 248 -8.49 19.14 32.86
N HIS F 249 -7.31 19.28 33.47
CA HIS F 249 -6.48 20.42 33.13
C HIS F 249 -5.72 20.25 31.82
N ALA F 250 -5.51 19.01 31.36
CA ALA F 250 -4.87 18.82 30.06
C ALA F 250 -5.69 19.45 28.94
N ARG F 251 -7.01 19.28 28.98
CA ARG F 251 -7.88 19.92 28.00
C ARG F 251 -7.69 21.43 28.02
N LEU F 252 -7.66 22.03 29.20
CA LEU F 252 -7.42 23.46 29.27
C LEU F 252 -6.11 23.83 28.60
N GLN F 253 -5.03 23.16 28.99
CA GLN F 253 -3.73 23.47 28.39
C GLN F 253 -3.81 23.46 26.87
N LEU F 254 -4.34 22.37 26.33
CA LEU F 254 -4.34 22.18 24.88
C LEU F 254 -5.16 23.25 24.17
N GLU F 255 -6.44 23.38 24.51
CA GLU F 255 -7.28 24.32 23.79
C GLU F 255 -7.17 25.75 24.32
N GLU F 256 -6.24 26.00 25.24
CA GLU F 256 -5.84 27.37 25.55
C GLU F 256 -4.59 27.78 24.81
N HIS F 257 -3.82 26.83 24.28
CA HIS F 257 -2.76 27.15 23.33
C HIS F 257 -3.20 26.74 21.93
N ASP F 258 -3.76 27.69 21.18
CA ASP F 258 -4.26 27.45 19.83
C ASP F 258 -3.24 27.96 18.81
N LYS F 259 -2.20 27.15 18.59
CA LYS F 259 -1.25 27.39 17.52
C LYS F 259 -0.84 26.07 16.87
N LEU F 260 -1.72 25.12 16.84
CA LEU F 260 -1.45 23.74 16.48
C LEU F 260 -1.91 23.44 15.05
N PRO F 261 -1.31 22.45 14.39
CA PRO F 261 -1.55 22.25 12.95
C PRO F 261 -2.97 21.77 12.70
N PRO F 262 -3.47 21.92 11.47
CA PRO F 262 -4.87 21.57 11.16
C PRO F 262 -5.21 20.12 11.50
N PRO F 263 -4.44 19.12 11.07
CA PRO F 263 -4.91 17.74 11.32
C PRO F 263 -5.12 17.44 12.79
N PHE F 264 -4.27 17.99 13.65
CA PHE F 264 -4.45 17.87 15.09
C PHE F 264 -5.51 18.88 15.51
N LYS F 265 -6.78 18.53 15.29
CA LYS F 265 -7.87 19.38 15.71
C LYS F 265 -9.01 18.57 16.30
N ASN F 266 -8.69 17.45 16.93
CA ASN F 266 -9.67 16.62 17.61
C ASN F 266 -9.04 16.08 18.88
N TYR F 267 -9.88 15.83 19.88
CA TYR F 267 -9.40 15.45 21.20
C TYR F 267 -9.98 14.11 21.60
N THR F 268 -9.26 13.40 22.46
CA THR F 268 -9.76 12.21 23.16
C THR F 268 -9.20 12.32 24.58
N ILE F 269 -9.96 12.94 25.46
CA ILE F 269 -9.56 12.99 26.86
C ILE F 269 -9.81 11.65 27.52
N ASP F 270 -8.83 11.19 28.29
CA ASP F 270 -8.87 9.86 28.87
C ASP F 270 -8.15 9.93 30.21
N SER F 271 -7.72 8.78 30.72
CA SER F 271 -7.08 8.77 32.04
C SER F 271 -5.74 9.47 31.93
N GLY F 272 -5.74 10.77 32.21
CA GLY F 272 -4.55 11.58 32.09
C GLY F 272 -4.14 11.80 30.65
N ARG F 273 -3.95 10.70 29.93
CA ARG F 273 -3.40 10.73 28.58
C ARG F 273 -4.44 11.26 27.59
N VAL F 274 -3.95 11.89 26.51
CA VAL F 274 -4.82 12.36 25.44
C VAL F 274 -4.21 12.00 24.10
N THR F 275 -5.04 11.48 23.19
CA THR F 275 -4.57 10.89 21.95
C THR F 275 -4.86 11.82 20.79
N PHE F 276 -4.15 11.59 19.69
CA PHE F 276 -4.35 12.34 18.46
C PHE F 276 -4.86 11.40 17.38
N ARG F 277 -5.33 11.99 16.27
CA ARG F 277 -5.99 11.21 15.23
C ARG F 277 -5.61 11.73 13.85
N VAL F 278 -5.07 10.83 13.02
CA VAL F 278 -4.92 11.06 11.59
C VAL F 278 -5.32 9.77 10.89
N ARG F 279 -5.24 9.75 9.55
CA ARG F 279 -5.58 8.56 8.79
C ARG F 279 -4.34 7.67 8.66
N GLY F 280 -4.15 6.81 9.65
CA GLY F 280 -3.08 5.83 9.57
C GLY F 280 -2.29 5.59 10.83
N GLU F 281 -2.13 6.61 11.68
CA GLU F 281 -1.31 6.44 12.88
C GLU F 281 -1.86 7.27 14.02
N PHE F 282 -1.92 6.66 15.20
CA PHE F 282 -2.34 7.36 16.41
C PHE F 282 -1.19 7.37 17.41
N GLU F 283 -1.33 8.21 18.42
CA GLU F 283 -0.37 8.27 19.52
C GLU F 283 -0.95 9.14 20.62
N VAL F 284 -0.49 8.90 21.83
CA VAL F 284 -1.03 9.59 23.01
C VAL F 284 0.11 10.30 23.73
N ASP F 285 -0.21 11.48 24.26
CA ASP F 285 0.70 12.35 25.00
C ASP F 285 0.11 12.69 26.35
N LEU F 286 0.93 13.36 27.17
CA LEU F 286 0.59 13.70 28.54
C LEU F 286 1.67 14.60 29.12
N SER F 287 1.27 15.46 30.06
CA SER F 287 2.17 16.40 30.70
C SER F 287 2.28 16.08 32.19
N ILE F 288 3.39 16.48 32.79
CA ILE F 288 3.76 16.02 34.13
C ILE F 288 3.79 17.17 35.13
N SER F 289 3.03 18.23 34.86
CA SER F 289 2.96 19.35 35.80
C SER F 289 1.70 20.14 35.51
N GLU F 290 1.18 20.78 36.57
CA GLU F 290 0.03 21.66 36.41
C GLU F 290 0.38 22.93 35.65
N GLU F 291 1.66 23.29 35.63
CA GLU F 291 2.06 24.49 34.91
C GLU F 291 2.66 24.09 33.56
N ASP F 292 2.77 25.08 32.68
CA ASP F 292 2.77 24.88 31.23
C ASP F 292 4.18 24.53 30.72
N PHE F 293 4.55 23.25 30.87
CA PHE F 293 5.88 22.80 30.47
C PHE F 293 5.92 21.34 30.03
N SER F 294 6.55 21.10 28.87
CA SER F 294 7.16 19.83 28.48
C SER F 294 6.27 18.58 28.55
N GLU F 295 5.26 18.49 27.68
CA GLU F 295 4.61 17.21 27.42
C GLU F 295 5.61 16.22 26.83
N GLN F 296 5.57 14.97 27.31
CA GLN F 296 6.64 14.04 26.96
C GLN F 296 6.27 12.99 25.89
N PHE F 297 5.38 12.06 26.24
CA PHE F 297 5.22 10.82 25.48
C PHE F 297 3.98 10.04 25.89
N TRP F 298 4.11 8.71 25.90
CA TRP F 298 3.19 7.65 26.35
C TRP F 298 2.35 6.86 25.34
N PHE F 299 2.46 7.07 24.02
CA PHE F 299 2.25 5.95 23.07
C PHE F 299 2.50 6.34 21.62
N ILE F 300 2.39 5.31 20.78
CA ILE F 300 2.32 5.41 19.32
C ILE F 300 1.76 4.09 18.84
N ASN F 301 1.12 4.10 17.66
CA ASN F 301 0.64 2.88 17.03
C ASN F 301 0.16 3.18 15.62
N PHE F 302 0.17 2.14 14.77
CA PHE F 302 -0.13 2.26 13.34
C PHE F 302 -1.54 1.73 13.05
N ARG F 303 -2.22 2.37 12.10
CA ARG F 303 -3.63 2.09 11.86
C ARG F 303 -3.95 2.07 10.35
N PHE F 304 -3.15 1.35 9.54
CA PHE F 304 -3.59 1.17 8.16
C PHE F 304 -3.87 -0.29 7.84
N ASP F 305 -2.87 -1.19 7.92
CA ASP F 305 -3.07 -2.63 7.91
C ASP F 305 -1.71 -3.32 7.97
N PHE F 306 -1.75 -4.61 8.32
CA PHE F 306 -0.56 -5.46 8.48
C PHE F 306 0.60 -4.74 9.14
N SER F 307 0.31 -4.09 10.27
CA SER F 307 1.39 -3.48 11.03
C SER F 307 1.42 -4.07 12.43
N PRO F 308 2.60 -4.42 12.93
CA PRO F 308 2.69 -5.10 14.22
C PRO F 308 2.66 -4.15 15.40
N ALA F 309 2.88 -4.69 16.60
CA ALA F 309 3.06 -4.01 17.86
C ALA F 309 4.55 -3.72 18.08
N PRO F 310 4.88 -2.60 18.72
CA PRO F 310 6.29 -2.22 18.84
C PRO F 310 7.11 -3.24 19.62
N ALA F 311 8.40 -3.26 19.33
CA ALA F 311 9.35 -4.19 19.94
C ALA F 311 9.72 -3.68 21.33
N GLU F 312 10.78 -4.25 21.91
CA GLU F 312 11.29 -3.78 23.19
C GLU F 312 12.56 -2.96 23.07
N LEU F 313 13.29 -3.07 21.96
CA LEU F 313 14.46 -2.24 21.73
C LEU F 313 14.08 -0.90 21.11
N THR F 314 13.14 -0.90 20.16
CA THR F 314 12.67 0.32 19.53
C THR F 314 12.21 1.35 20.57
N PRO F 315 11.65 0.93 21.73
CA PRO F 315 11.53 1.88 22.84
C PRO F 315 12.83 2.61 23.14
N ALA F 316 13.90 1.85 23.41
CA ALA F 316 15.12 2.42 23.98
C ALA F 316 15.74 3.48 23.11
N VAL F 317 15.24 3.64 21.88
CA VAL F 317 15.75 4.63 20.94
C VAL F 317 14.69 5.67 20.60
N ARG F 318 13.48 5.23 20.29
CA ARG F 318 12.49 6.20 19.85
C ARG F 318 11.77 6.87 21.01
N TYR F 319 11.46 6.14 22.08
CA TYR F 319 10.90 6.76 23.27
C TYR F 319 11.72 7.96 23.69
N TRP F 320 13.05 7.83 23.64
CA TRP F 320 13.96 8.95 23.80
C TRP F 320 13.81 9.97 22.68
N MET F 321 14.12 9.59 21.43
CA MET F 321 14.25 10.55 20.35
C MET F 321 13.03 11.47 20.21
N THR F 322 11.83 10.91 20.35
CA THR F 322 10.63 11.70 20.12
C THR F 322 10.46 12.78 21.19
N GLU F 323 10.61 12.41 22.47
CA GLU F 323 10.51 13.41 23.51
C GLU F 323 11.69 14.36 23.51
N LYS F 324 12.84 13.92 22.98
CA LYS F 324 13.93 14.85 22.73
C LYS F 324 13.41 15.94 21.81
N VAL F 325 13.08 15.56 20.57
CA VAL F 325 12.69 16.55 19.57
C VAL F 325 11.49 17.37 20.06
N ASN F 326 10.70 16.82 20.98
CA ASN F 326 9.64 17.59 21.59
C ASN F 326 10.20 18.69 22.49
N ASN F 327 10.96 18.31 23.51
CA ASN F 327 11.49 19.24 24.50
C ASN F 327 12.68 20.05 23.99
N ILE F 328 13.04 19.92 22.71
CA ILE F 328 14.08 20.76 22.12
C ILE F 328 13.41 22.07 21.71
N LEU F 329 12.18 22.26 22.18
CA LEU F 329 11.33 23.43 21.98
C LEU F 329 10.66 23.45 20.62
N LYS F 330 10.92 22.47 19.77
CA LYS F 330 10.07 22.26 18.62
C LYS F 330 8.68 21.89 19.12
N THR F 331 7.68 22.69 18.76
CA THR F 331 6.34 22.49 19.30
C THR F 331 5.84 21.09 18.98
N GLU F 332 4.85 20.65 19.77
CA GLU F 332 4.27 19.33 19.56
C GLU F 332 3.75 19.19 18.13
N GLY F 333 3.17 20.27 17.60
CA GLY F 333 2.72 20.27 16.22
C GLY F 333 3.83 19.93 15.27
N LEU F 334 4.88 20.74 15.28
CA LEU F 334 6.03 20.50 14.42
C LEU F 334 6.54 19.08 14.58
N GLY F 335 6.94 18.71 15.79
CA GLY F 335 7.51 17.41 16.06
C GLY F 335 6.63 16.27 15.57
N GLY F 336 5.47 16.11 16.19
CA GLY F 336 4.53 15.09 15.79
C GLY F 336 4.29 15.08 14.29
N CYS F 337 3.66 16.14 13.77
CA CYS F 337 3.28 16.14 12.37
C CYS F 337 4.44 15.78 11.46
N TYR F 338 5.52 16.56 11.50
CA TYR F 338 6.62 16.35 10.57
C TYR F 338 7.25 14.97 10.75
N LYS F 339 7.80 14.70 11.93
CA LYS F 339 8.54 13.46 12.13
C LYS F 339 7.66 12.25 11.82
N TYR F 340 6.46 12.22 12.38
CA TYR F 340 5.56 11.10 12.15
C TYR F 340 5.25 11.00 10.67
N LEU F 341 4.53 11.97 10.09
CA LEU F 341 4.16 11.91 8.69
C LEU F 341 5.30 11.38 7.83
N HIS F 342 6.51 11.91 8.04
CA HIS F 342 7.68 11.43 7.28
C HIS F 342 7.88 9.92 7.49
N GLU F 343 8.16 9.50 8.71
CA GLU F 343 8.55 8.12 8.94
C GLU F 343 7.40 7.17 8.64
N PHE F 344 6.19 7.55 9.02
CA PHE F 344 4.98 6.81 8.69
C PHE F 344 4.87 6.55 7.19
N THR F 345 4.89 7.61 6.37
CA THR F 345 4.71 7.39 4.94
C THR F 345 5.88 6.62 4.35
N LEU F 346 7.07 6.75 4.93
CA LEU F 346 8.20 5.97 4.43
C LEU F 346 7.99 4.49 4.71
N THR F 347 7.67 4.14 5.95
CA THR F 347 7.35 2.76 6.27
C THR F 347 6.21 2.24 5.42
N GLN F 348 5.22 3.09 5.13
CA GLN F 348 4.12 2.66 4.29
C GLN F 348 4.61 2.31 2.89
N LYS F 349 5.40 3.19 2.29
CA LYS F 349 5.97 2.91 0.98
C LYS F 349 6.80 1.63 0.97
N ILE F 350 7.44 1.32 2.09
CA ILE F 350 8.24 0.10 2.16
C ILE F 350 7.38 -1.14 2.44
N ALA F 351 6.22 -0.97 3.06
CA ALA F 351 5.44 -2.07 3.62
C ALA F 351 4.93 -3.07 2.60
N GLU F 352 5.21 -2.87 1.32
CA GLU F 352 4.85 -3.87 0.31
C GLU F 352 6.08 -4.57 -0.26
N LEU F 353 7.24 -4.43 0.38
CA LEU F 353 8.41 -5.22 -0.04
C LEU F 353 8.09 -6.70 -0.08
N HIS F 354 7.17 -7.15 0.77
CA HIS F 354 6.71 -8.54 0.73
C HIS F 354 6.28 -8.92 -0.69
N ARG F 355 5.28 -8.21 -1.22
CA ARG F 355 4.83 -8.50 -2.59
C ARG F 355 5.93 -8.20 -3.59
N GLN F 356 6.70 -7.14 -3.37
CA GLN F 356 7.79 -6.78 -4.26
C GLN F 356 8.73 -7.95 -4.49
N ALA F 357 8.97 -8.76 -3.45
CA ALA F 357 9.94 -9.84 -3.53
C ALA F 357 9.30 -11.22 -3.63
N ILE F 358 7.99 -11.34 -3.52
CA ILE F 358 7.32 -12.63 -3.72
C ILE F 358 6.47 -12.65 -4.97
N ALA F 359 6.49 -11.58 -5.78
CA ALA F 359 5.86 -11.64 -7.09
C ALA F 359 6.37 -12.81 -7.91
N LEU F 360 7.61 -13.25 -7.67
CA LEU F 360 8.18 -14.38 -8.38
C LEU F 360 7.51 -15.70 -8.03
N ASN F 361 6.54 -15.71 -7.13
CA ASN F 361 5.81 -16.91 -6.77
C ASN F 361 4.32 -16.81 -7.11
N LYS F 362 3.87 -15.67 -7.63
CA LYS F 362 2.48 -15.45 -8.00
C LYS F 362 2.43 -14.89 -9.42
N GLY F 363 1.25 -14.39 -9.83
CA GLY F 363 1.07 -13.73 -11.10
C GLY F 363 2.22 -12.81 -11.45
N ARG F 364 2.57 -12.75 -12.73
CA ARG F 364 3.85 -12.20 -13.17
C ARG F 364 4.99 -13.02 -12.57
N TRP F 365 5.03 -14.29 -12.98
CA TRP F 365 5.78 -15.31 -12.28
C TRP F 365 7.27 -15.31 -12.60
N ALA F 366 7.67 -14.92 -13.80
CA ALA F 366 9.09 -14.91 -14.13
C ALA F 366 9.47 -13.67 -14.94
N ASN F 367 8.78 -12.57 -14.77
CA ASN F 367 9.03 -11.37 -15.54
C ASN F 367 9.34 -10.14 -14.70
N SER F 368 8.66 -9.95 -13.58
CA SER F 368 8.87 -8.75 -12.77
C SER F 368 10.31 -8.69 -12.27
N LEU F 369 10.75 -7.48 -11.94
CA LEU F 369 12.14 -7.26 -11.53
C LEU F 369 12.18 -6.04 -10.61
N ARG F 370 12.34 -6.28 -9.32
CA ARG F 370 12.39 -5.21 -8.32
C ARG F 370 13.82 -4.75 -8.09
N VAL F 371 13.99 -3.44 -7.90
CA VAL F 371 15.25 -2.86 -7.44
C VAL F 371 14.92 -1.75 -6.46
N GLU F 372 15.20 -1.96 -5.18
CA GLU F 372 15.11 -0.90 -4.20
C GLU F 372 16.34 -0.01 -4.30
N LYS F 373 16.14 1.30 -4.51
CA LYS F 373 17.24 2.17 -4.92
C LYS F 373 17.98 2.79 -3.74
N LEU F 374 17.27 3.58 -2.95
CA LEU F 374 17.86 4.35 -1.86
C LEU F 374 16.72 4.87 -1.00
N ASN F 375 17.01 5.80 -0.10
CA ASN F 375 16.00 6.42 0.73
C ASN F 375 14.80 6.86 -0.11
N ARG F 376 13.64 6.28 0.19
CA ARG F 376 12.36 6.72 -0.37
C ARG F 376 12.26 6.47 -1.87
N ASN F 377 12.75 5.32 -2.36
CA ASN F 377 12.49 4.96 -3.75
C ASN F 377 12.79 3.50 -4.11
N LEU F 378 11.91 2.91 -4.89
CA LEU F 378 12.08 1.59 -5.48
C LEU F 378 11.93 1.70 -7.00
N GLY F 379 11.96 0.56 -7.67
CA GLY F 379 11.79 0.55 -9.11
C GLY F 379 11.49 -0.85 -9.60
N ILE F 380 10.83 -0.92 -10.75
CA ILE F 380 10.37 -2.19 -11.31
C ILE F 380 10.65 -2.18 -12.81
N HIS F 381 11.07 -3.32 -13.34
CA HIS F 381 11.11 -3.48 -14.78
C HIS F 381 9.80 -4.10 -15.25
N TYR F 382 9.32 -3.66 -16.41
CA TYR F 382 7.95 -3.96 -16.81
C TYR F 382 7.82 -5.42 -17.26
N TRP F 383 8.56 -5.79 -18.31
CA TRP F 383 8.59 -7.15 -18.83
C TRP F 383 10.04 -7.62 -18.92
N ALA F 384 10.22 -8.93 -19.09
CA ALA F 384 11.56 -9.49 -19.04
C ALA F 384 11.85 -10.56 -20.07
N ASN F 385 10.93 -10.88 -20.98
CA ASN F 385 11.22 -11.91 -21.99
C ASN F 385 10.50 -11.51 -23.27
N ARG F 386 11.19 -10.73 -24.09
CA ARG F 386 10.61 -10.18 -25.31
C ARG F 386 11.75 -9.72 -26.21
N LEU F 387 11.43 -8.92 -27.21
CA LEU F 387 12.43 -8.37 -28.11
C LEU F 387 12.47 -6.85 -28.12
N HIS F 388 11.67 -6.20 -27.28
CA HIS F 388 11.45 -4.75 -27.31
C HIS F 388 12.48 -4.06 -26.42
N SER F 389 12.23 -2.80 -26.06
CA SER F 389 13.29 -1.90 -25.63
C SER F 389 13.11 -1.33 -24.21
N GLN F 390 12.96 -2.22 -23.23
CA GLN F 390 13.13 -1.88 -21.81
C GLN F 390 12.13 -0.87 -21.26
N ASN F 391 10.86 -1.26 -21.19
CA ASN F 391 9.89 -0.50 -20.41
C ASN F 391 10.20 -0.63 -18.92
N LEU F 392 10.26 0.51 -18.23
CA LEU F 392 10.53 0.53 -16.80
C LEU F 392 9.35 1.16 -16.09
N LYS F 393 8.78 0.41 -15.14
CA LYS F 393 7.68 0.89 -14.33
C LYS F 393 8.17 2.00 -13.40
N SER F 394 7.20 2.70 -12.79
CA SER F 394 7.46 3.86 -11.96
C SER F 394 7.87 3.47 -10.54
N TRP F 395 7.79 4.45 -9.65
CA TRP F 395 8.31 4.39 -8.29
C TRP F 395 7.35 5.16 -7.40
N ILE F 396 7.80 5.54 -6.21
CA ILE F 396 6.94 6.21 -5.24
C ILE F 396 7.52 7.59 -5.00
N ILE F 397 6.87 8.40 -4.16
CA ILE F 397 7.13 9.84 -4.12
C ILE F 397 8.63 10.12 -4.01
N ILE F 398 9.08 11.16 -4.71
CA ILE F 398 10.49 11.49 -4.87
C ILE F 398 10.94 12.36 -3.70
N GLY F 399 12.26 12.37 -3.47
CA GLY F 399 12.86 13.27 -2.50
C GLY F 399 12.63 14.72 -2.85
N VAL F 400 12.29 14.98 -4.11
CA VAL F 400 12.05 16.32 -4.64
C VAL F 400 10.60 16.67 -4.34
N HIS F 401 9.92 15.82 -3.57
CA HIS F 401 8.54 16.04 -3.11
C HIS F 401 7.55 16.05 -4.27
N PRO F 414 0.45 18.93 2.95
CA PRO F 414 0.10 17.61 2.40
C PRO F 414 1.30 16.89 1.79
N SER F 415 1.18 15.59 1.58
CA SER F 415 2.26 14.79 1.03
C SER F 415 1.69 13.78 0.05
N TYR F 416 2.43 13.56 -1.03
CA TYR F 416 1.91 12.78 -2.15
C TYR F 416 2.38 11.34 -2.11
N LEU F 417 1.83 10.55 -3.02
CA LEU F 417 2.26 9.19 -3.34
C LEU F 417 2.50 9.08 -4.83
N MET F 418 3.24 10.04 -5.39
CA MET F 418 3.40 10.19 -6.82
C MET F 418 3.83 8.87 -7.47
N VAL F 419 3.20 8.55 -8.60
CA VAL F 419 3.47 7.34 -9.35
C VAL F 419 3.43 7.68 -10.82
N GLN F 420 4.57 7.58 -11.50
CA GLN F 420 4.68 7.91 -12.91
C GLN F 420 4.34 6.68 -13.75
N TRP F 421 4.70 6.71 -15.03
CA TRP F 421 4.68 5.55 -15.90
C TRP F 421 5.52 5.88 -17.12
N PHE F 422 6.43 4.99 -17.50
CA PHE F 422 7.40 5.29 -18.53
C PHE F 422 7.24 4.36 -19.73
N ARG F 423 6.00 4.20 -20.20
CA ARG F 423 5.71 3.28 -21.29
C ARG F 423 6.67 3.50 -22.45
N GLU F 424 7.48 2.48 -22.73
CA GLU F 424 8.46 2.50 -23.81
C GLU F 424 9.27 3.79 -23.83
N GLY F 425 9.98 4.02 -22.72
CA GLY F 425 10.94 5.11 -22.66
C GLY F 425 10.38 6.49 -22.80
N VAL F 426 9.11 6.69 -22.42
CA VAL F 426 8.51 8.02 -22.39
C VAL F 426 7.41 8.02 -21.34
N GLU F 427 7.33 9.11 -20.58
CA GLU F 427 6.38 9.21 -19.49
C GLU F 427 4.97 9.44 -20.01
N GLN F 428 4.00 9.24 -19.12
CA GLN F 428 2.59 9.46 -19.42
C GLN F 428 1.97 10.32 -18.34
N PHE F 429 0.86 10.97 -18.68
CA PHE F 429 0.15 11.85 -17.76
C PHE F 429 -1.25 11.31 -17.55
N ILE F 430 -1.39 10.37 -16.62
CA ILE F 430 -2.68 9.77 -16.27
C ILE F 430 -2.67 9.51 -14.77
N ASP F 431 -3.83 9.71 -14.14
CA ASP F 431 -3.98 9.36 -12.74
C ASP F 431 -3.97 7.84 -12.58
N ILE F 432 -3.99 7.39 -11.33
CA ILE F 432 -3.99 5.95 -11.05
C ILE F 432 -4.93 5.67 -9.89
N PRO F 433 -5.95 4.83 -10.08
CA PRO F 433 -6.77 4.41 -8.92
C PRO F 433 -5.90 3.62 -7.95
N PHE F 434 -5.87 4.07 -6.72
CA PHE F 434 -4.79 3.56 -5.89
C PHE F 434 -5.26 2.87 -4.62
N SER F 435 -6.26 3.43 -3.93
CA SER F 435 -6.62 2.99 -2.59
C SER F 435 -5.37 2.86 -1.73
N GLN F 436 -4.74 4.03 -1.52
CA GLN F 436 -3.28 4.16 -1.48
C GLN F 436 -2.56 2.95 -0.89
N GLU F 437 -2.93 2.51 0.31
CA GLU F 437 -2.40 1.25 0.82
C GLU F 437 -3.44 0.46 1.62
N LYS F 438 -4.71 0.86 1.61
CA LYS F 438 -5.73 0.22 2.42
C LYS F 438 -5.66 -1.30 2.40
N LEU F 439 -5.39 -1.91 1.23
CA LEU F 439 -5.18 -3.34 1.19
C LEU F 439 -3.80 -3.74 0.69
N SER F 440 -3.43 -3.37 -0.54
CA SER F 440 -2.22 -3.92 -1.17
C SER F 440 -2.01 -3.19 -2.50
N ILE F 441 -1.06 -3.69 -3.29
CA ILE F 441 -0.67 -3.02 -4.54
C ILE F 441 -1.22 -3.70 -5.78
N GLU F 442 -1.71 -4.93 -5.70
CA GLU F 442 -1.98 -5.70 -6.90
C GLU F 442 -3.24 -5.22 -7.62
N GLU F 443 -3.30 -3.93 -7.94
CA GLU F 443 -4.31 -3.40 -8.83
C GLU F 443 -3.64 -2.54 -9.89
N ILE F 444 -2.54 -1.90 -9.51
CA ILE F 444 -1.89 -0.95 -10.40
C ILE F 444 -1.22 -1.68 -11.56
N LEU F 445 -0.61 -2.83 -11.30
CA LEU F 445 0.00 -3.62 -12.36
C LEU F 445 -1.05 -4.04 -13.37
N GLU F 446 -2.16 -4.60 -12.89
CA GLU F 446 -3.27 -4.98 -13.76
C GLU F 446 -3.71 -3.81 -14.61
N PHE F 447 -3.92 -2.65 -13.99
CA PHE F 447 -4.41 -1.49 -14.72
C PHE F 447 -3.43 -1.06 -15.80
N VAL F 448 -2.14 -0.96 -15.47
CA VAL F 448 -1.17 -0.46 -16.43
C VAL F 448 -1.00 -1.45 -17.58
N THR F 449 -1.03 -2.74 -17.28
CA THR F 449 -0.91 -3.73 -18.36
C THR F 449 -2.13 -3.69 -19.27
N ALA F 450 -3.32 -3.53 -18.70
CA ALA F 450 -4.52 -3.40 -19.52
C ALA F 450 -4.40 -2.22 -20.46
N LYS F 451 -4.01 -1.06 -19.94
CA LYS F 451 -3.87 0.11 -20.80
C LYS F 451 -2.79 -0.11 -21.85
N HIS F 452 -1.70 -0.79 -21.48
CA HIS F 452 -0.62 -1.04 -22.42
C HIS F 452 -1.10 -1.89 -23.59
N VAL F 453 -1.77 -3.00 -23.30
CA VAL F 453 -2.22 -3.89 -24.37
C VAL F 453 -3.28 -3.22 -25.22
N GLY F 454 -4.15 -2.41 -24.59
CA GLY F 454 -5.13 -1.67 -25.36
C GLY F 454 -4.47 -0.71 -26.34
N TYR F 455 -3.49 0.07 -25.86
CA TYR F 455 -2.77 0.98 -26.73
C TYR F 455 -2.09 0.23 -27.87
N LEU F 456 -1.49 -0.92 -27.55
CA LEU F 456 -0.80 -1.69 -28.58
C LEU F 456 -1.76 -2.13 -29.69
N LEU F 457 -2.91 -2.68 -29.30
CA LEU F 457 -3.88 -3.11 -30.31
C LEU F 457 -4.40 -1.93 -31.12
N PHE F 458 -4.72 -0.82 -30.47
CA PHE F 458 -5.20 0.35 -31.20
C PHE F 458 -4.16 0.83 -32.21
N SER F 459 -2.89 0.88 -31.79
CA SER F 459 -1.82 1.29 -32.69
C SER F 459 -1.74 0.37 -33.89
N LEU F 460 -1.81 -0.94 -33.65
CA LEU F 460 -1.75 -1.86 -34.78
C LEU F 460 -2.97 -1.74 -35.68
N PHE F 461 -4.12 -1.36 -35.14
CA PHE F 461 -5.36 -1.40 -35.89
C PHE F 461 -5.63 -0.15 -36.72
N ARG F 462 -5.45 1.03 -36.14
CA ARG F 462 -6.05 2.23 -36.72
C ARG F 462 -5.58 2.53 -38.14
N LYS F 463 -4.58 1.82 -38.64
CA LYS F 463 -4.12 2.06 -40.01
C LYS F 463 -5.01 1.44 -41.08
N PHE F 464 -6.18 0.91 -40.73
CA PHE F 464 -7.02 0.16 -41.67
C PHE F 464 -8.33 0.90 -41.91
N ASP F 465 -8.28 1.93 -42.76
CA ASP F 465 -9.50 2.53 -43.27
C ASP F 465 -9.40 2.94 -44.73
N GLY F 466 -8.46 2.38 -45.48
CA GLY F 466 -8.27 2.80 -46.87
C GLY F 466 -9.39 2.39 -47.80
N LYS F 467 -9.51 1.09 -48.07
CA LYS F 467 -10.56 0.57 -48.92
C LYS F 467 -11.14 -0.67 -48.27
N PRO F 468 -12.47 -0.85 -48.32
CA PRO F 468 -13.10 -2.03 -47.73
C PRO F 468 -12.93 -3.27 -48.59
N LEU F 478 -10.54 -5.04 -46.83
CA LEU F 478 -10.78 -5.54 -45.48
C LEU F 478 -12.18 -6.14 -45.35
N GLU F 479 -13.17 -5.26 -45.27
CA GLU F 479 -14.59 -5.60 -45.15
C GLU F 479 -14.91 -6.42 -43.91
N LEU F 480 -13.93 -6.68 -43.03
CA LEU F 480 -14.20 -7.23 -41.71
C LEU F 480 -13.11 -6.76 -40.76
N ASN F 481 -13.52 -6.03 -39.72
CA ASN F 481 -12.65 -5.63 -38.62
C ASN F 481 -13.52 -5.51 -37.40
N VAL F 482 -12.94 -5.75 -36.23
CA VAL F 482 -13.68 -5.87 -34.99
C VAL F 482 -12.93 -5.12 -33.90
N TRP F 483 -13.55 -5.01 -32.74
CA TRP F 483 -13.00 -4.28 -31.61
C TRP F 483 -13.50 -4.94 -30.34
N THR F 484 -13.01 -4.47 -29.20
CA THR F 484 -13.50 -5.02 -27.94
C THR F 484 -12.96 -4.19 -26.78
N GLN F 485 -13.78 -4.12 -25.72
CA GLN F 485 -13.38 -3.51 -24.45
C GLN F 485 -14.03 -4.33 -23.35
N LYS F 486 -13.31 -5.32 -22.85
CA LYS F 486 -13.83 -6.29 -21.88
C LYS F 486 -12.98 -6.29 -20.62
N PRO F 487 -13.41 -6.99 -19.55
CA PRO F 487 -12.56 -7.08 -18.36
C PRO F 487 -11.12 -7.51 -18.64
N GLU F 488 -10.89 -8.41 -19.60
CA GLU F 488 -9.54 -8.87 -19.90
C GLU F 488 -9.58 -9.68 -21.19
N ASP F 489 -8.40 -9.92 -21.76
CA ASP F 489 -8.21 -10.77 -22.92
C ASP F 489 -8.99 -10.23 -24.13
N TYR F 490 -8.55 -9.06 -24.57
CA TYR F 490 -9.06 -8.45 -25.79
C TYR F 490 -8.63 -9.28 -26.99
N TYR F 491 -9.06 -8.86 -28.17
CA TYR F 491 -8.76 -9.61 -29.40
C TYR F 491 -9.04 -8.73 -30.59
N LEU F 492 -8.55 -9.17 -31.75
CA LEU F 492 -8.79 -8.43 -32.98
C LEU F 492 -8.78 -9.40 -34.16
N SER F 493 -9.79 -9.30 -35.03
CA SER F 493 -9.88 -10.15 -36.20
C SER F 493 -9.40 -9.40 -37.43
N MET F 494 -9.10 -10.16 -38.49
CA MET F 494 -8.60 -9.55 -39.71
C MET F 494 -9.40 -10.02 -40.93
N GLN F 495 -8.90 -9.68 -42.12
CA GLN F 495 -9.60 -9.97 -43.37
C GLN F 495 -9.83 -11.47 -43.53
N LEU F 496 -10.80 -11.81 -44.38
CA LEU F 496 -11.19 -13.20 -44.63
C LEU F 496 -9.98 -14.06 -44.96
N LEU F 497 -9.18 -13.60 -45.93
CA LEU F 497 -8.04 -14.23 -46.58
C LEU F 497 -8.47 -15.36 -47.52
N ASP F 498 -9.61 -15.99 -47.25
CA ASP F 498 -10.63 -16.25 -48.25
C ASP F 498 -11.97 -16.13 -47.55
N ASP F 499 -12.06 -16.82 -46.40
CA ASP F 499 -13.24 -16.76 -45.55
C ASP F 499 -12.86 -16.91 -44.07
N GLU F 500 -11.59 -16.85 -43.71
CA GLU F 500 -11.10 -17.42 -42.45
C GLU F 500 -10.93 -16.42 -41.32
N ASP F 501 -10.45 -15.22 -41.60
CA ASP F 501 -10.40 -14.13 -40.62
C ASP F 501 -9.56 -14.52 -39.39
N LEU F 502 -8.26 -14.70 -39.62
CA LEU F 502 -7.37 -14.97 -38.51
C LEU F 502 -7.47 -13.85 -37.48
N LYS F 503 -7.25 -14.20 -36.22
CA LYS F 503 -7.38 -13.25 -35.13
C LYS F 503 -6.15 -13.29 -34.24
N ILE F 504 -5.94 -12.16 -33.56
CA ILE F 504 -4.75 -11.87 -32.78
C ILE F 504 -5.20 -11.58 -31.36
N GLN F 505 -4.45 -12.11 -30.39
CA GLN F 505 -4.63 -11.82 -28.97
C GLN F 505 -3.25 -11.57 -28.37
N VAL F 506 -3.23 -11.15 -27.10
CA VAL F 506 -1.99 -10.77 -26.43
C VAL F 506 -1.98 -11.36 -25.03
N ASN F 507 -0.87 -11.99 -24.66
CA ASN F 507 -0.67 -12.52 -23.32
C ASN F 507 -0.39 -11.38 -22.36
N PRO F 508 -1.31 -11.07 -21.45
CA PRO F 508 -1.07 -9.94 -20.54
C PRO F 508 0.01 -10.20 -19.52
N TRP F 509 0.00 -11.40 -18.91
CA TRP F 509 0.91 -11.67 -17.81
C TRP F 509 2.36 -11.62 -18.25
N MET F 510 2.64 -11.98 -19.51
CA MET F 510 3.98 -11.87 -20.06
C MET F 510 3.85 -11.36 -21.49
N GLY F 511 4.51 -10.23 -21.76
CA GLY F 511 4.39 -9.58 -23.04
C GLY F 511 4.72 -10.41 -24.26
N ASP F 512 3.70 -10.75 -25.03
CA ASP F 512 3.82 -11.44 -26.31
C ASP F 512 2.42 -11.51 -26.90
N PHE F 513 2.36 -11.88 -28.18
CA PHE F 513 1.09 -11.98 -28.89
C PHE F 513 0.95 -13.35 -29.53
N ILE F 514 -0.29 -13.72 -29.82
CA ILE F 514 -0.64 -15.05 -30.29
C ILE F 514 -1.63 -14.92 -31.45
N THR F 515 -1.38 -15.67 -32.51
CA THR F 515 -2.32 -15.78 -33.62
C THR F 515 -3.11 -17.08 -33.48
N THR F 516 -4.35 -17.07 -33.96
CA THR F 516 -5.16 -18.29 -33.87
C THR F 516 -4.70 -19.37 -34.84
N PRO F 517 -4.72 -19.16 -36.16
CA PRO F 517 -4.38 -20.28 -37.06
C PRO F 517 -2.96 -20.79 -36.89
N SER F 518 -1.97 -19.91 -36.96
CA SER F 518 -0.55 -20.28 -36.90
C SER F 518 -0.22 -21.45 -37.82
N ARG F 524 6.06 -19.98 -40.37
CA ARG F 524 6.36 -18.71 -41.04
C ARG F 524 5.30 -17.68 -40.72
N THR F 525 4.20 -18.13 -40.11
CA THR F 525 3.14 -17.20 -39.70
C THR F 525 3.60 -16.32 -38.54
N LEU F 526 4.29 -16.92 -37.56
CA LEU F 526 4.64 -16.24 -36.33
C LEU F 526 5.98 -15.53 -36.39
N ASN F 527 6.43 -15.17 -37.59
CA ASN F 527 7.62 -14.34 -37.70
C ASN F 527 7.35 -12.89 -37.33
N SER F 528 6.14 -12.60 -36.86
CA SER F 528 5.67 -11.26 -36.52
C SER F 528 6.39 -10.66 -35.34
N LEU F 529 7.35 -11.38 -34.74
CA LEU F 529 8.13 -10.86 -33.62
C LEU F 529 9.29 -10.00 -34.12
N GLY F 530 8.97 -8.96 -34.90
CA GLY F 530 9.98 -8.05 -35.38
C GLY F 530 10.04 -6.73 -34.64
N ASN F 531 8.88 -6.08 -34.46
CA ASN F 531 8.76 -4.80 -33.80
C ASN F 531 7.29 -4.41 -33.69
N PRO F 532 6.93 -3.50 -32.79
CA PRO F 532 5.59 -2.91 -32.81
C PRO F 532 5.56 -1.67 -33.70
N ALA F 533 4.34 -1.22 -33.99
CA ALA F 533 4.09 -0.07 -34.85
C ALA F 533 4.72 -0.25 -36.23
N GLU F 534 4.70 -1.47 -36.75
CA GLU F 534 5.22 -1.77 -38.08
C GLU F 534 4.15 -2.24 -39.05
N GLU F 535 3.30 -3.18 -38.64
CA GLU F 535 2.04 -3.52 -39.30
C GLU F 535 2.24 -4.24 -40.64
N GLY F 536 3.47 -4.40 -41.12
CA GLY F 536 3.66 -5.01 -42.42
C GLY F 536 3.37 -6.49 -42.41
N SER F 537 2.08 -6.83 -42.22
CA SER F 537 1.66 -8.22 -42.09
C SER F 537 0.97 -8.76 -43.33
N LYS F 538 0.59 -7.90 -44.28
CA LYS F 538 -0.11 -8.37 -45.49
C LYS F 538 0.69 -9.43 -46.23
N GLU F 539 1.98 -9.56 -45.93
CA GLU F 539 2.77 -10.63 -46.52
C GLU F 539 2.16 -11.98 -46.21
N LEU F 540 1.55 -12.13 -45.04
CA LEU F 540 0.84 -13.37 -44.72
C LEU F 540 -0.25 -13.66 -45.75
N GLU F 541 -1.10 -12.67 -46.00
CA GLU F 541 -2.14 -12.82 -47.01
C GLU F 541 -1.55 -13.16 -48.37
N ASN F 542 -0.49 -12.44 -48.75
CA ASN F 542 0.13 -12.66 -50.06
C ASN F 542 0.60 -14.10 -50.19
N PHE F 543 1.34 -14.59 -49.20
CA PHE F 543 1.87 -15.95 -49.26
C PHE F 543 0.76 -16.97 -49.23
N ARG F 544 -0.26 -16.75 -48.40
CA ARG F 544 -1.37 -17.70 -48.34
C ARG F 544 -2.05 -17.81 -49.70
N TYR F 545 -2.30 -16.68 -50.35
CA TYR F 545 -2.92 -16.71 -51.67
C TYR F 545 -2.03 -17.41 -52.68
N ILE F 546 -0.73 -17.07 -52.68
CA ILE F 546 0.20 -17.72 -53.61
C ILE F 546 0.16 -19.23 -53.43
N TYR F 547 0.12 -19.69 -52.18
CA TYR F 547 0.23 -21.13 -51.95
C TYR F 547 -1.06 -21.85 -52.25
N ILE F 548 -2.21 -21.27 -51.90
CA ILE F 548 -3.47 -21.92 -52.28
C ILE F 548 -3.58 -21.98 -53.80
N ILE F 549 -3.15 -20.94 -54.50
CA ILE F 549 -3.15 -21.00 -55.96
C ILE F 549 -2.20 -22.09 -56.45
N SER F 550 -0.98 -22.13 -55.91
CA SER F 550 0.00 -23.10 -56.36
C SER F 550 -0.35 -24.54 -55.99
N VAL F 551 -1.31 -24.75 -55.09
CA VAL F 551 -1.71 -26.10 -54.71
C VAL F 551 -2.98 -26.53 -55.43
N LEU F 552 -3.90 -25.60 -55.70
CA LEU F 552 -5.03 -25.94 -56.54
C LEU F 552 -4.76 -25.71 -58.02
N LYS F 553 -3.51 -25.37 -58.37
CA LYS F 553 -3.15 -25.18 -59.77
C LYS F 553 -3.50 -26.39 -60.62
N ALA F 554 -3.27 -27.59 -60.10
CA ALA F 554 -3.26 -28.77 -60.95
C ALA F 554 -4.66 -29.20 -61.40
N GLN F 555 -5.71 -28.70 -60.74
CA GLN F 555 -7.07 -28.99 -61.20
C GLN F 555 -7.29 -28.48 -62.62
N GLY F 556 -7.20 -27.17 -62.81
CA GLY F 556 -7.20 -26.61 -64.14
C GLY F 556 -5.87 -26.71 -64.84
N LYS F 557 -4.88 -27.34 -64.22
CA LYS F 557 -3.56 -27.56 -64.78
C LYS F 557 -2.90 -26.24 -65.18
N SER F 558 -2.74 -25.38 -64.17
CA SER F 558 -2.22 -24.02 -64.37
C SER F 558 -1.00 -23.83 -63.47
N HIS F 559 0.17 -24.26 -63.94
CA HIS F 559 1.33 -24.38 -63.08
C HIS F 559 1.86 -22.99 -62.72
N GLY F 560 2.95 -22.96 -61.96
CA GLY F 560 3.49 -21.75 -61.39
C GLY F 560 4.38 -20.92 -62.29
N TRP F 561 3.79 -20.30 -63.31
CA TRP F 561 4.55 -19.45 -64.22
C TRP F 561 5.26 -18.35 -63.42
N SER F 562 6.41 -17.91 -63.94
CA SER F 562 7.28 -16.98 -63.22
C SER F 562 6.77 -15.55 -63.36
N VAL F 563 7.61 -14.59 -62.94
CA VAL F 563 7.28 -13.17 -62.96
C VAL F 563 8.25 -12.49 -63.93
N VAL F 564 8.56 -13.16 -65.04
CA VAL F 564 9.61 -12.74 -65.96
C VAL F 564 9.24 -11.45 -66.69
N ARG F 565 8.05 -10.93 -66.43
CA ARG F 565 7.63 -9.68 -67.05
C ARG F 565 8.54 -8.54 -66.60
N SER F 566 8.38 -7.39 -67.25
CA SER F 566 9.22 -6.23 -66.97
C SER F 566 9.02 -5.78 -65.52
N PRO F 567 10.10 -5.57 -64.75
CA PRO F 567 9.94 -5.13 -63.36
C PRO F 567 9.25 -3.78 -63.24
N ILE F 568 9.79 -2.78 -63.92
CA ILE F 568 9.24 -1.43 -63.91
C ILE F 568 8.92 -1.11 -65.37
N SER F 569 8.44 0.11 -65.63
CA SER F 569 7.81 0.53 -66.89
C SER F 569 6.42 -0.10 -66.97
N GLN F 570 6.17 -1.08 -66.12
CA GLN F 570 4.83 -1.45 -65.74
C GLN F 570 4.47 -0.64 -64.49
N ASP F 571 3.35 -0.99 -63.86
CA ASP F 571 2.86 -0.46 -62.59
C ASP F 571 2.38 0.97 -62.70
N GLU F 572 2.43 1.56 -63.90
CA GLU F 572 1.76 2.87 -64.04
C GLU F 572 0.25 2.70 -64.06
N LEU F 573 -0.24 1.66 -64.76
CA LEU F 573 -1.65 1.31 -64.70
C LEU F 573 -2.07 0.99 -63.27
N ARG F 574 -1.15 0.45 -62.46
CA ARG F 574 -1.45 0.21 -61.06
C ARG F 574 -1.49 1.52 -60.28
N SER F 575 -0.40 2.28 -60.32
CA SER F 575 -0.26 3.53 -59.58
C SER F 575 -1.11 4.67 -60.13
N ILE F 576 -1.97 4.39 -61.11
CA ILE F 576 -2.99 5.34 -61.57
C ILE F 576 -3.64 6.03 -60.37
N VAL F 577 -3.95 5.25 -59.32
CA VAL F 577 -4.57 5.80 -58.13
C VAL F 577 -3.61 5.56 -56.95
N HIS F 578 -2.33 5.31 -57.28
CA HIS F 578 -1.26 5.17 -56.29
C HIS F 578 -1.56 4.02 -55.32
N SER F 579 -1.62 2.82 -55.89
CA SER F 579 -1.79 1.60 -55.10
C SER F 579 -0.43 1.17 -54.55
N GLU F 580 -0.36 -0.06 -54.02
CA GLU F 580 0.88 -0.62 -53.51
C GLU F 580 1.48 -1.69 -54.39
N SER F 581 0.65 -2.46 -55.11
CA SER F 581 1.09 -3.29 -56.23
C SER F 581 2.17 -4.30 -55.82
N ALA F 582 1.78 -5.22 -54.94
CA ALA F 582 2.61 -6.38 -54.62
C ALA F 582 1.94 -7.60 -55.25
N SER F 583 2.17 -7.78 -56.55
CA SER F 583 1.39 -8.69 -57.37
C SER F 583 2.15 -9.99 -57.64
N SER F 584 1.56 -10.81 -58.49
CA SER F 584 2.11 -12.13 -58.81
C SER F 584 1.63 -12.55 -60.19
N ARG F 585 2.53 -13.14 -60.98
CA ARG F 585 2.24 -13.45 -62.36
C ARG F 585 2.15 -14.96 -62.58
N GLU F 586 0.99 -15.41 -63.01
CA GLU F 586 0.63 -16.81 -63.12
C GLU F 586 -0.43 -16.97 -64.20
N THR F 587 -0.24 -17.95 -65.08
CA THR F 587 -1.20 -18.15 -66.17
C THR F 587 -1.58 -19.63 -66.20
N PHE F 588 -2.32 -20.01 -67.23
CA PHE F 588 -2.93 -21.33 -67.36
C PHE F 588 -2.18 -22.17 -68.39
N GLN F 589 -2.55 -23.45 -68.46
CA GLN F 589 -2.08 -24.34 -69.50
C GLN F 589 -2.38 -23.78 -70.89
N ALA F 590 -3.45 -23.00 -71.01
CA ALA F 590 -3.84 -22.37 -72.25
C ALA F 590 -3.48 -20.90 -72.18
N ALA F 591 -3.87 -20.16 -73.22
CA ALA F 591 -3.47 -18.76 -73.37
C ALA F 591 -1.94 -18.65 -73.42
N TRP F 592 -1.37 -19.24 -74.46
CA TRP F 592 0.08 -19.36 -74.54
C TRP F 592 0.72 -18.03 -74.93
N THR F 593 1.83 -17.71 -74.25
CA THR F 593 2.62 -16.49 -74.52
C THR F 593 1.82 -15.21 -74.28
N ARG F 594 0.84 -15.26 -73.38
CA ARG F 594 0.17 -14.07 -72.86
C ARG F 594 0.05 -14.24 -71.35
N PHE F 595 0.23 -13.15 -70.61
CA PHE F 595 0.30 -13.23 -69.16
C PHE F 595 -0.90 -12.55 -68.52
N VAL F 596 -1.20 -12.99 -67.30
CA VAL F 596 -2.28 -12.43 -66.50
C VAL F 596 -1.85 -12.45 -65.04
N ASP F 597 -2.08 -11.35 -64.33
CA ASP F 597 -1.59 -11.23 -62.96
C ASP F 597 -2.61 -10.53 -62.09
N TRP F 598 -2.92 -11.13 -60.95
CA TRP F 598 -3.80 -10.47 -60.00
C TRP F 598 -2.99 -9.47 -59.17
N ASP F 599 -3.72 -8.70 -58.35
CA ASP F 599 -3.11 -7.60 -57.63
C ASP F 599 -3.74 -7.40 -56.26
N PRO F 600 -2.93 -7.10 -55.24
CA PRO F 600 -3.45 -6.95 -53.87
C PRO F 600 -4.06 -5.58 -53.61
N GLN F 601 -4.44 -5.34 -52.37
CA GLN F 601 -4.97 -4.04 -51.95
C GLN F 601 -3.98 -2.92 -52.23
N TYR F 603 -9.77 -8.34 -59.81
CA TYR F 603 -9.46 -7.13 -60.57
C TYR F 603 -8.03 -7.22 -61.11
N ALA F 604 -7.72 -8.35 -61.73
CA ALA F 604 -6.39 -8.59 -62.26
C ALA F 604 -6.14 -7.76 -63.51
N MET F 605 -4.90 -7.79 -63.98
CA MET F 605 -4.50 -7.18 -65.23
C MET F 605 -4.09 -8.28 -66.20
N ARG F 606 -4.26 -8.02 -67.49
CA ARG F 606 -4.19 -9.05 -68.52
C ARG F 606 -3.32 -8.56 -69.67
N SER F 607 -2.03 -8.86 -69.61
CA SER F 607 -1.07 -8.36 -70.60
C SER F 607 -0.97 -9.37 -71.74
N MET F 608 -1.43 -8.96 -72.93
CA MET F 608 -1.47 -9.83 -74.09
C MET F 608 -0.21 -9.75 -74.95
N SER F 609 0.94 -9.44 -74.35
CA SER F 609 2.14 -9.25 -75.14
C SER F 609 3.35 -9.72 -74.37
N LEU F 610 4.31 -10.29 -75.10
CA LEU F 610 5.61 -10.66 -74.57
C LEU F 610 6.70 -9.88 -75.30
N ALA F 611 7.56 -9.21 -74.52
CA ALA F 611 8.59 -8.36 -75.10
C ALA F 611 9.70 -9.18 -75.75
N THR F 636 4.22 -6.25 -73.32
CA THR F 636 4.26 -4.86 -72.90
C THR F 636 3.50 -3.98 -73.89
N LYS F 637 2.48 -4.55 -74.53
CA LYS F 637 1.79 -3.86 -75.61
C LYS F 637 0.28 -3.84 -75.42
N MET F 638 -0.19 -4.13 -74.20
CA MET F 638 -1.62 -4.09 -73.90
C MET F 638 -1.78 -4.10 -72.39
N ALA F 639 -2.90 -3.53 -71.93
CA ALA F 639 -3.19 -3.53 -70.50
C ALA F 639 -4.66 -3.31 -70.20
N PRO F 640 -5.56 -4.22 -70.59
CA PRO F 640 -6.95 -4.12 -70.18
C PRO F 640 -7.23 -4.93 -68.92
N CYS F 641 -8.44 -4.75 -68.39
CA CYS F 641 -8.87 -5.48 -67.20
C CYS F 641 -10.36 -5.73 -67.28
N PHE F 642 -10.87 -6.47 -66.29
CA PHE F 642 -12.30 -6.72 -66.15
C PHE F 642 -12.58 -7.06 -64.68
N SER F 643 -13.80 -7.53 -64.41
CA SER F 643 -14.27 -7.78 -63.05
C SER F 643 -14.56 -9.26 -62.87
N GLU F 644 -13.63 -9.96 -62.23
CA GLU F 644 -13.79 -11.37 -61.88
C GLU F 644 -13.95 -11.48 -60.36
N GLU F 645 -14.86 -12.36 -59.94
CA GLU F 645 -15.33 -12.39 -58.56
C GLU F 645 -14.68 -13.53 -57.80
N ARG F 646 -13.95 -13.19 -56.73
CA ARG F 646 -13.21 -14.16 -55.93
C ARG F 646 -14.13 -14.88 -54.94
N LEU F 647 -13.51 -15.53 -53.95
CA LEU F 647 -14.22 -16.27 -52.90
C LEU F 647 -14.94 -17.51 -53.47
N THR F 648 -14.21 -18.28 -54.25
CA THR F 648 -14.60 -19.60 -54.74
C THR F 648 -13.41 -20.17 -55.50
N ASP F 649 -13.30 -21.49 -55.52
CA ASP F 649 -12.28 -22.12 -56.37
C ASP F 649 -12.81 -23.38 -57.03
N GLY F 650 -14.11 -23.46 -57.28
CA GLY F 650 -14.63 -24.47 -58.18
C GLY F 650 -14.49 -24.05 -59.64
N PHE F 651 -14.47 -22.74 -59.89
CA PHE F 651 -14.34 -22.22 -61.24
C PHE F 651 -12.87 -22.15 -61.65
N PHE F 652 -12.56 -22.75 -62.78
CA PHE F 652 -11.41 -22.33 -63.57
C PHE F 652 -11.70 -22.28 -65.06
N ASN F 653 -12.69 -23.03 -65.55
CA ASN F 653 -13.10 -22.91 -66.94
C ASN F 653 -13.68 -21.55 -67.22
N GLY F 654 -14.28 -20.92 -66.21
CA GLY F 654 -14.74 -19.55 -66.32
C GLY F 654 -13.62 -18.64 -66.77
N LEU F 655 -12.53 -18.61 -65.98
CA LEU F 655 -11.38 -17.79 -66.34
C LEU F 655 -10.78 -18.21 -67.67
N ARG F 656 -10.65 -19.53 -67.90
CA ARG F 656 -10.05 -20.00 -69.14
C ARG F 656 -10.80 -19.46 -70.35
N ASP F 657 -12.12 -19.65 -70.38
CA ASP F 657 -12.90 -19.22 -71.54
C ASP F 657 -12.98 -17.70 -71.61
N HIS F 658 -13.11 -17.03 -70.47
CA HIS F 658 -13.15 -15.57 -70.48
C HIS F 658 -11.84 -14.95 -70.94
N SER F 659 -10.74 -15.70 -70.89
CA SER F 659 -9.48 -15.20 -71.45
C SER F 659 -9.35 -15.57 -72.92
N ARG F 660 -9.77 -16.79 -73.28
CA ARG F 660 -9.74 -17.18 -74.68
C ARG F 660 -10.60 -16.26 -75.53
N ARG F 661 -11.72 -15.78 -74.98
CA ARG F 661 -12.57 -14.85 -75.69
C ARG F 661 -11.80 -13.59 -76.07
N LEU F 662 -11.14 -12.97 -75.09
CA LEU F 662 -10.40 -11.75 -75.37
C LEU F 662 -9.23 -12.01 -76.30
N ILE F 663 -8.54 -13.14 -76.14
CA ILE F 663 -7.42 -13.45 -77.04
C ILE F 663 -7.91 -13.54 -78.49
N ALA F 664 -8.97 -14.31 -78.71
CA ALA F 664 -9.47 -14.49 -80.07
C ALA F 664 -10.04 -13.19 -80.62
N GLU F 665 -10.63 -12.36 -79.75
CA GLU F 665 -11.15 -11.07 -80.21
C GLU F 665 -10.02 -10.15 -80.64
N ILE F 666 -8.96 -10.08 -79.82
CA ILE F 666 -7.92 -9.09 -80.08
C ILE F 666 -6.97 -9.53 -81.19
N THR F 667 -6.82 -10.84 -81.43
CA THR F 667 -5.87 -11.26 -82.44
C THR F 667 -6.30 -10.86 -83.85
N ASN F 668 -7.58 -10.62 -84.08
CA ASN F 668 -8.03 -10.26 -85.42
C ASN F 668 -9.08 -9.16 -85.48
N LEU F 669 -9.49 -8.58 -84.35
CA LEU F 669 -10.40 -7.44 -84.34
C LEU F 669 -9.67 -6.12 -84.44
N ARG F 670 -8.43 -6.13 -84.91
CA ARG F 670 -7.70 -4.90 -85.18
C ARG F 670 -7.19 -4.81 -86.61
N GLU F 671 -7.27 -5.90 -87.38
CA GLU F 671 -6.87 -5.84 -88.78
C GLU F 671 -7.72 -4.87 -89.57
N LEU F 672 -8.94 -4.57 -89.11
CA LEU F 672 -9.80 -3.62 -89.79
C LEU F 672 -9.20 -2.21 -89.81
N TYR F 673 -8.19 -1.95 -89.01
CA TYR F 673 -7.56 -0.64 -88.93
C TYR F 673 -6.09 -0.85 -88.61
N PRO F 674 -5.43 0.20 -88.11
CA PRO F 674 -4.15 0.05 -87.43
C PRO F 674 -4.35 0.02 -85.91
N GLY F 675 -4.88 1.09 -85.34
CA GLY F 675 -5.45 1.08 -84.00
C GLY F 675 -6.83 1.71 -83.94
N ILE F 676 -7.04 2.80 -84.70
CA ILE F 676 -8.33 3.46 -84.92
C ILE F 676 -8.85 4.20 -83.70
N THR F 677 -8.26 3.96 -82.53
CA THR F 677 -8.48 4.85 -81.39
C THR F 677 -7.14 5.32 -80.84
N PRO F 678 -6.27 4.36 -80.55
CA PRO F 678 -4.89 4.53 -80.12
C PRO F 678 -4.34 3.15 -79.82
N SER F 679 -3.01 3.04 -79.75
CA SER F 679 -2.40 1.80 -79.31
C SER F 679 -2.88 1.40 -77.92
N GLN F 680 -3.33 2.37 -77.13
CA GLN F 680 -3.93 2.13 -75.83
C GLN F 680 -5.45 2.20 -75.87
N LEU F 681 -6.01 3.24 -76.49
CA LEU F 681 -7.46 3.40 -76.58
C LEU F 681 -8.13 2.27 -77.34
N ARG F 682 -7.36 1.38 -77.96
CA ARG F 682 -7.92 0.10 -78.40
C ARG F 682 -8.64 -0.58 -77.24
N LYS F 683 -8.12 -0.40 -76.02
CA LYS F 683 -8.80 -0.93 -74.84
C LYS F 683 -10.12 -0.18 -74.59
N LEU F 684 -10.10 1.15 -74.71
CA LEU F 684 -11.33 1.92 -74.55
C LEU F 684 -12.38 1.50 -75.56
N ILE F 685 -11.94 1.02 -76.73
CA ILE F 685 -12.88 0.53 -77.73
C ILE F 685 -13.37 -0.88 -77.39
N ASP F 686 -12.46 -1.77 -77.02
CA ASP F 686 -12.81 -3.17 -76.81
C ASP F 686 -13.52 -3.43 -75.49
N PRO F 687 -13.52 -2.46 -74.57
CA PRO F 687 -14.17 -2.67 -73.27
C PRO F 687 -15.66 -2.95 -73.40
N THR F 688 -16.24 -2.72 -74.58
CA THR F 688 -17.65 -3.06 -74.78
C THR F 688 -17.91 -4.53 -74.52
N ARG F 689 -16.98 -5.40 -74.93
CA ARG F 689 -17.14 -6.83 -74.68
C ARG F 689 -17.02 -7.13 -73.19
N GLN F 690 -15.96 -6.63 -72.56
CA GLN F 690 -15.79 -6.82 -71.13
C GLN F 690 -17.01 -6.37 -70.33
N PRO F 691 -17.72 -5.35 -70.83
CA PRO F 691 -18.88 -4.84 -70.10
C PRO F 691 -20.12 -5.66 -70.40
N PRO F 692 -20.52 -5.73 -71.68
CA PRO F 692 -21.76 -6.41 -72.04
C PRO F 692 -21.66 -7.91 -71.78
N VAL F 693 -20.65 -8.56 -72.36
CA VAL F 693 -20.47 -10.01 -72.25
C VAL F 693 -21.72 -10.75 -72.71
N LEU F 694 -22.42 -10.19 -73.69
CA LEU F 694 -23.59 -10.84 -74.27
C LEU F 694 -23.35 -11.24 -75.72
N ALA F 710 -23.01 -10.30 -76.60
CA ALA F 710 -22.95 -10.57 -78.03
C ALA F 710 -22.33 -9.41 -78.80
N GLN F 711 -22.51 -9.44 -80.12
CA GLN F 711 -22.26 -8.29 -81.00
C GLN F 711 -20.78 -7.88 -80.99
N SER F 712 -19.96 -8.76 -81.57
CA SER F 712 -18.74 -8.28 -82.18
C SER F 712 -19.13 -7.77 -83.57
N ILE F 713 -19.21 -6.45 -83.72
CA ILE F 713 -19.75 -5.86 -84.93
C ILE F 713 -18.63 -5.67 -85.93
N ALA F 714 -18.93 -5.87 -87.21
CA ALA F 714 -17.89 -5.71 -88.22
C ALA F 714 -18.53 -5.42 -89.56
N TRP F 715 -17.84 -4.64 -90.39
CA TRP F 715 -18.33 -4.30 -91.71
C TRP F 715 -17.17 -4.14 -92.67
N LEU F 716 -17.16 -4.94 -93.74
CA LEU F 716 -16.37 -4.63 -94.91
C LEU F 716 -17.18 -3.84 -95.92
N LYS F 717 -18.45 -4.18 -96.06
CA LYS F 717 -19.42 -3.46 -96.87
C LYS F 717 -20.64 -3.02 -96.07
N ASP F 718 -21.16 -3.87 -95.19
CA ASP F 718 -22.37 -3.59 -94.43
C ASP F 718 -22.16 -4.04 -92.98
N PRO F 719 -22.63 -3.26 -92.01
CA PRO F 719 -22.52 -3.68 -90.60
C PRO F 719 -23.23 -5.01 -90.36
N VAL F 720 -22.49 -5.99 -89.85
CA VAL F 720 -23.00 -7.32 -89.61
C VAL F 720 -22.50 -7.79 -88.25
N TRP F 721 -23.32 -8.62 -87.59
CA TRP F 721 -23.02 -9.11 -86.27
C TRP F 721 -22.10 -10.32 -86.34
N LEU F 722 -21.37 -10.56 -85.26
CA LEU F 722 -20.59 -11.78 -85.13
C LEU F 722 -20.62 -12.21 -83.67
N ILE F 723 -20.64 -13.52 -83.46
CA ILE F 723 -20.81 -14.12 -82.14
C ILE F 723 -19.63 -15.06 -81.88
N TYR F 724 -19.29 -15.21 -80.61
CA TYR F 724 -18.08 -15.89 -80.16
C TYR F 724 -18.42 -17.09 -79.31
N ARG F 725 -17.52 -18.07 -79.30
CA ARG F 725 -17.63 -19.25 -78.43
C ARG F 725 -16.23 -19.73 -78.08
N GLY F 726 -16.18 -20.88 -77.40
CA GLY F 726 -14.97 -21.63 -77.18
C GLY F 726 -15.33 -23.11 -77.16
N SER F 727 -14.54 -23.94 -77.85
CA SER F 727 -14.98 -25.31 -78.08
C SER F 727 -13.84 -26.31 -77.94
N ALA F 728 -14.08 -27.54 -78.37
CA ALA F 728 -13.15 -28.65 -78.20
C ALA F 728 -12.73 -29.16 -79.57
N CYS F 729 -11.52 -29.71 -79.64
CA CYS F 729 -10.96 -30.19 -80.89
C CYS F 729 -11.73 -31.42 -81.38
N ASP F 730 -11.30 -31.95 -82.52
CA ASP F 730 -11.94 -33.10 -83.14
C ASP F 730 -11.84 -34.34 -82.26
N ALA F 731 -3.89 -42.13 -80.84
CA ALA F 731 -4.52 -41.56 -79.66
C ALA F 731 -3.80 -40.29 -79.24
N ALA F 732 -3.43 -39.47 -80.22
CA ALA F 732 -2.75 -38.21 -79.95
C ALA F 732 -3.75 -37.17 -79.46
N ALA F 733 -4.04 -37.17 -78.16
CA ALA F 733 -4.97 -36.18 -77.60
C ALA F 733 -4.43 -34.77 -77.79
N THR F 734 -3.13 -34.58 -77.58
CA THR F 734 -2.48 -33.28 -77.77
C THR F 734 -1.93 -33.13 -79.18
N ARG F 735 -2.78 -33.38 -80.18
CA ARG F 735 -2.34 -33.22 -81.56
C ARG F 735 -2.44 -31.77 -82.01
N VAL F 736 -3.53 -31.09 -81.66
CA VAL F 736 -3.72 -29.69 -82.03
C VAL F 736 -4.82 -29.12 -81.13
N SER F 737 -4.64 -27.84 -80.76
CA SER F 737 -5.66 -27.17 -79.96
C SER F 737 -6.94 -26.98 -80.77
N ASP F 738 -8.00 -26.65 -80.05
CA ASP F 738 -9.28 -26.37 -80.69
C ASP F 738 -9.24 -25.04 -81.44
N SER F 739 -9.92 -25.00 -82.57
CA SER F 739 -10.22 -23.75 -83.25
C SER F 739 -11.53 -23.19 -82.71
N PRO F 740 -11.53 -22.01 -82.10
CA PRO F 740 -12.78 -21.48 -81.54
C PRO F 740 -13.85 -21.28 -82.60
N GLN F 741 -14.92 -22.05 -82.51
CA GLN F 741 -16.00 -21.97 -83.49
C GLN F 741 -16.83 -20.73 -83.22
N GLN F 742 -17.04 -19.91 -84.25
CA GLN F 742 -17.80 -18.68 -84.14
C GLN F 742 -18.96 -18.70 -85.13
N LYS F 743 -20.11 -18.21 -84.68
CA LYS F 743 -21.31 -18.16 -85.51
C LYS F 743 -21.53 -16.72 -85.97
N ARG F 744 -22.32 -16.57 -87.03
CA ARG F 744 -22.61 -15.27 -87.61
C ARG F 744 -24.11 -15.16 -87.85
N THR F 745 -24.57 -13.93 -88.05
CA THR F 745 -25.97 -13.64 -88.38
C THR F 745 -25.98 -12.49 -89.37
N GLN F 746 -26.12 -12.81 -90.65
CA GLN F 746 -26.27 -11.78 -91.67
C GLN F 746 -27.71 -11.76 -92.15
N PRO F 747 -28.41 -10.64 -92.03
CA PRO F 747 -29.82 -10.60 -92.46
C PRO F 747 -29.97 -10.58 -93.97
N VAL F 748 -31.21 -10.49 -94.46
CA VAL F 748 -31.48 -10.50 -95.89
C VAL F 748 -31.46 -9.09 -96.49
N LEU F 749 -32.12 -8.14 -95.84
CA LEU F 749 -32.24 -6.79 -96.36
C LEU F 749 -30.95 -5.97 -96.25
N ASP F 750 -29.83 -6.59 -95.91
CA ASP F 750 -28.57 -5.87 -95.76
C ASP F 750 -27.45 -6.43 -96.63
N VAL F 751 -27.70 -7.51 -97.36
CA VAL F 751 -26.68 -8.12 -98.20
C VAL F 751 -26.71 -7.48 -99.59
N PHE F 752 -25.97 -8.08 -100.53
CA PHE F 752 -26.01 -7.59 -101.91
C PHE F 752 -27.43 -7.63 -102.47
N GLU F 753 -28.18 -8.68 -102.14
CA GLU F 753 -29.60 -8.75 -102.44
C GLU F 753 -30.37 -8.38 -101.19
N ALA F 754 -30.79 -7.11 -101.11
CA ALA F 754 -31.44 -6.59 -99.90
C ALA F 754 -32.90 -7.03 -99.87
N TYR F 755 -33.09 -8.27 -99.42
CA TYR F 755 -34.41 -8.90 -99.37
C TYR F 755 -35.08 -8.89 -100.74
N LEU F 756 -34.28 -9.07 -101.79
CA LEU F 756 -34.80 -9.03 -103.16
C LEU F 756 -35.72 -10.21 -103.42
N ASP F 757 -35.20 -11.43 -103.25
CA ASP F 757 -35.99 -12.64 -103.48
C ASP F 757 -36.81 -12.96 -102.23
N VAL F 758 -37.80 -12.09 -101.98
CA VAL F 758 -38.68 -12.27 -100.83
C VAL F 758 -39.42 -13.58 -100.93
N THR F 759 -39.27 -14.43 -99.91
CA THR F 759 -39.82 -15.77 -99.90
C THR F 759 -39.40 -16.54 -101.16
N ASP F 760 -38.08 -16.57 -101.39
CA ASP F 760 -37.54 -17.24 -102.57
C ASP F 760 -37.89 -18.72 -102.58
N ARG F 761 -37.93 -19.35 -101.41
CA ARG F 761 -38.20 -20.78 -101.28
C ARG F 761 -37.24 -21.61 -102.13
N ARG F 762 -35.96 -21.21 -102.13
CA ARG F 762 -34.96 -21.90 -102.94
C ARG F 762 -34.80 -23.35 -102.49
N ARG F 763 -34.34 -23.56 -101.25
CA ARG F 763 -34.19 -24.90 -100.71
C ARG F 763 -34.63 -24.93 -99.26
N PHE F 764 -34.65 -23.76 -98.62
CA PHE F 764 -34.99 -23.51 -97.22
C PHE F 764 -33.89 -24.03 -96.29
N GLN F 765 -32.88 -24.71 -96.80
CA GLN F 765 -31.79 -25.23 -95.98
C GLN F 765 -30.66 -25.66 -96.89
N THR F 766 -29.47 -25.78 -96.31
CA THR F 766 -28.29 -26.25 -97.02
C THR F 766 -27.47 -27.11 -96.08
N LEU F 767 -26.39 -27.69 -96.62
CA LEU F 767 -25.47 -28.47 -95.78
C LEU F 767 -24.88 -27.60 -94.68
N ASN F 768 -24.36 -26.44 -95.04
CA ASN F 768 -23.90 -25.45 -94.07
C ASN F 768 -24.39 -24.08 -94.53
N PRO F 769 -24.26 -23.10 -93.65
CA PRO F 769 -24.74 -21.74 -93.89
C PRO F 769 -26.22 -21.76 -94.29
N ARG F 770 -27.02 -22.42 -93.45
CA ARG F 770 -28.42 -22.66 -93.71
C ARG F 770 -29.29 -21.69 -92.90
N LEU F 771 -30.59 -21.96 -92.89
CA LEU F 771 -31.58 -21.18 -92.13
C LEU F 771 -31.67 -19.75 -92.64
N ASP F 772 -31.84 -19.61 -93.95
CA ASP F 772 -32.04 -18.31 -94.58
C ASP F 772 -33.49 -18.05 -94.97
N ARG F 773 -34.35 -19.06 -94.94
CA ARG F 773 -35.73 -18.93 -95.36
C ARG F 773 -36.65 -18.69 -94.17
N ASP F 774 -37.88 -18.30 -94.48
CA ASP F 774 -38.94 -18.03 -93.51
C ASP F 774 -38.58 -16.94 -92.51
N ILE F 775 -37.48 -16.22 -92.74
CA ILE F 775 -37.01 -15.17 -91.87
C ILE F 775 -35.88 -14.43 -92.59
N LEU F 776 -35.63 -13.20 -92.15
CA LEU F 776 -34.59 -12.36 -92.74
C LEU F 776 -33.32 -12.50 -91.88
N TYR F 777 -32.55 -13.55 -92.15
CA TYR F 777 -31.31 -13.82 -91.44
C TYR F 777 -30.57 -14.94 -92.18
N ASN F 778 -29.33 -15.17 -91.76
CA ASN F 778 -28.51 -16.24 -92.32
C ASN F 778 -27.31 -16.49 -91.41
N PRO F 779 -27.07 -17.75 -91.05
CA PRO F 779 -26.04 -18.10 -90.08
C PRO F 779 -25.10 -19.13 -90.68
N TYR F 780 -23.83 -19.05 -90.30
CA TYR F 780 -22.81 -20.01 -90.72
C TYR F 780 -21.79 -20.14 -89.59
N THR F 781 -20.80 -20.98 -89.80
CA THR F 781 -19.79 -21.29 -88.79
C THR F 781 -18.42 -20.84 -89.28
N GLY F 782 -17.39 -21.18 -88.51
CA GLY F 782 -16.03 -20.79 -88.83
C GLY F 782 -15.07 -21.70 -88.07
N ARG F 783 -13.77 -21.38 -88.19
CA ARG F 783 -12.72 -22.12 -87.49
C ARG F 783 -11.48 -21.24 -87.47
N PHE F 784 -10.92 -21.02 -86.28
CA PHE F 784 -9.89 -20.01 -86.10
C PHE F 784 -8.47 -20.57 -86.10
N MET F 785 -8.19 -21.55 -85.24
CA MET F 785 -6.83 -22.06 -85.03
C MET F 785 -5.88 -20.94 -84.60
N PHE F 786 -6.42 -20.00 -83.83
CA PHE F 786 -5.64 -18.88 -83.27
C PHE F 786 -5.06 -18.00 -84.37
N ARG F 787 -5.77 -17.87 -85.48
CA ARG F 787 -5.35 -17.05 -86.60
C ARG F 787 -6.47 -16.09 -86.97
N LEU F 788 -6.14 -15.07 -87.75
CA LEU F 788 -7.13 -14.10 -88.20
C LEU F 788 -8.22 -14.80 -89.01
N ARG F 789 -9.48 -14.46 -88.72
CA ARG F 789 -10.62 -15.07 -89.38
C ARG F 789 -11.24 -14.17 -90.44
N ALA F 790 -10.76 -12.93 -90.57
CA ALA F 790 -11.29 -12.03 -91.59
C ALA F 790 -11.09 -12.61 -92.98
N LYS F 791 -9.91 -13.18 -93.23
CA LYS F 791 -9.66 -13.84 -94.51
C LYS F 791 -10.61 -15.01 -94.71
N MET F 792 -10.88 -15.76 -93.65
CA MET F 792 -11.86 -16.85 -93.73
C MET F 792 -13.23 -16.31 -94.13
N GLY F 793 -13.59 -15.12 -93.63
CA GLY F 793 -14.87 -14.50 -93.97
C GLY F 793 -14.77 -13.87 -95.36
N VAL F 794 -14.48 -14.71 -96.34
CA VAL F 794 -14.41 -14.30 -97.73
C VAL F 794 -15.23 -15.18 -98.66
N PRO F 795 -15.89 -16.21 -98.15
CA PRO F 795 -16.70 -17.09 -98.99
C PRO F 795 -17.97 -16.37 -99.41
N VAL F 796 -17.85 -15.46 -100.37
CA VAL F 796 -19.02 -14.75 -100.87
C VAL F 796 -19.99 -15.72 -101.54
N VAL F 797 -21.29 -15.45 -101.38
CA VAL F 797 -22.31 -16.33 -101.94
C VAL F 797 -22.14 -16.48 -103.45
N PRO F 798 -22.17 -15.37 -104.19
CA PRO F 798 -22.06 -15.37 -105.64
C PRO F 798 -23.04 -16.36 -106.26
N LEU F 799 -24.30 -16.26 -105.83
CA LEU F 799 -25.34 -17.15 -106.34
C LEU F 799 -25.50 -16.98 -107.84
N LEU F 800 -25.77 -18.09 -108.53
CA LEU F 800 -25.94 -18.04 -109.98
C LEU F 800 -27.06 -17.09 -110.37
N GLY F 801 -28.17 -17.12 -109.62
CA GLY F 801 -29.31 -16.23 -109.84
C GLY F 801 -29.83 -16.33 -111.27
N ILE F 802 -29.80 -17.55 -111.80
CA ILE F 802 -30.32 -17.79 -113.14
C ILE F 802 -31.80 -17.46 -113.19
N ARG F 803 -32.18 -16.61 -114.13
CA ARG F 803 -33.56 -16.14 -114.25
C ARG F 803 -34.38 -17.16 -115.05
N VAL F 804 -35.51 -17.56 -114.49
CA VAL F 804 -36.39 -18.51 -115.18
C VAL F 804 -36.93 -17.89 -116.47
N ARG F 805 -36.94 -18.68 -117.53
CA ARG F 805 -37.43 -18.21 -118.82
C ARG F 805 -38.94 -18.05 -118.80
N PHE G 33 -10.99 17.46 68.31
CA PHE G 33 -9.73 18.15 68.52
C PHE G 33 -8.57 17.30 68.02
N ARG G 34 -7.34 17.72 68.34
CA ARG G 34 -6.16 16.91 68.10
C ARG G 34 -5.97 16.56 66.62
N VAL G 35 -5.64 17.55 65.79
CA VAL G 35 -5.46 17.26 64.37
C VAL G 35 -4.16 16.48 64.16
N LEU G 36 -3.76 16.26 62.90
CA LEU G 36 -2.79 15.21 62.63
C LEU G 36 -1.40 15.70 62.26
N ASN G 37 -1.25 16.88 61.65
CA ASN G 37 0.05 17.42 61.28
C ASN G 37 0.84 16.45 60.39
N GLU G 38 0.18 15.99 59.33
CA GLU G 38 0.81 15.13 58.33
C GLU G 38 -0.05 15.14 57.08
N ALA G 39 0.48 14.57 56.00
CA ALA G 39 -0.23 14.52 54.73
C ALA G 39 0.49 13.58 53.79
N GLU G 40 0.06 13.60 52.52
CA GLU G 40 0.78 12.96 51.44
C GLU G 40 1.37 13.98 50.47
N LEU G 41 0.51 14.68 49.72
CA LEU G 41 0.89 15.83 48.90
C LEU G 41 -0.36 16.39 48.20
N ARG G 42 -0.28 17.60 47.66
CA ARG G 42 -1.35 18.07 46.78
C ARG G 42 -0.86 18.37 45.36
N ARG G 43 0.05 19.33 45.23
CA ARG G 43 0.66 19.59 43.93
C ARG G 43 1.90 18.75 43.75
N LYS G 44 2.66 18.58 44.83
CA LYS G 44 3.61 17.47 44.90
C LYS G 44 2.91 16.17 44.59
N VAL G 45 1.60 16.08 44.85
CA VAL G 45 0.84 14.89 44.46
C VAL G 45 0.52 14.90 42.97
N GLU G 46 0.14 16.06 42.42
CA GLU G 46 -0.04 16.18 40.98
C GLU G 46 1.21 15.70 40.24
N GLU G 47 2.38 15.93 40.84
CA GLU G 47 3.61 15.42 40.24
C GLU G 47 3.83 13.94 40.58
N GLU G 48 3.76 13.59 41.87
CA GLU G 48 4.20 12.29 42.36
C GLU G 48 3.15 11.21 42.22
N LYS G 49 2.01 11.48 41.59
CA LYS G 49 1.13 10.39 41.20
C LYS G 49 1.92 9.35 40.39
N ASN G 50 2.72 9.81 39.44
CA ASN G 50 3.63 8.93 38.71
C ASN G 50 4.61 8.24 39.65
N GLY G 51 5.21 9.01 40.58
CA GLY G 51 6.16 8.44 41.52
C GLY G 51 5.58 7.26 42.26
N VAL G 52 4.42 7.44 42.88
CA VAL G 52 3.80 6.35 43.62
C VAL G 52 3.24 5.28 42.69
N GLY G 53 3.03 5.64 41.42
CA GLY G 53 2.54 4.70 40.42
C GLY G 53 3.46 4.56 39.21
N GLN G 54 4.70 4.14 39.42
CA GLN G 54 5.68 4.01 38.34
C GLN G 54 5.11 3.21 37.18
N ASP G 55 5.75 3.29 36.01
CA ASP G 55 5.08 3.17 34.71
C ASP G 55 3.96 2.15 34.69
N GLU G 56 2.73 2.63 34.55
CA GLU G 56 1.51 1.86 34.68
C GLU G 56 0.55 2.21 33.56
N ASP G 57 1.04 2.19 32.33
CA ASP G 57 0.24 2.62 31.19
C ASP G 57 -0.81 1.59 30.80
N VAL G 58 -1.65 1.18 31.75
CA VAL G 58 -2.78 0.31 31.51
C VAL G 58 -4.04 0.76 32.23
N ASP G 59 -3.96 1.79 33.07
CA ASP G 59 -5.12 2.22 33.85
C ASP G 59 -6.23 2.70 32.94
N MET G 60 -7.42 2.15 33.13
CA MET G 60 -8.61 2.52 32.38
C MET G 60 -9.59 3.20 33.32
N GLU G 61 -9.92 4.45 33.02
CA GLU G 61 -10.87 5.19 33.85
C GLU G 61 -12.19 4.44 33.99
N SER G 62 -12.62 3.76 32.92
CA SER G 62 -13.84 2.98 32.98
C SER G 62 -13.71 1.83 33.98
N SER G 63 -12.60 1.10 33.92
CA SER G 63 -12.37 0.01 34.86
C SER G 63 -12.32 0.53 36.30
N PRO G 64 -11.64 1.66 36.51
CA PRO G 64 -11.57 2.23 37.85
C PRO G 64 -12.94 2.64 38.35
N SER G 65 -13.75 3.24 37.48
CA SER G 65 -15.10 3.63 37.89
C SER G 65 -15.95 2.40 38.20
N ASP G 66 -15.80 1.34 37.42
CA ASP G 66 -16.53 0.12 37.70
C ASP G 66 -16.12 -0.48 39.04
N ASN G 67 -14.82 -0.50 39.32
CA ASN G 67 -14.35 -1.01 40.60
C ASN G 67 -14.85 -0.15 41.75
N GLU G 68 -14.87 1.17 41.57
CA GLU G 68 -15.38 2.05 42.61
C GLU G 68 -16.87 1.82 42.85
N GLY G 69 -17.64 1.63 41.78
CA GLY G 69 -19.05 1.32 41.93
C GLY G 69 -19.25 0.00 42.66
N GLU G 70 -18.44 -1.01 42.32
CA GLU G 70 -18.53 -2.29 43.01
C GLU G 70 -18.20 -2.15 44.49
N PRO G 71 -17.17 -1.35 44.82
CA PRO G 71 -16.82 -1.14 46.21
C PRO G 71 -17.94 -0.40 46.95
N ALA G 72 -18.54 0.60 46.31
CA ALA G 72 -19.66 1.31 46.92
C ALA G 72 -20.83 0.37 47.17
N ASP G 73 -21.12 -0.51 46.21
CA ASP G 73 -22.16 -1.52 46.41
C ASP G 73 -21.80 -2.45 47.56
N ALA G 74 -20.51 -2.76 47.71
CA ALA G 74 -20.05 -3.59 48.82
C ALA G 74 -20.10 -2.80 50.13
N LYS G 75 20.59 -15.36 38.23
CA LYS G 75 20.17 -15.98 39.48
C LYS G 75 19.45 -17.31 39.24
N ASP G 76 19.46 -17.78 38.00
CA ASP G 76 18.79 -19.01 37.63
C ASP G 76 19.59 -19.69 36.52
N ILE G 77 18.98 -20.66 35.85
CA ILE G 77 19.71 -21.42 34.83
C ILE G 77 20.03 -20.53 33.63
N ILE G 78 19.11 -19.64 33.26
CA ILE G 78 19.33 -18.69 32.18
C ILE G 78 19.35 -17.25 32.67
N THR G 79 19.03 -17.02 33.95
CA THR G 79 19.10 -15.70 34.54
C THR G 79 20.47 -15.45 35.19
N ALA G 80 21.38 -16.41 35.07
CA ALA G 80 22.70 -16.33 35.67
C ALA G 80 23.52 -15.16 35.14
N LYS G 81 22.95 -14.39 34.22
CA LYS G 81 23.63 -13.21 33.70
C LYS G 81 23.62 -12.05 34.67
N HIS G 82 23.27 -12.35 35.92
CA HIS G 82 23.31 -11.37 37.00
C HIS G 82 24.18 -11.81 38.17
N GLU G 83 24.60 -13.07 38.22
CA GLU G 83 25.58 -13.51 39.21
C GLU G 83 26.87 -12.72 39.08
N MET G 84 27.19 -12.29 37.86
CA MET G 84 28.38 -11.51 37.56
C MET G 84 28.57 -10.33 38.53
N LEU G 85 27.49 -9.83 39.13
CA LEU G 85 27.63 -8.81 40.16
C LEU G 85 28.05 -9.42 41.49
N ARG G 86 27.24 -10.34 42.02
CA ARG G 86 27.48 -10.90 43.34
C ARG G 86 28.71 -11.79 43.41
N VAL G 87 29.42 -12.02 42.30
CA VAL G 87 30.75 -12.60 42.40
C VAL G 87 31.81 -11.52 42.67
N ILE G 88 31.57 -10.31 42.16
CA ILE G 88 32.52 -9.22 42.35
C ILE G 88 32.79 -9.00 43.83
N ASP G 89 31.75 -8.64 44.58
CA ASP G 89 31.88 -8.35 46.01
C ASP G 89 32.74 -9.37 46.74
N GLN G 90 32.53 -10.67 46.45
CA GLN G 90 33.38 -11.71 47.03
C GLN G 90 34.84 -11.51 46.62
N THR G 91 35.08 -11.47 45.30
CA THR G 91 36.46 -11.35 44.82
C THR G 91 37.14 -10.10 45.35
N ARG G 92 36.36 -9.07 45.67
CA ARG G 92 36.90 -7.80 46.14
C ARG G 92 37.21 -7.86 47.63
N GLN G 93 36.27 -8.33 48.44
CA GLN G 93 36.52 -8.42 49.87
C GLN G 93 37.64 -9.40 50.19
N THR G 94 37.83 -10.43 49.36
CA THR G 94 38.99 -11.28 49.52
C THR G 94 40.28 -10.48 49.36
N THR G 95 40.37 -9.70 48.29
CA THR G 95 41.54 -8.85 48.09
C THR G 95 41.70 -7.85 49.23
N LEU G 96 40.59 -7.37 49.79
CA LEU G 96 40.65 -6.45 50.93
C LEU G 96 41.29 -7.12 52.14
N TYR G 97 40.81 -8.32 52.47
CA TYR G 97 41.38 -9.06 53.59
C TYR G 97 42.79 -9.55 53.28
N ALA G 98 43.20 -9.53 52.01
CA ALA G 98 44.59 -9.77 51.68
C ALA G 98 45.44 -8.52 51.94
N LEU G 99 44.97 -7.36 51.48
CA LEU G 99 45.78 -6.15 51.54
C LEU G 99 45.93 -5.65 52.97
N ASP G 100 44.89 -5.76 53.78
CA ASP G 100 45.01 -5.29 55.16
C ASP G 100 46.01 -6.11 55.95
N PHE G 101 46.50 -7.21 55.38
CA PHE G 101 47.61 -7.97 55.94
C PHE G 101 48.90 -7.80 55.15
N VAL G 102 48.80 -7.43 53.87
CA VAL G 102 49.98 -6.93 53.16
C VAL G 102 50.55 -5.72 53.88
N SER G 103 49.70 -4.96 54.57
CA SER G 103 50.13 -3.74 55.25
C SER G 103 51.04 -4.03 56.44
N LEU G 104 51.48 -5.27 56.59
CA LEU G 104 52.34 -5.69 57.69
C LEU G 104 53.63 -4.87 57.80
N LEU G 105 54.57 -5.07 56.89
CA LEU G 105 55.86 -4.40 57.00
C LEU G 105 56.42 -3.92 55.66
N LEU G 106 55.69 -4.07 54.56
CA LEU G 106 56.22 -3.76 53.22
C LEU G 106 55.24 -2.94 52.42
N SER G 107 54.71 -1.87 53.01
CA SER G 107 53.87 -0.94 52.26
C SER G 107 54.66 -0.31 51.12
N LYS G 108 55.95 -0.05 51.35
CA LYS G 108 56.79 0.55 50.31
C LYS G 108 57.25 -0.50 49.31
N GLU G 109 57.97 -1.50 49.78
CA GLU G 109 58.48 -2.56 48.90
C GLU G 109 57.39 -3.55 48.55
N THR G 154 44.19 -31.16 68.98
CA THR G 154 42.98 -30.72 68.30
C THR G 154 41.97 -30.11 69.26
N ILE G 155 42.42 -29.12 70.04
CA ILE G 155 41.51 -28.39 70.91
C ILE G 155 40.40 -27.76 70.09
N GLY G 156 40.62 -27.54 68.80
CA GLY G 156 39.55 -27.28 67.85
C GLY G 156 39.22 -28.58 67.14
N LYS G 157 37.95 -28.77 66.83
CA LYS G 157 37.48 -30.08 66.40
C LYS G 157 37.57 -30.25 64.89
N ARG G 158 36.94 -31.32 64.40
CA ARG G 158 37.14 -31.82 63.05
C ARG G 158 35.99 -31.39 62.14
N LEU G 159 36.30 -30.50 61.20
CA LEU G 159 35.44 -30.22 60.07
C LEU G 159 35.58 -31.25 58.96
N MET G 160 36.65 -32.06 59.00
CA MET G 160 36.89 -33.09 58.00
C MET G 160 35.77 -34.10 57.89
N ASP G 161 34.82 -34.07 58.83
CA ASP G 161 33.61 -34.87 58.80
C ASP G 161 32.55 -34.07 58.04
N LEU G 162 31.27 -34.41 58.23
CA LEU G 162 30.11 -33.69 57.68
C LEU G 162 29.88 -33.94 56.20
N ASN G 163 30.04 -35.18 55.75
CA ASN G 163 29.43 -35.73 54.53
C ASN G 163 29.31 -34.68 53.42
N LYS G 164 30.45 -34.08 53.12
CA LYS G 164 30.46 -32.83 52.38
C LYS G 164 30.37 -33.04 50.87
N ALA G 165 30.82 -34.18 50.39
CA ALA G 165 30.85 -34.41 48.95
C ALA G 165 29.90 -35.50 48.48
N ALA G 166 29.73 -36.58 49.25
CA ALA G 166 28.82 -37.65 48.85
C ALA G 166 27.42 -37.13 48.58
N ASP G 167 26.99 -36.10 49.31
CA ASP G 167 25.69 -35.49 49.10
C ASP G 167 25.51 -35.07 47.65
N THR G 168 26.36 -34.17 47.16
CA THR G 168 26.24 -33.70 45.79
C THR G 168 26.67 -34.76 44.78
N ALA G 169 27.38 -35.80 45.23
CA ALA G 169 27.71 -36.91 44.34
C ALA G 169 26.45 -37.59 43.84
N LEU G 170 25.62 -38.11 44.75
CA LEU G 170 24.39 -38.77 44.37
C LEU G 170 23.35 -37.81 43.80
N ALA G 171 23.62 -36.51 43.79
CA ALA G 171 22.71 -35.58 43.13
C ALA G 171 22.93 -35.59 41.62
N ALA G 172 24.19 -35.51 41.19
CA ALA G 172 24.48 -35.62 39.77
C ALA G 172 24.12 -36.99 39.22
N SER G 173 24.30 -38.04 40.02
CA SER G 173 24.04 -39.39 39.53
C SER G 173 22.58 -39.56 39.13
N LYS G 174 21.68 -38.82 39.76
CA LYS G 174 20.27 -38.90 39.39
C LYS G 174 20.03 -38.29 38.01
N ARG G 175 20.47 -37.05 37.82
CA ARG G 175 20.24 -36.35 36.56
C ARG G 175 20.75 -37.14 35.37
N LEU G 176 22.00 -37.61 35.45
CA LEU G 176 22.57 -38.38 34.36
C LEU G 176 21.75 -39.62 34.08
N GLN G 177 21.49 -40.43 35.12
CA GLN G 177 20.71 -41.65 34.95
C GLN G 177 19.34 -41.38 34.32
N LYS G 178 18.81 -40.17 34.48
CA LYS G 178 17.55 -39.80 33.84
C LYS G 178 17.76 -39.47 32.37
N GLU G 179 18.67 -38.54 32.08
CA GLU G 179 18.83 -38.08 30.70
C GLU G 179 19.39 -39.19 29.81
N ILE G 180 20.40 -39.92 30.30
CA ILE G 180 21.11 -40.85 29.43
C ILE G 180 20.26 -42.06 29.09
N ALA G 181 19.25 -42.38 29.91
CA ALA G 181 18.32 -43.43 29.55
C ALA G 181 17.22 -42.91 28.64
N ALA G 182 16.88 -41.63 28.79
CA ALA G 182 15.92 -41.01 27.89
C ALA G 182 16.40 -41.05 26.45
N GLU G 183 17.53 -40.40 26.17
CA GLU G 183 18.02 -40.34 24.80
C GLU G 183 18.73 -41.64 24.43
N THR G 184 18.03 -42.76 24.59
CA THR G 184 18.48 -44.04 24.10
C THR G 184 17.37 -44.77 23.35
N LYS G 185 16.13 -44.27 23.43
CA LYS G 185 15.06 -44.71 22.56
C LYS G 185 14.94 -43.84 21.32
N TYR G 186 15.23 -42.54 21.45
CA TYR G 186 15.33 -41.65 20.30
C TYR G 186 16.20 -42.26 19.20
N TRP G 187 17.37 -42.79 19.57
CA TRP G 187 18.24 -43.39 18.57
C TRP G 187 17.67 -44.68 18.00
N SER G 188 16.89 -45.42 18.79
CA SER G 188 16.25 -46.62 18.27
C SER G 188 15.33 -46.29 17.10
N GLU G 189 14.51 -45.24 17.25
CA GLU G 189 13.58 -44.86 16.20
C GLU G 189 14.31 -44.48 14.92
N VAL G 190 15.32 -43.61 15.03
CA VAL G 190 16.06 -43.16 13.85
C VAL G 190 16.66 -44.35 13.12
N LEU G 191 17.03 -45.41 13.85
CA LEU G 191 17.54 -46.61 13.20
C LEU G 191 16.48 -47.22 12.28
N ALA G 192 15.21 -47.22 12.73
CA ALA G 192 14.14 -47.78 11.91
C ALA G 192 14.01 -47.04 10.57
N VAL G 193 14.02 -45.71 10.62
CA VAL G 193 13.91 -44.92 9.40
C VAL G 193 15.06 -45.24 8.45
N ARG G 194 16.28 -45.25 8.97
CA ARG G 194 17.42 -45.53 8.10
C ARG G 194 17.45 -46.98 7.64
N ASN G 195 16.60 -47.84 8.20
CA ASN G 195 16.47 -49.20 7.68
C ASN G 195 15.37 -49.28 6.62
N ASP G 196 14.44 -48.32 6.63
CA ASP G 196 13.47 -48.23 5.54
C ASP G 196 14.19 -48.07 4.21
N GLY G 197 15.29 -47.32 4.19
CA GLY G 197 16.11 -47.18 3.00
C GLY G 197 16.25 -45.75 2.52
N TRP G 198 16.02 -44.79 3.40
CA TRP G 198 16.14 -43.39 3.05
C TRP G 198 17.59 -42.95 3.25
N GLN G 199 17.84 -41.65 3.19
CA GLN G 199 19.14 -41.07 3.50
C GLN G 199 18.99 -40.02 4.59
N THR G 200 19.90 -40.04 5.55
CA THR G 200 19.97 -39.03 6.59
C THR G 200 21.41 -38.55 6.72
N SER G 201 21.60 -37.42 7.39
CA SER G 201 22.93 -36.84 7.50
C SER G 201 22.93 -35.82 8.64
N ARG G 202 24.10 -35.24 8.88
CA ARG G 202 24.29 -34.23 9.91
C ARG G 202 23.92 -32.87 9.35
N MET G 203 22.98 -32.19 9.99
CA MET G 203 22.56 -30.87 9.54
C MET G 203 23.78 -29.94 9.47
N PRO G 204 23.95 -29.18 8.38
CA PRO G 204 25.16 -28.36 8.24
C PRO G 204 25.16 -27.13 9.13
N ARG G 205 24.01 -26.48 9.29
CA ARG G 205 23.95 -25.28 10.11
C ARG G 205 24.28 -25.59 11.55
N GLU G 206 23.46 -26.38 12.20
CA GLU G 206 23.80 -26.84 13.55
C GLU G 206 24.29 -28.28 13.50
N PRO G 207 25.45 -28.57 14.06
CA PRO G 207 25.98 -29.94 13.97
C PRO G 207 25.51 -30.89 15.07
N GLN G 208 24.47 -30.52 15.81
CA GLN G 208 24.07 -31.33 16.97
C GLN G 208 22.80 -32.12 16.78
N THR G 209 22.03 -31.90 15.72
CA THR G 209 20.87 -32.73 15.42
C THR G 209 20.93 -33.19 13.97
N MET G 210 20.35 -34.36 13.72
CA MET G 210 20.43 -34.98 12.41
C MET G 210 19.32 -34.46 11.50
N GLY G 211 19.58 -34.54 10.20
CA GLY G 211 18.60 -34.15 9.20
C GLY G 211 18.26 -35.30 8.26
N VAL G 212 17.16 -35.17 7.53
CA VAL G 212 16.72 -36.22 6.62
C VAL G 212 16.38 -35.60 5.27
N LYS G 213 16.78 -36.27 4.20
CA LYS G 213 16.53 -35.84 2.84
C LYS G 213 15.31 -36.58 2.30
N PHE G 214 14.24 -35.83 1.98
CA PHE G 214 13.02 -36.44 1.47
C PHE G 214 12.54 -35.80 0.18
N GLY G 215 13.16 -34.71 -0.26
CA GLY G 215 12.68 -33.97 -1.42
C GLY G 215 13.07 -34.61 -2.73
N PHE G 216 13.37 -33.76 -3.72
CA PHE G 216 13.72 -34.21 -5.05
C PHE G 216 15.04 -33.59 -5.48
N ASN G 217 15.42 -33.75 -6.74
CA ASN G 217 16.75 -33.35 -7.18
C ASN G 217 16.72 -32.56 -8.50
N ASN G 218 15.54 -32.09 -8.93
CA ASN G 218 15.47 -31.34 -10.19
C ASN G 218 14.37 -30.28 -10.05
N ALA G 219 14.77 -29.08 -9.64
CA ALA G 219 13.94 -27.89 -9.63
C ALA G 219 14.82 -26.70 -9.29
N ALA G 220 14.22 -25.52 -9.22
CA ALA G 220 14.92 -24.38 -8.65
C ALA G 220 14.88 -24.45 -7.13
N PRO G 221 13.70 -24.57 -6.50
CA PRO G 221 13.68 -24.84 -5.06
C PRO G 221 13.58 -26.32 -4.74
N GLU G 222 14.42 -26.76 -3.81
CA GLU G 222 14.41 -28.14 -3.33
C GLU G 222 15.15 -28.17 -2.00
N PHE G 223 14.65 -28.97 -1.07
CA PHE G 223 15.11 -28.89 0.31
C PHE G 223 14.91 -30.23 1.00
N LYS G 224 14.98 -30.22 2.33
CA LYS G 224 14.98 -31.41 3.16
C LYS G 224 14.48 -31.03 4.54
N ALA G 225 14.21 -32.05 5.36
CA ALA G 225 13.60 -31.87 6.66
C ALA G 225 14.66 -31.92 7.76
N VAL G 226 14.26 -31.42 8.94
CA VAL G 226 15.15 -31.32 10.09
C VAL G 226 14.54 -32.10 11.23
N SER G 227 15.30 -33.06 11.78
CA SER G 227 14.86 -33.73 12.98
C SER G 227 15.30 -32.94 14.21
N ILE G 228 14.62 -33.20 15.33
CA ILE G 228 14.92 -32.53 16.60
C ILE G 228 14.39 -33.41 17.72
N ALA G 229 15.01 -33.31 18.90
CA ALA G 229 14.78 -34.25 19.99
C ALA G 229 14.29 -33.54 21.26
N PRO G 230 13.00 -33.29 21.37
CA PRO G 230 12.44 -32.94 22.68
C PRO G 230 12.57 -34.11 23.65
N MET G 231 12.54 -33.80 24.94
CA MET G 231 12.98 -34.73 25.97
C MET G 231 11.85 -35.25 26.87
N ARG G 232 10.64 -34.71 26.75
CA ARG G 232 9.51 -35.12 27.57
C ARG G 232 9.37 -36.63 27.56
N ARG G 233 9.70 -37.25 26.43
CA ARG G 233 9.86 -38.69 26.33
C ARG G 233 11.11 -39.04 25.55
N ALA G 234 11.95 -38.05 25.25
CA ALA G 234 13.11 -38.20 24.38
C ALA G 234 12.69 -38.76 23.02
N ASP G 235 11.78 -38.05 22.39
CA ASP G 235 11.25 -38.42 21.09
C ASP G 235 11.34 -37.19 20.20
N ASN G 236 11.07 -37.38 18.91
CA ASN G 236 11.30 -36.35 17.91
C ASN G 236 9.98 -35.81 17.38
N GLY G 237 9.88 -34.48 17.32
CA GLY G 237 8.79 -33.84 16.64
C GLY G 237 9.26 -33.23 15.34
N SER G 238 8.92 -33.86 14.21
CA SER G 238 9.42 -33.40 12.92
C SER G 238 8.96 -31.98 12.65
N VAL G 239 9.93 -31.09 12.43
CA VAL G 239 9.62 -29.65 12.22
C VAL G 239 9.29 -29.51 10.74
N LEU G 240 8.01 -29.73 10.41
CA LEU G 240 7.54 -29.60 9.04
C LEU G 240 7.35 -28.11 8.73
N LEU G 241 8.46 -27.48 8.33
CA LEU G 241 8.47 -26.07 7.99
C LEU G 241 8.96 -25.75 6.60
N ASP G 242 9.56 -26.70 5.87
CA ASP G 242 9.81 -26.46 4.46
C ASP G 242 8.49 -26.29 3.71
N ARG G 243 7.59 -27.26 3.86
CA ARG G 243 6.19 -27.01 3.53
C ARG G 243 5.69 -25.88 4.42
N SER G 244 4.63 -25.20 4.01
CA SER G 244 4.20 -23.98 4.70
C SER G 244 3.57 -24.28 6.05
N SER G 245 3.79 -25.49 6.57
CA SER G 245 3.23 -26.02 7.80
C SER G 245 1.74 -26.30 7.66
N ILE G 246 1.13 -25.96 6.52
CA ILE G 246 -0.22 -26.41 6.23
C ILE G 246 -0.25 -27.93 6.29
N GLY G 247 -1.28 -28.48 6.93
CA GLY G 247 -1.32 -29.90 7.21
C GLY G 247 -1.03 -30.77 6.02
N HIS G 248 -1.92 -30.79 5.04
CA HIS G 248 -1.73 -31.62 3.86
C HIS G 248 -2.49 -31.02 2.69
N LYS G 249 -2.00 -31.30 1.49
CA LYS G 249 -2.64 -30.86 0.27
C LYS G 249 -2.60 -32.00 -0.74
N SER G 250 -3.44 -31.88 -1.77
CA SER G 250 -3.44 -32.79 -2.91
C SER G 250 -4.28 -32.13 -4.00
N GLN G 251 -4.04 -32.56 -5.23
CA GLN G 251 -4.77 -32.03 -6.37
C GLN G 251 -6.09 -32.80 -6.54
N ARG G 252 -7.03 -32.17 -7.23
CA ARG G 252 -8.40 -32.64 -7.22
C ARG G 252 -9.04 -32.50 -8.60
N ILE G 253 -9.67 -33.57 -9.06
CA ILE G 253 -10.53 -33.53 -10.25
C ILE G 253 -11.80 -34.31 -9.93
N GLN G 254 -12.83 -34.09 -10.73
CA GLN G 254 -14.11 -34.75 -10.56
C GLN G 254 -14.74 -34.98 -11.92
N VAL G 255 -15.77 -35.83 -11.97
CA VAL G 255 -16.60 -35.90 -13.17
C VAL G 255 -17.06 -34.50 -13.51
N ARG G 256 -16.80 -34.08 -14.74
CA ARG G 256 -16.84 -32.66 -15.09
C ARG G 256 -18.12 -32.32 -15.85
N ILE G 257 -19.19 -32.17 -15.08
CA ILE G 257 -20.47 -31.71 -15.61
C ILE G 257 -20.94 -30.52 -14.79
N LEU G 258 -21.91 -29.79 -15.34
CA LEU G 258 -22.48 -28.66 -14.62
C LEU G 258 -23.23 -29.10 -13.37
N GLU G 259 -23.67 -30.36 -13.31
CA GLU G 259 -24.23 -30.93 -12.10
C GLU G 259 -23.15 -31.36 -11.11
N ASP G 260 -21.89 -31.37 -11.53
CA ASP G 260 -20.73 -31.55 -10.67
C ASP G 260 -20.64 -32.94 -10.05
N GLY G 261 -21.08 -33.98 -10.75
CA GLY G 261 -20.77 -35.29 -10.23
C GLY G 261 -21.28 -36.53 -10.93
N ARG G 262 -20.38 -37.46 -11.20
CA ARG G 262 -20.64 -38.89 -11.25
C ARG G 262 -19.67 -39.66 -10.36
N ILE G 263 -18.40 -39.24 -10.33
CA ILE G 263 -17.42 -39.62 -9.31
C ILE G 263 -16.50 -38.42 -9.12
N VAL G 264 -15.72 -38.45 -8.04
CA VAL G 264 -14.89 -37.33 -7.64
C VAL G 264 -13.52 -37.85 -7.25
N GLY G 265 -12.51 -36.99 -7.37
CA GLY G 265 -11.16 -37.32 -6.96
C GLY G 265 -11.04 -37.76 -5.52
N ARG G 266 -10.49 -38.95 -5.30
CA ARG G 266 -10.33 -39.49 -3.96
C ARG G 266 -9.14 -38.83 -3.28
N SER G 267 -9.42 -37.96 -2.32
CA SER G 267 -8.33 -37.30 -1.59
C SER G 267 -7.72 -38.24 -0.57
N SER G 268 -8.51 -38.65 0.43
CA SER G 268 -8.08 -39.60 1.46
C SER G 268 -6.90 -39.07 2.27
N LEU G 269 -6.45 -37.86 1.96
CA LEU G 269 -5.31 -37.26 2.62
C LEU G 269 -5.66 -35.94 3.32
N PRO G 270 -6.37 -35.05 2.62
CA PRO G 270 -6.58 -33.69 3.10
C PRO G 270 -7.16 -33.67 4.51
N SER G 271 -8.39 -34.16 4.67
CA SER G 271 -8.99 -34.25 5.99
C SER G 271 -8.42 -35.41 6.79
N PRO G 272 -8.46 -36.67 6.29
CA PRO G 272 -8.00 -37.78 7.16
C PRO G 272 -6.48 -37.87 7.28
N VAL G 273 -5.93 -36.94 8.06
CA VAL G 273 -4.51 -36.97 8.34
C VAL G 273 -4.16 -38.21 9.15
N SER G 274 -2.96 -38.74 8.91
CA SER G 274 -2.46 -39.85 9.71
C SER G 274 -2.26 -39.39 11.15
N ALA G 275 -2.69 -40.23 12.10
CA ALA G 275 -2.67 -39.84 13.50
C ALA G 275 -1.30 -40.06 14.14
N ASP G 276 -0.24 -39.64 13.43
CA ASP G 276 1.13 -39.55 13.96
C ASP G 276 1.53 -40.72 14.83
N ALA G 277 0.97 -41.91 14.57
CA ALA G 277 1.35 -43.08 15.38
C ALA G 277 2.77 -43.53 15.07
N PRO G 278 3.12 -43.92 13.82
CA PRO G 278 4.51 -44.26 13.55
C PRO G 278 5.32 -43.04 13.13
N LEU G 279 6.60 -43.22 12.82
CA LEU G 279 7.43 -42.13 12.33
C LEU G 279 7.47 -42.08 10.80
N GLN G 280 7.73 -43.21 10.16
CA GLN G 280 7.76 -43.29 8.69
C GLN G 280 6.53 -42.64 8.08
N ASP G 281 5.36 -42.87 8.67
CA ASP G 281 4.14 -42.29 8.13
C ASP G 281 4.17 -40.77 8.19
N ARG G 282 4.78 -40.21 9.24
CA ARG G 282 4.98 -38.77 9.27
C ARG G 282 5.85 -38.32 8.10
N VAL G 283 6.85 -39.12 7.76
CA VAL G 283 7.75 -38.75 6.67
C VAL G 283 7.08 -38.98 5.32
N LYS G 284 6.48 -40.15 5.12
CA LYS G 284 5.81 -40.44 3.86
C LYS G 284 4.83 -39.35 3.49
N GLU G 285 4.10 -38.82 4.47
CA GLU G 285 3.18 -37.72 4.21
C GLU G 285 3.92 -36.49 3.69
N MET G 286 5.12 -36.25 4.21
CA MET G 286 5.93 -35.12 3.72
C MET G 286 6.21 -35.28 2.24
N ARG G 287 6.53 -36.50 1.80
CA ARG G 287 6.89 -36.72 0.41
C ARG G 287 5.72 -36.40 -0.52
N ASP G 288 4.52 -36.82 -0.15
CA ASP G 288 3.37 -36.60 -1.02
C ASP G 288 3.02 -35.13 -1.13
N THR G 289 2.99 -34.41 0.00
CA THR G 289 2.51 -33.03 -0.03
C THR G 289 3.44 -32.11 -0.79
N ILE G 290 4.75 -32.38 -0.75
CA ILE G 290 5.67 -31.54 -1.52
C ILE G 290 5.54 -31.84 -3.00
N PHE G 291 5.27 -33.10 -3.35
CA PHE G 291 5.07 -33.46 -4.74
C PHE G 291 3.92 -32.68 -5.35
N ALA G 292 2.71 -32.84 -4.79
CA ALA G 292 1.55 -32.13 -5.30
C ALA G 292 1.75 -30.62 -5.25
N GLN G 293 2.54 -30.14 -4.29
CA GLN G 293 2.74 -28.71 -4.14
C GLN G 293 3.41 -28.11 -5.38
N GLU G 294 4.63 -28.56 -5.68
CA GLU G 294 5.37 -27.98 -6.79
C GLU G 294 4.68 -28.23 -8.12
N LEU G 295 4.02 -29.38 -8.25
CA LEU G 295 3.35 -29.71 -9.51
C LEU G 295 2.31 -28.66 -9.85
N TRP G 296 1.33 -28.44 -8.95
CA TRP G 296 0.27 -27.49 -9.22
C TRP G 296 0.81 -26.10 -9.51
N HIS G 297 1.93 -25.74 -8.88
CA HIS G 297 2.60 -24.50 -9.25
C HIS G 297 3.09 -24.55 -10.69
N GLU G 298 3.73 -25.64 -11.08
CA GLU G 298 4.32 -25.70 -12.41
C GLU G 298 3.27 -25.73 -13.50
N ILE G 299 2.11 -26.35 -13.25
CA ILE G 299 1.11 -26.47 -14.31
C ILE G 299 0.57 -25.10 -14.70
N ASN G 300 0.55 -24.15 -13.77
CA ASN G 300 0.10 -22.81 -14.12
C ASN G 300 1.12 -22.08 -14.96
N ARG G 301 2.41 -22.35 -14.73
CA ARG G 301 3.46 -21.81 -15.59
C ARG G 301 3.20 -22.14 -17.05
N GLU G 302 2.66 -23.33 -17.32
CA GLU G 302 2.40 -23.73 -18.70
C GLU G 302 1.08 -23.16 -19.20
N ALA G 303 0.00 -23.32 -18.42
CA ALA G 303 -1.32 -22.90 -18.85
C ALA G 303 -1.42 -21.40 -19.08
N ARG G 304 -0.37 -20.63 -18.76
CA ARG G 304 -0.42 -19.19 -19.03
C ARG G 304 -0.60 -18.89 -20.50
N THR G 305 -0.12 -19.77 -21.38
CA THR G 305 -0.30 -19.60 -22.83
C THR G 305 -0.98 -20.84 -23.40
N LEU G 306 -2.31 -20.90 -23.26
CA LEU G 306 -3.12 -21.88 -23.98
C LEU G 306 -4.46 -21.29 -24.40
N LEU G 307 -4.61 -19.97 -24.35
CA LEU G 307 -5.93 -19.35 -24.46
C LEU G 307 -6.58 -19.60 -25.81
N ASN G 308 -5.80 -19.93 -26.83
CA ASN G 308 -6.34 -20.23 -28.15
C ASN G 308 -6.83 -21.67 -28.27
N GLN G 309 -7.07 -22.36 -27.15
CA GLN G 309 -7.54 -23.73 -27.17
C GLN G 309 -8.83 -23.95 -26.40
N GLY G 310 -9.17 -23.09 -25.45
CA GLY G 310 -10.38 -23.26 -24.67
C GLY G 310 -10.12 -23.34 -23.17
N VAL G 311 -8.98 -22.84 -22.74
CA VAL G 311 -8.63 -22.83 -21.33
C VAL G 311 -9.12 -21.53 -20.72
N HIS G 312 -9.36 -21.55 -19.41
CA HIS G 312 -9.90 -20.39 -18.72
C HIS G 312 -9.26 -20.30 -17.35
N LEU G 313 -8.45 -19.27 -17.13
CA LEU G 313 -7.87 -19.05 -15.82
C LEU G 313 -8.94 -18.65 -14.82
N GLU G 314 -8.60 -18.78 -13.53
CA GLU G 314 -9.49 -18.42 -12.45
C GLU G 314 -8.64 -18.09 -11.24
N PRO G 315 -9.07 -17.15 -10.39
CA PRO G 315 -8.27 -16.80 -9.22
C PRO G 315 -8.14 -17.94 -8.21
N SER G 316 -8.89 -19.01 -8.37
CA SER G 316 -8.83 -20.12 -7.42
C SER G 316 -8.77 -21.50 -8.07
N SER G 317 -8.82 -21.60 -9.39
CA SER G 317 -8.81 -22.89 -10.06
C SER G 317 -8.39 -22.69 -11.52
N ILE G 318 -8.33 -23.80 -12.25
CA ILE G 318 -8.09 -23.79 -13.68
C ILE G 318 -9.12 -24.71 -14.33
N THR G 319 -9.47 -24.40 -15.59
CA THR G 319 -10.48 -25.17 -16.28
C THR G 319 -10.24 -25.12 -17.78
N TYR G 320 -10.75 -26.15 -18.46
CA TYR G 320 -10.71 -26.25 -19.91
C TYR G 320 -12.05 -26.79 -20.39
N THR G 321 -12.65 -26.10 -21.35
CA THR G 321 -13.99 -26.45 -21.79
C THR G 321 -13.96 -27.69 -22.68
N MET G 322 -14.84 -28.64 -22.39
CA MET G 322 -15.09 -29.75 -23.28
C MET G 322 -16.10 -29.29 -24.34
N ASP G 323 -16.63 -30.24 -25.13
CA ASP G 323 -17.55 -29.89 -26.20
C ASP G 323 -19.01 -29.89 -25.73
N ALA G 324 -19.48 -31.03 -25.22
CA ALA G 324 -20.90 -31.19 -24.87
C ALA G 324 -21.21 -30.54 -23.53
N SER G 325 -21.02 -29.22 -23.48
CA SER G 325 -21.33 -28.40 -22.31
C SER G 325 -20.61 -28.87 -21.05
N THR G 326 -19.53 -29.62 -21.21
CA THR G 326 -18.76 -30.15 -20.09
C THR G 326 -17.42 -29.41 -19.99
N THR G 327 -16.68 -29.69 -18.92
CA THR G 327 -15.50 -28.91 -18.57
C THR G 327 -14.42 -29.85 -18.05
N VAL G 328 -13.41 -29.27 -17.40
CA VAL G 328 -12.47 -29.96 -16.54
C VAL G 328 -12.07 -28.99 -15.44
N SER G 329 -11.63 -29.50 -14.29
CA SER G 329 -11.30 -28.64 -13.17
C SER G 329 -10.10 -29.20 -12.40
N ILE G 330 -9.35 -28.29 -11.78
CA ILE G 330 -8.23 -28.64 -10.91
C ILE G 330 -8.36 -27.84 -9.62
N ARG G 331 -8.30 -28.54 -8.49
CA ARG G 331 -8.32 -27.92 -7.18
C ARG G 331 -7.13 -28.40 -6.37
N LEU G 332 -6.91 -27.76 -5.23
CA LEU G 332 -5.91 -28.18 -4.27
C LEU G 332 -6.60 -28.44 -2.93
N ALA G 333 -6.76 -29.70 -2.59
CA ALA G 333 -7.48 -30.09 -1.38
C ALA G 333 -6.69 -29.68 -0.14
N THR G 334 -7.38 -29.60 0.99
CA THR G 334 -6.75 -29.23 2.24
C THR G 334 -7.48 -29.82 3.44
N PRO G 349 -14.61 -45.31 -14.78
CA PRO G 349 -14.27 -44.25 -13.82
C PRO G 349 -13.25 -43.27 -14.37
N GLN G 350 -13.74 -42.18 -14.98
CA GLN G 350 -12.86 -41.24 -15.66
C GLN G 350 -12.22 -40.23 -14.72
N ASP G 351 -12.25 -40.49 -13.41
CA ASP G 351 -11.41 -39.78 -12.46
C ASP G 351 -9.99 -40.33 -12.45
N VAL G 352 -9.69 -41.28 -13.33
CA VAL G 352 -8.37 -41.88 -13.42
C VAL G 352 -7.35 -40.92 -14.01
N MET G 353 -7.79 -39.81 -14.58
CA MET G 353 -6.84 -38.85 -15.14
C MET G 353 -6.31 -37.91 -14.06
N ALA G 354 -5.89 -38.51 -12.95
CA ALA G 354 -5.10 -37.82 -11.93
C ALA G 354 -3.75 -38.47 -11.77
N GLU G 355 -3.71 -39.78 -11.51
CA GLU G 355 -2.47 -40.53 -11.50
C GLU G 355 -1.75 -40.50 -12.84
N SER G 356 -2.49 -40.30 -13.93
CA SER G 356 -1.84 -40.19 -15.24
C SER G 356 -0.89 -38.99 -15.25
N LEU G 357 -1.39 -37.82 -14.87
CA LEU G 357 -0.56 -36.63 -14.80
C LEU G 357 0.70 -36.88 -13.99
N ASN G 358 0.54 -37.46 -12.80
CA ASN G 358 1.69 -37.70 -11.94
C ASN G 358 2.67 -38.65 -12.60
N SER G 366 2.18 -39.75 -13.17
CA SER G 366 3.01 -40.68 -13.91
C SER G 366 3.48 -40.11 -15.22
N HIS G 367 3.15 -38.86 -15.50
CA HIS G 367 3.56 -38.18 -16.72
C HIS G 367 4.58 -37.08 -16.43
N ALA G 368 4.28 -36.19 -15.49
CA ALA G 368 5.24 -35.14 -15.14
C ALA G 368 6.56 -35.74 -14.71
N HIS G 369 6.51 -36.72 -13.81
CA HIS G 369 7.70 -37.47 -13.41
C HIS G 369 8.42 -38.07 -14.61
N ARG G 370 7.67 -38.69 -15.52
CA ARG G 370 8.29 -39.36 -16.66
C ARG G 370 8.99 -38.37 -17.59
N MET G 371 8.93 -37.07 -17.28
CA MET G 371 9.78 -36.10 -17.94
C MET G 371 10.68 -35.37 -16.95
N ASN G 372 10.61 -35.72 -15.67
CA ASN G 372 11.65 -35.27 -14.73
C ASN G 372 12.99 -35.91 -15.07
N GLU G 373 12.97 -37.03 -15.79
CA GLU G 373 14.21 -37.66 -16.21
C GLU G 373 14.95 -36.81 -17.24
N LEU G 374 14.22 -36.13 -18.12
CA LEU G 374 14.85 -35.34 -19.17
C LEU G 374 15.67 -34.20 -18.59
N ARG G 375 15.05 -33.37 -17.74
CA ARG G 375 15.77 -32.28 -17.10
C ARG G 375 16.95 -32.75 -16.27
N ARG G 376 17.05 -34.04 -16.00
CA ARG G 376 18.26 -34.59 -15.38
C ARG G 376 19.28 -34.98 -16.43
N SER G 377 18.81 -35.51 -17.56
CA SER G 377 19.71 -35.75 -18.69
C SER G 377 19.99 -34.49 -19.49
N GLU G 378 19.40 -33.36 -19.10
CA GLU G 378 19.64 -32.11 -19.82
C GLU G 378 21.06 -31.60 -19.72
N PRO G 379 21.69 -31.51 -18.52
CA PRO G 379 22.99 -30.82 -18.44
C PRO G 379 24.12 -31.55 -19.16
N GLY G 380 23.88 -31.93 -20.41
CA GLY G 380 24.93 -32.26 -21.34
C GLY G 380 25.29 -31.12 -22.26
N ILE G 381 24.66 -29.96 -22.05
CA ILE G 381 24.87 -28.77 -22.87
C ILE G 381 24.61 -29.07 -24.34
N PRO G 385 15.51 -17.40 -19.22
CA PRO G 385 14.32 -17.99 -19.84
C PRO G 385 14.12 -19.45 -19.44
N PRO G 386 13.44 -19.68 -18.33
CA PRO G 386 13.21 -21.06 -17.87
C PRO G 386 12.42 -21.85 -18.90
N ARG G 387 12.97 -22.99 -19.30
CA ARG G 387 12.29 -23.89 -20.23
C ARG G 387 11.04 -24.44 -19.58
N THR G 388 9.88 -24.10 -20.12
CA THR G 388 8.64 -24.64 -19.60
C THR G 388 8.56 -26.14 -19.87
N TYR G 389 7.63 -26.80 -19.19
CA TYR G 389 7.51 -28.23 -19.34
C TYR G 389 6.25 -28.58 -20.12
N PRO G 390 6.32 -29.54 -21.03
CA PRO G 390 5.09 -30.00 -21.70
C PRO G 390 4.32 -30.98 -20.84
N ILE G 391 3.21 -30.54 -20.25
CA ILE G 391 2.41 -31.40 -19.39
C ILE G 391 0.99 -31.46 -19.91
N LEU G 392 0.33 -30.30 -19.96
CA LEU G 392 -1.06 -30.27 -20.40
C LEU G 392 -1.18 -30.56 -21.89
N LEU G 393 -0.46 -29.80 -22.71
CA LEU G 393 -0.51 -29.85 -24.17
C LEU G 393 -0.49 -31.27 -24.73
N PRO G 394 0.50 -32.11 -24.39
CA PRO G 394 0.53 -33.45 -25.00
C PRO G 394 -0.73 -34.26 -24.71
N LEU G 395 -1.42 -33.96 -23.61
CA LEU G 395 -2.69 -34.62 -23.34
C LEU G 395 -3.79 -34.03 -24.21
N ILE G 396 -3.90 -32.70 -24.24
CA ILE G 396 -4.94 -32.04 -25.04
C ILE G 396 -4.85 -32.48 -26.50
N SER G 397 -3.64 -32.47 -27.06
CA SER G 397 -3.48 -32.72 -28.48
C SER G 397 -4.05 -34.06 -28.89
N TYR G 398 -3.92 -35.08 -28.02
CA TYR G 398 -4.42 -36.40 -28.37
C TYR G 398 -5.93 -36.41 -28.53
N HIS G 399 -6.65 -35.90 -27.53
CA HIS G 399 -8.10 -35.88 -27.60
C HIS G 399 -8.59 -35.11 -28.81
N LYS G 400 -8.04 -33.92 -29.04
CA LYS G 400 -8.46 -33.12 -30.18
C LYS G 400 -8.21 -33.85 -31.49
N TYR G 401 -7.14 -34.64 -31.56
CA TYR G 401 -6.91 -35.47 -32.73
C TYR G 401 -8.03 -36.49 -32.90
N ASN G 402 -8.24 -37.32 -31.88
CA ASN G 402 -9.29 -38.33 -31.93
C ASN G 402 -10.66 -37.71 -32.19
N GLN G 403 -10.84 -36.45 -31.83
CA GLN G 403 -12.04 -35.73 -32.25
C GLN G 403 -12.13 -35.67 -33.77
N SER G 404 -11.04 -35.27 -34.41
CA SER G 404 -11.05 -35.03 -35.86
C SER G 404 -11.41 -36.27 -36.67
N ILE G 405 -11.19 -37.47 -36.15
CA ILE G 405 -11.40 -38.65 -36.98
C ILE G 405 -12.89 -38.92 -37.17
N GLN G 406 -13.74 -38.44 -36.26
CA GLN G 406 -15.18 -38.63 -36.42
C GLN G 406 -15.71 -37.83 -37.60
N THR G 407 -15.51 -36.50 -37.56
CA THR G 407 -15.98 -35.65 -38.65
C THR G 407 -15.47 -36.13 -40.01
N CYS G 408 -14.25 -36.63 -40.04
CA CYS G 408 -13.73 -37.23 -41.28
C CYS G 408 -14.65 -38.32 -41.80
N LEU G 409 -14.91 -39.34 -40.99
CA LEU G 409 -15.82 -40.39 -41.41
C LEU G 409 -17.21 -39.85 -41.67
N GLN G 410 -17.61 -38.81 -40.93
CA GLN G 410 -18.93 -38.23 -41.10
C GLN G 410 -19.15 -37.76 -42.54
N THR G 411 -18.31 -36.82 -42.99
CA THR G 411 -18.46 -36.29 -44.34
C THR G 411 -18.22 -37.37 -45.38
N LEU G 412 -17.16 -38.16 -45.21
CA LEU G 412 -16.83 -39.20 -46.17
C LEU G 412 -17.83 -40.34 -46.20
N SER G 413 -18.89 -40.27 -45.40
CA SER G 413 -20.00 -41.21 -45.52
C SER G 413 -21.21 -40.60 -46.20
N ALA G 414 -21.55 -39.36 -45.87
CA ALA G 414 -22.64 -38.67 -46.56
C ALA G 414 -22.42 -38.68 -48.07
N HIS G 415 -21.17 -38.65 -48.50
CA HIS G 415 -20.87 -38.67 -49.92
C HIS G 415 -21.11 -40.07 -50.48
N ILE G 416 -22.36 -40.48 -50.54
CA ILE G 416 -22.77 -41.73 -51.14
C ILE G 416 -24.03 -41.47 -51.95
N SER G 417 -23.94 -41.64 -53.26
CA SER G 417 -25.10 -41.46 -54.11
C SER G 417 -26.07 -42.61 -53.91
N VAL G 418 -27.34 -42.37 -54.27
CA VAL G 418 -28.38 -43.34 -53.99
C VAL G 418 -28.23 -44.55 -54.91
N LEU G 419 -28.40 -44.34 -56.22
CA LEU G 419 -28.37 -45.44 -57.16
C LEU G 419 -26.99 -46.05 -57.35
N ARG G 420 -25.95 -45.22 -57.46
CA ARG G 420 -24.59 -45.72 -57.71
C ARG G 420 -23.79 -45.58 -56.43
N SER G 421 -23.34 -46.71 -55.89
CA SER G 421 -22.82 -46.80 -54.53
C SER G 421 -21.38 -47.30 -54.55
N ALA G 422 -20.54 -46.69 -53.72
CA ALA G 422 -19.15 -47.07 -53.56
C ALA G 422 -18.90 -47.47 -52.12
N SER G 423 -18.06 -48.48 -51.92
CA SER G 423 -17.78 -48.98 -50.58
C SER G 423 -16.52 -48.33 -50.03
N VAL G 424 -16.67 -47.66 -48.88
CA VAL G 424 -15.53 -47.10 -48.15
C VAL G 424 -15.22 -48.03 -46.99
N ASP G 425 -13.95 -48.42 -46.88
CA ASP G 425 -13.49 -49.32 -45.83
C ASP G 425 -12.26 -48.72 -45.17
N SER G 426 -12.40 -48.32 -43.91
CA SER G 426 -11.34 -47.65 -43.18
C SER G 426 -10.54 -48.71 -42.40
N SER G 427 -9.32 -48.98 -42.88
CA SER G 427 -8.41 -49.88 -42.20
C SER G 427 -7.39 -49.06 -41.42
N MET G 428 -7.06 -49.51 -40.21
CA MET G 428 -6.16 -48.77 -39.34
C MET G 428 -5.19 -49.73 -38.68
N THR G 429 -4.10 -49.19 -38.17
CA THR G 429 -3.15 -49.96 -37.38
C THR G 429 -3.70 -50.16 -35.97
N VAL G 430 -3.13 -51.15 -35.28
CA VAL G 430 -3.52 -51.45 -33.91
C VAL G 430 -2.28 -51.68 -33.05
N THR G 445 7.97 -48.65 -26.47
CA THR G 445 8.82 -49.71 -27.01
C THR G 445 9.81 -50.21 -25.94
N SER G 446 10.41 -49.28 -25.22
CA SER G 446 11.37 -49.64 -24.18
C SER G 446 10.86 -49.24 -22.79
N LEU G 447 10.63 -47.95 -22.56
CA LEU G 447 10.02 -47.50 -21.32
C LEU G 447 9.05 -46.34 -21.49
N TYR G 448 8.77 -45.89 -22.70
CA TYR G 448 7.89 -44.74 -22.94
C TYR G 448 6.65 -45.18 -23.69
N THR G 449 5.54 -45.32 -22.95
CA THR G 449 4.22 -45.42 -23.54
C THR G 449 3.52 -44.08 -23.55
N ILE G 450 3.79 -43.25 -22.54
CA ILE G 450 3.49 -41.84 -22.63
C ILE G 450 4.54 -41.18 -23.53
N LEU G 451 4.18 -40.05 -24.12
CA LEU G 451 4.89 -39.42 -25.23
C LEU G 451 4.85 -40.29 -26.48
N THR G 452 3.80 -41.10 -26.60
CA THR G 452 3.43 -41.75 -27.84
C THR G 452 2.08 -41.19 -28.25
N ARG G 453 1.97 -39.86 -28.14
CA ARG G 453 0.73 -39.19 -28.54
C ARG G 453 0.55 -39.17 -30.05
N PRO G 454 1.55 -38.83 -30.86
CA PRO G 454 1.33 -38.71 -32.31
C PRO G 454 0.76 -39.98 -32.93
N PRO G 455 1.39 -41.14 -32.77
CA PRO G 455 1.24 -42.21 -33.78
C PRO G 455 -0.14 -42.83 -33.78
N ALA G 456 -0.22 -43.94 -34.54
CA ALA G 456 -1.46 -44.61 -34.94
C ALA G 456 -2.32 -43.78 -35.89
N VAL G 457 -1.82 -43.59 -37.12
CA VAL G 457 -2.58 -42.96 -38.20
C VAL G 457 -3.25 -44.08 -39.01
N GLN G 458 -4.29 -43.72 -39.77
CA GLN G 458 -5.15 -44.71 -40.39
C GLN G 458 -5.24 -44.51 -41.90
N PHE G 459 -5.91 -45.47 -42.55
CA PHE G 459 -5.96 -45.59 -44.00
C PHE G 459 -7.41 -45.55 -44.47
N ASP G 460 -7.79 -44.50 -45.21
CA ASP G 460 -9.10 -44.39 -45.82
C ASP G 460 -8.98 -44.54 -47.33
N ILE G 461 -9.84 -45.35 -47.92
CA ILE G 461 -9.90 -45.54 -49.36
C ILE G 461 -11.37 -45.57 -49.80
N THR G 462 -11.64 -44.96 -50.95
CA THR G 462 -12.96 -44.99 -51.57
C THR G 462 -12.81 -45.39 -53.02
N ILE G 463 -13.78 -46.14 -53.52
CA ILE G 463 -13.75 -46.60 -54.91
C ILE G 463 -15.07 -46.22 -55.60
N THR G 464 -15.12 -45.03 -56.18
CA THR G 464 -16.41 -44.53 -56.69
C THR G 464 -16.87 -45.20 -57.97
N PRO G 465 -16.17 -45.12 -59.11
CA PRO G 465 -16.57 -45.95 -60.24
C PRO G 465 -15.94 -47.31 -60.12
N ASP G 466 -16.04 -48.14 -61.16
CA ASP G 466 -15.33 -49.39 -61.20
C ASP G 466 -13.93 -49.24 -61.77
N SER G 467 -13.53 -48.03 -62.17
CA SER G 467 -12.18 -47.84 -62.70
C SER G 467 -11.31 -46.92 -61.86
N ARG G 468 -11.74 -45.67 -61.68
CA ARG G 468 -10.86 -44.66 -61.10
C ARG G 468 -11.01 -44.61 -59.59
N ILE G 469 -10.00 -45.06 -58.86
CA ILE G 469 -10.11 -45.26 -57.42
C ILE G 469 -9.02 -44.48 -56.70
N ARG G 470 -9.42 -43.51 -55.89
CA ARG G 470 -8.47 -42.65 -55.19
C ARG G 470 -8.28 -43.14 -53.76
N ILE G 471 -7.17 -42.75 -53.15
CA ILE G 471 -6.80 -43.18 -51.80
C ILE G 471 -6.60 -41.95 -50.92
N LEU G 472 -7.23 -41.95 -49.76
CA LEU G 472 -7.00 -40.94 -48.75
C LEU G 472 -5.91 -41.38 -47.78
N LEU G 473 -5.57 -40.49 -46.85
CA LEU G 473 -4.58 -40.79 -45.83
C LEU G 473 -4.60 -39.65 -44.82
N LYS G 474 -4.30 -39.98 -43.57
CA LYS G 474 -4.36 -39.00 -42.48
C LYS G 474 -3.14 -39.14 -41.55
N PRO G 475 -1.95 -38.83 -42.04
CA PRO G 475 -0.79 -38.77 -41.15
C PRO G 475 -0.88 -37.55 -40.24
N THR G 476 -0.66 -37.75 -38.95
CA THR G 476 -0.81 -36.64 -38.03
C THR G 476 0.54 -36.08 -37.61
N GLN G 477 0.64 -34.75 -37.69
CA GLN G 477 1.75 -34.04 -37.07
C GLN G 477 1.24 -33.13 -35.96
N LEU G 478 0.29 -32.24 -36.28
CA LEU G 478 -0.38 -31.36 -35.32
C LEU G 478 0.60 -30.68 -34.38
N THR G 479 1.81 -30.44 -34.86
CA THR G 479 2.87 -29.91 -34.01
C THR G 479 3.78 -28.97 -34.79
N SER G 484 -1.64 -32.72 -41.59
CA SER G 484 -2.76 -33.64 -41.42
C SER G 484 -3.06 -34.45 -42.68
N ILE G 485 -4.19 -34.13 -43.33
CA ILE G 485 -4.67 -34.97 -44.43
C ILE G 485 -3.73 -34.89 -45.62
N CYS G 486 -3.45 -36.05 -46.21
CA CYS G 486 -2.67 -36.16 -47.44
C CYS G 486 -3.40 -37.08 -48.41
N CYS G 487 -3.36 -36.74 -49.69
CA CYS G 487 -4.16 -37.42 -50.70
C CYS G 487 -3.26 -38.23 -51.62
N LEU G 488 -3.46 -39.54 -51.62
CA LEU G 488 -2.70 -40.43 -52.49
C LEU G 488 -3.27 -40.38 -53.90
N PRO G 489 -2.43 -40.50 -54.92
CA PRO G 489 -2.89 -40.30 -56.31
C PRO G 489 -3.93 -41.28 -56.81
N ALA G 490 -3.66 -42.59 -56.72
CA ALA G 490 -4.54 -43.57 -57.35
C ALA G 490 -4.19 -44.97 -56.90
N LEU G 491 -4.90 -45.94 -57.50
CA LEU G 491 -4.73 -47.36 -57.22
C LEU G 491 -5.04 -48.05 -58.55
N HIS G 492 -5.30 -49.34 -58.57
CA HIS G 492 -5.69 -50.03 -59.79
C HIS G 492 -6.92 -50.89 -59.49
N PRO G 493 -8.04 -50.66 -60.20
CA PRO G 493 -9.31 -51.27 -59.80
C PRO G 493 -9.37 -52.79 -59.91
N GLY G 494 -9.14 -53.31 -61.11
CA GLY G 494 -9.25 -54.73 -61.37
C GLY G 494 -8.12 -55.31 -62.19
N ALA G 495 -7.09 -54.52 -62.48
CA ALA G 495 -5.94 -54.95 -63.29
C ALA G 495 -6.36 -55.33 -64.71
N GLN G 496 -7.04 -54.42 -65.39
CA GLN G 496 -7.36 -54.59 -66.81
C GLN G 496 -6.99 -53.40 -67.68
N ASN G 497 -6.86 -52.20 -67.11
CA ASN G 497 -6.67 -51.00 -67.90
C ASN G 497 -6.25 -49.87 -66.95
N PRO G 498 -5.70 -48.79 -67.48
CA PRO G 498 -5.37 -47.65 -66.63
C PRO G 498 -6.62 -46.85 -66.28
N LEU G 499 -6.61 -46.28 -65.08
CA LEU G 499 -7.75 -45.52 -64.60
C LEU G 499 -7.70 -44.08 -65.13
N ALA G 500 -8.85 -43.42 -65.10
CA ALA G 500 -8.96 -42.04 -65.57
C ALA G 500 -8.30 -41.11 -64.55
N THR G 501 -6.97 -41.11 -64.58
CA THR G 501 -6.16 -40.25 -63.73
C THR G 501 -5.30 -39.28 -64.53
N THR G 502 -5.32 -39.37 -65.85
CA THR G 502 -4.58 -38.41 -66.67
C THR G 502 -5.26 -37.04 -66.65
N CYS G 503 -6.57 -37.02 -66.91
CA CYS G 503 -7.29 -35.76 -66.85
C CYS G 503 -7.30 -35.16 -65.44
N PRO G 504 -7.69 -35.87 -64.38
CA PRO G 504 -7.67 -35.27 -63.05
C PRO G 504 -6.27 -35.29 -62.49
N PRO G 505 -5.85 -34.21 -61.82
CA PRO G 505 -4.46 -34.12 -61.37
C PRO G 505 -4.10 -35.09 -60.26
N SER G 506 -4.86 -35.11 -59.17
CA SER G 506 -4.49 -35.82 -57.94
C SER G 506 -3.13 -35.34 -57.44
N THR G 507 -3.08 -34.07 -57.06
CA THR G 507 -1.85 -33.43 -56.61
C THR G 507 -1.27 -34.14 -55.39
N ASP G 508 -0.04 -33.76 -55.02
CA ASP G 508 0.69 -34.42 -53.95
C ASP G 508 1.30 -33.40 -53.00
N ASP G 509 0.55 -33.05 -51.95
CA ASP G 509 0.99 -32.14 -50.89
C ASP G 509 0.05 -32.27 -49.71
N TYR G 510 0.16 -31.37 -48.73
CA TYR G 510 -0.80 -31.34 -47.64
C TYR G 510 -2.03 -30.58 -48.08
N ASP G 511 -3.19 -31.10 -47.67
CA ASP G 511 -4.46 -30.40 -47.79
C ASP G 511 -5.17 -30.44 -46.44
N SER G 512 -5.82 -29.34 -46.07
CA SER G 512 -6.67 -29.38 -44.89
C SER G 512 -8.03 -29.99 -45.24
N LEU G 513 -8.83 -30.27 -44.21
CA LEU G 513 -10.06 -31.04 -44.42
C LEU G 513 -10.97 -30.39 -45.44
N THR G 514 -11.27 -29.09 -45.28
CA THR G 514 -12.16 -28.43 -46.21
C THR G 514 -11.59 -28.45 -47.63
N GLN G 515 -10.28 -28.29 -47.77
CA GLN G 515 -9.67 -28.34 -49.10
C GLN G 515 -9.77 -29.73 -49.71
N VAL G 516 -9.71 -30.77 -48.86
CA VAL G 516 -9.83 -32.13 -49.38
C VAL G 516 -11.21 -32.35 -49.99
N VAL G 517 -12.25 -31.85 -49.33
CA VAL G 517 -13.60 -31.99 -49.85
C VAL G 517 -13.71 -31.34 -51.22
N SER G 518 -13.13 -30.14 -51.38
CA SER G 518 -13.20 -29.44 -52.64
C SER G 518 -12.66 -30.28 -53.79
N TYR G 519 -11.55 -30.98 -53.56
CA TYR G 519 -11.00 -31.84 -54.59
C TYR G 519 -11.96 -32.98 -54.92
N LEU G 520 -12.67 -33.49 -53.92
CA LEU G 520 -13.60 -34.58 -54.19
C LEU G 520 -14.76 -34.11 -55.05
N GLN G 521 -15.22 -32.88 -54.83
CA GLN G 521 -16.35 -32.37 -55.60
C GLN G 521 -16.05 -32.34 -57.08
N ALA G 522 -15.01 -31.61 -57.47
CA ALA G 522 -14.71 -31.45 -58.90
C ALA G 522 -14.32 -32.76 -59.55
N ALA G 523 -13.82 -33.72 -58.78
CA ALA G 523 -13.32 -34.95 -59.36
C ALA G 523 -14.36 -36.06 -59.43
N ILE G 524 -15.55 -35.87 -58.84
CA ILE G 524 -16.57 -36.92 -58.90
C ILE G 524 -17.21 -37.04 -60.29
N PRO G 525 -17.54 -35.96 -61.00
CA PRO G 525 -18.26 -36.17 -62.26
C PRO G 525 -17.39 -36.71 -63.38
N ARG G 526 -16.12 -36.29 -63.41
CA ARG G 526 -15.22 -36.70 -64.49
C ARG G 526 -15.16 -38.20 -64.63
N ALA G 527 -15.12 -38.92 -63.50
CA ALA G 527 -15.06 -40.38 -63.55
C ALA G 527 -16.33 -40.95 -64.16
N LEU G 528 -17.49 -40.37 -63.82
CA LEU G 528 -18.74 -40.85 -64.38
C LEU G 528 -18.75 -40.76 -65.90
N ALA G 529 -18.61 -39.54 -66.42
CA ALA G 529 -18.71 -39.33 -67.86
C ALA G 529 -17.65 -40.15 -68.60
N ALA G 530 -16.39 -40.04 -68.19
CA ALA G 530 -15.32 -40.73 -68.90
C ALA G 530 -15.49 -42.25 -68.86
N HIS G 531 -16.17 -42.77 -67.85
CA HIS G 531 -16.50 -44.20 -67.85
C HIS G 531 -17.59 -44.51 -68.87
N TYR G 532 -18.57 -43.61 -69.01
CA TYR G 532 -19.75 -43.91 -69.80
C TYR G 532 -19.46 -44.14 -71.28
N GLU G 533 -18.21 -44.02 -71.72
CA GLU G 533 -17.88 -44.50 -73.05
C GLU G 533 -17.83 -46.01 -73.07
N ALA G 534 -18.96 -46.63 -72.73
CA ALA G 534 -19.14 -48.07 -72.92
C ALA G 534 -19.39 -48.41 -74.38
N VAL G 535 -19.48 -47.40 -75.25
CA VAL G 535 -19.60 -47.62 -76.68
C VAL G 535 -18.33 -48.28 -77.19
N LEU G 536 -18.40 -48.87 -78.37
CA LEU G 536 -17.27 -49.58 -78.94
C LEU G 536 -16.14 -48.62 -79.31
N VAL G 567 -18.15 -40.40 -82.34
CA VAL G 567 -19.27 -39.64 -82.87
C VAL G 567 -19.85 -38.75 -81.79
N ASP G 568 -19.23 -38.76 -80.62
CA ASP G 568 -19.75 -37.99 -79.49
C ASP G 568 -18.64 -37.58 -78.53
N PRO G 569 -17.67 -36.78 -78.96
CA PRO G 569 -16.55 -36.40 -78.08
C PRO G 569 -16.98 -35.34 -77.08
N GLU G 570 -16.00 -34.83 -76.33
CA GLU G 570 -16.24 -33.78 -75.35
C GLU G 570 -14.92 -33.22 -74.86
N THR G 571 -14.97 -31.98 -74.33
CA THR G 571 -13.81 -31.33 -73.76
C THR G 571 -13.52 -31.78 -72.32
N MET G 572 -14.45 -31.57 -71.40
CA MET G 572 -14.15 -31.86 -69.99
C MET G 572 -15.01 -32.95 -69.39
N ARG G 573 -16.34 -32.77 -69.28
CA ARG G 573 -17.15 -33.64 -68.41
C ARG G 573 -18.51 -33.96 -69.01
N PHE G 574 -18.56 -34.27 -70.31
CA PHE G 574 -19.87 -34.39 -70.95
C PHE G 574 -19.77 -35.29 -72.18
N GLY G 575 -20.80 -35.25 -72.99
CA GLY G 575 -20.73 -35.80 -74.34
C GLY G 575 -21.60 -34.96 -75.25
N ILE G 576 -21.11 -34.69 -76.45
CA ILE G 576 -21.76 -33.73 -77.34
C ILE G 576 -21.46 -34.12 -78.78
N ARG G 577 -22.24 -33.57 -79.71
CA ARG G 577 -22.07 -33.86 -81.13
C ARG G 577 -22.30 -32.57 -81.92
N PHE G 578 -21.22 -31.81 -82.11
CA PHE G 578 -21.14 -30.69 -83.06
C PHE G 578 -22.42 -29.88 -83.14
N SER G 579 -22.92 -29.46 -81.99
CA SER G 579 -24.18 -28.72 -81.91
C SER G 579 -24.28 -28.09 -80.52
N PHE G 580 -25.47 -27.55 -80.24
CA PHE G 580 -25.77 -27.15 -78.87
C PHE G 580 -26.19 -28.34 -78.03
N GLY G 581 -27.28 -28.99 -78.41
CA GLY G 581 -27.85 -30.08 -77.63
C GLY G 581 -28.34 -31.27 -78.43
N ARG G 582 -27.68 -31.59 -79.54
CA ARG G 582 -28.15 -32.69 -80.38
C ARG G 582 -27.91 -34.03 -79.69
N ASN G 583 -26.69 -34.28 -79.24
CA ASN G 583 -26.34 -35.47 -78.46
C ASN G 583 -25.71 -35.06 -77.13
N PRO G 584 -26.45 -34.35 -76.28
CA PRO G 584 -25.83 -33.79 -75.08
C PRO G 584 -25.99 -34.66 -73.83
N ALA G 585 -25.20 -34.35 -72.82
CA ALA G 585 -25.35 -34.89 -71.46
C ALA G 585 -24.40 -34.13 -70.56
N LYS G 586 -24.91 -33.65 -69.43
CA LYS G 586 -24.10 -32.88 -68.49
C LYS G 586 -24.20 -33.55 -67.11
N GLY G 587 -23.11 -34.19 -66.69
CA GLY G 587 -23.14 -34.92 -65.43
C GLY G 587 -23.38 -34.01 -64.23
N GLY G 588 -23.75 -34.63 -63.12
CA GLY G 588 -24.02 -33.94 -61.89
C GLY G 588 -22.80 -33.25 -61.32
N GLN G 589 -22.98 -32.48 -60.24
CA GLN G 589 -21.88 -31.71 -59.68
C GLN G 589 -21.71 -31.84 -58.17
N LEU G 590 -22.72 -32.31 -57.44
CA LEU G 590 -22.64 -32.48 -55.99
C LEU G 590 -22.26 -31.16 -55.30
N GLU G 591 -23.19 -30.20 -55.39
CA GLU G 591 -23.00 -28.91 -54.76
C GLU G 591 -24.12 -28.66 -53.77
N LEU G 592 -23.92 -27.65 -52.92
CA LEU G 592 -24.84 -27.29 -51.85
C LEU G 592 -25.19 -28.48 -50.96
N GLY G 593 -24.33 -29.50 -50.95
CA GLY G 593 -24.66 -30.76 -50.30
C GLY G 593 -25.79 -31.52 -50.97
N ALA G 594 -26.28 -31.05 -52.11
CA ALA G 594 -27.45 -31.60 -52.77
C ALA G 594 -27.08 -32.72 -53.73
N GLN G 595 -28.10 -33.38 -54.26
CA GLN G 595 -27.92 -34.53 -55.14
C GLN G 595 -27.32 -34.10 -56.47
N THR G 596 -26.83 -35.09 -57.22
CA THR G 596 -26.38 -34.84 -58.57
C THR G 596 -27.56 -34.50 -59.47
N ASP G 597 -27.26 -34.07 -60.69
CA ASP G 597 -28.29 -33.74 -61.65
C ASP G 597 -27.83 -34.09 -63.06
N TYR G 598 -28.79 -34.51 -63.88
CA TYR G 598 -28.53 -34.79 -65.29
C TYR G 598 -29.18 -33.68 -66.12
N VAL G 599 -28.35 -32.89 -66.79
CA VAL G 599 -28.83 -31.88 -67.73
C VAL G 599 -28.74 -32.46 -69.13
N ASP G 600 -29.85 -32.43 -69.86
CA ASP G 600 -29.95 -33.17 -71.11
C ASP G 600 -30.90 -32.49 -72.07
N GLY G 601 -30.59 -32.63 -73.37
CA GLY G 601 -31.48 -32.21 -74.44
C GLY G 601 -31.88 -33.41 -75.28
N SER G 602 -33.18 -33.71 -75.35
CA SER G 602 -33.66 -34.95 -75.92
C SER G 602 -33.55 -34.92 -77.45
N ARG G 603 -34.10 -35.94 -78.10
CA ARG G 603 -33.96 -36.12 -79.54
C ARG G 603 -35.04 -35.42 -80.36
N LYS G 604 -36.19 -35.10 -79.77
CA LYS G 604 -37.27 -34.41 -80.47
C LYS G 604 -37.21 -32.91 -80.23
N ARG G 605 -36.00 -32.37 -80.10
CA ARG G 605 -35.78 -30.96 -79.82
C ARG G 605 -36.46 -30.56 -78.51
N VAL G 606 -36.17 -31.31 -77.46
CA VAL G 606 -36.73 -31.06 -76.13
C VAL G 606 -35.57 -31.02 -75.14
N ARG G 607 -35.58 -30.02 -74.26
CA ARG G 607 -34.59 -29.87 -73.22
C ARG G 607 -35.24 -30.16 -71.88
N ARG G 608 -34.53 -30.89 -71.03
CA ARG G 608 -35.10 -31.36 -69.78
C ARG G 608 -34.00 -31.46 -68.73
N ASN G 609 -34.44 -31.44 -67.47
CA ASN G 609 -33.55 -31.48 -66.32
C ASN G 609 -33.93 -32.66 -65.45
N TRP G 610 -32.96 -33.17 -64.69
CA TRP G 610 -33.15 -34.29 -63.78
C TRP G 610 -32.33 -34.03 -62.54
N ILE G 611 -32.95 -33.47 -61.51
CA ILE G 611 -32.34 -33.44 -60.17
C ILE G 611 -32.83 -34.69 -59.47
N TRP G 612 -32.13 -35.79 -59.71
CA TRP G 612 -32.56 -37.08 -59.21
C TRP G 612 -31.36 -38.00 -59.09
N PRO G 613 -31.15 -38.63 -57.94
CA PRO G 613 -29.99 -39.51 -57.79
C PRO G 613 -30.12 -40.79 -58.61
N GLY G 614 -30.34 -40.63 -59.92
CA GLY G 614 -30.31 -41.77 -60.82
C GLY G 614 -31.61 -42.15 -61.46
N ALA G 615 -32.11 -43.33 -61.08
CA ALA G 615 -33.12 -44.12 -61.78
C ALA G 615 -32.50 -44.71 -63.04
N GLN G 616 -31.27 -44.29 -63.33
CA GLN G 616 -30.39 -44.83 -64.37
C GLN G 616 -31.17 -45.21 -65.63
N SER G 617 -31.70 -44.19 -66.29
CA SER G 617 -32.51 -44.33 -67.48
C SER G 617 -31.87 -45.20 -68.55
N SER G 618 -30.54 -45.39 -68.45
CA SER G 618 -29.65 -45.89 -69.49
C SER G 618 -29.41 -44.79 -70.51
N LEU G 619 -30.00 -43.60 -70.29
CA LEU G 619 -29.73 -42.40 -71.07
C LEU G 619 -30.08 -42.62 -72.55
N ASP G 620 -31.39 -42.80 -72.77
CA ASP G 620 -31.99 -42.90 -74.09
C ASP G 620 -31.37 -41.91 -75.06
N SER G 621 -31.10 -40.70 -74.58
CA SER G 621 -30.49 -39.64 -75.37
C SER G 621 -29.28 -40.13 -76.16
N VAL G 622 -28.44 -40.96 -75.54
CA VAL G 622 -27.33 -41.58 -76.25
C VAL G 622 -27.68 -42.97 -76.74
N ALA G 623 -28.64 -43.65 -76.12
CA ALA G 623 -29.05 -44.97 -76.61
C ALA G 623 -29.69 -44.86 -77.99
N LYS G 624 -30.69 -44.00 -78.14
CA LYS G 624 -31.42 -43.84 -79.39
C LYS G 624 -30.51 -43.43 -80.54
N HIS H 23 11.13 -17.83 92.44
CA HIS H 23 11.92 -17.79 91.21
C HIS H 23 13.40 -17.70 91.54
N GLY H 24 14.22 -17.58 90.50
CA GLY H 24 15.62 -17.23 90.67
C GLY H 24 15.79 -15.72 90.64
N GLY H 25 14.83 -15.04 90.01
CA GLY H 25 14.79 -13.60 89.97
C GLY H 25 13.58 -13.08 90.72
N HIS H 26 13.80 -12.26 91.74
CA HIS H 26 12.77 -12.00 92.74
C HIS H 26 11.63 -11.16 92.15
N THR H 27 11.91 -9.94 91.70
CA THR H 27 10.84 -8.98 91.45
C THR H 27 10.22 -9.19 90.08
N ARG H 28 8.99 -8.70 89.92
CA ARG H 28 8.21 -9.05 88.72
C ARG H 28 7.90 -7.88 87.80
N PHE H 29 7.18 -6.87 88.31
CA PHE H 29 6.60 -5.86 87.41
C PHE H 29 7.64 -4.84 86.96
N GLU H 30 8.36 -4.25 87.91
CA GLU H 30 9.41 -3.31 87.54
C GLU H 30 10.45 -3.98 86.65
N LEU H 31 10.71 -5.26 86.89
CA LEU H 31 11.63 -5.98 86.02
C LEU H 31 11.02 -6.23 84.66
N GLU H 32 9.70 -6.42 84.61
CA GLU H 32 9.02 -6.54 83.32
C GLU H 32 9.25 -5.30 82.47
N LEU H 33 9.00 -4.12 83.04
CA LEU H 33 8.96 -2.91 82.22
C LEU H 33 10.31 -2.19 82.13
N GLU H 34 11.21 -2.36 83.09
CA GLU H 34 12.53 -1.76 83.00
C GLU H 34 13.24 -2.19 81.72
N PHE H 35 13.09 -3.45 81.35
CA PHE H 35 13.71 -3.92 80.12
C PHE H 35 13.08 -3.26 78.90
N VAL H 36 11.75 -3.33 78.78
CA VAL H 36 11.09 -2.86 77.56
C VAL H 36 11.32 -1.37 77.35
N GLN H 37 11.50 -0.62 78.44
CA GLN H 37 11.77 0.81 78.30
C GLN H 37 13.23 1.15 78.54
N ALA H 38 14.09 0.14 78.68
CA ALA H 38 15.51 0.42 78.90
C ALA H 38 16.20 0.85 77.62
N LEU H 39 15.78 0.30 76.49
CA LEU H 39 16.49 0.53 75.23
C LEU H 39 16.22 1.94 74.71
N SER H 40 16.76 2.93 75.39
CA SER H 40 16.60 4.32 74.96
C SER H 40 17.61 4.66 73.87
N ASN H 41 18.89 4.58 74.19
CA ASN H 41 19.92 4.92 73.22
C ASN H 41 20.47 3.64 72.59
N PRO H 42 20.84 3.67 71.31
CA PRO H 42 21.01 2.42 70.56
C PRO H 42 22.26 1.62 70.89
N GLU H 43 23.35 2.26 71.33
CA GLU H 43 24.61 1.53 71.50
C GLU H 43 24.42 0.23 72.29
N TYR H 44 23.52 0.23 73.28
CA TYR H 44 23.26 -1.00 74.01
C TYR H 44 22.63 -2.07 73.13
N VAL H 45 21.69 -1.68 72.26
CA VAL H 45 21.05 -2.68 71.42
C VAL H 45 22.02 -3.16 70.35
N ASN H 46 22.99 -2.32 69.98
CA ASN H 46 24.08 -2.78 69.13
C ASN H 46 24.91 -3.85 69.84
N TRP H 47 25.21 -3.62 71.12
CA TRP H 47 25.83 -4.65 71.95
C TRP H 47 25.04 -5.95 71.91
N LEU H 48 23.71 -5.86 72.01
CA LEU H 48 22.90 -7.08 72.05
C LEU H 48 22.90 -7.78 70.69
N ALA H 49 22.79 -7.01 69.60
CA ALA H 49 22.91 -7.59 68.27
C ALA H 49 24.24 -8.29 68.11
N SER H 50 25.29 -7.76 68.72
CA SER H 50 26.58 -8.47 68.72
C SER H 50 26.44 -9.84 69.37
N ARG H 51 25.68 -9.93 70.46
CA ARG H 51 25.42 -11.23 71.06
C ARG H 51 24.36 -12.01 70.33
N LYS H 52 23.80 -11.45 69.26
CA LYS H 52 23.01 -12.17 68.26
C LYS H 52 21.81 -12.89 68.87
N TYR H 53 21.22 -12.27 69.90
CA TYR H 53 19.95 -12.78 70.40
C TYR H 53 18.84 -12.60 69.37
N LEU H 54 19.00 -11.62 68.49
CA LEU H 54 18.00 -11.38 67.45
C LEU H 54 17.95 -12.53 66.45
N MET H 55 19.03 -13.29 66.32
CA MET H 55 19.01 -14.46 65.45
C MET H 55 17.98 -15.47 65.92
N ASN H 56 17.75 -15.55 67.23
CA ASN H 56 16.85 -16.56 67.77
C ASN H 56 15.41 -16.27 67.34
N PRO H 57 14.78 -17.18 66.60
CA PRO H 57 13.38 -16.94 66.19
C PRO H 57 12.42 -16.89 67.36
N ALA H 58 12.62 -17.73 68.38
CA ALA H 58 11.81 -17.63 69.58
C ALA H 58 11.94 -16.25 70.22
N PHE H 59 13.17 -15.72 70.27
CA PHE H 59 13.39 -14.39 70.85
C PHE H 59 12.65 -13.33 70.07
N VAL H 60 12.78 -13.34 68.74
CA VAL H 60 12.12 -12.32 67.94
C VAL H 60 10.61 -12.45 68.05
N ALA H 61 10.08 -13.67 68.03
CA ALA H 61 8.64 -13.88 68.16
C ALA H 61 8.13 -13.35 69.49
N TYR H 62 8.86 -13.63 70.58
CA TYR H 62 8.49 -13.08 71.87
C TYR H 62 8.52 -11.55 71.84
N LEU H 63 9.53 -10.97 71.20
CA LEU H 63 9.60 -9.51 71.08
C LEU H 63 8.37 -8.96 70.37
N ASP H 64 7.94 -9.62 69.31
CA ASP H 64 6.75 -9.17 68.59
C ASP H 64 5.48 -9.55 69.34
N LEU H 66 6.11 -9.10 72.51
CA LEU H 66 6.14 -8.31 73.74
C LEU H 66 5.87 -6.83 73.45
N GLN H 67 4.58 -6.47 73.39
CA GLN H 67 4.23 -5.08 73.19
C GLN H 67 3.12 -4.63 74.14
N TYR H 68 3.07 -5.18 75.36
CA TYR H 68 2.02 -4.82 76.31
C TYR H 68 1.97 -3.32 76.55
N TRP H 69 3.11 -2.64 76.41
CA TRP H 69 3.16 -1.22 76.72
C TRP H 69 2.41 -0.39 75.67
N SER H 70 2.64 -0.68 74.39
CA SER H 70 2.12 0.18 73.33
C SER H 70 0.59 0.17 73.27
N ARG H 71 -0.05 -0.87 73.80
CA ARG H 71 -1.50 -0.98 73.71
C ARG H 71 -2.19 0.13 74.50
N PRO H 72 -3.51 0.21 74.34
CA PRO H 72 -4.30 1.21 75.05
C PRO H 72 -4.12 1.08 76.56
N PRO H 73 -4.30 -0.13 77.09
CA PRO H 73 -4.07 -0.37 78.50
C PRO H 73 -2.59 -0.62 78.76
N TYR H 74 -2.18 -0.44 80.02
CA TYR H 74 -0.78 -0.58 80.43
C TYR H 74 0.11 0.34 79.61
N LEU H 75 -0.36 1.57 79.39
CA LEU H 75 0.38 2.58 78.66
C LEU H 75 0.68 3.80 79.53
N LYS H 76 -0.24 4.18 80.40
CA LYS H 76 -0.04 5.34 81.27
C LYS H 76 1.23 5.21 82.11
N TYR H 77 1.59 3.98 82.49
CA TYR H 77 2.70 3.81 83.42
C TYR H 77 4.04 4.16 82.79
N LEU H 78 4.16 4.00 81.47
CA LEU H 78 5.43 4.29 80.80
C LEU H 78 5.86 5.72 81.06
N THR H 79 7.18 5.92 81.19
CA THR H 79 7.70 7.25 81.52
C THR H 79 8.97 7.61 80.73
N TYR H 80 9.15 7.01 79.57
CA TYR H 80 10.17 7.42 78.59
C TYR H 80 9.51 7.53 77.22
N PRO H 81 8.47 8.34 77.07
CA PRO H 81 7.67 8.29 75.84
C PRO H 81 8.41 8.81 74.61
N THR H 82 9.60 8.26 74.35
CA THR H 82 10.26 8.47 73.08
C THR H 82 10.93 7.17 72.62
N ALA H 83 10.74 6.10 73.38
CA ALA H 83 11.12 4.75 72.95
C ALA H 83 9.94 4.05 72.30
N LEU H 85 9.32 4.74 71.35
CA LEU H 85 8.21 4.21 70.54
C LEU H 85 8.60 4.03 69.09
N ARG H 86 9.26 5.02 68.49
CA ARG H 86 9.88 4.84 67.20
C ARG H 86 10.83 3.65 67.18
N MET H 87 11.43 3.31 68.32
CA MET H 87 12.35 2.19 68.38
C MET H 87 11.63 0.87 68.16
N LEU H 88 10.41 0.73 68.67
CA LEU H 88 9.69 -0.53 68.48
C LEU H 88 9.47 -0.81 67.00
N GLN H 89 9.07 0.20 66.23
CA GLN H 89 8.86 -0.01 64.80
C GLN H 89 10.19 -0.18 64.08
N LEU H 90 11.19 0.63 64.44
CA LEU H 90 12.51 0.49 63.83
C LEU H 90 13.13 -0.86 64.13
N LEU H 91 12.64 -1.58 65.14
CA LEU H 91 13.13 -2.90 65.46
C LEU H 91 12.29 -3.99 64.81
N GLN H 92 10.97 -3.82 64.76
CA GLN H 92 10.14 -4.75 64.00
C GLN H 92 10.54 -4.77 62.52
N SER H 93 11.04 -3.65 62.02
CA SER H 93 11.61 -3.64 60.68
C SER H 93 12.72 -4.68 60.57
N GLU H 94 12.60 -5.58 59.60
CA GLU H 94 13.46 -6.75 59.56
C GLU H 94 14.90 -6.41 59.24
N ARG H 95 15.14 -5.84 58.06
CA ARG H 95 16.51 -5.63 57.59
C ARG H 95 17.29 -4.66 58.47
N PHE H 96 16.61 -3.75 59.15
CA PHE H 96 17.32 -2.74 59.92
C PHE H 96 18.07 -3.32 61.10
N ARG H 97 17.73 -4.54 61.54
CA ARG H 97 18.54 -5.19 62.58
C ARG H 97 19.99 -5.33 62.12
N GLN H 98 20.21 -6.12 61.07
CA GLN H 98 21.57 -6.29 60.58
C GLN H 98 22.13 -5.00 59.98
N GLU H 99 21.26 -4.10 59.51
CA GLU H 99 21.76 -2.82 59.03
C GLU H 99 22.38 -2.01 60.16
N ILE H 100 21.72 -1.94 61.31
CA ILE H 100 22.26 -1.23 62.47
C ILE H 100 23.40 -1.99 63.11
N LEU H 101 23.50 -3.31 62.88
CA LEU H 101 24.63 -4.08 63.38
C LEU H 101 25.97 -3.41 63.09
N VAL H 102 26.08 -2.71 61.97
CA VAL H 102 27.27 -1.93 61.63
C VAL H 102 27.49 -0.86 62.70
N PRO H 103 28.69 -0.78 63.29
CA PRO H 103 28.90 0.18 64.38
C PRO H 103 28.77 1.63 63.96
N ASP H 104 29.18 1.97 62.73
CA ASP H 104 29.19 3.37 62.32
C ASP H 104 27.78 3.92 62.18
N VAL H 105 26.89 3.15 61.55
CA VAL H 105 25.51 3.63 61.45
C VAL H 105 24.83 3.61 62.81
N ALA H 106 25.23 2.67 63.68
CA ALA H 106 24.72 2.68 65.05
C ALA H 106 25.09 3.99 65.74
N TRP H 107 26.32 4.47 65.51
CA TRP H 107 26.70 5.78 66.04
C TRP H 107 25.89 6.88 65.39
N GLN H 108 25.76 6.84 64.05
CA GLN H 108 25.01 7.88 63.35
C GLN H 108 23.59 8.01 63.85
N LEU H 109 23.01 6.91 64.35
CA LEU H 109 21.72 7.00 65.01
C LEU H 109 21.77 7.90 66.24
N ARG H 110 22.93 7.97 66.91
CA ARG H 110 23.05 8.82 68.09
C ARG H 110 23.18 10.29 67.70
N LEU H 111 22.11 10.87 67.16
CA LEU H 111 22.03 12.30 66.93
C LEU H 111 20.59 12.67 66.66
N GLU H 112 20.13 13.75 67.30
CA GLU H 112 18.80 14.26 67.06
C GLU H 112 18.70 15.67 67.60
N GLY H 113 17.99 16.52 66.86
CA GLY H 113 17.75 17.89 67.27
C GLY H 113 16.63 18.01 68.28
N MET H 114 16.91 17.70 69.54
CA MET H 114 15.94 17.88 70.62
C MET H 114 15.23 19.22 70.54
N LYS H 115 16.01 20.30 70.39
CA LYS H 115 15.43 21.64 70.36
C LYS H 115 14.50 21.81 69.18
N ALA H 116 14.98 21.56 67.97
CA ALA H 116 14.16 21.74 66.78
C ALA H 116 12.90 20.90 66.83
N ALA H 117 13.03 19.65 67.29
CA ALA H 117 11.87 18.78 67.46
C ALA H 117 11.13 19.16 68.72
N VAL H 118 10.52 20.34 68.73
CA VAL H 118 9.81 20.79 69.92
C VAL H 118 8.49 20.05 70.09
N LEU H 119 7.98 19.43 69.02
CA LEU H 119 6.63 18.89 69.03
C LEU H 119 6.61 17.48 68.45
N TRP H 120 7.49 16.60 68.95
CA TRP H 120 7.37 15.16 68.76
C TRP H 120 7.39 14.78 67.27
N HIS H 121 8.58 14.88 66.69
CA HIS H 121 8.81 14.35 65.36
C HIS H 121 8.27 12.93 65.26
N LYS H 122 7.64 12.62 64.14
CA LYS H 122 7.13 11.28 63.90
C LYS H 122 6.74 11.10 62.44
N ALA I 7 67.59 -14.56 65.43
CA ALA I 7 66.58 -13.74 64.77
C ALA I 7 66.77 -13.63 63.24
N PRO I 8 67.98 -13.32 62.76
CA PRO I 8 68.14 -13.22 61.30
C PRO I 8 67.90 -14.52 60.55
N GLU I 9 68.08 -15.66 61.20
CA GLU I 9 67.97 -16.96 60.54
C GLU I 9 66.57 -17.22 59.98
N GLU I 10 65.54 -16.53 60.48
CA GLU I 10 64.18 -16.71 59.99
C GLU I 10 63.70 -15.56 59.11
N LEU I 11 64.58 -14.57 58.86
CA LEU I 11 64.24 -13.52 57.91
C LEU I 11 63.97 -14.10 56.52
N LYS I 12 64.74 -15.11 56.12
CA LYS I 12 64.49 -15.74 54.83
C LYS I 12 63.13 -16.45 54.82
N GLN I 13 62.77 -17.07 55.94
CA GLN I 13 61.45 -17.70 56.04
C GLN I 13 60.34 -16.67 55.86
N LEU I 14 60.38 -15.60 56.64
CA LEU I 14 59.32 -14.60 56.53
C LEU I 14 59.31 -13.94 55.16
N GLU I 15 60.47 -13.75 54.55
CA GLU I 15 60.51 -13.18 53.20
C GLU I 15 59.88 -14.12 52.19
N LEU I 16 60.15 -15.42 52.31
CA LEU I 16 59.50 -16.39 51.44
C LEU I 16 57.99 -16.37 51.61
N LEU I 17 57.53 -16.23 52.87
CA LEU I 17 56.11 -16.07 53.12
C LEU I 17 55.56 -14.87 52.35
N ARG I 18 56.24 -13.72 52.47
CA ARG I 18 55.78 -12.51 51.78
C ARG I 18 55.72 -12.71 50.27
N ASN I 19 56.74 -13.36 49.71
CA ASN I 19 56.79 -13.56 48.26
C ASN I 19 55.65 -14.46 47.79
N ARG I 20 55.42 -15.56 48.50
CA ARG I 20 54.33 -16.46 48.13
C ARG I 20 52.98 -15.75 48.26
N PHE I 21 52.83 -14.91 49.29
CA PHE I 21 51.61 -14.15 49.46
C PHE I 21 51.40 -13.17 48.32
N ALA I 22 52.48 -12.52 47.88
CA ALA I 22 52.37 -11.62 46.75
C ALA I 22 52.00 -12.38 45.48
N GLN I 23 52.50 -13.60 45.33
CA GLN I 23 52.10 -14.42 44.18
C GLN I 23 50.60 -14.71 44.22
N LEU I 24 50.09 -15.04 45.41
CA LEU I 24 48.65 -15.21 45.59
C LEU I 24 47.88 -13.97 45.14
N GLN I 25 48.31 -12.79 45.62
CA GLN I 25 47.58 -11.57 45.28
C GLN I 25 47.65 -11.28 43.78
N SER I 26 48.81 -11.52 43.15
CA SER I 26 48.93 -11.33 41.71
C SER I 26 47.98 -12.24 40.95
N SER I 27 47.94 -13.51 41.34
CA SER I 27 47.02 -14.45 40.69
C SER I 27 45.57 -14.03 40.88
N LEU I 28 45.23 -13.61 42.10
CA LEU I 28 43.87 -13.17 42.38
C LEU I 28 43.48 -11.99 41.49
N THR I 29 44.37 -11.00 41.38
CA THR I 29 44.09 -9.85 40.53
C THR I 29 43.94 -10.25 39.07
N SER I 30 44.80 -11.15 38.60
CA SER I 30 44.69 -11.61 37.21
C SER I 30 43.34 -12.26 36.96
N LEU I 31 42.89 -13.12 37.89
CA LEU I 31 41.57 -13.73 37.75
C LEU I 31 40.47 -12.68 37.74
N ALA I 32 40.54 -11.72 38.67
CA ALA I 32 39.54 -10.66 38.72
C ALA I 32 39.45 -9.92 37.41
N GLY I 33 40.60 -9.61 36.80
CA GLY I 33 40.59 -8.94 35.51
C GLY I 33 39.98 -9.81 34.42
N ASN I 34 40.46 -11.04 34.29
CA ASN I 34 40.00 -11.93 33.22
C ASN I 34 38.51 -12.20 33.31
N LEU I 35 37.94 -12.17 34.52
CA LEU I 35 36.51 -12.40 34.66
C LEU I 35 35.71 -11.37 33.89
N ILE I 36 35.89 -10.09 34.23
CA ILE I 36 35.14 -9.02 33.58
C ILE I 36 35.65 -8.73 32.18
N ARG I 37 36.82 -9.27 31.81
CA ARG I 37 37.32 -9.08 30.44
C ARG I 37 36.28 -9.44 29.39
N THR I 38 35.42 -10.42 29.67
CA THR I 38 34.28 -10.73 28.82
C THR I 38 33.02 -10.78 29.68
N GLU I 39 31.86 -10.81 29.02
CA GLU I 39 30.61 -10.73 29.77
C GLU I 39 30.20 -12.07 30.40
N PRO I 40 30.24 -13.22 29.70
CA PRO I 40 29.73 -14.44 30.32
C PRO I 40 30.82 -15.16 31.11
N LEU I 41 30.50 -16.32 31.67
CA LEU I 41 31.53 -17.20 32.18
C LEU I 41 32.47 -17.54 31.02
N PRO I 42 33.75 -17.17 31.10
CA PRO I 42 34.61 -17.38 29.92
C PRO I 42 34.72 -18.83 29.51
N THR I 43 35.23 -19.70 30.38
CA THR I 43 35.24 -21.14 30.18
C THR I 43 35.27 -21.79 31.55
N TYR I 44 34.52 -22.90 31.68
CA TYR I 44 34.61 -23.69 32.90
C TYR I 44 36.06 -24.12 33.17
N GLU I 45 36.80 -24.41 32.09
CA GLU I 45 38.17 -24.87 32.24
C GLU I 45 39.08 -23.78 32.77
N SER I 46 38.81 -22.53 32.40
CA SER I 46 39.60 -21.43 32.98
C SER I 46 39.40 -21.36 34.49
N LEU I 47 38.16 -21.43 34.95
CA LEU I 47 37.89 -21.45 36.38
C LEU I 47 38.60 -22.63 37.04
N GLN I 48 38.54 -23.79 36.40
CA GLN I 48 39.24 -24.97 36.91
C GLN I 48 40.73 -24.70 37.09
N ALA I 49 41.38 -24.23 36.04
CA ALA I 49 42.82 -23.97 36.08
C ALA I 49 43.16 -22.95 37.16
N SER I 50 42.40 -21.85 37.23
CA SER I 50 42.69 -20.82 38.22
C SER I 50 42.54 -21.36 39.64
N ALA I 51 41.47 -22.13 39.88
CA ALA I 51 41.28 -22.72 41.20
C ALA I 51 42.45 -23.62 41.56
N SER I 52 42.89 -24.46 40.62
CA SER I 52 44.06 -25.29 40.87
C SER I 52 45.26 -24.44 41.24
N ILE I 53 45.48 -23.36 40.47
CA ILE I 53 46.61 -22.46 40.72
C ILE I 53 46.58 -21.96 42.16
N LEU I 54 45.45 -21.40 42.56
CA LEU I 54 45.29 -20.94 43.93
C LEU I 54 45.59 -22.05 44.92
N GLN I 55 45.14 -23.27 44.59
CA GLN I 55 45.31 -24.38 45.52
C GLN I 55 46.78 -24.70 45.75
N GLN I 56 47.61 -24.59 44.71
CA GLN I 56 49.03 -24.92 44.90
C GLN I 56 49.68 -24.02 45.95
N ASN I 57 49.58 -22.71 45.78
CA ASN I 57 50.25 -21.85 46.77
C ASN I 57 49.49 -21.78 48.10
N LEU I 58 48.21 -22.14 48.14
CA LEU I 58 47.59 -22.41 49.43
C LEU I 58 48.30 -23.56 50.12
N ARG I 59 48.54 -24.65 49.40
CA ARG I 59 49.37 -25.72 49.92
C ARG I 59 50.72 -25.20 50.37
N SER I 60 51.27 -24.25 49.61
CA SER I 60 52.57 -23.69 49.97
C SER I 60 52.55 -23.07 51.36
N ILE I 61 51.58 -22.19 51.61
CA ILE I 61 51.46 -21.58 52.94
C ILE I 61 51.24 -22.65 54.00
N GLN I 62 50.33 -23.60 53.73
CA GLN I 62 50.04 -24.66 54.69
C GLN I 62 51.32 -25.39 55.09
N GLU I 63 52.13 -25.78 54.09
CA GLU I 63 53.42 -26.39 54.35
C GLU I 63 54.28 -25.49 55.23
N LEU I 64 54.41 -24.22 54.85
CA LEU I 64 55.32 -23.33 55.57
C LEU I 64 54.90 -23.12 57.02
N MET I 65 53.65 -23.41 57.34
CA MET I 65 53.20 -23.24 58.72
C MET I 65 53.87 -24.24 59.68
N THR I 66 53.70 -25.53 59.40
CA THR I 66 53.88 -26.55 60.44
C THR I 66 55.30 -26.60 60.97
N GLU I 67 56.27 -26.83 60.08
CA GLU I 67 57.62 -27.20 60.50
C GLU I 67 58.24 -26.20 61.46
N ASN I 68 57.74 -24.96 61.49
CA ASN I 68 58.30 -23.94 62.37
C ASN I 68 57.23 -23.24 63.21
N SER I 69 56.01 -23.78 63.23
CA SER I 69 54.94 -23.26 64.10
C SER I 69 55.42 -22.88 65.50
N ASP I 70 56.13 -23.80 66.17
CA ASP I 70 56.51 -23.58 67.56
C ASP I 70 57.27 -22.27 67.74
N ILE I 71 58.16 -21.95 66.81
CA ILE I 71 58.91 -20.70 66.91
C ILE I 71 57.96 -19.51 66.85
N PHE I 72 56.94 -19.58 65.99
CA PHE I 72 55.94 -18.52 65.95
C PHE I 72 55.21 -18.42 67.29
N LYS I 73 54.93 -19.57 67.91
CA LYS I 73 54.30 -19.55 69.23
C LYS I 73 55.16 -18.82 70.24
N ARG I 74 56.46 -19.11 70.26
CA ARG I 74 57.35 -18.46 71.21
C ARG I 74 57.54 -16.98 70.89
N ILE I 75 57.41 -16.61 69.62
CA ILE I 75 57.73 -15.25 69.20
C ILE I 75 56.68 -14.27 69.75
N ALA I 76 57.14 -13.25 70.45
CA ALA I 76 56.31 -12.15 70.87
C ALA I 76 56.56 -10.95 69.94
N ILE I 77 55.97 -9.80 70.27
CA ILE I 77 56.19 -8.60 69.47
C ILE I 77 57.64 -8.17 69.62
N HIS I 78 58.39 -8.23 68.52
CA HIS I 78 59.81 -7.87 68.51
C HIS I 78 60.11 -7.15 67.20
N PRO I 79 59.55 -5.95 67.00
CA PRO I 79 59.59 -5.32 65.68
C PRO I 79 60.94 -4.70 65.34
N SER I 80 61.05 -4.13 64.14
CA SER I 80 62.31 -3.54 63.69
C SER I 80 62.09 -2.76 62.40
N THR I 81 62.86 -1.68 62.24
CA THR I 81 63.04 -0.86 61.04
C THR I 81 61.87 0.08 60.70
N ASN I 82 60.71 -0.07 61.33
CA ASN I 82 59.70 0.97 61.17
C ASN I 82 58.79 1.18 62.37
N PHE I 83 59.00 0.48 63.50
CA PHE I 83 57.93 0.39 64.50
C PHE I 83 57.69 1.69 65.25
N PRO I 84 58.65 2.23 66.02
CA PRO I 84 58.30 3.25 67.01
C PRO I 84 57.68 4.52 66.44
N GLY I 85 57.80 4.76 65.14
CA GLY I 85 57.26 5.97 64.56
C GLY I 85 55.79 5.89 64.18
N ARG I 86 55.45 4.91 63.35
CA ARG I 86 54.11 4.79 62.79
C ARG I 86 53.06 4.34 63.81
N THR I 87 53.42 4.19 65.08
CA THR I 87 52.54 3.57 66.07
C THR I 87 51.59 4.56 66.73
N GLN I 88 51.20 5.63 66.04
CA GLN I 88 50.18 6.53 66.56
C GLN I 88 48.79 6.11 66.10
N GLU I 89 48.60 5.99 64.78
CA GLU I 89 47.31 5.63 64.21
C GLU I 89 46.83 4.30 64.80
N HIS I 90 45.58 4.29 65.29
CA HIS I 90 45.04 3.14 65.99
C HIS I 90 44.54 2.04 65.06
N MET I 91 45.01 2.02 63.81
CA MET I 91 44.75 0.91 62.92
C MET I 91 45.49 -0.36 63.33
N LEU I 92 46.31 -0.31 64.39
CA LEU I 92 46.97 -1.52 64.87
C LEU I 92 45.96 -2.54 65.39
N LEU I 93 44.91 -2.07 66.05
CA LEU I 93 43.83 -2.96 66.48
C LEU I 93 43.20 -3.67 65.27
N GLN I 94 42.87 -2.90 64.24
CA GLN I 94 42.31 -3.49 63.03
C GLN I 94 43.28 -4.50 62.42
N LEU I 95 44.58 -4.18 62.43
CA LEU I 95 45.57 -5.12 61.93
C LEU I 95 45.61 -6.39 62.76
N LEU I 96 45.34 -6.29 64.06
CA LEU I 96 45.48 -7.41 64.98
C LEU I 96 44.12 -7.84 65.55
N ARG I 97 43.07 -7.77 64.75
CA ARG I 97 41.74 -8.24 65.17
C ARG I 97 41.78 -9.75 65.30
N LYS I 98 41.96 -10.26 66.51
CA LYS I 98 41.82 -11.70 66.74
C LYS I 98 40.36 -12.11 66.91
N LYS I 99 39.44 -11.16 66.96
CA LYS I 99 38.03 -11.50 66.97
C LYS I 99 37.67 -12.25 65.71
N LEU I 100 37.09 -13.43 65.86
CA LEU I 100 36.73 -14.24 64.71
C LEU I 100 35.55 -13.62 63.98
N GLU I 101 35.50 -13.85 62.71
CA GLU I 101 34.39 -13.35 61.92
C GLU I 101 33.19 -14.28 62.05
N PRO I 102 31.98 -13.77 61.78
CA PRO I 102 30.76 -14.59 61.95
C PRO I 102 30.85 -15.99 61.37
N GLU I 103 31.53 -16.17 60.24
CA GLU I 103 31.66 -17.51 59.67
C GLU I 103 32.60 -18.36 60.50
N VAL I 104 33.74 -17.77 60.89
CA VAL I 104 34.67 -18.46 61.76
C VAL I 104 33.99 -18.91 63.04
N GLU I 105 33.05 -18.10 63.54
CA GLU I 105 32.28 -18.50 64.71
C GLU I 105 31.32 -19.62 64.38
N SER I 106 30.50 -19.42 63.35
CA SER I 106 29.46 -20.38 62.99
C SER I 106 30.02 -21.73 62.58
N TRP I 107 31.33 -21.86 62.38
CA TRP I 107 31.91 -23.19 62.26
C TRP I 107 31.42 -24.06 63.41
N VAL I 108 31.09 -25.31 63.09
CA VAL I 108 30.42 -26.18 64.05
C VAL I 108 31.31 -27.32 64.48
N GLU I 109 32.02 -27.14 65.60
CA GLU I 109 32.62 -28.27 66.28
C GLU I 109 31.54 -29.17 66.87
N GLU I 110 30.41 -28.58 67.22
CA GLU I 110 29.17 -29.33 67.41
C GLU I 110 28.81 -30.08 66.14
N ALA I 111 27.96 -31.09 66.29
CA ALA I 111 27.57 -32.05 65.26
C ALA I 111 28.73 -32.96 64.88
N ARG I 112 29.92 -32.73 65.40
CA ARG I 112 31.02 -33.67 65.36
C ARG I 112 31.49 -34.07 66.75
N GLU I 113 31.27 -33.19 67.74
CA GLU I 113 31.59 -33.53 69.13
C GLU I 113 30.94 -34.84 69.57
N THR I 114 29.87 -35.27 68.90
CA THR I 114 29.20 -36.51 69.25
C THR I 114 30.16 -37.69 69.16
N ALA I 115 30.44 -38.31 70.30
CA ALA I 115 31.36 -39.44 70.39
C ALA I 115 32.74 -39.07 69.81
N ARG I 116 33.37 -38.08 70.45
CA ARG I 116 34.63 -37.54 69.97
C ARG I 116 35.82 -37.93 70.82
N ALA I 117 35.73 -37.80 72.13
CA ALA I 117 36.86 -38.10 73.01
C ALA I 117 36.44 -39.03 74.14
N PHE I 160 41.40 -44.65 68.16
CA PHE I 160 40.28 -43.77 67.86
C PHE I 160 40.18 -43.47 66.36
N ASN I 161 39.76 -42.26 66.00
CA ASN I 161 39.54 -41.88 64.61
C ASN I 161 40.85 -41.85 63.83
N GLU I 162 41.97 -42.02 64.51
CA GLU I 162 43.26 -42.20 63.86
C GLU I 162 43.49 -43.69 63.63
N GLN I 163 44.72 -44.08 63.32
CA GLN I 163 45.10 -45.45 63.01
C GLN I 163 44.36 -45.98 61.79
N TRP I 164 44.01 -45.11 60.85
CA TRP I 164 43.33 -45.55 59.65
C TRP I 164 44.16 -45.26 58.41
N ALA I 165 45.47 -45.49 58.52
CA ALA I 165 46.36 -45.49 57.36
C ALA I 165 46.40 -46.85 56.68
N ASP I 166 45.89 -47.90 57.34
CA ASP I 166 45.65 -49.16 56.67
C ASP I 166 44.77 -48.99 55.43
N MET I 167 43.83 -48.03 55.46
CA MET I 167 43.12 -47.62 54.26
C MET I 167 44.09 -47.33 53.13
N LEU I 168 45.02 -46.40 53.37
CA LEU I 168 46.02 -46.05 52.37
C LEU I 168 46.89 -47.23 51.99
N GLU I 169 47.15 -48.14 52.93
CA GLU I 169 47.93 -49.33 52.62
C GLU I 169 47.21 -50.18 51.57
N THR I 170 45.95 -50.50 51.84
CA THR I 170 45.15 -51.26 50.88
C THR I 170 45.07 -50.54 49.55
N PHE I 171 44.95 -49.21 49.59
CA PHE I 171 44.87 -48.43 48.36
C PHE I 171 46.16 -48.52 47.57
N GLN I 172 47.30 -48.39 48.24
CA GLN I 172 48.59 -48.57 47.58
C GLN I 172 48.69 -49.95 46.94
N HIS I 173 48.29 -50.99 47.68
CA HIS I 173 48.34 -52.34 47.12
C HIS I 173 47.50 -52.44 45.86
N SER I 174 46.25 -51.98 45.92
CA SER I 174 45.35 -52.08 44.78
C SER I 174 45.89 -51.32 43.58
N LEU I 175 46.33 -50.07 43.80
CA LEU I 175 46.80 -49.25 42.69
C LEU I 175 48.08 -49.83 42.09
N HIS I 176 48.99 -50.31 42.93
CA HIS I 176 50.22 -50.89 42.42
C HIS I 176 49.94 -52.15 41.61
N HIS I 177 49.00 -52.98 42.06
CA HIS I 177 48.64 -54.16 41.29
C HIS I 177 47.97 -53.77 39.97
N TYR I 178 47.16 -52.71 39.99
CA TYR I 178 46.52 -52.26 38.76
C TYR I 178 47.54 -51.75 37.76
N VAL I 179 48.59 -51.07 38.23
CA VAL I 179 49.64 -50.61 37.32
C VAL I 179 50.28 -51.80 36.60
N THR I 180 50.42 -52.92 37.30
CA THR I 180 50.92 -54.13 36.67
C THR I 180 49.90 -54.72 35.71
N VAL I 181 48.62 -54.64 36.06
CA VAL I 181 47.55 -55.22 35.24
C VAL I 181 47.35 -54.33 34.02
N GLN I 182 47.88 -54.77 32.87
CA GLN I 182 47.59 -54.12 31.60
C GLN I 182 47.37 -55.14 30.49
N LEU I 183 46.93 -56.34 30.82
CA LEU I 183 46.62 -57.34 29.82
C LEU I 183 45.40 -56.90 29.01
N LYS I 184 45.60 -56.71 27.71
CA LYS I 184 44.50 -56.27 26.85
C LYS I 184 43.38 -57.33 26.81
N LYS I 185 43.76 -58.60 26.70
CA LYS I 185 42.79 -59.65 26.47
C LYS I 185 41.89 -59.87 27.69
N GLN I 186 40.59 -59.92 27.43
CA GLN I 186 39.57 -60.42 28.34
C GLN I 186 39.30 -59.51 29.54
N TYR I 187 40.11 -58.49 29.73
CA TYR I 187 39.95 -57.53 30.82
C TYR I 187 39.64 -58.24 32.15
N THR I 188 40.57 -59.09 32.57
CA THR I 188 40.52 -59.83 33.83
C THR I 188 39.37 -60.84 33.87
N VAL I 189 38.79 -61.21 32.73
CA VAL I 189 37.82 -62.29 32.72
C VAL I 189 38.49 -63.64 32.96
N GLU I 190 39.64 -63.86 32.33
CA GLU I 190 40.43 -65.08 32.51
C GLU I 190 39.58 -66.33 32.27
N GLU I 191 39.10 -66.46 31.05
CA GLU I 191 38.27 -67.59 30.65
C GLU I 191 38.70 -68.07 29.27
N GLN I 192 37.77 -68.70 28.56
CA GLN I 192 38.03 -69.16 27.20
C GLN I 192 38.48 -68.01 26.33
N GLU I 193 39.12 -68.36 25.21
CA GLU I 193 39.67 -67.41 24.23
C GLU I 193 38.60 -66.36 23.93
N MET I 194 37.44 -66.74 23.41
CA MET I 194 36.37 -65.77 23.14
C MET I 194 35.02 -66.47 23.04
N PRO J 18 39.87 -58.51 13.75
CA PRO J 18 40.45 -59.76 13.27
C PRO J 18 39.36 -60.81 13.02
N VAL J 19 38.27 -60.70 13.77
CA VAL J 19 37.12 -61.59 13.65
C VAL J 19 37.53 -63.05 13.88
N ASP J 20 38.07 -63.32 15.08
CA ASP J 20 38.52 -64.66 15.40
C ASP J 20 37.35 -65.64 15.45
N ILE J 21 36.40 -65.43 16.36
CA ILE J 21 35.28 -66.34 16.47
C ILE J 21 34.39 -66.26 15.23
N HIS J 22 34.07 -65.06 14.79
CA HIS J 22 33.25 -64.84 13.60
C HIS J 22 33.36 -63.38 13.22
N LYS J 23 32.91 -63.06 12.00
CA LYS J 23 32.85 -61.66 11.58
C LYS J 23 31.96 -60.85 12.53
N PRO J 24 30.68 -61.22 12.61
CA PRO J 24 29.74 -60.67 13.59
C PRO J 24 29.79 -59.14 13.64
N PHE J 25 30.01 -58.52 12.47
CA PHE J 25 30.09 -57.08 12.42
C PHE J 25 28.76 -56.43 12.80
N THR J 26 27.68 -56.88 12.15
CA THR J 26 26.29 -56.46 12.35
C THR J 26 26.18 -55.01 12.79
N PRO J 27 26.62 -54.07 11.94
CA PRO J 27 26.71 -52.66 12.38
C PRO J 27 25.40 -52.09 12.88
N ALA J 28 24.29 -52.44 12.23
CA ALA J 28 23.00 -51.92 12.67
C ALA J 28 22.69 -52.32 14.11
N GLU J 29 23.11 -53.50 14.53
CA GLU J 29 22.84 -53.96 15.88
C GLU J 29 23.94 -53.50 16.83
N ARG J 30 25.18 -53.48 16.34
CA ARG J 30 26.38 -53.13 17.11
C ARG J 30 26.16 -51.93 18.04
N ILE J 31 25.34 -50.98 17.59
CA ILE J 31 24.99 -49.79 18.38
C ILE J 31 24.61 -50.14 19.82
N GLN J 32 23.99 -51.31 20.03
CA GLN J 32 23.46 -51.66 21.35
C GLN J 32 24.55 -51.63 22.43
N GLN J 33 25.76 -52.07 22.09
CA GLN J 33 26.85 -52.04 23.06
C GLN J 33 27.10 -50.63 23.58
N LEU J 34 27.32 -49.68 22.66
CA LEU J 34 27.55 -48.30 23.05
C LEU J 34 26.30 -47.67 23.65
N GLY J 35 25.15 -48.29 23.41
CA GLY J 35 23.92 -47.80 23.99
C GLY J 35 23.77 -48.23 25.43
N GLU J 36 24.42 -49.34 25.79
CA GLU J 36 24.32 -49.86 27.14
C GLU J 36 25.52 -49.55 28.03
N ILE J 37 26.67 -49.21 27.45
CA ILE J 37 27.83 -48.80 28.26
C ILE J 37 27.50 -47.60 29.15
N ASP J 38 26.55 -46.77 28.72
CA ASP J 38 26.13 -45.61 29.50
C ASP J 38 25.71 -46.01 30.91
N ASN J 39 25.16 -47.21 31.08
CA ASN J 39 24.75 -47.65 32.40
C ASN J 39 25.94 -47.84 33.33
N ASP J 40 27.01 -48.47 32.85
CA ASP J 40 28.22 -48.57 33.65
C ASP J 40 28.80 -47.19 33.94
N ILE J 41 28.84 -46.34 32.92
CA ILE J 41 29.38 -44.99 33.10
C ILE J 41 28.63 -44.26 34.21
N ALA J 42 27.29 -44.40 34.23
CA ALA J 42 26.50 -43.75 35.26
C ALA J 42 26.76 -44.39 36.62
N SER J 43 26.63 -45.71 36.71
CA SER J 43 26.81 -46.40 37.98
C SER J 43 28.21 -46.24 38.56
N LEU J 44 29.14 -45.67 37.79
CA LEU J 44 30.41 -45.26 38.37
C LEU J 44 30.20 -44.39 39.62
N LEU J 45 29.23 -43.48 39.58
CA LEU J 45 28.99 -42.62 40.72
C LEU J 45 28.44 -43.38 41.91
N GLN J 46 27.62 -44.41 41.66
CA GLN J 46 27.19 -45.29 42.74
C GLN J 46 28.38 -46.00 43.36
N HIS J 47 29.23 -46.59 42.52
CA HIS J 47 30.44 -47.24 43.02
C HIS J 47 31.33 -46.26 43.78
N LEU J 48 31.20 -44.96 43.51
CA LEU J 48 32.02 -43.98 44.19
C LEU J 48 31.44 -43.59 45.55
N SER J 49 30.19 -43.13 45.57
CA SER J 49 29.61 -42.54 46.77
C SER J 49 29.70 -43.45 48.00
N ALA J 50 29.68 -44.76 47.78
CA ALA J 50 29.77 -45.70 48.89
C ALA J 50 31.08 -45.53 49.65
N ALA J 51 32.16 -45.23 48.94
CA ALA J 51 33.44 -45.04 49.62
C ALA J 51 33.38 -43.89 50.61
N LEU J 52 32.84 -42.74 50.17
CA LEU J 52 32.69 -41.62 51.09
C LEU J 52 31.77 -41.97 52.24
N LYS J 53 30.65 -42.63 51.95
CA LYS J 53 29.71 -42.96 53.01
C LYS J 53 30.35 -43.88 54.04
N ALA J 54 31.26 -44.75 53.61
CA ALA J 54 31.92 -45.65 54.54
C ALA J 54 33.01 -44.93 55.32
N LEU J 55 33.78 -44.05 54.67
CA LEU J 55 34.83 -43.32 55.38
C LEU J 55 34.25 -42.30 56.35
N ALA J 56 33.00 -41.90 56.17
CA ALA J 56 32.41 -40.91 57.07
C ALA J 56 32.36 -41.42 58.51
N THR J 57 31.64 -42.50 58.75
CA THR J 57 31.40 -42.97 60.10
C THR J 57 32.67 -43.53 60.72
N PRO J 58 32.81 -43.43 62.05
CA PRO J 58 33.98 -43.96 62.77
C PRO J 58 33.85 -45.45 63.09
N ASP J 93 34.15 -48.01 60.36
CA ASP J 93 33.77 -49.28 59.76
C ASP J 93 35.00 -50.06 59.30
N PRO J 94 34.87 -51.38 59.20
CA PRO J 94 35.91 -52.20 58.56
C PRO J 94 36.45 -51.55 57.30
N VAL J 95 37.78 -51.39 57.25
CA VAL J 95 38.41 -50.49 56.29
C VAL J 95 37.91 -50.73 54.87
N THR J 96 38.10 -51.95 54.35
CA THR J 96 37.57 -52.30 53.04
C THR J 96 36.59 -53.46 53.08
N ALA J 97 36.57 -54.22 54.18
CA ALA J 97 35.61 -55.30 54.34
C ALA J 97 34.18 -54.78 54.39
N PHE J 98 34.00 -53.49 54.68
CA PHE J 98 32.71 -52.85 54.55
C PHE J 98 32.66 -51.91 53.35
N LYS J 99 33.73 -51.83 52.57
CA LYS J 99 33.70 -50.96 51.38
C LYS J 99 33.51 -51.74 50.09
N THR J 100 34.50 -52.58 49.75
CA THR J 100 34.54 -53.34 48.49
C THR J 100 34.51 -52.40 47.28
N ALA J 101 34.46 -51.10 47.55
CA ALA J 101 34.13 -50.14 46.51
C ALA J 101 35.32 -49.86 45.61
N GLN J 102 36.53 -49.86 46.16
CA GLN J 102 37.71 -49.65 45.32
C GLN J 102 37.78 -50.73 44.23
N ASN J 103 37.58 -51.99 44.61
CA ASN J 103 37.69 -53.06 43.62
C ASN J 103 36.50 -53.07 42.67
N ASP J 104 35.29 -52.78 43.17
CA ASP J 104 34.16 -52.59 42.27
C ASP J 104 34.47 -51.53 41.21
N PHE J 105 34.96 -50.38 41.68
CA PHE J 105 35.36 -49.27 40.82
C PHE J 105 36.34 -49.74 39.74
N PHE J 106 37.45 -50.34 40.17
CA PHE J 106 38.48 -50.75 39.23
C PHE J 106 37.95 -51.74 38.21
N ARG J 107 37.11 -52.68 38.66
CA ARG J 107 36.51 -53.64 37.75
C ARG J 107 35.70 -52.92 36.66
N THR J 108 34.78 -52.05 37.07
CA THR J 108 33.96 -51.36 36.07
C THR J 108 34.80 -50.51 35.13
N ILE J 109 35.84 -49.86 35.66
CA ILE J 109 36.69 -49.02 34.80
C ILE J 109 37.40 -49.87 33.76
N ASP J 110 38.01 -50.96 34.18
CA ASP J 110 38.70 -51.82 33.21
C ASP J 110 37.73 -52.38 32.18
N ARG J 111 36.52 -52.73 32.61
CA ARG J 111 35.52 -53.23 31.68
C ARG J 111 35.18 -52.19 30.63
N ILE J 112 34.90 -50.96 31.06
CA ILE J 112 34.57 -49.89 30.13
C ILE J 112 35.72 -49.69 29.15
N ASP J 113 36.95 -49.67 29.65
CA ASP J 113 38.09 -49.42 28.77
C ASP J 113 38.23 -50.52 27.73
N LYS J 114 38.06 -51.78 28.14
CA LYS J 114 38.17 -52.89 27.21
C LYS J 114 37.09 -52.82 26.13
N HIS J 115 35.83 -52.60 26.54
CA HIS J 115 34.76 -52.55 25.55
C HIS J 115 34.97 -51.41 24.56
N LEU J 116 35.39 -50.25 25.07
CA LEU J 116 35.63 -49.13 24.17
C LEU J 116 36.78 -49.42 23.22
N THR J 117 37.82 -50.10 23.68
CA THR J 117 38.92 -50.42 22.78
C THR J 117 38.48 -51.43 21.72
N ARG J 118 37.67 -52.42 22.11
CA ARG J 118 37.15 -53.36 21.14
C ARG J 118 36.31 -52.65 20.08
N GLN J 119 35.57 -51.61 20.48
CA GLN J 119 34.83 -50.82 19.51
C GLN J 119 35.76 -50.05 18.58
N ILE J 120 36.77 -49.38 19.15
CA ILE J 120 37.75 -48.67 18.34
C ILE J 120 38.32 -49.57 17.26
N TYR J 121 38.65 -50.81 17.62
CA TYR J 121 39.27 -51.68 16.63
C TYR J 121 38.26 -52.35 15.71
N ALA J 122 37.02 -52.57 16.16
CA ALA J 122 35.98 -52.99 15.24
C ALA J 122 35.76 -51.96 14.16
N LEU J 123 35.94 -50.68 14.48
CA LEU J 123 35.95 -49.64 13.47
C LEU J 123 37.35 -49.48 12.90
N GLU J 124 37.43 -49.03 11.65
CA GLU J 124 38.72 -48.66 11.07
C GLU J 124 38.46 -47.69 9.91
N GLU J 125 38.79 -46.41 10.12
CA GLU J 125 38.73 -45.42 9.05
C GLU J 125 39.91 -44.45 9.16
N ALA J 126 41.02 -44.91 9.73
CA ALA J 126 42.29 -44.18 9.79
C ALA J 126 42.15 -42.71 10.17
N GLY J 127 41.37 -42.42 11.20
CA GLY J 127 41.18 -41.05 11.62
C GLY J 127 40.22 -40.30 10.72
N ILE J 128 40.67 -40.01 9.50
CA ILE J 128 39.81 -39.40 8.49
C ILE J 128 40.46 -39.61 7.13
N ILE J 129 39.63 -39.88 6.12
CA ILE J 129 40.06 -39.94 4.74
C ILE J 129 38.86 -39.53 3.89
N THR J 130 39.12 -38.77 2.82
CA THR J 130 38.07 -38.03 2.11
C THR J 130 37.34 -37.12 3.09
N LEU J 131 38.11 -36.15 3.60
CA LEU J 131 37.79 -35.46 4.84
C LEU J 131 36.40 -34.82 4.84
N LYS J 132 35.90 -34.40 3.68
CA LYS J 132 34.79 -33.46 3.65
C LYS J 132 33.46 -34.14 3.97
N SER J 133 32.86 -33.72 5.09
CA SER J 133 31.47 -33.99 5.45
C SER J 133 31.04 -35.44 5.32
N GLY J 134 31.95 -36.39 5.55
CA GLY J 134 31.58 -37.79 5.57
C GLY J 134 30.92 -38.22 4.29
N THR J 135 29.62 -38.46 4.34
CA THR J 135 28.81 -38.69 3.15
C THR J 135 27.67 -37.68 3.10
N GLY J 136 27.99 -36.43 3.46
CA GLY J 136 27.19 -35.32 2.97
C GLY J 136 27.08 -35.31 1.47
N SER J 137 27.99 -36.01 0.80
CA SER J 137 27.85 -36.43 -0.60
C SER J 137 26.92 -37.63 -0.60
N GLY J 138 25.63 -37.37 -0.80
CA GLY J 138 24.63 -38.42 -0.73
C GLY J 138 23.48 -38.24 -1.71
N ALA J 139 23.07 -39.34 -2.33
CA ALA J 139 21.97 -39.33 -3.28
C ALA J 139 21.22 -40.66 -3.17
N GLY J 140 19.89 -40.58 -3.10
CA GLY J 140 19.09 -41.75 -2.82
C GLY J 140 18.20 -42.22 -3.96
N THR J 141 17.15 -42.96 -3.63
CA THR J 141 16.29 -43.62 -4.61
C THR J 141 14.85 -43.12 -4.52
N VAL J 142 14.66 -41.86 -4.11
CA VAL J 142 13.31 -41.32 -3.98
C VAL J 142 12.61 -41.30 -5.33
N GLY J 143 13.36 -41.11 -6.41
CA GLY J 143 12.80 -41.15 -7.74
C GLY J 143 12.07 -42.45 -8.05
N ALA J 144 12.80 -43.56 -7.97
CA ALA J 144 12.19 -44.87 -8.20
C ALA J 144 11.10 -45.15 -7.18
N GLY J 145 11.34 -44.80 -5.91
CA GLY J 145 10.33 -44.99 -4.90
C GLY J 145 9.01 -44.32 -5.26
N ALA J 146 9.09 -43.11 -5.83
CA ALA J 146 7.89 -42.41 -6.24
C ALA J 146 7.27 -43.06 -7.48
N THR J 147 8.10 -43.36 -8.48
CA THR J 147 7.57 -43.89 -9.74
C THR J 147 7.04 -45.31 -9.57
N GLU J 148 7.23 -45.87 -8.37
CA GLU J 148 6.61 -47.15 -8.05
C GLU J 148 5.10 -47.14 -8.30
N GLU J 149 4.45 -45.98 -8.13
CA GLU J 149 3.00 -45.93 -8.19
C GLU J 149 2.45 -46.45 -9.51
N GLN J 150 3.21 -46.32 -10.59
CA GLN J 150 2.75 -46.82 -11.89
C GLN J 150 2.34 -48.28 -11.79
N ALA J 151 3.21 -49.12 -11.26
CA ALA J 151 2.90 -50.54 -11.10
C ALA J 151 2.08 -50.82 -9.85
N GLN J 152 2.47 -50.25 -8.71
CA GLN J 152 1.81 -50.57 -7.46
C GLN J 152 0.33 -50.19 -7.51
N GLN J 153 0.02 -48.99 -7.96
CA GLN J 153 -1.33 -48.61 -8.26
C GLN J 153 -1.62 -48.89 -9.73
N LEU J 154 -2.82 -48.55 -10.16
CA LEU J 154 -3.33 -48.79 -11.49
C LEU J 154 -3.32 -50.26 -11.90
N PRO J 155 -3.89 -51.17 -11.10
CA PRO J 155 -4.58 -52.31 -11.71
C PRO J 155 -6.06 -51.94 -11.76
N GLN J 156 -6.32 -50.73 -12.25
CA GLN J 156 -7.60 -50.04 -12.12
C GLN J 156 -8.75 -50.68 -12.88
N PRO J 157 -8.55 -51.18 -14.11
CA PRO J 157 -9.69 -51.81 -14.80
C PRO J 157 -10.35 -52.91 -14.01
N GLN J 158 -9.65 -53.50 -13.04
CA GLN J 158 -10.21 -54.58 -12.24
C GLN J 158 -10.80 -54.03 -10.95
N PRO K 2 41.52 -19.67 -29.52
CA PRO K 2 40.51 -19.07 -28.67
C PRO K 2 41.05 -18.66 -27.30
N TYR K 3 40.28 -18.91 -26.25
CA TYR K 3 40.68 -18.56 -24.90
C TYR K 3 39.89 -19.40 -23.92
N GLU K 4 40.53 -19.78 -22.81
CA GLU K 4 39.91 -20.55 -21.74
C GLU K 4 40.94 -20.65 -20.62
N ILE K 5 40.47 -21.10 -19.46
CA ILE K 5 41.30 -21.19 -18.26
C ILE K 5 41.33 -22.65 -17.84
N PHE K 6 42.32 -23.38 -18.33
CA PHE K 6 42.45 -24.79 -18.01
C PHE K 6 43.13 -24.98 -16.66
N LEU K 7 43.19 -26.23 -16.22
CA LEU K 7 43.85 -26.63 -14.99
C LEU K 7 43.87 -28.15 -14.95
N ALA K 8 44.96 -28.71 -14.41
CA ALA K 8 45.10 -30.16 -14.42
C ALA K 8 46.07 -30.58 -13.31
N GLY K 9 46.00 -31.86 -12.97
CA GLY K 9 46.83 -32.47 -11.97
C GLY K 9 46.59 -33.98 -11.93
N VAL K 10 47.64 -34.76 -11.82
CA VAL K 10 47.56 -36.20 -12.05
C VAL K 10 47.38 -36.91 -10.71
N VAL K 11 46.77 -38.09 -10.78
CA VAL K 11 46.62 -38.98 -9.63
C VAL K 11 46.77 -40.41 -10.13
N SER K 12 47.36 -41.25 -9.27
CA SER K 12 47.59 -42.64 -9.66
C SER K 12 46.30 -43.45 -9.61
N ASP K 13 46.13 -44.33 -10.60
CA ASP K 13 44.96 -45.20 -10.70
C ASP K 13 45.20 -46.57 -10.10
N ASN K 14 46.05 -46.66 -9.08
CA ASN K 14 46.36 -47.94 -8.44
C ASN K 14 45.12 -48.61 -7.86
N LYS K 18 43.65 -45.77 -7.13
CA LYS K 18 42.68 -44.98 -6.38
C LYS K 18 41.62 -44.42 -7.30
N ALA K 19 41.45 -45.06 -8.46
CA ALA K 19 40.50 -44.57 -9.45
C ALA K 19 39.08 -44.56 -8.89
N ARG K 20 38.66 -45.67 -8.29
CA ARG K 20 37.28 -45.74 -7.78
C ARG K 20 37.08 -44.80 -6.60
N ALA K 21 38.07 -44.73 -5.70
CA ALA K 21 37.96 -43.84 -4.56
C ALA K 21 37.84 -42.38 -5.00
N VAL K 22 38.65 -41.98 -5.99
CA VAL K 22 38.60 -40.59 -6.43
C VAL K 22 37.33 -40.32 -7.23
N LEU K 23 36.83 -41.34 -7.95
CA LEU K 23 35.54 -41.18 -8.62
C LEU K 23 34.43 -40.94 -7.59
N GLY K 24 34.42 -41.73 -6.52
CA GLY K 24 33.52 -41.49 -5.42
C GLY K 24 33.64 -40.07 -4.90
N GLY K 25 34.84 -39.69 -4.49
CA GLY K 25 35.09 -38.38 -3.97
C GLY K 25 34.67 -37.24 -4.88
N PHE K 26 34.70 -37.49 -6.19
CA PHE K 26 34.34 -36.48 -7.17
C PHE K 26 32.86 -36.50 -7.54
N THR K 27 32.15 -37.58 -7.20
CA THR K 27 30.74 -37.69 -7.54
C THR K 27 29.92 -36.47 -7.15
N GLU K 28 30.33 -35.75 -6.11
CA GLU K 28 29.53 -34.65 -5.59
C GLU K 28 30.15 -33.28 -5.86
N MET K 29 31.44 -33.12 -5.60
CA MET K 29 32.10 -31.83 -5.76
C MET K 29 33.61 -31.97 -5.61
N ILE K 48 26.99 -34.16 -8.00
CA ILE K 48 25.76 -33.51 -8.45
C ILE K 48 25.05 -34.35 -9.51
N ARG K 49 25.82 -35.05 -10.34
CA ARG K 49 25.26 -35.84 -11.43
C ARG K 49 25.88 -37.24 -11.44
N GLY K 50 25.56 -37.99 -12.47
CA GLY K 50 26.11 -39.33 -12.62
C GLY K 50 27.51 -39.30 -13.19
N PHE K 51 27.80 -40.16 -14.15
CA PHE K 51 29.14 -40.15 -14.74
C PHE K 51 29.08 -40.64 -16.19
N PRO K 52 29.29 -39.75 -17.16
CA PRO K 52 29.24 -40.18 -18.57
C PRO K 52 30.61 -40.55 -19.11
N THR K 53 30.63 -41.61 -19.92
CA THR K 53 31.84 -42.12 -20.54
C THR K 53 31.82 -41.79 -22.03
N ILE K 54 33.00 -41.48 -22.58
CA ILE K 54 33.15 -41.11 -23.97
C ILE K 54 34.46 -41.67 -24.49
N LYS K 55 34.41 -42.38 -25.62
CA LYS K 55 35.59 -42.82 -26.34
C LYS K 55 35.82 -41.92 -27.54
N GLU K 56 37.06 -41.46 -27.71
CA GLU K 56 37.36 -40.48 -28.74
C GLU K 56 38.60 -40.94 -29.50
N LEU K 57 38.75 -40.44 -30.71
CA LEU K 57 39.92 -40.71 -31.53
C LEU K 57 40.40 -39.42 -32.16
N LEU K 58 41.66 -39.41 -32.60
CA LEU K 58 42.25 -38.22 -33.17
C LEU K 58 43.07 -38.58 -34.40
N LYS K 59 43.38 -37.56 -35.20
CA LYS K 59 44.22 -37.72 -36.37
C LYS K 59 45.04 -36.44 -36.52
N GLU K 60 46.28 -36.46 -36.06
CA GLU K 60 47.19 -35.35 -36.26
C GLU K 60 47.74 -35.40 -37.67
N ARG K 61 47.99 -34.22 -38.25
CA ARG K 61 48.54 -34.15 -39.59
C ARG K 61 49.63 -33.08 -39.64
N GLY K 62 50.52 -33.22 -40.62
CA GLY K 62 51.60 -32.27 -40.81
C GLY K 62 51.62 -31.73 -42.23
N PRO K 63 51.81 -30.42 -42.38
CA PRO K 63 51.83 -29.81 -43.70
C PRO K 63 53.24 -29.76 -44.30
N GLN K 69 53.27 -29.44 -45.60
CA GLN K 69 54.53 -29.41 -46.35
C GLN K 69 54.74 -28.14 -47.17
N GLU K 70 53.67 -27.56 -47.72
CA GLU K 70 53.82 -26.54 -48.77
C GLU K 70 54.05 -25.13 -48.23
N LEU K 71 53.81 -24.88 -46.95
CA LEU K 71 54.06 -23.57 -46.33
C LEU K 71 53.26 -22.47 -47.05
N HIS K 72 51.94 -22.59 -46.96
CA HIS K 72 51.01 -21.60 -47.51
C HIS K 72 50.05 -21.23 -46.38
N ASN K 73 50.38 -20.16 -45.66
CA ASN K 73 49.67 -19.77 -44.43
C ASN K 73 49.01 -18.41 -44.64
N ILE K 74 47.68 -18.42 -44.76
CA ILE K 74 46.88 -17.20 -44.65
C ILE K 74 46.43 -17.05 -43.21
N LEU K 75 45.71 -18.05 -42.71
CA LEU K 75 45.30 -18.13 -41.32
C LEU K 75 45.67 -19.49 -40.73
N VAL K 76 46.84 -20.00 -41.10
CA VAL K 76 47.26 -21.36 -40.76
C VAL K 76 48.37 -21.36 -39.72
N ARG K 77 49.48 -20.69 -40.00
CA ARG K 77 50.64 -20.64 -39.10
C ARG K 77 51.16 -22.05 -38.82
N GLN K 78 51.61 -22.70 -39.90
CA GLN K 78 51.97 -24.12 -39.86
C GLN K 78 53.01 -24.49 -38.81
N PRO K 79 54.14 -23.72 -38.61
CA PRO K 79 55.26 -24.25 -37.81
C PRO K 79 54.93 -25.01 -36.55
N ASP K 90 54.20 -24.40 -35.61
CA ASP K 90 53.83 -25.06 -34.37
C ASP K 90 52.32 -25.24 -34.22
N ALA K 91 51.52 -24.67 -35.11
CA ALA K 91 50.06 -24.78 -35.07
C ALA K 91 49.54 -25.81 -36.05
N ILE K 92 50.24 -26.95 -36.17
CA ILE K 92 49.79 -28.00 -37.09
C ILE K 92 48.42 -28.52 -36.68
N LEU K 93 47.75 -29.16 -37.63
CA LEU K 93 46.34 -29.48 -37.49
C LEU K 93 46.13 -30.85 -36.86
N GLY K 94 45.03 -30.97 -36.12
CA GLY K 94 44.58 -32.24 -35.62
C GLY K 94 43.08 -32.31 -35.49
N PRO K 95 42.46 -33.29 -36.12
CA PRO K 95 41.01 -33.48 -35.95
C PRO K 95 40.71 -34.52 -34.88
N ALA K 96 39.56 -34.33 -34.25
CA ALA K 96 39.07 -35.20 -33.19
C ALA K 96 37.67 -35.69 -33.55
N GLN K 97 37.45 -36.99 -33.39
CA GLN K 97 36.20 -37.64 -33.75
C GLN K 97 35.72 -38.49 -32.59
N ALA K 98 34.50 -38.24 -32.12
CA ALA K 98 33.94 -38.94 -30.98
C ALA K 98 33.42 -40.30 -31.43
N GLY K 99 34.19 -41.35 -31.14
CA GLY K 99 33.71 -42.68 -31.43
C GLY K 99 32.72 -43.11 -30.36
N ALA K 100 31.57 -42.44 -30.34
CA ALA K 100 30.60 -42.62 -29.26
C ALA K 100 30.14 -44.06 -29.16
N GLU K 101 29.49 -44.57 -30.22
CA GLU K 101 29.13 -45.98 -30.24
C GLU K 101 30.36 -46.86 -30.35
N ALA K 102 31.44 -46.34 -30.95
CA ALA K 102 32.67 -47.11 -31.09
C ALA K 102 33.18 -47.59 -29.75
N ALA K 103 32.88 -46.86 -28.68
CA ALA K 103 33.15 -47.30 -27.32
C ALA K 103 32.60 -48.69 -27.13
N PRO K 104 31.27 -48.88 -27.27
CA PRO K 104 30.71 -50.24 -27.22
C PRO K 104 30.93 -51.03 -28.49
N HIS K 105 31.51 -50.44 -29.54
CA HIS K 105 31.64 -51.13 -30.82
C HIS K 105 33.09 -51.44 -31.18
N GLY K 106 33.98 -50.45 -31.21
CA GLY K 106 35.36 -50.74 -31.54
C GLY K 106 36.01 -49.88 -32.61
N THR K 107 36.36 -50.52 -33.73
CA THR K 107 37.13 -49.88 -34.79
C THR K 107 36.49 -48.57 -35.23
N VAL K 108 37.33 -47.56 -35.47
CA VAL K 108 36.88 -46.19 -35.71
C VAL K 108 36.45 -46.04 -37.16
N SER K 109 35.17 -45.75 -37.39
CA SER K 109 34.67 -45.25 -38.66
C SER K 109 33.50 -44.32 -38.33
N GLY K 110 33.82 -43.03 -38.16
CA GLY K 110 32.85 -42.08 -37.65
C GLY K 110 32.86 -40.74 -38.34
N GLY K 111 33.11 -40.73 -39.65
CA GLY K 111 33.12 -39.48 -40.38
C GLY K 111 31.82 -38.70 -40.28
N LYS K 112 30.70 -39.40 -40.09
CA LYS K 112 29.41 -38.73 -39.93
C LYS K 112 29.42 -37.70 -38.81
N PRO K 113 29.91 -37.98 -37.61
CA PRO K 113 30.08 -36.92 -36.61
C PRO K 113 31.08 -35.89 -37.11
N HIS K 114 30.79 -34.62 -36.82
CA HIS K 114 31.63 -33.54 -37.30
C HIS K 114 33.01 -33.62 -36.65
N ILE K 115 34.01 -34.05 -37.42
CA ILE K 115 35.36 -34.19 -36.88
C ILE K 115 35.90 -32.79 -36.62
N LEU K 116 36.01 -32.44 -35.34
CA LEU K 116 36.42 -31.10 -34.95
C LEU K 116 37.91 -30.93 -35.22
N ARG K 117 38.26 -30.08 -36.18
CA ARG K 117 39.65 -29.77 -36.41
C ARG K 117 40.12 -28.71 -35.42
N TRP K 118 41.39 -28.80 -35.04
CA TRP K 118 41.96 -27.94 -34.02
C TRP K 118 43.39 -27.57 -34.41
N SER K 119 43.78 -26.36 -34.00
CA SER K 119 45.13 -25.84 -34.20
C SER K 119 45.37 -24.81 -33.11
N ASP K 120 46.34 -25.07 -32.24
CA ASP K 120 46.50 -24.29 -31.02
C ASP K 120 47.89 -23.67 -30.95
N ILE K 121 48.02 -22.67 -30.08
CA ILE K 121 49.30 -22.05 -29.76
C ILE K 121 50.00 -22.92 -28.71
N PRO K 122 51.28 -22.70 -28.45
CA PRO K 122 51.96 -23.52 -27.44
C PRO K 122 51.73 -23.01 -26.02
N ASP K 123 52.37 -23.64 -25.04
CA ASP K 123 52.25 -23.27 -23.63
C ASP K 123 52.67 -21.82 -23.44
N PRO K 124 51.73 -20.94 -23.11
CA PRO K 124 52.06 -19.51 -22.96
C PRO K 124 52.56 -19.21 -21.57
N PRO K 125 53.77 -18.67 -21.44
CA PRO K 125 54.29 -18.25 -20.13
C PRO K 125 53.69 -16.93 -19.68
N ASN K 126 54.26 -16.37 -18.60
CA ASN K 126 53.96 -15.05 -18.02
C ASN K 126 52.74 -15.01 -17.12
N GLN K 127 52.20 -16.15 -16.70
CA GLN K 127 51.10 -16.17 -15.74
C GLN K 127 51.23 -17.37 -14.82
N ARG K 128 51.11 -17.14 -13.51
CA ARG K 128 51.20 -18.22 -12.54
C ARG K 128 50.15 -18.18 -11.44
N ILE K 129 49.45 -17.06 -11.24
CA ILE K 129 48.36 -17.00 -10.27
C ILE K 129 47.32 -18.03 -10.69
N PRO K 130 46.65 -17.84 -11.82
CA PRO K 130 45.85 -18.92 -12.40
C PRO K 130 46.72 -19.79 -13.29
N PRO K 131 46.16 -20.84 -13.88
CA PRO K 131 46.97 -21.65 -14.80
C PRO K 131 47.02 -21.03 -16.18
N PHE K 132 47.65 -21.73 -17.12
CA PHE K 132 47.83 -21.19 -18.46
C PHE K 132 46.48 -20.96 -19.15
N ILE K 133 46.48 -20.02 -20.09
CA ILE K 133 45.30 -19.71 -20.90
C ILE K 133 45.66 -20.02 -22.35
N THR K 134 44.98 -20.99 -22.93
CA THR K 134 45.31 -21.48 -24.26
C THR K 134 44.59 -20.69 -25.33
N GLN K 135 45.11 -20.79 -26.55
CA GLN K 135 44.51 -20.18 -27.73
C GLN K 135 44.47 -21.24 -28.83
N ARG K 136 43.35 -21.95 -28.92
CA ARG K 136 43.19 -23.07 -29.84
C ARG K 136 42.07 -22.74 -30.82
N LYS K 137 42.44 -22.30 -32.02
CA LYS K 137 41.46 -22.12 -33.07
C LYS K 137 40.96 -23.49 -33.51
N ILE K 138 39.67 -23.76 -33.29
CA ILE K 138 39.13 -25.08 -33.55
C ILE K 138 37.67 -24.93 -33.95
N ILE K 139 37.22 -25.82 -34.83
CA ILE K 139 35.84 -25.80 -35.31
C ILE K 139 35.53 -27.16 -35.93
N GLU K 140 34.26 -27.50 -35.98
CA GLU K 140 33.80 -28.73 -36.61
C GLU K 140 32.99 -28.40 -37.86
N ILE K 141 32.91 -29.37 -38.76
CA ILE K 141 32.17 -29.20 -40.01
C ILE K 141 31.46 -30.49 -40.35
N PRO K 142 30.36 -30.38 -41.11
CA PRO K 142 29.49 -31.56 -41.37
C PRO K 142 30.10 -32.56 -42.33
N ASP K 143 31.00 -33.40 -41.79
CA ASP K 143 31.72 -34.43 -42.53
C ASP K 143 32.49 -33.88 -43.70
N GLN K 144 32.84 -32.60 -43.67
CA GLN K 144 33.47 -31.93 -44.79
C GLN K 144 34.80 -32.60 -45.14
N ARG K 145 34.95 -32.98 -46.40
CA ARG K 145 36.23 -33.46 -46.91
C ARG K 145 37.23 -32.34 -47.10
N ALA K 146 36.90 -31.14 -46.63
CA ALA K 146 37.82 -30.01 -46.61
C ALA K 146 39.09 -30.41 -45.89
N PRO K 147 39.03 -31.33 -44.93
CA PRO K 147 40.27 -31.91 -44.40
C PRO K 147 41.12 -32.54 -45.47
N ARG K 148 40.52 -33.40 -46.31
CA ARG K 148 41.27 -33.99 -47.42
C ARG K 148 41.73 -32.93 -48.42
N ILE K 149 40.96 -31.85 -48.56
CA ILE K 149 41.34 -30.80 -49.50
C ILE K 149 42.58 -30.07 -49.00
N LEU K 150 42.58 -29.65 -47.75
CA LEU K 150 43.75 -29.00 -47.18
C LEU K 150 44.92 -29.97 -47.05
N ALA K 151 44.65 -31.28 -46.96
CA ALA K 151 45.73 -32.25 -47.01
C ALA K 151 46.39 -32.27 -48.38
N ALA K 152 45.58 -32.46 -49.44
CA ALA K 152 46.11 -32.36 -50.80
C ALA K 152 46.85 -31.04 -51.02
N SER K 153 46.38 -29.97 -50.38
CA SER K 153 47.08 -28.71 -50.40
C SER K 153 48.48 -28.85 -49.80
N LYS K 154 48.55 -29.11 -48.49
CA LYS K 154 49.84 -29.23 -47.83
C LYS K 154 49.96 -30.40 -46.84
N PHE K 155 48.86 -30.92 -46.31
CA PHE K 155 48.92 -31.76 -45.11
C PHE K 155 48.92 -33.25 -45.44
N ARG K 156 49.37 -34.03 -44.47
CA ARG K 156 49.33 -35.49 -44.54
C ARG K 156 49.20 -36.03 -43.13
N ASN K 157 48.35 -37.04 -42.96
CA ASN K 157 48.12 -37.61 -41.64
C ASN K 157 49.36 -38.33 -41.13
N LYS K 158 49.59 -38.24 -39.82
CA LYS K 158 50.72 -38.88 -39.18
C LYS K 158 50.22 -39.73 -38.01
N SER K 159 51.12 -40.20 -37.16
CA SER K 159 50.74 -40.96 -35.99
C SER K 159 49.73 -40.19 -35.15
N ASP K 160 48.73 -40.90 -34.63
CA ASP K 160 47.67 -40.28 -33.84
C ASP K 160 47.21 -41.28 -32.78
N LEU K 161 46.18 -40.90 -32.04
CA LEU K 161 45.83 -41.60 -30.81
C LEU K 161 44.32 -41.79 -30.69
N VAL K 162 43.93 -42.42 -29.59
CA VAL K 162 42.55 -42.71 -29.23
C VAL K 162 42.48 -42.80 -27.72
N GLU K 163 41.52 -42.09 -27.12
CA GLU K 163 41.48 -41.91 -25.68
C GLU K 163 40.12 -42.29 -25.12
N GLU K 164 40.09 -42.49 -23.81
CA GLU K 164 38.86 -42.69 -23.06
C GLU K 164 38.71 -41.56 -22.06
N SER K 165 37.47 -41.22 -21.72
CA SER K 165 37.25 -40.11 -20.80
C SER K 165 35.94 -40.29 -20.07
N TYR K 166 35.89 -39.74 -18.85
CA TYR K 166 34.67 -39.55 -18.09
C TYR K 166 34.47 -38.05 -17.89
N HIS K 167 33.20 -37.62 -17.90
CA HIS K 167 32.89 -36.19 -17.89
C HIS K 167 31.77 -35.94 -16.88
N TRP K 168 32.14 -35.48 -15.68
CA TRP K 168 31.18 -35.17 -14.63
C TRP K 168 30.91 -33.67 -14.59
N TRP K 169 30.24 -33.18 -15.63
CA TRP K 169 29.94 -31.76 -15.75
C TRP K 169 28.92 -31.36 -14.70
N PHE K 170 29.37 -30.63 -13.67
CA PHE K 170 28.42 -30.14 -12.66
C PHE K 170 27.74 -28.85 -13.08
N ASN K 171 28.52 -27.77 -13.19
CA ASN K 171 27.97 -26.46 -13.53
C ASN K 171 29.10 -25.55 -13.97
N ASP K 172 29.07 -25.13 -15.23
CA ASP K 172 29.95 -24.11 -15.79
C ASP K 172 31.43 -24.50 -15.77
N VAL K 173 31.76 -25.74 -15.40
CA VAL K 173 33.15 -26.22 -15.40
C VAL K 173 33.12 -27.68 -15.83
N GLU K 174 33.75 -27.97 -16.97
CA GLU K 174 33.70 -29.32 -17.55
C GLU K 174 34.70 -30.22 -16.80
N TYR K 175 34.38 -30.47 -15.53
CA TYR K 175 35.17 -31.40 -14.73
C TYR K 175 35.21 -32.76 -15.42
N SER K 176 36.41 -33.22 -15.76
CA SER K 176 36.54 -34.47 -16.48
C SER K 176 37.80 -35.18 -16.04
N MET K 177 37.88 -36.46 -16.40
CA MET K 177 39.06 -37.28 -16.12
C MET K 177 39.27 -38.18 -17.33
N VAL K 178 40.39 -38.00 -18.02
CA VAL K 178 40.63 -38.67 -19.29
C VAL K 178 41.96 -39.38 -19.24
N ARG K 179 42.15 -40.29 -20.19
CA ARG K 179 43.42 -41.00 -20.31
C ARG K 179 43.53 -41.59 -21.71
N THR K 180 44.72 -41.45 -22.29
CA THR K 180 45.01 -42.03 -23.60
C THR K 180 45.58 -43.44 -23.46
N LEU K 185 44.72 -44.33 -22.95
CA LEU K 185 45.09 -45.74 -22.82
C LEU K 185 45.67 -46.23 -24.13
N ASP K 186 46.93 -46.72 -24.07
CA ASP K 186 47.88 -46.65 -25.17
C ASP K 186 47.27 -47.05 -26.50
N PRO K 187 47.00 -46.06 -27.36
CA PRO K 187 46.49 -46.29 -28.73
C PRO K 187 47.59 -46.35 -29.77
N SER K 188 48.32 -47.47 -29.78
CA SER K 188 49.31 -47.68 -30.84
C SER K 188 48.71 -47.56 -32.24
N PRO K 189 47.43 -47.84 -32.46
CA PRO K 189 46.84 -47.67 -33.78
C PRO K 189 46.52 -46.19 -34.04
N GLN K 190 46.03 -45.92 -35.24
CA GLN K 190 45.72 -44.57 -35.68
C GLN K 190 44.27 -44.55 -36.17
N THR K 191 43.37 -44.04 -35.33
CA THR K 191 41.95 -43.91 -35.67
C THR K 191 41.34 -45.26 -36.05
N THR K 192 41.44 -46.19 -35.11
CA THR K 192 40.93 -47.55 -35.30
C THR K 192 40.72 -48.17 -33.92
N ASP K 193 40.60 -49.49 -33.87
CA ASP K 193 40.43 -50.19 -32.59
C ASP K 193 41.65 -49.98 -31.70
N GLN K 194 41.44 -50.15 -30.40
CA GLN K 194 42.43 -49.82 -29.36
C GLN K 194 42.56 -50.98 -28.37
N VAL K 195 42.70 -52.20 -28.91
CA VAL K 195 42.76 -53.39 -28.04
C VAL K 195 43.84 -53.31 -26.97
N PRO K 196 45.10 -52.87 -27.26
CA PRO K 196 46.12 -52.83 -26.19
C PRO K 196 45.72 -51.97 -25.00
N SER K 197 45.43 -50.69 -25.25
CA SER K 197 44.83 -49.80 -24.25
C SER K 197 45.71 -49.69 -23.00
N LEU K 198 47.02 -49.64 -23.19
CA LEU K 198 47.99 -49.67 -22.10
C LEU K 198 48.27 -48.24 -21.62
N ALA K 199 49.27 -48.08 -20.76
CA ALA K 199 49.60 -46.76 -20.23
C ALA K 199 50.08 -45.83 -21.34
N GLY K 200 49.87 -44.54 -21.14
CA GLY K 200 50.17 -43.56 -22.17
C GLY K 200 51.43 -42.73 -21.96
N LEU K 201 51.67 -42.29 -20.74
CA LEU K 201 52.75 -41.34 -20.47
C LEU K 201 53.34 -41.63 -19.09
N GLU K 202 54.18 -40.69 -18.62
CA GLU K 202 54.79 -40.73 -17.30
C GLU K 202 53.71 -40.61 -16.23
N PRO K 203 52.58 -40.00 -16.56
CA PRO K 203 51.53 -39.76 -15.56
C PRO K 203 50.59 -40.93 -15.35
N ILE K 204 51.05 -42.15 -15.69
CA ILE K 204 50.19 -43.32 -15.83
C ILE K 204 49.12 -43.37 -14.75
N GLY K 205 47.87 -43.49 -15.16
CA GLY K 205 46.73 -43.22 -14.30
C GLY K 205 45.90 -42.11 -14.91
N ASP K 206 44.58 -42.25 -14.85
CA ASP K 206 43.68 -41.29 -15.48
C ASP K 206 43.92 -39.88 -14.95
N PHE K 207 44.25 -38.94 -15.84
CA PHE K 207 44.57 -37.57 -15.45
C PHE K 207 43.31 -36.73 -15.43
N TRP K 208 43.15 -35.92 -14.39
CA TRP K 208 42.00 -35.05 -14.25
C TRP K 208 42.22 -33.74 -14.98
N LEU K 209 41.11 -33.08 -15.35
CA LEU K 209 41.15 -31.82 -16.06
C LEU K 209 39.93 -30.99 -15.70
N LEU K 210 40.16 -29.76 -15.26
CA LEU K 210 39.10 -28.79 -15.03
C LEU K 210 39.19 -27.72 -16.10
N TYR K 211 38.17 -27.64 -16.96
CA TYR K 211 38.14 -26.72 -18.08
C TYR K 211 37.00 -25.72 -17.90
N VAL K 212 37.29 -24.45 -18.18
CA VAL K 212 36.28 -23.40 -18.24
C VAL K 212 36.44 -22.74 -19.61
N ARG K 213 35.68 -23.23 -20.59
CA ARG K 213 35.86 -22.84 -21.98
C ARG K 213 35.02 -21.61 -22.27
N MET K 214 35.69 -20.46 -22.40
CA MET K 214 35.05 -19.20 -22.78
C MET K 214 35.95 -18.53 -23.81
N ARG K 215 35.73 -18.84 -25.09
CA ARG K 215 36.54 -18.25 -26.16
C ARG K 215 36.44 -16.73 -26.18
N VAL K 216 35.38 -16.17 -25.60
CA VAL K 216 35.24 -14.72 -25.52
C VAL K 216 36.04 -14.21 -24.34
N GLU K 217 37.29 -13.84 -24.59
CA GLU K 217 38.14 -13.21 -23.57
C GLU K 217 37.99 -11.70 -23.55
N ALA K 218 37.09 -11.14 -24.36
CA ALA K 218 36.90 -9.70 -24.42
C ALA K 218 36.37 -9.13 -23.12
N THR K 219 35.79 -9.97 -22.26
CA THR K 219 35.27 -9.48 -20.99
C THR K 219 36.29 -9.72 -19.88
N PRO K 220 37.12 -8.73 -19.58
CA PRO K 220 38.08 -8.90 -18.48
C PRO K 220 37.39 -9.07 -17.14
N ASP K 221 36.18 -8.51 -16.98
CA ASP K 221 35.40 -8.79 -15.78
C ASP K 221 35.12 -10.29 -15.66
N ARG K 222 34.69 -10.92 -16.76
CA ARG K 222 34.45 -12.36 -16.73
C ARG K 222 35.75 -13.13 -16.52
N MET K 223 36.86 -12.65 -17.07
CA MET K 223 38.14 -13.31 -16.85
C MET K 223 38.53 -13.29 -15.37
N GLN K 224 38.43 -12.12 -14.74
CA GLN K 224 38.76 -12.02 -13.32
C GLN K 224 37.80 -12.84 -12.47
N GLN K 225 36.51 -12.88 -12.85
CA GLN K 225 35.55 -13.68 -12.13
C GLN K 225 35.88 -15.17 -12.24
N ALA K 226 36.28 -15.61 -13.44
CA ALA K 226 36.70 -17.00 -13.62
C ALA K 226 37.92 -17.30 -12.78
N HIS K 227 38.89 -16.37 -12.74
CA HIS K 227 40.06 -16.56 -11.89
C HIS K 227 39.67 -16.71 -10.43
N ASN K 228 38.75 -15.87 -9.96
CA ASN K 228 38.30 -15.94 -8.58
C ASN K 228 37.60 -17.27 -8.30
N GLN K 229 36.74 -17.72 -9.21
CA GLN K 229 36.04 -18.98 -9.02
C GLN K 229 37.00 -20.16 -9.01
N LEU K 230 38.02 -20.12 -9.87
CA LEU K 230 39.00 -21.20 -9.89
C LEU K 230 39.82 -21.22 -8.60
N GLN K 231 40.24 -20.04 -8.12
CA GLN K 231 40.93 -20.01 -6.84
C GLN K 231 40.03 -20.53 -5.72
N GLN K 232 38.75 -20.19 -5.77
CA GLN K 232 37.82 -20.64 -4.73
C GLN K 232 37.66 -22.15 -4.74
N ILE K 233 37.49 -22.75 -5.93
CA ILE K 233 37.33 -24.19 -5.97
C ILE K 233 38.64 -24.89 -5.64
N ARG K 234 39.77 -24.29 -5.99
CA ARG K 234 41.06 -24.85 -5.58
C ARG K 234 41.17 -24.88 -4.07
N ASP K 235 40.77 -23.79 -3.40
CA ASP K 235 40.74 -23.76 -1.95
C ASP K 235 39.81 -24.86 -1.41
N GLN K 236 38.58 -24.92 -1.92
CA GLN K 236 37.60 -25.88 -1.42
C GLN K 236 38.05 -27.32 -1.62
N LEU K 237 38.81 -27.62 -2.67
CA LEU K 237 39.28 -28.97 -2.94
C LEU K 237 40.71 -29.21 -2.49
N LEU K 238 41.33 -28.25 -1.81
CA LEU K 238 42.71 -28.41 -1.35
C LEU K 238 42.89 -29.61 -0.42
N GLY K 239 41.81 -30.24 0.02
CA GLY K 239 41.91 -31.38 0.90
C GLY K 239 42.76 -32.51 0.38
N VAL K 240 42.35 -33.14 -0.71
CA VAL K 240 43.05 -34.29 -1.29
C VAL K 240 43.66 -33.93 -2.64
N PHE K 241 42.84 -33.47 -3.57
CA PHE K 241 43.32 -33.19 -4.92
C PHE K 241 44.17 -31.92 -4.94
N GLU K 242 45.36 -32.02 -5.54
CA GLU K 242 46.25 -30.89 -5.73
C GLU K 242 46.74 -30.91 -7.16
N PHE K 243 47.18 -29.75 -7.65
CA PHE K 243 47.43 -29.62 -9.08
C PHE K 243 48.34 -28.45 -9.38
N LYS K 244 49.24 -28.67 -10.34
CA LYS K 244 50.11 -27.63 -10.89
C LYS K 244 50.68 -28.19 -12.20
N VAL K 245 51.37 -27.32 -12.94
CA VAL K 245 51.95 -27.69 -14.23
C VAL K 245 52.82 -28.93 -14.07
N TRP K 246 52.83 -29.79 -15.09
CA TRP K 246 53.53 -31.06 -15.02
C TRP K 246 54.20 -31.32 -16.38
N ASP K 247 54.64 -32.56 -16.59
CA ASP K 247 55.34 -32.97 -17.80
C ASP K 247 54.51 -34.01 -18.53
N ARG K 248 54.13 -33.72 -19.77
CA ARG K 248 53.35 -34.64 -20.59
C ARG K 248 54.23 -35.76 -21.14
N GLU L 13 44.06 -40.84 16.81
CA GLU L 13 43.87 -39.61 17.58
C GLU L 13 42.45 -39.52 18.10
N ARG L 14 41.51 -39.40 17.16
CA ARG L 14 40.10 -39.25 17.52
C ARG L 14 39.54 -40.46 18.25
N LYS L 15 40.32 -41.55 18.37
CA LYS L 15 39.95 -42.66 19.23
C LYS L 15 41.16 -43.10 20.04
N ASN L 16 42.02 -42.15 20.39
CA ASN L 16 43.05 -42.33 21.41
C ASN L 16 43.05 -41.21 22.41
N ILE L 17 42.28 -40.14 22.18
CA ILE L 17 41.91 -39.21 23.25
C ILE L 17 41.29 -39.98 24.41
N LEU L 18 40.73 -41.17 24.12
CA LEU L 18 40.19 -42.05 25.14
C LEU L 18 41.15 -42.20 26.31
N ILE L 19 42.42 -42.51 26.03
CA ILE L 19 43.39 -42.73 27.10
C ILE L 19 43.65 -41.44 27.85
N ALA L 20 44.05 -40.40 27.12
CA ALA L 20 44.44 -39.12 27.70
C ALA L 20 43.28 -38.45 28.42
N SER L 21 42.08 -39.03 28.31
CA SER L 21 40.95 -38.62 29.13
C SER L 21 40.77 -39.54 30.33
N ILE L 22 40.51 -40.83 30.07
CA ILE L 22 40.20 -41.76 31.16
C ILE L 22 41.31 -41.75 32.21
N MET L 23 42.52 -42.11 31.79
CA MET L 23 43.58 -42.25 32.77
C MET L 23 43.82 -40.93 33.50
N THR L 24 44.21 -39.90 32.75
CA THR L 24 44.56 -38.60 33.31
C THR L 24 43.51 -38.11 34.31
N SER L 25 42.24 -38.10 33.92
CA SER L 25 41.22 -37.57 34.83
C SER L 25 40.94 -38.55 35.96
N TYR L 26 40.40 -39.71 35.63
CA TYR L 26 39.79 -40.58 36.62
C TYR L 26 40.77 -41.59 37.20
N ARG L 27 42.06 -41.27 37.19
CA ARG L 27 42.97 -41.77 38.22
C ARG L 27 43.44 -40.68 39.14
N ASP L 28 43.73 -39.49 38.59
CA ASP L 28 44.06 -38.34 39.41
C ASP L 28 42.92 -37.95 40.33
N LEU L 29 41.70 -38.41 40.04
CA LEU L 29 40.61 -38.12 40.95
C LEU L 29 40.59 -39.05 42.16
N ILE L 30 40.57 -40.37 41.92
CA ILE L 30 40.62 -41.31 43.03
C ILE L 30 41.91 -41.20 43.82
N THR L 31 42.97 -40.63 43.24
CA THR L 31 44.16 -40.41 44.05
C THR L 31 44.04 -39.17 44.93
N HIS L 32 42.83 -38.65 45.09
CA HIS L 32 42.54 -37.61 46.07
C HIS L 32 41.66 -38.13 47.20
N ALA L 33 41.75 -39.42 47.48
CA ALA L 33 41.34 -39.94 48.77
C ALA L 33 42.40 -39.68 49.82
N THR L 34 43.63 -39.37 49.41
CA THR L 34 44.71 -39.10 50.35
C THR L 34 44.55 -37.74 51.01
N SER L 35 44.20 -36.72 50.24
CA SER L 35 44.10 -35.37 50.78
C SER L 35 43.22 -35.25 52.02
N PRO L 36 42.05 -35.90 52.11
CA PRO L 36 41.28 -35.83 53.35
C PRO L 36 41.83 -36.73 54.44
N ILE L 37 42.32 -37.91 54.05
CA ILE L 37 42.60 -38.95 55.03
C ILE L 37 43.92 -38.72 55.77
N THR L 38 44.65 -37.65 55.46
CA THR L 38 45.92 -37.42 56.12
C THR L 38 45.75 -37.29 57.63
N SER L 39 46.81 -37.63 58.35
CA SER L 39 46.78 -37.56 59.80
C SER L 39 46.60 -36.12 60.26
N ALA L 40 45.90 -35.96 61.38
CA ALA L 40 45.58 -34.63 61.92
C ALA L 40 46.01 -34.59 63.39
N THR L 41 47.16 -33.95 63.65
CA THR L 41 47.63 -33.79 65.02
C THR L 41 48.28 -32.45 65.30
N ALA L 42 48.31 -31.51 64.36
CA ALA L 42 49.16 -30.34 64.47
C ALA L 42 48.40 -29.02 64.54
N SER L 43 47.38 -28.82 63.71
CA SER L 43 46.92 -27.48 63.43
C SER L 43 45.39 -27.40 63.39
N PRO L 44 44.81 -26.29 63.84
CA PRO L 44 43.35 -26.17 63.88
C PRO L 44 42.71 -25.43 62.70
N GLY L 45 43.50 -24.81 61.83
CA GLY L 45 42.93 -24.03 60.74
C GLY L 45 43.10 -24.70 59.39
N HIS L 46 44.04 -25.65 59.34
CA HIS L 46 44.29 -26.36 58.11
C HIS L 46 43.08 -27.18 57.67
N ALA L 47 42.12 -27.41 58.57
CA ALA L 47 40.84 -27.98 58.14
C ALA L 47 40.06 -26.97 57.30
N GLY L 48 39.97 -25.73 57.78
CA GLY L 48 39.41 -24.67 56.98
C GLY L 48 40.10 -24.53 55.64
N TYR L 49 41.41 -24.84 55.60
CA TYR L 49 42.08 -24.94 54.30
C TYR L 49 41.58 -26.13 53.50
N SER L 50 41.70 -27.34 54.06
CA SER L 50 41.50 -28.57 53.32
C SER L 50 40.09 -28.67 52.77
N SER L 51 39.14 -27.92 53.32
CA SER L 51 37.82 -27.86 52.70
C SER L 51 37.91 -27.60 51.20
N MET L 52 38.77 -26.67 50.80
CA MET L 52 38.90 -26.33 49.38
C MET L 52 39.35 -27.53 48.57
N ALA L 53 40.25 -28.35 49.12
CA ALA L 53 40.77 -29.50 48.40
C ALA L 53 39.64 -30.36 47.88
N LEU L 54 38.80 -30.88 48.77
CA LEU L 54 37.69 -31.73 48.34
C LEU L 54 36.66 -30.94 47.55
N SER L 55 36.38 -29.70 47.95
CA SER L 55 35.32 -29.01 47.24
C SER L 55 35.73 -28.57 45.86
N THR L 56 36.98 -28.81 45.48
CA THR L 56 37.37 -28.76 44.09
C THR L 56 37.60 -30.12 43.49
N ALA L 57 38.01 -31.11 44.27
CA ALA L 57 38.22 -32.45 43.74
C ALA L 57 36.93 -33.02 43.19
N ILE L 58 35.82 -32.81 43.89
CA ILE L 58 34.58 -33.40 43.38
C ILE L 58 34.11 -32.69 42.11
N HIS L 59 34.29 -31.37 42.03
CA HIS L 59 33.90 -30.68 40.81
C HIS L 59 34.87 -30.95 39.67
N ALA L 60 36.05 -31.49 39.96
CA ALA L 60 36.89 -32.04 38.90
C ALA L 60 36.38 -33.42 38.49
N ALA L 61 36.02 -34.25 39.46
CA ALA L 61 35.50 -35.58 39.18
C ALA L 61 34.21 -35.54 38.37
N VAL L 62 33.48 -34.44 38.42
CA VAL L 62 32.29 -34.28 37.56
C VAL L 62 32.82 -33.74 36.24
N LYS L 63 33.32 -34.67 35.42
CA LYS L 63 33.88 -34.38 34.11
C LYS L 63 33.38 -35.43 33.12
N TYR L 64 32.08 -35.70 33.15
CA TYR L 64 31.53 -36.84 32.43
C TYR L 64 30.75 -36.50 31.17
N THR L 65 30.22 -35.28 31.05
CA THR L 65 29.60 -34.92 29.77
C THR L 65 30.65 -34.91 28.67
N GLU L 66 31.87 -34.49 29.00
CA GLU L 66 32.99 -34.48 28.07
C GLU L 66 33.59 -35.86 27.87
N ASP L 67 32.93 -36.89 28.36
CA ASP L 67 33.20 -38.27 27.98
C ASP L 67 32.00 -38.93 27.32
N LEU L 68 30.80 -38.65 27.79
CA LEU L 68 29.60 -39.10 27.11
C LEU L 68 29.54 -38.58 25.69
N LEU L 69 30.08 -37.38 25.45
CA LEU L 69 30.18 -36.90 24.07
C LEU L 69 31.01 -37.85 23.23
N SER L 70 32.29 -38.04 23.60
CA SER L 70 33.17 -38.93 22.85
C SER L 70 32.73 -40.37 22.90
N LEU L 71 31.72 -40.71 23.70
CA LEU L 71 31.15 -42.04 23.67
C LEU L 71 30.02 -42.16 22.67
N THR L 72 28.97 -41.35 22.84
CA THR L 72 27.82 -41.42 21.95
C THR L 72 28.19 -40.94 20.55
N ARG L 73 28.55 -39.66 20.41
CA ARG L 73 28.89 -39.14 19.10
C ARG L 73 30.30 -39.59 18.71
N THR L 74 30.46 -40.91 18.60
CA THR L 74 31.80 -41.45 18.41
C THR L 74 32.34 -41.14 17.03
N LEU L 75 31.75 -41.68 15.95
CA LEU L 75 32.01 -41.17 14.62
C LEU L 75 30.74 -40.77 13.89
N ARG L 76 29.85 -41.73 13.62
CA ARG L 76 28.65 -41.46 12.83
C ARG L 76 27.40 -41.92 13.55
N GLU L 77 27.44 -43.16 14.05
CA GLU L 77 26.33 -43.87 14.68
C GLU L 77 25.17 -44.13 13.72
N ALA L 78 25.23 -43.58 12.50
CA ALA L 78 24.11 -43.75 11.58
C ALA L 78 24.48 -44.06 10.14
N LEU L 79 25.69 -43.74 9.67
CA LEU L 79 25.96 -43.73 8.23
C LEU L 79 27.46 -43.89 8.02
N TRP L 80 27.88 -45.09 7.59
CA TRP L 80 29.30 -45.45 7.56
C TRP L 80 29.68 -46.04 6.19
N VAL L 81 29.91 -45.17 5.22
CA VAL L 81 30.63 -45.53 4.00
C VAL L 81 30.93 -44.25 3.25
N VAL L 82 31.95 -44.29 2.39
CA VAL L 82 32.11 -43.24 1.38
C VAL L 82 31.08 -43.54 0.29
N GLY L 83 29.96 -42.80 0.31
CA GLY L 83 28.81 -43.13 -0.49
C GLY L 83 28.99 -42.97 -1.98
N PRO L 84 29.02 -44.07 -2.72
CA PRO L 84 29.09 -44.00 -4.18
C PRO L 84 27.71 -43.81 -4.78
N LEU L 85 27.67 -43.79 -6.11
CA LEU L 85 26.42 -43.70 -6.87
C LEU L 85 26.47 -44.72 -8.01
N THR L 86 25.49 -45.62 -8.03
CA THR L 86 25.42 -46.65 -9.05
C THR L 86 23.99 -46.71 -9.60
N GLY L 87 23.71 -47.72 -10.41
CA GLY L 87 22.40 -47.85 -11.04
C GLY L 87 21.79 -49.22 -10.82
N PRO L 88 20.48 -49.24 -10.53
CA PRO L 88 19.79 -50.52 -10.31
C PRO L 88 19.15 -51.07 -11.59
N GLY L 89 18.88 -52.37 -11.59
CA GLY L 89 18.21 -52.99 -12.72
C GLY L 89 16.82 -53.49 -12.38
N GLU L 90 16.09 -52.72 -11.57
CA GLU L 90 14.79 -53.16 -11.07
C GLU L 90 13.62 -52.50 -11.79
N LYS L 91 13.88 -51.74 -12.86
CA LYS L 91 12.80 -51.07 -13.56
C LYS L 91 11.83 -52.07 -14.21
N ASP L 92 12.33 -53.27 -14.52
CA ASP L 92 11.47 -54.32 -15.04
C ASP L 92 10.25 -54.54 -14.16
N ALA L 93 10.42 -54.40 -12.84
CA ALA L 93 9.33 -54.65 -11.90
C ALA L 93 8.10 -53.81 -12.23
N GLN L 94 8.30 -52.51 -12.48
CA GLN L 94 7.19 -51.69 -12.92
C GLN L 94 6.88 -51.90 -14.39
N ALA L 95 7.90 -52.30 -15.17
CA ALA L 95 7.70 -52.50 -16.60
C ALA L 95 6.69 -53.60 -16.87
N GLU L 96 6.57 -54.57 -15.97
CA GLU L 96 5.62 -55.66 -16.17
C GLU L 96 4.18 -55.16 -16.09
N GLU L 97 3.84 -54.49 -14.99
CA GLU L 97 2.50 -53.93 -14.86
C GLU L 97 2.25 -52.88 -15.93
N GLY L 98 3.29 -52.18 -16.36
CA GLY L 98 3.12 -51.23 -17.46
C GLY L 98 2.73 -51.92 -18.75
N MET L 99 3.46 -52.97 -19.12
CA MET L 99 3.17 -53.69 -20.35
C MET L 99 1.80 -54.35 -20.30
N ALA L 100 1.38 -54.80 -19.12
CA ALA L 100 0.05 -55.39 -19.00
C ALA L 100 -1.01 -54.37 -19.41
N LYS L 101 -0.97 -53.18 -18.84
CA LYS L 101 -1.95 -52.15 -19.18
C LYS L 101 -1.79 -51.70 -20.64
N ASP L 102 -0.55 -51.70 -21.13
CA ASP L 102 -0.34 -51.39 -22.55
C ASP L 102 -1.11 -52.35 -23.44
N ALA L 103 -0.87 -53.66 -23.27
CA ALA L 103 -1.58 -54.65 -24.07
C ALA L 103 -3.06 -54.70 -23.75
N GLU L 104 -3.51 -54.10 -22.65
CA GLU L 104 -4.94 -54.13 -22.31
C GLU L 104 -5.72 -52.93 -22.84
N VAL L 105 -5.10 -51.74 -22.93
CA VAL L 105 -5.82 -50.55 -23.36
C VAL L 105 -6.34 -50.71 -24.79
N VAL L 106 -5.61 -51.45 -25.63
CA VAL L 106 -6.04 -51.63 -27.02
C VAL L 106 -7.43 -52.25 -27.08
N TRP L 107 -7.79 -53.02 -26.05
CA TRP L 107 -9.14 -53.58 -26.01
C TRP L 107 -10.19 -52.49 -25.87
N ASP L 108 -10.00 -51.57 -24.93
CA ASP L 108 -10.90 -50.44 -24.81
C ASP L 108 -10.91 -49.61 -26.09
N VAL L 109 -9.74 -49.48 -26.72
CA VAL L 109 -9.64 -48.70 -27.95
C VAL L 109 -10.50 -49.32 -29.04
N LEU L 110 -10.40 -50.64 -29.24
CA LEU L 110 -11.21 -51.29 -30.27
C LEU L 110 -12.68 -51.29 -29.88
N ASN L 111 -12.99 -51.41 -28.60
CA ASN L 111 -14.37 -51.33 -28.15
C ASN L 111 -14.98 -49.99 -28.55
N GLU L 112 -14.27 -48.90 -28.30
CA GLU L 112 -14.73 -47.59 -28.74
C GLU L 112 -14.80 -47.52 -30.26
N MET L 113 -13.81 -48.10 -30.95
CA MET L 113 -13.78 -48.06 -32.41
C MET L 113 -15.04 -48.68 -33.00
N ARG L 114 -15.53 -49.75 -32.39
CA ARG L 114 -16.78 -50.34 -32.87
C ARG L 114 -17.93 -49.34 -32.84
N ASP L 115 -17.91 -48.42 -31.88
CA ASP L 115 -19.01 -47.48 -31.72
C ASP L 115 -19.14 -46.58 -32.94
N ARG L 116 -18.02 -46.20 -33.55
CA ARG L 116 -18.07 -45.37 -34.75
C ARG L 116 -18.91 -46.03 -35.84
N GLU L 117 -18.51 -47.25 -36.25
CA GLU L 117 -19.22 -47.94 -37.30
C GLU L 117 -20.57 -48.48 -36.85
N ARG L 118 -20.87 -48.45 -35.55
CA ARG L 118 -22.17 -48.93 -35.09
C ARG L 118 -23.32 -48.16 -35.73
N GLU L 119 -23.13 -46.87 -36.00
CA GLU L 119 -24.19 -46.08 -36.61
C GLU L 119 -24.45 -46.55 -38.04
N ARG L 120 -25.73 -46.73 -38.39
CA ARG L 120 -26.14 -47.19 -39.71
C ARG L 120 -27.56 -46.76 -39.97
N MET L 121 -27.78 -46.08 -41.10
CA MET L 121 -29.12 -45.67 -41.52
C MET L 121 -29.50 -46.34 -42.84
N MET L 122 -28.70 -46.13 -43.88
CA MET L 122 -28.97 -46.71 -45.20
C MET L 122 -27.74 -47.26 -45.88
N ALA L 123 -26.54 -46.85 -45.47
CA ALA L 123 -25.33 -47.24 -46.17
C ALA L 123 -25.02 -48.72 -45.91
N ALA L 124 -23.96 -49.19 -46.58
CA ALA L 124 -23.49 -50.56 -46.42
C ALA L 124 -22.01 -50.68 -46.83
N GLU M 118 -15.10 62.65 -49.85
CA GLU M 118 -15.31 61.32 -50.41
C GLU M 118 -16.71 60.83 -50.10
N GLU M 119 -17.23 59.96 -50.97
CA GLU M 119 -18.62 59.51 -50.83
C GLU M 119 -18.80 58.59 -49.62
N VAL M 120 -17.78 57.83 -49.25
CA VAL M 120 -17.95 56.84 -48.18
C VAL M 120 -17.84 57.42 -46.79
N ILE M 121 -17.57 58.72 -46.65
CA ILE M 121 -17.55 59.34 -45.33
C ILE M 121 -18.89 59.17 -44.62
N HIS M 122 -19.97 59.10 -45.40
CA HIS M 122 -21.28 58.81 -44.82
C HIS M 122 -21.25 57.48 -44.07
N ILE M 123 -20.79 56.42 -44.72
CA ILE M 123 -20.71 55.11 -44.08
C ILE M 123 -19.73 55.15 -42.92
N LEU M 124 -18.62 55.89 -43.07
CA LEU M 124 -17.66 56.00 -41.98
C LEU M 124 -18.31 56.55 -40.71
N SER M 125 -19.05 57.65 -40.85
CA SER M 125 -19.74 58.21 -39.69
C SER M 125 -20.87 57.31 -39.20
N LYS M 126 -21.56 56.64 -40.12
CA LYS M 126 -22.69 55.79 -39.74
C LYS M 126 -22.25 54.57 -38.95
N SER M 127 -21.05 54.06 -39.23
CA SER M 127 -20.59 52.84 -38.58
C SER M 127 -20.54 53.00 -37.07
N LYS M 128 -20.27 54.20 -36.57
CA LYS M 128 -20.27 54.46 -35.14
C LYS M 128 -21.62 54.97 -34.66
N GLY M 129 -22.67 54.23 -34.96
CA GLY M 129 -24.00 54.61 -34.54
C GLY M 129 -24.33 54.17 -33.14
N LEU M 130 -23.30 54.04 -32.30
CA LEU M 130 -23.45 53.62 -30.91
C LEU M 130 -23.05 54.78 -30.00
N VAL M 131 -23.91 55.09 -29.04
CA VAL M 131 -23.70 56.25 -28.17
C VAL M 131 -22.72 55.87 -27.08
N SER M 132 -22.07 56.88 -26.48
CA SER M 132 -21.16 56.65 -25.37
C SER M 132 -21.83 55.85 -24.26
N GLU M 133 -23.00 56.32 -23.80
CA GLU M 133 -23.86 55.59 -22.88
C GLU M 133 -23.13 55.28 -21.56
N ALA M 134 -22.79 56.36 -20.83
CA ALA M 134 -22.22 56.22 -19.51
C ALA M 134 -22.80 57.22 -18.51
N GLY M 135 -23.75 58.04 -18.93
CA GLY M 135 -24.39 58.97 -18.02
C GLY M 135 -23.47 60.09 -17.57
N LEU M 136 -24.04 60.98 -16.77
CA LEU M 136 -23.32 62.07 -16.09
C LEU M 136 -22.79 63.12 -17.05
N GLU M 137 -22.99 62.93 -18.34
CA GLU M 137 -22.62 63.96 -19.33
C GLU M 137 -23.71 64.02 -20.38
N ARG M 138 -24.51 65.07 -20.34
CA ARG M 138 -25.68 65.22 -21.19
C ARG M 138 -25.27 65.99 -22.43
N LEU M 139 -24.88 65.26 -23.47
CA LEU M 139 -24.42 65.83 -24.72
C LEU M 139 -25.22 65.28 -25.89
N ALA M 140 -26.55 65.26 -25.75
CA ALA M 140 -27.41 64.86 -26.85
C ALA M 140 -27.17 65.74 -28.07
N ARG M 141 -27.07 67.05 -27.85
CA ARG M 141 -26.65 68.02 -28.87
C ARG M 141 -27.44 67.86 -30.16
N SER M 142 -28.77 67.78 -30.01
CA SER M 142 -29.68 67.81 -31.14
C SER M 142 -30.20 69.22 -31.41
N LEU M 143 -29.35 70.24 -31.23
CA LEU M 143 -29.74 71.63 -31.37
C LEU M 143 -30.79 72.04 -30.34
N GLU M 144 -30.60 71.59 -29.11
CA GLU M 144 -31.38 72.07 -27.98
C GLU M 144 -30.68 73.29 -27.41
N LEU M 145 -31.10 73.75 -26.23
CA LEU M 145 -30.38 74.83 -25.57
C LEU M 145 -30.61 74.72 -24.06
N GLU M 146 -29.54 74.90 -23.30
CA GLU M 146 -29.57 74.80 -21.86
C GLU M 146 -28.36 75.57 -21.31
N PHE M 147 -28.05 75.34 -20.04
CA PHE M 147 -26.90 75.96 -19.40
C PHE M 147 -26.56 75.17 -18.16
N MET M 148 -25.32 75.30 -17.71
CA MET M 148 -24.81 74.55 -16.57
C MET M 148 -25.18 75.24 -15.26
N TRP M 149 -24.57 74.80 -14.16
CA TRP M 149 -24.86 75.33 -12.84
C TRP M 149 -24.71 76.85 -12.77
N LYS M 158 -28.14 72.31 -12.08
CA LYS M 158 -28.80 73.37 -12.83
C LYS M 158 -28.55 73.21 -14.33
N ARG M 159 -28.99 72.10 -14.90
CA ARG M 159 -28.81 71.86 -16.32
C ARG M 159 -30.14 71.96 -17.04
N THR M 160 -30.97 72.93 -16.64
CA THR M 160 -32.31 73.06 -17.20
C THR M 160 -32.25 73.45 -18.66
N LEU M 161 -33.12 72.84 -19.47
CA LEU M 161 -33.23 73.12 -20.89
C LEU M 161 -34.65 73.57 -21.21
N ILE M 162 -34.76 74.45 -22.21
CA ILE M 162 -36.04 74.99 -22.65
C ILE M 162 -36.01 75.12 -24.16
N VAL M 163 -37.12 74.74 -24.80
CA VAL M 163 -37.25 74.84 -26.24
C VAL M 163 -38.44 75.74 -26.50
N ALA M 164 -38.78 76.00 -27.78
CA ALA M 164 -40.04 76.65 -28.08
C ALA M 164 -41.21 75.86 -27.53
N GLY M 165 -41.02 74.57 -27.25
CA GLY M 165 -42.04 73.78 -26.58
C GLY M 165 -41.74 73.58 -25.11
N SER M 166 -41.60 72.33 -24.68
CA SER M 166 -41.52 72.02 -23.26
C SER M 166 -40.17 72.43 -22.67
N ALA M 167 -40.00 72.11 -21.39
CA ALA M 167 -38.76 72.37 -20.67
C ALA M 167 -38.46 71.19 -19.77
N LEU M 168 -37.17 70.90 -19.61
CA LEU M 168 -36.74 69.75 -18.81
C LEU M 168 -35.68 70.20 -17.81
N GLU M 169 -35.90 69.93 -16.54
CA GLU M 169 -35.00 70.35 -15.48
C GLU M 169 -34.56 69.14 -14.67
N LEU M 170 -33.26 68.91 -14.62
CA LEU M 170 -32.69 67.81 -13.85
C LEU M 170 -31.67 68.38 -12.88
N LEU M 171 -31.92 68.20 -11.58
CA LEU M 171 -31.00 68.65 -10.55
C LEU M 171 -30.21 67.44 -10.07
N VAL M 172 -29.30 67.00 -10.93
CA VAL M 172 -28.41 65.91 -10.57
C VAL M 172 -27.50 66.38 -9.44
N GLU M 173 -27.04 65.42 -8.62
CA GLU M 173 -25.99 65.69 -7.66
C GLU M 173 -24.74 66.17 -8.40
N PHE M 174 -23.88 66.87 -7.68
CA PHE M 174 -22.61 67.32 -8.22
C PHE M 174 -21.72 66.16 -8.68
N SER M 175 -22.15 64.91 -8.50
CA SER M 175 -21.40 63.77 -9.01
C SER M 175 -22.25 62.66 -9.63
N GLN M 176 -23.58 62.76 -9.59
CA GLN M 176 -24.46 61.76 -10.19
C GLN M 176 -25.88 62.31 -10.18
N ASP M 177 -26.84 61.47 -10.57
CA ASP M 177 -28.22 61.88 -10.78
C ASP M 177 -29.04 61.75 -9.51
N VAL M 178 -29.89 62.74 -9.26
CA VAL M 178 -30.78 62.69 -8.10
C VAL M 178 -32.24 62.84 -8.51
N VAL M 179 -32.60 63.97 -9.12
CA VAL M 179 -34.00 64.27 -9.41
C VAL M 179 -34.11 64.88 -10.81
N GLN M 180 -35.24 64.58 -11.46
CA GLN M 180 -35.53 65.07 -12.80
C GLN M 180 -37.02 65.34 -12.91
N SER M 181 -37.37 66.37 -13.67
CA SER M 181 -38.76 66.74 -13.90
C SER M 181 -38.86 67.49 -15.21
N VAL M 182 -40.08 67.59 -15.73
CA VAL M 182 -40.34 68.24 -17.01
C VAL M 182 -41.62 69.03 -16.91
N THR M 183 -41.59 70.28 -17.38
CA THR M 183 -42.78 71.12 -17.46
C THR M 183 -43.12 71.33 -18.93
N LEU M 184 -44.28 70.82 -19.36
CA LEU M 184 -44.73 71.06 -20.73
C LEU M 184 -45.16 72.51 -20.82
N ASN M 185 -44.23 73.37 -21.26
CA ASN M 185 -44.48 74.79 -21.40
C ASN M 185 -45.74 75.00 -22.24
N PHE M 186 -46.45 76.10 -22.00
CA PHE M 186 -47.88 76.22 -22.25
C PHE M 186 -48.29 75.68 -23.62
N PRO M 187 -48.99 74.55 -23.65
CA PRO M 187 -49.74 74.16 -24.85
C PRO M 187 -51.16 74.69 -24.76
N ASP M 188 -52.00 74.30 -25.72
CA ASP M 188 -53.44 74.54 -25.71
C ASP M 188 -53.86 75.90 -25.14
N ILE M 192 -56.69 70.01 -24.50
CA ILE M 192 -55.78 70.16 -23.38
C ILE M 192 -54.83 68.97 -23.30
N VAL M 193 -53.53 69.26 -23.22
CA VAL M 193 -52.50 68.23 -23.18
C VAL M 193 -51.64 68.32 -21.92
N THR M 194 -51.68 69.45 -21.21
CA THR M 194 -50.79 69.64 -20.06
C THR M 194 -50.96 68.53 -19.03
N LYS M 195 -52.17 68.00 -18.90
CA LYS M 195 -52.40 66.93 -17.95
C LYS M 195 -51.64 65.65 -18.33
N HIS M 196 -51.31 65.48 -19.61
CA HIS M 196 -50.55 64.32 -20.02
C HIS M 196 -49.13 64.32 -19.49
N ALA M 197 -48.66 65.45 -18.97
CA ALA M 197 -47.41 65.48 -18.24
C ALA M 197 -47.59 64.78 -16.90
N GLN M 198 -46.54 64.82 -16.07
CA GLN M 198 -46.49 64.22 -14.75
C GLN M 198 -46.43 62.70 -14.84
N LYS M 199 -46.54 62.13 -16.04
CA LYS M 199 -46.16 60.74 -16.27
C LYS M 199 -44.87 60.60 -17.05
N ALA M 200 -44.39 61.69 -17.68
CA ALA M 200 -43.11 61.65 -18.38
C ALA M 200 -41.96 61.46 -17.42
N GLY M 201 -42.09 61.97 -16.19
CA GLY M 201 -41.08 61.78 -15.18
C GLY M 201 -40.86 60.31 -14.85
N GLU M 202 -41.92 59.62 -14.47
CA GLU M 202 -41.85 58.22 -14.06
C GLU M 202 -41.38 57.30 -15.18
N ILE M 203 -41.11 57.84 -16.36
CA ILE M 203 -40.50 57.06 -17.43
C ILE M 203 -39.09 57.54 -17.75
N LEU M 204 -38.86 58.85 -17.79
CA LEU M 204 -37.50 59.34 -18.06
C LEU M 204 -36.61 59.17 -16.85
N PHE M 205 -36.99 59.79 -15.72
CA PHE M 205 -36.26 59.61 -14.48
C PHE M 205 -36.03 58.14 -14.18
N ASN M 206 -37.06 57.32 -14.37
CA ASN M 206 -36.95 55.89 -14.10
C ASN M 206 -35.90 55.20 -14.96
N ASP M 207 -35.30 55.91 -15.90
CA ASP M 207 -34.21 55.39 -16.71
C ASP M 207 -32.85 55.92 -16.29
N LEU M 208 -32.81 56.85 -15.35
CA LEU M 208 -31.54 57.38 -14.87
C LEU M 208 -31.34 57.09 -13.39
N ARG M 209 -32.43 56.89 -12.67
CA ARG M 209 -32.32 56.44 -11.28
C ARG M 209 -31.68 55.07 -11.26
N LEU M 210 -30.53 54.98 -10.59
CA LEU M 210 -29.69 53.78 -10.65
C LEU M 210 -29.44 53.27 -9.22
N ALA M 211 -30.40 52.51 -8.71
CA ALA M 211 -30.15 51.76 -7.49
C ALA M 211 -30.95 50.46 -7.42
N PRO M 212 -30.94 49.60 -8.44
CA PRO M 212 -31.52 48.27 -8.24
C PRO M 212 -30.70 47.51 -7.21
N GLY M 213 -29.40 47.37 -7.48
CA GLY M 213 -28.45 46.92 -6.49
C GLY M 213 -27.41 48.00 -6.25
N GLN M 214 -26.24 47.85 -6.86
CA GLN M 214 -25.22 48.88 -6.86
C GLN M 214 -24.57 48.91 -8.24
N SER M 215 -24.50 50.11 -8.81
CA SER M 215 -23.98 50.24 -10.16
C SER M 215 -23.52 51.67 -10.43
N PRO M 216 -22.40 52.10 -9.85
CA PRO M 216 -21.97 53.49 -10.06
C PRO M 216 -21.33 53.71 -11.43
N LEU M 217 -20.84 52.65 -12.07
CA LEU M 217 -20.11 52.79 -13.32
C LEU M 217 -20.88 52.26 -14.53
N THR M 218 -21.83 51.34 -14.34
CA THR M 218 -22.57 50.75 -15.45
C THR M 218 -23.97 51.35 -15.51
N LYS M 219 -24.11 52.38 -16.35
CA LYS M 219 -25.42 52.94 -16.64
C LYS M 219 -25.35 53.53 -18.06
N SER M 220 -25.80 52.76 -19.03
CA SER M 220 -25.79 53.18 -20.43
C SER M 220 -27.03 53.99 -20.74
N LEU M 221 -26.83 55.18 -21.30
CA LEU M 221 -27.95 56.08 -21.59
C LEU M 221 -28.55 55.81 -22.96
N ALA M 222 -28.71 54.54 -23.32
CA ALA M 222 -29.31 54.19 -24.60
C ALA M 222 -30.83 54.29 -24.54
N ARG M 223 -31.43 53.69 -23.52
CA ARG M 223 -32.88 53.75 -23.39
C ARG M 223 -33.35 55.19 -23.19
N PHE M 224 -32.64 55.95 -22.35
CA PHE M 224 -33.01 57.34 -22.16
C PHE M 224 -32.87 58.13 -23.45
N ALA M 225 -31.83 57.85 -24.22
CA ALA M 225 -31.66 58.52 -25.51
C ALA M 225 -32.84 58.20 -26.44
N ALA M 226 -33.22 56.92 -26.50
CA ALA M 226 -34.33 56.53 -27.37
C ALA M 226 -35.61 57.24 -26.95
N ASN M 227 -35.91 57.30 -25.65
CA ASN M 227 -37.13 57.94 -25.21
C ASN M 227 -37.11 59.44 -25.45
N PHE M 228 -35.95 60.07 -25.19
CA PHE M 228 -35.80 61.49 -25.46
C PHE M 228 -35.89 61.81 -26.95
N GLU M 229 -35.57 60.84 -27.81
CA GLU M 229 -35.55 61.11 -29.24
C GLU M 229 -36.90 61.58 -29.76
N ARG M 230 -37.98 60.92 -29.34
CA ARG M 230 -39.29 61.14 -29.93
C ARG M 230 -39.94 62.44 -29.50
N LEU M 231 -39.23 63.33 -28.84
CA LEU M 231 -39.77 64.63 -28.49
C LEU M 231 -39.04 65.80 -29.14
N ALA M 232 -37.73 65.69 -29.36
CA ALA M 232 -36.99 66.76 -30.03
C ALA M 232 -37.50 66.95 -31.45
N VAL M 233 -37.85 65.85 -32.13
CA VAL M 233 -38.37 65.95 -33.48
C VAL M 233 -39.68 66.72 -33.53
N LEU M 234 -40.55 66.51 -32.54
CA LEU M 234 -41.79 67.28 -32.49
C LEU M 234 -41.55 68.73 -32.11
N ASP M 235 -40.66 68.98 -31.15
CA ASP M 235 -40.43 70.35 -30.72
C ASP M 235 -39.70 71.16 -31.79
N LYS M 236 -38.95 70.49 -32.69
CA LYS M 236 -38.22 71.19 -33.73
C LYS M 236 -39.11 71.82 -34.78
N LEU M 237 -40.39 71.47 -34.82
CA LEU M 237 -41.26 71.91 -35.90
C LEU M 237 -42.41 72.78 -35.44
N SER M 238 -42.56 73.01 -34.13
CA SER M 238 -43.70 73.75 -33.61
C SER M 238 -43.86 75.10 -34.32
N ILE M 239 -45.11 75.49 -34.53
CA ILE M 239 -45.45 76.75 -35.17
C ILE M 239 -46.60 77.38 -34.43
N LEU M 240 -46.48 78.67 -34.13
CA LEU M 240 -47.46 79.35 -33.30
C LEU M 240 -48.34 80.27 -34.13
N GLU M 247 -46.41 70.20 -34.23
CA GLU M 247 -46.39 70.29 -32.78
C GLU M 247 -47.07 69.09 -32.15
N ALA M 248 -46.81 68.89 -30.85
CA ALA M 248 -47.32 67.73 -30.12
C ALA M 248 -48.79 67.84 -29.74
N VAL M 249 -49.51 68.84 -30.26
CA VAL M 249 -50.88 69.04 -29.83
C VAL M 249 -51.88 68.21 -30.63
N ALA M 250 -51.67 68.06 -31.94
CA ALA M 250 -52.64 67.38 -32.80
C ALA M 250 -52.51 65.86 -32.63
N ASP M 251 -53.27 65.33 -31.69
CA ASP M 251 -53.39 63.89 -31.50
C ASP M 251 -54.84 63.47 -31.65
N VAL M 252 -55.06 62.17 -31.83
CA VAL M 252 -56.40 61.63 -32.08
C VAL M 252 -56.90 60.76 -30.95
N TYR M 253 -56.02 60.31 -30.05
CA TYR M 253 -56.41 59.38 -29.00
C TYR M 253 -57.62 59.87 -28.23
N GLU M 254 -57.75 61.19 -28.07
CA GLU M 254 -58.90 61.73 -27.36
C GLU M 254 -60.21 61.38 -28.07
N SER M 255 -60.22 61.43 -29.40
CA SER M 255 -61.39 61.05 -30.16
C SER M 255 -61.33 59.60 -30.65
N LEU M 256 -60.34 58.84 -30.18
CA LEU M 256 -60.23 57.43 -30.51
C LEU M 256 -60.64 56.53 -29.35
N ALA M 257 -60.45 56.99 -28.12
CA ALA M 257 -60.89 56.23 -26.95
C ALA M 257 -62.40 56.01 -26.96
N ARG M 258 -63.15 56.86 -27.65
CA ARG M 258 -64.56 56.60 -27.86
C ARG M 258 -64.77 55.25 -28.54
N LEU M 259 -63.99 54.96 -29.59
CA LEU M 259 -64.10 53.68 -30.27
C LEU M 259 -63.81 52.52 -29.33
N HIS M 260 -62.76 52.65 -28.52
CA HIS M 260 -62.46 51.56 -27.59
C HIS M 260 -63.57 51.37 -26.57
N ALA M 261 -64.11 52.47 -26.05
CA ALA M 261 -65.18 52.36 -25.06
C ALA M 261 -66.43 51.75 -25.68
N TRP M 262 -66.67 52.00 -26.96
CA TRP M 262 -67.86 51.46 -27.61
C TRP M 262 -67.69 50.03 -28.07
N GLU M 263 -66.48 49.61 -28.45
CA GLU M 263 -66.29 48.26 -28.96
C GLU M 263 -66.40 47.19 -27.88
N LEU M 264 -66.60 47.56 -26.62
CA LEU M 264 -66.91 46.58 -25.59
C LEU M 264 -68.42 46.40 -25.43
N GLN M 265 -69.17 47.50 -25.45
CA GLN M 265 -70.62 47.41 -25.37
C GLN M 265 -71.22 46.68 -26.55
N LYS M 266 -70.45 46.46 -27.62
CA LYS M 266 -70.86 45.56 -28.68
C LYS M 266 -70.82 44.10 -28.25
N LEU M 267 -70.22 43.81 -27.10
CA LEU M 267 -70.05 42.45 -26.59
C LEU M 267 -71.01 42.14 -25.45
N ARG M 268 -72.28 42.56 -25.58
CA ARG M 268 -73.28 42.21 -24.57
C ARG M 268 -73.35 40.71 -24.34
N GLU M 269 -73.01 39.91 -25.34
CA GLU M 269 -72.87 38.47 -25.15
C GLU M 269 -71.91 38.20 -24.00
N ASP M 270 -72.27 37.23 -23.15
CA ASP M 270 -71.57 37.00 -21.90
C ASP M 270 -70.92 35.62 -21.87
N PRO M 271 -69.71 35.47 -22.40
CA PRO M 271 -68.96 34.22 -22.19
C PRO M 271 -68.50 34.02 -20.75
N SER M 272 -68.80 34.95 -19.84
CA SER M 272 -68.44 34.85 -18.43
C SER M 272 -66.93 34.72 -18.25
N LEU M 273 -66.23 35.79 -18.67
CA LEU M 273 -64.77 35.84 -18.65
C LEU M 273 -64.23 36.80 -17.59
N ALA M 274 -64.86 37.96 -17.46
CA ALA M 274 -64.49 38.98 -16.46
C ALA M 274 -63.03 39.40 -16.63
N GLY M 275 -62.77 40.03 -17.77
CA GLY M 275 -61.47 40.62 -18.05
C GLY M 275 -60.78 40.10 -19.29
N LYS M 276 -61.30 39.05 -19.93
CA LYS M 276 -60.69 38.51 -21.15
C LYS M 276 -61.17 39.26 -22.39
N ASP M 277 -62.29 39.99 -22.29
CA ASP M 277 -62.76 40.77 -23.41
C ASP M 277 -61.74 41.84 -23.83
N ASP M 278 -60.98 42.37 -22.88
CA ASP M 278 -60.01 43.40 -23.18
C ASP M 278 -58.89 42.90 -24.09
N GLU M 279 -58.55 41.61 -24.00
CA GLU M 279 -57.63 41.00 -24.96
C GLU M 279 -58.35 40.42 -26.16
N TYR M 280 -59.62 40.06 -26.01
CA TYR M 280 -60.44 39.68 -27.15
C TYR M 280 -60.58 40.83 -28.14
N LEU M 281 -60.45 42.06 -27.66
CA LEU M 281 -60.50 43.25 -28.50
C LEU M 281 -59.25 43.43 -29.35
N GLU M 282 -58.32 42.48 -29.34
CA GLU M 282 -57.12 42.60 -30.16
C GLU M 282 -57.31 42.06 -31.57
N ASN M 283 -58.54 41.67 -31.91
CA ASN M 283 -58.84 41.35 -33.30
C ASN M 283 -59.08 42.60 -34.12
N LEU M 284 -59.61 43.66 -33.50
CA LEU M 284 -60.01 44.85 -34.25
C LEU M 284 -59.16 46.07 -33.93
N VAL M 285 -59.12 46.52 -32.68
CA VAL M 285 -58.57 47.82 -32.33
C VAL M 285 -58.10 47.79 -30.88
N LEU M 286 -56.99 48.47 -30.60
CA LEU M 286 -56.63 48.92 -29.25
C LEU M 286 -55.49 49.90 -29.31
N CYS M 287 -55.57 50.98 -28.54
CA CYS M 287 -54.50 51.97 -28.43
C CYS M 287 -54.24 52.28 -26.97
N THR M 288 -53.16 53.02 -26.73
CA THR M 288 -52.79 53.42 -25.38
C THR M 288 -51.78 54.55 -25.46
N LYS M 289 -51.58 55.21 -24.32
CA LYS M 289 -50.65 56.33 -24.21
C LYS M 289 -49.67 56.06 -23.09
N SER M 290 -48.39 56.03 -23.43
CA SER M 290 -47.29 55.99 -22.45
C SER M 290 -47.38 54.76 -21.55
N GLY M 291 -47.60 53.60 -22.17
CA GLY M 291 -47.58 52.39 -21.39
C GLY M 291 -46.18 52.00 -20.96
N LYS M 292 -45.37 51.47 -21.88
CA LYS M 292 -43.92 51.37 -21.69
C LYS M 292 -43.16 52.60 -22.18
N PRO M 293 -43.39 53.08 -23.43
CA PRO M 293 -42.59 54.20 -23.93
C PRO M 293 -43.23 55.54 -23.68
N ALA M 294 -42.54 56.62 -24.03
CA ALA M 294 -43.04 57.98 -23.78
C ALA M 294 -43.70 58.53 -25.04
N MET M 295 -44.75 57.84 -25.50
CA MET M 295 -45.49 58.28 -26.68
C MET M 295 -46.77 57.47 -26.79
N ASN M 296 -47.57 57.80 -27.80
CA ASN M 296 -48.83 57.16 -28.12
C ASN M 296 -48.59 55.99 -29.06
N ASP M 297 -49.37 54.92 -28.88
CA ASP M 297 -49.17 53.75 -29.72
C ASP M 297 -50.41 52.88 -29.66
N ARG M 298 -50.33 51.72 -30.33
CA ARG M 298 -51.44 50.79 -30.47
C ARG M 298 -50.96 49.39 -30.15
N GLY M 299 -51.89 48.44 -30.20
CA GLY M 299 -51.59 47.06 -29.88
C GLY M 299 -52.35 46.11 -30.77
N ARG M 300 -51.85 44.88 -30.82
CA ARG M 300 -52.45 43.78 -31.56
C ARG M 300 -52.01 42.48 -30.90
N VAL M 301 -52.15 41.36 -31.62
CA VAL M 301 -52.08 40.01 -31.07
C VAL M 301 -50.93 39.86 -30.08
N GLY M 302 -51.22 39.32 -28.90
CA GLY M 302 -50.28 39.30 -27.80
C GLY M 302 -49.85 37.94 -27.29
N LEU M 303 -49.87 36.94 -28.18
CA LEU M 303 -49.30 35.61 -28.05
C LEU M 303 -50.07 34.70 -27.11
N ALA M 304 -51.09 35.17 -26.39
CA ALA M 304 -51.88 34.25 -25.57
C ALA M 304 -53.33 34.18 -26.04
N LEU M 305 -54.06 35.30 -25.98
CA LEU M 305 -55.34 35.47 -26.67
C LEU M 305 -56.43 34.53 -26.15
N ASP M 306 -56.08 33.60 -25.24
CA ASP M 306 -57.02 32.57 -24.83
C ASP M 306 -57.01 32.25 -23.35
N TYR M 307 -56.39 33.09 -22.51
CA TYR M 307 -56.42 32.85 -21.06
C TYR M 307 -55.95 34.07 -20.27
N GLU M 318 -53.45 30.63 -14.13
CA GLU M 318 -53.13 32.01 -14.46
C GLU M 318 -53.28 32.84 -13.19
N ALA M 319 -53.21 32.17 -12.04
CA ALA M 319 -53.30 32.92 -10.78
C ALA M 319 -52.15 33.92 -10.69
N GLU M 320 -50.92 33.43 -10.56
CA GLU M 320 -49.68 34.13 -10.86
C GLU M 320 -49.77 35.62 -10.59
N VAL M 321 -50.03 36.00 -9.33
CA VAL M 321 -50.25 37.40 -8.99
C VAL M 321 -49.05 38.27 -9.39
N ALA M 322 -47.86 37.67 -9.52
CA ALA M 322 -46.70 38.41 -9.97
C ALA M 322 -46.83 38.78 -11.45
N SER M 323 -45.90 39.60 -11.91
CA SER M 323 -45.87 40.08 -13.29
C SER M 323 -44.79 39.39 -14.11
N TRP M 324 -44.61 38.08 -13.88
CA TRP M 324 -43.59 37.34 -14.62
C TRP M 324 -43.87 37.34 -16.12
N ILE M 325 -45.15 37.44 -16.50
CA ILE M 325 -45.47 37.49 -17.93
C ILE M 325 -45.15 38.85 -18.52
N ALA M 326 -45.20 39.91 -17.69
CA ALA M 326 -44.99 41.26 -18.19
C ALA M 326 -43.61 41.47 -18.80
N ASP M 327 -42.63 40.66 -18.43
CA ASP M 327 -41.29 40.74 -19.00
C ASP M 327 -40.95 39.50 -19.82
N ASN M 328 -41.95 38.73 -20.22
CA ASN M 328 -41.72 37.55 -21.04
C ASN M 328 -42.66 37.45 -22.23
N GLU M 329 -43.69 38.27 -22.31
CA GLU M 329 -44.58 38.29 -23.46
C GLU M 329 -44.40 39.61 -24.22
N ARG M 330 -44.77 39.59 -25.50
CA ARG M 330 -44.43 40.70 -26.41
C ARG M 330 -45.64 41.12 -27.24
N THR M 331 -46.47 42.01 -26.70
CA THR M 331 -47.35 42.79 -27.55
C THR M 331 -46.50 43.75 -28.37
N TRP M 332 -46.80 43.89 -29.65
CA TRP M 332 -45.72 44.40 -30.49
C TRP M 332 -45.59 45.92 -30.43
N SER M 333 -46.35 46.65 -31.25
CA SER M 333 -46.63 48.08 -31.12
C SER M 333 -47.19 48.60 -32.45
N ILE M 334 -47.56 49.87 -32.48
CA ILE M 334 -47.46 50.72 -33.68
C ILE M 334 -47.15 52.14 -33.19
N LEU M 335 -45.95 52.65 -33.50
CA LEU M 335 -45.60 53.96 -32.97
C LEU M 335 -46.26 55.07 -33.79
N ILE M 336 -45.97 56.31 -33.44
CA ILE M 336 -46.55 57.51 -34.06
C ILE M 336 -45.57 58.65 -33.88
N GLY M 337 -45.40 59.49 -34.91
CA GLY M 337 -44.50 60.63 -34.83
C GLY M 337 -44.89 61.72 -35.81
N CYS M 338 -43.90 62.46 -36.28
CA CYS M 338 -44.07 63.42 -37.37
C CYS M 338 -42.73 63.65 -38.04
N ALA M 339 -42.77 63.92 -39.35
CA ALA M 339 -41.54 64.01 -40.14
C ALA M 339 -41.78 64.92 -41.34
N PRO M 340 -40.74 65.51 -41.90
CA PRO M 340 -40.93 66.35 -43.10
C PRO M 340 -41.33 65.51 -44.31
N LEU M 341 -42.18 66.10 -45.14
CA LEU M 341 -42.71 65.46 -46.34
C LEU M 341 -42.00 66.02 -47.57
N ARG M 342 -41.93 65.20 -48.61
CA ARG M 342 -41.21 65.58 -49.81
C ARG M 342 -42.09 65.49 -51.05
N ASP M 343 -42.96 64.48 -51.13
CA ASP M 343 -43.78 64.25 -52.30
C ASP M 343 -45.18 64.77 -52.04
N LEU M 344 -45.64 65.67 -52.91
CA LEU M 344 -46.93 66.32 -52.71
C LEU M 344 -48.09 65.45 -53.19
N SER M 345 -48.14 64.21 -52.72
CA SER M 345 -49.33 63.37 -52.83
C SER M 345 -49.98 63.13 -51.48
N ILE M 346 -49.45 63.73 -50.41
CA ILE M 346 -49.91 63.52 -49.05
C ILE M 346 -50.55 64.81 -48.56
N ASN M 347 -51.71 64.70 -47.94
CA ASN M 347 -52.33 65.86 -47.31
C ASN M 347 -51.40 66.39 -46.22
N PRO M 348 -51.39 67.69 -45.97
CA PRO M 348 -50.65 68.22 -44.82
C PRO M 348 -51.28 67.82 -43.50
N VAL M 349 -50.72 68.27 -42.38
CA VAL M 349 -51.38 68.09 -41.09
C VAL M 349 -52.73 68.80 -41.10
N ARG M 350 -53.79 68.03 -40.87
CA ARG M 350 -55.13 68.56 -40.70
C ARG M 350 -55.40 68.63 -39.21
N ILE M 351 -55.17 69.81 -38.62
CA ILE M 351 -55.42 69.98 -37.19
C ILE M 351 -56.88 69.67 -36.90
N SER M 352 -57.11 68.86 -35.88
CA SER M 352 -58.37 68.16 -35.72
C SER M 352 -59.15 68.62 -34.51
N ASP M 353 -60.46 68.59 -34.66
CA ASP M 353 -61.43 68.73 -33.59
C ASP M 353 -62.36 67.53 -33.51
N LYS M 354 -62.66 66.90 -34.64
CA LYS M 354 -63.48 65.71 -34.68
C LYS M 354 -63.14 64.91 -35.93
N TRP M 355 -63.05 63.59 -35.78
CA TRP M 355 -62.92 62.69 -36.92
C TRP M 355 -64.11 61.77 -37.06
N ILE M 356 -64.98 61.71 -36.07
CA ILE M 356 -66.00 60.67 -35.96
C ILE M 356 -67.30 61.32 -35.53
N GLY M 357 -68.43 60.78 -36.01
CA GLY M 357 -69.72 61.32 -35.72
C GLY M 357 -70.10 61.24 -34.25
N PRO M 358 -71.28 61.76 -33.90
CA PRO M 358 -71.72 61.75 -32.51
C PRO M 358 -72.40 60.46 -32.06
N ASN M 359 -72.36 59.40 -32.87
CA ASN M 359 -72.97 58.13 -32.51
C ASN M 359 -72.09 56.94 -32.87
N VAL M 360 -70.78 57.11 -32.88
CA VAL M 360 -69.84 56.06 -33.27
C VAL M 360 -70.03 55.70 -34.73
N LYS M 362 -72.48 54.39 -36.00
CA LYS M 362 -72.51 53.28 -36.94
C LYS M 362 -71.25 53.23 -37.81
N THR M 363 -70.09 53.50 -37.20
CA THR M 363 -68.74 53.32 -37.77
C THR M 363 -68.40 54.37 -38.81
N SER M 364 -69.06 55.53 -38.83
CA SER M 364 -68.71 56.57 -39.78
C SER M 364 -67.36 57.19 -39.43
N LEU M 365 -66.77 57.90 -40.40
CA LEU M 365 -65.48 58.57 -40.22
C LEU M 365 -65.42 59.84 -41.06
N PRO M 366 -65.83 60.98 -40.50
CA PRO M 366 -65.50 62.27 -41.13
C PRO M 366 -64.01 62.58 -41.09
N ASP M 367 -63.61 63.76 -41.59
CA ASP M 367 -62.21 64.16 -41.66
C ASP M 367 -62.04 65.63 -41.35
N GLY M 368 -60.86 66.01 -40.87
CA GLY M 368 -60.53 67.41 -40.71
C GLY M 368 -60.48 68.13 -42.04
N LEU M 369 -60.38 69.46 -41.98
CA LEU M 369 -60.62 70.19 -43.22
C LEU M 369 -59.39 70.73 -43.95
N HIS M 370 -58.70 71.76 -43.43
CA HIS M 370 -57.69 72.42 -44.24
C HIS M 370 -57.06 73.62 -43.53
N THR M 371 -56.04 74.18 -44.19
CA THR M 371 -55.65 75.60 -44.14
C THR M 371 -55.31 76.05 -42.71
N GLY M 372 -54.18 75.54 -42.22
CA GLY M 372 -53.53 76.16 -41.09
C GLY M 372 -52.27 76.88 -41.53
N GLU M 373 -52.34 77.65 -42.62
CA GLU M 373 -51.13 78.15 -43.29
C GLU M 373 -50.25 76.94 -43.59
N PRO M 374 -50.58 76.17 -44.64
CA PRO M 374 -50.36 74.71 -44.65
C PRO M 374 -49.05 74.19 -44.07
N ILE M 375 -49.11 72.95 -43.58
CA ILE M 375 -48.12 72.39 -42.65
C ILE M 375 -47.55 71.12 -43.27
N ILE M 376 -46.74 70.39 -42.49
CA ILE M 376 -46.05 69.20 -42.93
C ILE M 376 -46.52 68.03 -42.07
N ASP M 377 -46.79 66.89 -42.72
CA ASP M 377 -47.57 65.81 -42.11
C ASP M 377 -46.64 64.89 -41.32
N TRP M 378 -47.17 63.73 -40.91
CA TRP M 378 -46.52 62.89 -39.92
C TRP M 378 -46.23 61.52 -40.51
N LEU M 379 -45.80 60.60 -39.63
CA LEU M 379 -45.42 59.24 -40.01
C LEU M 379 -45.60 58.33 -38.80
N ASP M 380 -45.33 57.03 -39.00
CA ASP M 380 -45.40 56.08 -37.90
C ASP M 380 -44.64 54.79 -38.21
N PRO M 381 -43.75 54.34 -37.32
CA PRO M 381 -43.06 53.08 -37.56
C PRO M 381 -43.71 51.89 -36.86
N GLU M 382 -43.19 50.67 -37.17
CA GLU M 382 -43.50 49.35 -36.65
C GLU M 382 -42.44 48.88 -35.67
N PRO M 383 -42.82 48.22 -34.60
CA PRO M 383 -41.85 47.83 -33.57
C PRO M 383 -40.87 46.78 -34.04
N THR M 384 -41.41 45.65 -34.51
CA THR M 384 -40.63 44.52 -34.97
C THR M 384 -41.05 44.28 -36.42
N PHE M 385 -40.26 44.81 -37.36
CA PHE M 385 -40.62 44.78 -38.76
C PHE M 385 -40.93 43.37 -39.22
N ILE M 386 -42.03 43.22 -39.95
CA ILE M 386 -42.50 41.92 -40.43
C ILE M 386 -42.24 41.84 -41.92
N PRO M 387 -41.67 40.74 -42.42
CA PRO M 387 -41.45 40.59 -43.86
C PRO M 387 -42.72 40.17 -44.57
N ALA M 388 -43.28 41.08 -45.37
CA ALA M 388 -44.44 40.80 -46.19
C ALA M 388 -43.97 40.28 -47.54
N THR M 389 -44.77 39.40 -48.15
CA THR M 389 -44.44 38.88 -49.46
C THR M 389 -44.50 39.99 -50.51
N ASP M 390 -44.11 39.63 -51.73
CA ASP M 390 -44.09 40.59 -52.84
C ASP M 390 -45.53 40.86 -53.29
N GLN M 391 -46.20 41.72 -52.53
CA GLN M 391 -47.57 42.11 -52.84
C GLN M 391 -47.67 43.60 -53.17
N GLN M 392 -47.32 44.46 -52.21
CA GLN M 392 -47.22 45.91 -52.40
C GLN M 392 -48.39 46.47 -53.22
N GLN M 393 -49.59 46.32 -52.67
CA GLN M 393 -50.81 46.74 -53.34
C GLN M 393 -51.53 47.80 -52.52
N GLN M 394 -51.87 48.92 -53.17
CA GLN M 394 -52.75 49.94 -52.63
C GLN M 394 -52.21 50.50 -51.31
N GLN M 395 -51.07 51.17 -51.41
CA GLN M 395 -50.52 51.90 -50.28
C GLN M 395 -51.54 52.94 -49.80
N PRO M 578 -35.19 22.96 -51.51
CA PRO M 578 -33.73 22.87 -51.41
C PRO M 578 -33.21 22.89 -49.98
N ASN M 579 -33.39 24.00 -49.27
CA ASN M 579 -32.90 24.09 -47.90
C ASN M 579 -33.53 23.00 -47.04
N ALA M 580 -32.71 22.41 -46.17
CA ALA M 580 -33.12 21.26 -45.36
C ALA M 580 -32.59 21.39 -43.95
N ASP M 581 -32.52 22.60 -43.42
CA ASP M 581 -31.99 22.82 -42.08
C ASP M 581 -32.87 22.14 -41.03
N THR M 582 -32.29 21.94 -39.85
CA THR M 582 -32.96 21.21 -38.79
C THR M 582 -32.35 21.59 -37.44
N THR M 583 -33.09 21.30 -36.38
CA THR M 583 -32.66 21.60 -35.02
C THR M 583 -33.18 20.52 -34.08
N THR M 584 -32.93 20.71 -32.79
CA THR M 584 -33.42 19.84 -31.74
C THR M 584 -33.86 20.68 -30.56
N SER M 585 -35.03 20.36 -30.00
CA SER M 585 -35.62 21.15 -28.93
C SER M 585 -36.08 20.20 -27.83
N LYS M 586 -36.76 20.76 -26.82
CA LYS M 586 -37.20 19.98 -25.66
C LYS M 586 -38.56 20.48 -25.22
N PRO M 587 -39.63 19.86 -25.69
CA PRO M 587 -40.99 20.24 -25.28
C PRO M 587 -41.26 19.85 -23.83
N THR M 588 -42.48 20.12 -23.38
CA THR M 588 -42.88 19.86 -21.99
C THR M 588 -44.30 19.32 -21.95
N PRO M 589 -44.46 18.00 -22.10
CA PRO M 589 -45.77 17.39 -21.89
C PRO M 589 -45.93 16.83 -20.48
N ASN M 590 -47.14 17.00 -19.93
CA ASN M 590 -47.45 16.47 -18.62
C ASN M 590 -48.54 15.41 -18.66
N ALA M 591 -49.74 15.74 -19.16
CA ALA M 591 -50.83 14.80 -19.33
C ALA M 591 -51.91 15.42 -20.20
N LYS M 592 -52.27 14.77 -21.29
CA LYS M 592 -53.21 15.35 -22.24
C LYS M 592 -53.93 14.23 -22.98
N ALA M 593 -54.55 14.57 -24.10
CA ALA M 593 -55.30 13.62 -24.91
C ALA M 593 -54.35 12.64 -25.58
N SER M 594 -54.90 11.80 -26.47
CA SER M 594 -54.15 10.74 -27.13
C SER M 594 -52.77 11.22 -27.60
N HIS M 595 -52.75 12.26 -28.42
CA HIS M 595 -51.47 12.85 -28.83
C HIS M 595 -51.70 14.31 -29.20
N LYS M 596 -50.75 15.16 -28.84
CA LYS M 596 -50.91 16.60 -28.94
C LYS M 596 -49.82 17.20 -29.83
N LYS M 597 -49.94 18.51 -30.05
CA LYS M 597 -48.96 19.26 -30.82
C LYS M 597 -47.74 19.55 -29.96
N LEU M 598 -46.85 20.39 -30.50
CA LEU M 598 -45.62 20.76 -29.81
C LEU M 598 -45.34 22.26 -29.80
N ASP M 599 -45.95 23.05 -30.67
CA ASP M 599 -45.50 24.40 -30.94
C ASP M 599 -46.32 25.49 -30.28
N ASP M 600 -47.64 25.34 -30.20
CA ASP M 600 -48.49 26.38 -29.62
C ASP M 600 -49.85 25.76 -29.32
N PHE M 601 -50.80 26.59 -28.92
CA PHE M 601 -52.12 26.14 -28.49
C PHE M 601 -53.17 26.16 -29.60
N GLU M 602 -53.22 27.24 -30.39
CA GLU M 602 -54.31 27.41 -31.35
C GLU M 602 -54.39 26.24 -32.33
N ALA M 603 -53.34 25.43 -32.42
CA ALA M 603 -53.37 24.24 -33.25
C ALA M 603 -54.37 23.21 -32.75
N PHE M 604 -55.05 23.52 -31.64
CA PHE M 604 -56.10 22.67 -31.12
C PHE M 604 -57.42 22.88 -31.87
N LEU M 605 -57.93 24.11 -31.84
CA LEU M 605 -59.27 24.36 -32.38
C LEU M 605 -59.27 24.29 -33.90
N ALA M 606 -58.19 24.74 -34.55
CA ALA M 606 -58.07 24.54 -35.98
C ALA M 606 -58.10 23.06 -36.33
N LYS M 607 -57.48 22.23 -35.50
CA LYS M 607 -57.48 20.78 -35.71
C LYS M 607 -58.78 20.22 -35.14
N HIS M 608 -59.87 20.48 -35.88
CA HIS M 608 -61.18 19.99 -35.46
C HIS M 608 -62.09 19.89 -36.68
N SER M 609 -62.27 18.68 -37.18
CA SER M 609 -63.38 18.36 -38.07
C SER M 609 -64.58 17.85 -37.27
N SER M 610 -64.31 17.04 -36.25
CA SER M 610 -65.31 16.53 -35.32
C SER M 610 -64.60 16.20 -34.02
N HIS M 611 -65.29 15.52 -33.12
CA HIS M 611 -64.64 15.04 -31.90
C HIS M 611 -63.54 14.04 -32.18
N SER M 612 -63.55 13.40 -33.35
CA SER M 612 -62.55 12.40 -33.72
C SER M 612 -62.47 12.33 -35.23
N GLY M 613 -61.79 11.31 -35.73
CA GLY M 613 -61.60 11.10 -37.16
C GLY M 613 -60.48 11.91 -37.76
N PRO M 614 -59.26 11.86 -37.15
CA PRO M 614 -58.12 12.63 -37.66
C PRO M 614 -57.34 11.90 -38.74
N ILE M 615 -58.03 11.34 -39.71
CA ILE M 615 -57.39 10.53 -40.75
C ILE M 615 -57.03 11.49 -41.88
N SER M 616 -55.89 12.16 -41.70
CA SER M 616 -55.28 13.04 -42.69
C SER M 616 -56.33 13.84 -43.46
N ASN M 617 -57.13 14.60 -42.70
CA ASN M 617 -58.26 15.30 -43.28
C ASN M 617 -57.80 16.32 -44.33
N MET M 618 -56.59 16.84 -44.18
CA MET M 618 -55.87 17.62 -45.17
C MET M 618 -56.53 18.96 -45.51
N THR M 619 -57.49 19.42 -44.72
CA THR M 619 -58.06 20.74 -44.99
C THR M 619 -58.68 21.33 -43.73
N PRO M 620 -57.89 21.84 -42.80
CA PRO M 620 -58.44 22.64 -41.70
C PRO M 620 -58.42 24.12 -42.04
N SER M 621 -59.21 24.88 -41.28
CA SER M 621 -59.36 26.30 -41.56
C SER M 621 -58.23 27.12 -40.93
N GLN M 622 -58.10 27.07 -39.60
CA GLN M 622 -57.14 27.88 -38.86
C GLN M 622 -57.38 29.37 -39.14
N HIS M 623 -58.53 29.83 -38.66
CA HIS M 623 -59.02 31.17 -38.97
C HIS M 623 -58.01 32.25 -38.58
N GLN M 624 -57.70 33.10 -39.55
CA GLN M 624 -56.92 34.32 -39.37
C GLN M 624 -57.36 35.28 -40.46
N PRO M 625 -56.98 36.56 -40.36
CA PRO M 625 -57.25 37.48 -41.48
C PRO M 625 -56.86 36.91 -42.84
N SER M 626 -55.84 36.04 -42.87
CA SER M 626 -55.55 35.20 -44.03
C SER M 626 -55.66 33.76 -43.54
N SER M 627 -56.47 32.95 -44.22
CA SER M 627 -56.72 31.58 -43.80
C SER M 627 -55.45 30.73 -43.85
N ASP M 628 -55.54 29.49 -43.39
CA ASP M 628 -54.37 28.61 -43.35
C ASP M 628 -54.80 27.26 -43.91
N LEU M 629 -53.92 26.27 -43.81
CA LEU M 629 -53.87 25.20 -44.81
C LEU M 629 -53.75 23.84 -44.13
N SER M 630 -53.28 22.87 -44.94
CA SER M 630 -53.55 21.45 -44.80
C SER M 630 -52.76 20.83 -43.64
N ILE M 631 -52.89 19.51 -43.50
CA ILE M 631 -52.27 18.76 -42.42
C ILE M 631 -52.29 17.30 -42.81
N ASP M 632 -51.32 16.53 -42.34
CA ASP M 632 -51.24 15.12 -42.68
C ASP M 632 -50.57 14.38 -41.54
N VAL M 633 -50.87 13.09 -41.45
CA VAL M 633 -50.28 12.23 -40.43
C VAL M 633 -50.24 10.81 -40.99
N THR M 634 -49.14 10.11 -40.70
CA THR M 634 -48.99 8.73 -41.12
C THR M 634 -49.54 7.81 -40.03
N LEU M 635 -49.39 6.50 -40.22
CA LEU M 635 -49.85 5.51 -39.25
C LEU M 635 -48.76 4.48 -39.03
N ARG M 636 -48.41 4.24 -37.77
CA ARG M 636 -47.35 3.31 -37.41
C ARG M 636 -46.02 3.70 -38.05
N PRO M 642 -48.02 7.00 -35.05
CA PRO M 642 -48.25 8.11 -35.98
C PRO M 642 -47.20 9.21 -35.87
N LYS M 643 -46.07 9.04 -36.53
CA LYS M 643 -44.99 10.03 -36.53
C LYS M 643 -45.34 11.11 -37.54
N LEU M 644 -45.85 12.23 -37.05
CA LEU M 644 -46.53 13.19 -37.91
C LEU M 644 -45.55 13.89 -38.85
N GLN M 645 -46.13 14.52 -39.87
CA GLN M 645 -45.42 15.44 -40.77
C GLN M 645 -46.49 16.25 -41.49
N ILE M 646 -46.34 17.57 -41.52
CA ILE M 646 -47.42 18.45 -41.94
C ILE M 646 -46.94 19.40 -43.03
N VAL M 647 -47.90 20.06 -43.66
CA VAL M 647 -47.65 21.00 -44.75
C VAL M 647 -48.62 22.17 -44.61
N PHE M 648 -48.10 23.38 -44.75
CA PHE M 648 -48.92 24.58 -44.58
C PHE M 648 -48.51 25.67 -45.56
N PRO M 649 -49.12 25.70 -46.74
CA PRO M 649 -49.04 26.90 -47.57
C PRO M 649 -49.86 28.03 -47.00
N LEU M 650 -49.87 29.15 -47.72
CA LEU M 650 -50.62 30.34 -47.34
C LEU M 650 -51.55 30.69 -48.51
N HIS M 651 -52.81 30.28 -48.41
CA HIS M 651 -53.79 30.49 -49.47
C HIS M 651 -54.46 31.86 -49.29
N ALA M 652 -53.62 32.89 -49.31
CA ALA M 652 -54.07 34.27 -49.32
C ALA M 652 -54.07 34.86 -50.73
N THR M 653 -54.37 34.02 -51.73
CA THR M 653 -54.29 34.33 -53.16
C THR M 653 -52.86 34.56 -53.63
N SER M 654 -51.87 34.44 -52.76
CA SER M 654 -50.47 34.46 -53.16
C SER M 654 -49.92 33.05 -53.35
N LYS M 655 -50.37 32.10 -52.54
CA LYS M 655 -50.19 30.67 -52.77
C LYS M 655 -48.70 30.30 -52.85
N GLU M 656 -48.02 30.48 -51.72
CA GLU M 656 -46.67 30.00 -51.54
C GLU M 656 -46.66 28.95 -50.43
N GLU M 657 -45.95 27.85 -50.65
CA GLU M 657 -46.04 26.70 -49.77
C GLU M 657 -44.70 26.36 -49.13
N VAL M 658 -44.78 25.85 -47.91
CA VAL M 658 -43.64 25.38 -47.13
C VAL M 658 -44.11 24.16 -46.32
N LYS M 659 -43.19 23.53 -45.61
CA LYS M 659 -43.56 22.36 -44.81
C LYS M 659 -42.46 22.06 -43.81
N GLY M 660 -42.82 21.26 -42.81
CA GLY M 660 -41.88 20.81 -41.81
C GLY M 660 -42.21 19.40 -41.37
N LYS M 661 -41.16 18.67 -40.98
CA LYS M 661 -41.30 17.31 -40.48
C LYS M 661 -40.90 17.22 -39.01
N ILE M 662 -41.21 16.07 -38.41
CA ILE M 662 -41.07 15.88 -36.98
C ILE M 662 -40.69 14.43 -36.72
N ALA M 663 -39.74 14.25 -35.80
CA ALA M 663 -39.35 12.92 -35.34
C ALA M 663 -39.04 12.99 -33.85
N HIS M 664 -39.13 11.85 -33.19
CA HIS M 664 -38.93 11.80 -31.73
C HIS M 664 -37.62 11.12 -31.37
N GLU M 685 -43.74 17.91 -18.20
CA GLU M 685 -42.85 18.77 -17.43
C GLU M 685 -41.40 18.37 -17.65
N GLU M 686 -41.13 17.76 -18.80
CA GLU M 686 -39.80 17.24 -19.08
C GLU M 686 -39.56 17.27 -20.58
N GLY M 687 -38.30 17.45 -20.95
CA GLY M 687 -37.94 17.46 -22.36
C GLY M 687 -38.19 16.12 -23.02
N ASP M 688 -38.38 16.18 -24.34
CA ASP M 688 -38.64 14.98 -25.13
C ASP M 688 -37.70 14.82 -26.31
N GLN M 689 -36.85 15.80 -26.61
CA GLN M 689 -35.84 15.72 -27.67
C GLN M 689 -36.48 15.39 -29.01
N MET M 690 -37.33 16.32 -29.46
CA MET M 690 -37.96 16.18 -30.76
C MET M 690 -36.99 16.58 -31.86
N GLU M 691 -37.41 16.35 -33.11
CA GLU M 691 -36.57 16.59 -34.28
C GLU M 691 -37.27 17.56 -35.22
N GLY M 692 -37.02 18.85 -35.02
CA GLY M 692 -37.55 19.86 -35.92
C GLY M 692 -36.70 19.93 -37.19
N VAL M 693 -37.38 20.02 -38.33
CA VAL M 693 -36.71 20.11 -39.62
C VAL M 693 -37.68 20.73 -40.62
N LYS M 694 -37.16 21.61 -41.48
CA LYS M 694 -37.98 22.34 -42.44
C LYS M 694 -37.40 22.19 -43.83
N THR M 695 -38.28 22.05 -44.83
CA THR M 695 -37.90 22.03 -46.24
C THR M 695 -38.92 22.82 -47.02
N GLU M 696 -38.45 23.64 -47.96
CA GLU M 696 -39.32 24.46 -48.79
C GLU M 696 -39.21 24.04 -50.25
N GLY M 697 -40.31 24.25 -50.98
CA GLY M 697 -40.35 23.88 -52.39
C GLY M 697 -39.98 25.01 -53.33
N ASP M 698 -40.64 26.16 -53.18
CA ASP M 698 -40.44 27.31 -54.04
C ASP M 698 -39.89 28.48 -53.22
N GLU M 699 -39.46 29.52 -53.91
CA GLU M 699 -38.94 30.72 -53.26
C GLU M 699 -39.45 31.95 -54.01
N ASP M 700 -39.33 33.10 -53.35
CA ASP M 700 -39.72 34.39 -53.92
C ASP M 700 -39.17 35.48 -53.01
N GLY M 701 -39.51 36.72 -53.32
CA GLY M 701 -39.00 37.86 -52.58
C GLY M 701 -39.92 38.31 -51.46
N GLU M 702 -39.30 38.76 -50.37
CA GLU M 702 -39.99 39.32 -49.23
C GLU M 702 -39.49 40.75 -49.00
N GLU M 703 -40.37 41.58 -48.43
CA GLU M 703 -40.12 43.02 -48.37
C GLU M 703 -39.47 43.48 -47.06
N LYS M 704 -39.94 42.96 -45.92
CA LYS M 704 -39.44 43.36 -44.60
C LYS M 704 -39.59 44.87 -44.39
N LYS M 705 -40.85 45.30 -44.33
CA LYS M 705 -41.16 46.71 -44.17
C LYS M 705 -41.11 47.12 -42.72
N ARG M 706 -40.67 48.36 -42.49
CA ARG M 706 -40.55 48.90 -41.13
C ARG M 706 -41.31 50.19 -40.90
N ARG M 707 -41.61 50.97 -41.94
CA ARG M 707 -42.29 52.26 -41.77
C ARG M 707 -42.82 52.74 -43.11
N ARG M 708 -44.09 53.11 -43.14
CA ARG M 708 -44.65 53.83 -44.29
C ARG M 708 -45.64 54.86 -43.75
N PRO M 709 -45.61 56.09 -44.25
CA PRO M 709 -46.47 57.13 -43.72
C PRO M 709 -47.82 57.19 -44.42
N GLN M 710 -48.82 57.67 -43.69
CA GLN M 710 -50.19 57.70 -44.19
C GLN M 710 -50.62 59.13 -44.51
N PRO M 711 -51.57 59.30 -45.42
CA PRO M 711 -52.01 60.65 -45.79
C PRO M 711 -53.09 61.21 -44.88
N GLY M 712 -53.75 60.34 -44.12
CA GLY M 712 -54.84 60.79 -43.30
C GLY M 712 -55.22 59.82 -42.21
N ASP M 713 -56.49 59.86 -41.84
CA ASP M 713 -56.96 59.16 -40.65
C ASP M 713 -57.07 57.65 -40.87
N LEU M 714 -57.92 57.23 -41.80
CA LEU M 714 -58.33 55.83 -41.87
C LEU M 714 -57.22 54.92 -42.36
N ALA M 715 -56.31 55.44 -43.18
CA ALA M 715 -55.33 54.61 -43.88
C ALA M 715 -54.47 53.77 -42.96
N ARG M 716 -54.51 54.00 -41.65
CA ARG M 716 -53.76 53.18 -40.71
C ARG M 716 -54.59 52.05 -40.12
N ALA M 717 -55.84 52.33 -39.75
CA ALA M 717 -56.70 51.33 -39.13
C ALA M 717 -57.39 50.43 -40.14
N LEU M 718 -56.89 50.38 -41.38
CA LEU M 718 -57.51 49.59 -42.44
C LEU M 718 -56.77 48.28 -42.71
N GLU M 719 -55.45 48.29 -42.62
CA GLU M 719 -54.63 47.16 -43.04
C GLU M 719 -54.23 46.26 -41.89
N VAL M 720 -54.78 46.48 -40.70
CA VAL M 720 -54.39 45.67 -39.54
C VAL M 720 -54.54 44.19 -39.83
N LEU M 721 -55.60 43.82 -40.55
CA LEU M 721 -55.88 42.40 -40.77
C LEU M 721 -54.70 41.69 -41.41
N GLU M 722 -54.25 42.19 -42.56
CA GLU M 722 -53.17 41.54 -43.28
C GLU M 722 -51.92 41.39 -42.42
N ASP M 723 -51.67 42.36 -41.53
CA ASP M 723 -50.54 42.23 -40.62
C ASP M 723 -50.74 41.09 -39.64
N VAL M 724 -51.91 41.05 -38.99
CA VAL M 724 -52.22 39.96 -38.08
C VAL M 724 -52.06 38.61 -38.77
N GLY M 725 -52.55 38.49 -40.00
CA GLY M 725 -52.43 37.26 -40.73
C GLY M 725 -51.02 36.89 -41.17
N LYS M 726 -50.01 37.60 -40.66
CA LYS M 726 -48.63 37.40 -41.06
C LYS M 726 -47.75 37.04 -39.87
N TRP M 727 -48.23 36.14 -39.02
CA TRP M 727 -47.42 35.64 -37.91
C TRP M 727 -46.84 34.28 -38.29
N ALA M 728 -45.53 34.13 -38.08
CA ALA M 728 -44.77 32.97 -38.50
C ALA M 728 -43.83 32.52 -37.38
N GLU M 729 -44.41 32.29 -36.19
CA GLU M 729 -43.66 32.12 -34.95
C GLU M 729 -42.38 31.30 -35.11
N PHE M 730 -42.51 30.06 -35.58
CA PHE M 730 -41.36 29.18 -35.83
C PHE M 730 -40.38 29.16 -34.66
N VAL M 731 -40.84 28.67 -33.50
CA VAL M 731 -40.01 28.69 -32.31
C VAL M 731 -38.69 27.96 -32.59
N ARG M 732 -37.61 28.51 -32.01
CA ARG M 732 -36.27 27.96 -32.22
C ARG M 732 -35.65 27.52 -30.91
N UNK N 1 -62.05 22.48 -24.90
CA UNK N 1 -61.41 21.40 -24.17
C UNK N 1 -60.91 21.88 -22.82
N UNK N 2 -61.22 21.11 -21.77
CA UNK N 2 -60.80 21.45 -20.42
C UNK N 2 -59.42 20.91 -20.06
N UNK N 3 -58.88 20.00 -20.86
CA UNK N 3 -57.55 19.44 -20.63
C UNK N 3 -56.43 20.37 -21.06
N UNK N 4 -56.76 21.60 -21.46
CA UNK N 4 -55.77 22.60 -21.82
C UNK N 4 -55.48 23.58 -20.71
N UNK N 5 -56.47 23.87 -19.87
CA UNK N 5 -56.25 24.72 -18.71
C UNK N 5 -55.11 24.18 -17.85
N UNK N 6 -55.14 22.89 -17.55
CA UNK N 6 -54.07 22.28 -16.77
C UNK N 6 -52.75 22.29 -17.54
N UNK N 7 -52.79 21.93 -18.83
CA UNK N 7 -51.58 21.87 -19.63
C UNK N 7 -50.89 23.22 -19.73
N UNK N 8 -51.63 24.32 -19.59
CA UNK N 8 -51.05 25.66 -19.62
C UNK N 8 -50.67 26.17 -18.24
N UNK N 9 -51.49 25.87 -17.22
CA UNK N 9 -51.19 26.33 -15.87
C UNK N 9 -49.96 25.63 -15.31
N UNK N 10 -49.79 24.34 -15.63
CA UNK N 10 -48.59 23.64 -15.19
C UNK N 10 -47.32 24.22 -15.79
N UNK N 11 -47.41 24.80 -16.99
CA UNK N 11 -46.26 25.45 -17.60
C UNK N 11 -46.04 26.84 -17.03
N UNK N 12 -47.11 27.58 -16.79
CA UNK N 12 -46.98 28.90 -16.18
C UNK N 12 -46.35 28.80 -14.79
N UNK N 13 -46.87 27.88 -13.96
CA UNK N 13 -46.34 27.72 -12.62
C UNK N 13 -44.91 27.20 -12.64
N UNK N 14 -44.60 26.30 -13.57
CA UNK N 14 -43.23 25.81 -13.70
C UNK N 14 -42.28 26.94 -14.08
N UNK N 15 -42.71 27.83 -14.98
CA UNK N 15 -41.87 28.96 -15.35
C UNK N 15 -41.69 29.91 -14.18
N UNK N 16 -42.76 30.13 -13.41
CA UNK N 16 -42.65 30.96 -12.22
C UNK N 16 -41.65 30.37 -11.22
N UNK N 17 -41.73 29.06 -11.00
CA UNK N 17 -40.79 28.41 -10.10
C UNK N 17 -39.36 28.50 -10.61
N UNK N 18 -39.17 28.31 -11.92
CA UNK N 18 -37.83 28.40 -12.49
C UNK N 18 -37.26 29.80 -12.37
N UNK N 19 -38.10 30.82 -12.54
CA UNK N 19 -37.63 32.19 -12.39
C UNK N 19 -37.43 32.59 -10.93
N UNK N 20 -38.10 31.89 -10.00
CA UNK N 20 -37.88 32.16 -8.59
C UNK N 20 -36.41 32.03 -8.22
N UNK N 21 -35.76 30.96 -8.67
CA UNK N 21 -34.35 30.76 -8.41
C UNK N 21 -33.51 31.80 -9.15
N UNK O 1 -41.71 9.69 -94.97
CA UNK O 1 -41.97 9.68 -93.54
C UNK O 1 -41.01 10.62 -92.80
N UNK O 2 -39.71 10.40 -93.01
CA UNK O 2 -38.71 11.22 -92.35
C UNK O 2 -38.78 12.67 -92.82
N UNK O 3 -39.11 12.90 -94.09
CA UNK O 3 -39.24 14.26 -94.59
C UNK O 3 -40.34 15.01 -93.87
N UNK O 4 -41.54 14.42 -93.79
CA UNK O 4 -42.64 15.06 -93.08
C UNK O 4 -42.35 15.18 -91.60
N UNK O 5 -41.65 14.21 -91.02
CA UNK O 5 -41.26 14.30 -89.62
C UNK O 5 -40.39 15.52 -89.36
N UNK O 6 -39.33 15.68 -90.16
CA UNK O 6 -38.43 16.83 -90.00
C UNK O 6 -39.14 18.14 -90.30
N UNK O 7 -40.07 18.14 -91.26
CA UNK O 7 -40.79 19.36 -91.58
C UNK O 7 -41.69 19.78 -90.42
N UNK O 8 -42.46 18.84 -89.87
CA UNK O 8 -43.27 19.14 -88.70
C UNK O 8 -42.40 19.55 -87.52
N UNK O 9 -41.21 18.95 -87.40
CA UNK O 9 -40.29 19.33 -86.33
C UNK O 9 -39.86 20.78 -86.46
N UNK O 10 -39.41 21.17 -87.65
CA UNK O 10 -39.01 22.56 -87.87
C UNK O 10 -40.18 23.51 -87.64
N UNK O 11 -41.36 23.15 -88.11
CA UNK O 11 -42.54 24.01 -87.96
C UNK O 11 -42.88 24.21 -86.49
N UNK O 12 -42.98 23.11 -85.72
CA UNK O 12 -43.28 23.22 -84.30
C UNK O 12 -42.17 23.93 -83.55
N UNK O 13 -40.92 23.79 -83.99
CA UNK O 13 -39.82 24.50 -83.34
C UNK O 13 -39.93 25.99 -83.56
N UNK O 14 -40.27 26.41 -84.79
CA UNK O 14 -40.50 27.84 -85.03
C UNK O 14 -41.68 28.35 -84.23
N UNK O 15 -42.75 27.54 -84.12
CA UNK O 15 -43.91 27.93 -83.34
C UNK O 15 -43.54 28.12 -81.87
N UNK O 16 -42.74 27.20 -81.33
CA UNK O 16 -42.32 27.30 -79.93
C UNK O 16 -41.41 28.50 -79.72
N UNK O 17 -40.51 28.77 -80.68
CA UNK O 17 -39.67 29.96 -80.59
C UNK O 17 -40.52 31.23 -80.56
N UNK O 18 -41.56 31.27 -81.39
CA UNK O 18 -42.52 32.35 -81.32
C UNK O 18 -43.44 32.17 -80.11
N UNK O 19 -44.30 33.15 -79.89
CA UNK O 19 -45.27 33.05 -78.80
C UNK O 19 -46.27 31.94 -79.10
N UNK O 20 -46.65 31.21 -78.04
CA UNK O 20 -47.53 30.06 -78.20
C UNK O 20 -48.81 30.23 -77.37
N UNK O 21 -49.42 31.42 -77.44
CA UNK O 21 -50.63 31.69 -76.68
C UNK O 21 -51.81 30.83 -77.13
N UNK O 22 -51.71 30.15 -78.26
CA UNK O 22 -52.78 29.28 -78.78
C UNK O 22 -52.20 27.97 -79.27
N UNK O 23 -51.30 27.38 -78.47
CA UNK O 23 -50.65 26.14 -78.85
C UNK O 23 -51.57 24.93 -78.72
N UNK O 24 -52.83 25.11 -78.35
CA UNK O 24 -53.75 23.99 -78.22
C UNK O 24 -53.91 23.25 -79.53
N UNK O 25 -54.23 23.99 -80.60
CA UNK O 25 -54.37 23.37 -81.91
C UNK O 25 -53.05 22.82 -82.42
N UNK O 26 -51.93 23.44 -82.06
CA UNK O 26 -50.63 22.97 -82.50
C UNK O 26 -50.27 21.65 -81.85
N UNK O 27 -50.66 21.46 -80.60
CA UNK O 27 -50.30 20.25 -79.87
C UNK O 27 -50.94 19.00 -80.50
N UNK O 28 -52.20 19.12 -80.92
CA UNK O 28 -52.87 17.98 -81.52
C UNK O 28 -52.21 17.58 -82.83
N UNK O 29 -51.89 18.55 -83.67
CA UNK O 29 -51.20 18.25 -84.93
C UNK O 29 -49.81 17.67 -84.66
N UNK O 30 -49.12 18.21 -83.65
CA UNK O 30 -47.80 17.67 -83.31
C UNK O 30 -47.90 16.21 -82.88
N UNK O 31 -48.91 15.88 -82.09
CA UNK O 31 -49.11 14.49 -81.68
C UNK O 31 -49.44 13.62 -82.89
N UNK O 32 -50.38 14.05 -83.72
CA UNK O 32 -50.80 13.27 -84.87
C UNK O 32 -49.72 13.15 -85.94
N UNK O 33 -48.68 13.97 -85.88
CA UNK O 33 -47.54 13.86 -86.79
C UNK O 33 -46.42 13.01 -86.20
N UNK O 34 -46.07 13.25 -84.93
CA UNK O 34 -45.02 12.46 -84.29
C UNK O 34 -45.45 11.02 -84.02
N UNK O 35 -46.75 10.74 -84.05
CA UNK O 35 -47.21 9.37 -83.85
C UNK O 35 -46.62 8.40 -84.87
N UNK O 36 -46.38 8.87 -86.10
CA UNK O 36 -45.80 8.04 -87.14
C UNK O 36 -44.28 8.03 -86.98
N UNK O 37 -43.83 7.23 -86.02
CA UNK O 37 -42.40 7.10 -85.75
C UNK O 37 -41.70 6.42 -86.93
N UNK O 38 -40.38 6.60 -86.98
CA UNK O 38 -39.57 6.01 -88.03
C UNK O 38 -38.15 5.83 -87.52
N UNK O 39 -37.39 4.99 -88.22
CA UNK O 39 -36.01 4.69 -87.87
C UNK O 39 -35.05 5.10 -88.98
N UNK O 40 -35.37 6.17 -89.71
CA UNK O 40 -34.54 6.62 -90.82
C UNK O 40 -33.53 7.68 -90.38
N UNK O 41 -34.02 8.80 -89.85
CA UNK O 41 -33.12 9.88 -89.43
C UNK O 41 -32.57 9.61 -88.02
N UNK O 42 -33.44 9.61 -87.02
CA UNK O 42 -33.08 9.35 -85.63
C UNK O 42 -31.89 10.20 -85.17
N UNK O 43 -31.78 11.41 -85.70
CA UNK O 43 -30.70 12.33 -85.34
C UNK O 43 -31.17 13.17 -84.16
N UNK O 44 -30.64 12.86 -82.97
CA UNK O 44 -31.07 13.56 -81.76
C UNK O 44 -30.78 15.05 -81.84
N UNK O 45 -29.50 15.41 -81.88
CA UNK O 45 -29.03 16.80 -82.00
C UNK O 45 -29.51 17.70 -80.87
N UNK O 46 -30.11 17.14 -79.82
CA UNK O 46 -30.54 17.88 -78.64
C UNK O 46 -31.51 19.01 -79.01
N UNK O 47 -32.67 18.59 -79.55
CA UNK O 47 -33.70 19.52 -79.97
C UNK O 47 -35.01 19.39 -79.21
N UNK O 48 -35.25 18.27 -78.51
CA UNK O 48 -36.50 18.06 -77.81
C UNK O 48 -36.64 18.91 -76.55
N UNK O 49 -35.64 19.73 -76.22
CA UNK O 49 -35.74 20.59 -75.05
C UNK O 49 -36.89 21.59 -75.19
N UNK O 50 -37.13 22.09 -76.40
CA UNK O 50 -38.25 23.01 -76.62
C UNK O 50 -39.58 22.32 -76.36
N UNK O 51 -39.72 21.08 -76.84
CA UNK O 51 -40.95 20.33 -76.61
C UNK O 51 -41.13 20.04 -75.13
N UNK O 52 -40.04 19.72 -74.43
CA UNK O 52 -40.12 19.48 -72.99
C UNK O 52 -40.57 20.74 -72.26
N UNK O 53 -40.00 21.89 -72.63
CA UNK O 53 -40.39 23.14 -72.00
C UNK O 53 -41.85 23.47 -72.29
N UNK O 54 -42.31 23.20 -73.51
CA UNK O 54 -43.71 23.45 -73.84
C UNK O 54 -44.64 22.57 -73.03
N UNK O 55 -44.30 21.28 -72.91
CA UNK O 55 -45.11 20.38 -72.09
C UNK O 55 -45.12 20.83 -70.64
N UNK O 56 -43.98 21.30 -70.13
CA UNK O 56 -43.93 21.78 -68.76
C UNK O 56 -44.80 23.01 -68.57
N UNK O 57 -44.79 23.92 -69.53
CA UNK O 57 -45.63 25.12 -69.44
C UNK O 57 -47.11 24.75 -69.50
N UNK O 58 -47.46 23.81 -70.36
CA UNK O 58 -48.85 23.36 -70.43
C UNK O 58 -49.29 22.71 -69.12
N UNK O 59 -48.40 21.93 -68.50
CA UNK O 59 -48.72 21.33 -67.21
C UNK O 59 -48.87 22.39 -66.13
N UNK O 60 -48.02 23.43 -66.18
CA UNK O 60 -48.14 24.52 -65.21
C UNK O 60 -49.42 25.30 -65.40
N UNK O 61 -49.90 25.41 -66.63
CA UNK O 61 -51.14 26.12 -66.93
C UNK O 61 -52.36 25.21 -66.94
N UNK O 62 -52.19 23.92 -66.61
CA UNK O 62 -53.29 22.97 -66.61
C UNK O 62 -54.49 23.48 -65.83
N UNK O 63 -54.31 23.75 -64.54
CA UNK O 63 -55.41 24.13 -63.66
C UNK O 63 -55.82 25.57 -63.96
N UNK O 64 -56.90 25.73 -64.71
CA UNK O 64 -57.46 27.03 -65.05
C UNK O 64 -58.88 27.13 -64.51
N UNK O 65 -59.54 28.25 -64.81
CA UNK O 65 -60.93 28.49 -64.42
C UNK O 65 -61.66 29.05 -65.64
N UNK O 66 -62.27 28.15 -66.43
CA UNK O 66 -62.93 28.52 -67.67
C UNK O 66 -63.84 27.39 -68.13
N UNK O 67 -64.26 27.44 -69.40
CA UNK O 67 -64.88 26.30 -70.07
C UNK O 67 -66.16 25.81 -69.42
N UNK O 68 -67.23 26.62 -69.47
CA UNK O 68 -68.56 26.15 -69.10
C UNK O 68 -69.08 25.00 -70.01
N UNK O 69 -68.26 24.65 -70.99
CA UNK O 69 -68.42 23.51 -71.88
C UNK O 69 -67.06 23.29 -72.54
N UNK O 70 -67.01 22.40 -73.54
CA UNK O 70 -65.81 22.19 -74.35
C UNK O 70 -64.62 21.77 -73.47
N UNK O 71 -64.72 20.55 -72.95
CA UNK O 71 -63.75 19.99 -72.02
C UNK O 71 -62.32 20.08 -72.52
N UNK O 72 -61.36 19.87 -71.60
CA UNK O 72 -59.97 20.26 -71.81
C UNK O 72 -59.28 19.32 -72.81
N UNK O 73 -57.97 19.46 -72.93
CA UNK O 73 -57.19 18.89 -74.02
C UNK O 73 -56.86 17.42 -73.75
N UNK O 74 -57.83 16.55 -74.06
CA UNK O 74 -57.49 15.13 -74.18
C UNK O 74 -56.43 14.91 -75.24
N UNK O 75 -56.33 15.83 -76.21
CA UNK O 75 -55.24 15.80 -77.17
C UNK O 75 -53.88 15.87 -76.47
N UNK O 76 -53.72 16.83 -75.55
CA UNK O 76 -52.49 16.89 -74.77
C UNK O 76 -52.36 15.68 -73.86
N UNK O 77 -53.48 15.20 -73.31
CA UNK O 77 -53.44 14.01 -72.49
C UNK O 77 -52.83 12.83 -73.24
N UNK O 78 -53.15 12.70 -74.53
CA UNK O 78 -52.59 11.63 -75.34
C UNK O 78 -51.16 11.95 -75.79
N UNK O 79 -50.89 13.21 -76.13
CA UNK O 79 -49.54 13.63 -76.47
C UNK O 79 -48.57 13.34 -75.34
N UNK O 80 -49.07 13.28 -74.10
CA UNK O 80 -48.25 12.80 -72.99
C UNK O 80 -47.64 11.44 -73.30
N UNK O 81 -48.47 10.43 -73.56
CA UNK O 81 -47.96 9.11 -73.87
C UNK O 81 -47.18 9.09 -75.18
N UNK O 82 -47.59 9.93 -76.13
CA UNK O 82 -46.85 10.04 -77.39
C UNK O 82 -45.40 10.42 -77.13
N UNK O 83 -45.18 11.58 -76.48
CA UNK O 83 -43.85 12.01 -76.14
C UNK O 83 -43.15 11.03 -75.20
N UNK O 84 -43.93 10.29 -74.40
CA UNK O 84 -43.33 9.25 -73.56
C UNK O 84 -42.64 8.19 -74.40
N UNK O 85 -43.39 7.60 -75.34
CA UNK O 85 -42.79 6.60 -76.23
C UNK O 85 -41.65 7.20 -77.05
N UNK O 86 -41.81 8.45 -77.47
CA UNK O 86 -40.77 9.11 -78.26
C UNK O 86 -39.47 9.22 -77.46
N UNK O 87 -39.56 9.75 -76.24
CA UNK O 87 -38.37 9.88 -75.41
C UNK O 87 -37.81 8.51 -75.04
N UNK O 88 -38.67 7.51 -74.89
CA UNK O 88 -38.20 6.15 -74.63
C UNK O 88 -37.29 5.68 -75.77
N UNK O 89 -37.77 5.81 -77.01
CA UNK O 89 -36.96 5.41 -78.16
C UNK O 89 -35.69 6.24 -78.24
N UNK O 90 -35.80 7.55 -78.03
CA UNK O 90 -34.64 8.43 -78.15
C UNK O 90 -33.57 8.09 -77.12
N UNK O 91 -33.98 7.76 -75.89
CA UNK O 91 -33.03 7.43 -74.85
C UNK O 91 -32.45 6.03 -75.06
N UNK O 92 -33.26 5.10 -75.57
CA UNK O 92 -32.72 3.79 -75.92
C UNK O 92 -31.70 3.90 -77.04
N UNK O 93 -31.84 4.90 -77.91
CA UNK O 93 -30.90 5.07 -79.01
C UNK O 93 -29.63 5.80 -78.56
N UNK O 94 -29.78 7.03 -78.11
CA UNK O 94 -28.66 7.89 -77.78
C UNK O 94 -28.48 7.96 -76.26
N UNK O 95 -27.57 8.84 -75.82
CA UNK O 95 -27.33 9.08 -74.40
C UNK O 95 -27.24 10.58 -74.18
N UNK O 96 -28.32 11.17 -73.69
CA UNK O 96 -28.42 12.61 -73.53
C UNK O 96 -28.31 12.97 -72.04
N UNK O 97 -27.30 13.77 -71.70
CA UNK O 97 -27.07 14.20 -70.33
C UNK O 97 -27.13 15.72 -70.19
N UNK O 98 -26.48 16.45 -71.09
CA UNK O 98 -26.41 17.90 -70.98
C UNK O 98 -27.81 18.52 -71.15
N UNK O 99 -27.91 19.80 -70.80
CA UNK O 99 -29.17 20.54 -70.83
C UNK O 99 -30.25 19.83 -70.02
N UNK O 100 -29.84 19.21 -68.92
CA UNK O 100 -30.76 18.48 -68.06
C UNK O 100 -31.65 19.41 -67.25
N UNK O 101 -31.48 20.73 -67.35
CA UNK O 101 -32.39 21.66 -66.70
C UNK O 101 -33.82 21.44 -67.16
N UNK O 102 -34.00 20.94 -68.38
CA UNK O 102 -35.32 20.54 -68.85
C UNK O 102 -35.91 19.49 -67.91
N UNK O 103 -35.17 18.42 -67.66
CA UNK O 103 -35.64 17.39 -66.74
C UNK O 103 -35.83 17.94 -65.33
N UNK O 104 -34.96 18.85 -64.91
CA UNK O 104 -35.11 19.47 -63.60
C UNK O 104 -36.44 20.19 -63.47
N UNK O 105 -36.75 21.05 -64.44
CA UNK O 105 -38.01 21.79 -64.41
C UNK O 105 -39.20 20.87 -64.55
N UNK O 106 -39.08 19.82 -65.37
CA UNK O 106 -40.18 18.86 -65.50
C UNK O 106 -40.46 18.18 -64.18
N UNK O 107 -39.41 17.75 -63.47
CA UNK O 107 -39.60 17.17 -62.15
C UNK O 107 -40.20 18.16 -61.18
N UNK O 108 -39.75 19.42 -61.24
CA UNK O 108 -40.29 20.44 -60.35
C UNK O 108 -41.77 20.70 -60.63
N UNK O 109 -42.20 20.51 -61.87
CA UNK O 109 -43.60 20.71 -62.23
C UNK O 109 -44.51 19.60 -61.73
N UNK O 110 -44.03 18.69 -60.88
CA UNK O 110 -44.85 17.59 -60.38
C UNK O 110 -46.04 18.05 -59.55
N UNK O 111 -46.11 19.33 -59.20
CA UNK O 111 -47.23 19.83 -58.39
C UNK O 111 -48.57 19.69 -59.09
N UNK O 112 -48.57 19.47 -60.41
CA UNK O 112 -49.84 19.33 -61.13
C UNK O 112 -50.64 18.15 -60.60
N UNK O 113 -49.99 17.00 -60.43
CA UNK O 113 -50.66 15.85 -59.84
C UNK O 113 -50.93 16.11 -58.37
N UNK O 114 -52.20 16.06 -57.98
CA UNK O 114 -52.57 16.34 -56.60
C UNK O 114 -53.80 15.53 -56.22
N UNK O 115 -53.76 14.93 -55.03
CA UNK O 115 -54.89 14.26 -54.40
C UNK O 115 -55.23 12.94 -55.07
N UNK O 116 -54.54 12.59 -56.16
CA UNK O 116 -54.81 11.35 -56.87
C UNK O 116 -53.63 10.39 -56.80
N UNK O 117 -52.46 10.80 -57.28
CA UNK O 117 -51.22 10.02 -57.17
C UNK O 117 -51.30 8.67 -57.87
N UNK O 118 -52.44 8.37 -58.51
CA UNK O 118 -52.61 7.15 -59.28
C UNK O 118 -53.14 7.42 -60.69
N UNK O 119 -53.98 8.43 -60.86
CA UNK O 119 -54.46 8.85 -62.17
C UNK O 119 -54.48 10.38 -62.17
N UNK O 120 -53.39 10.98 -62.66
CA UNK O 120 -53.35 12.43 -62.80
C UNK O 120 -54.56 12.95 -63.54
N UNK O 121 -54.83 12.38 -64.71
CA UNK O 121 -56.11 12.57 -65.38
C UNK O 121 -56.67 11.22 -65.80
N UNK O 122 -55.77 10.30 -66.18
CA UNK O 122 -56.19 8.94 -66.54
C UNK O 122 -55.35 7.84 -65.91
N UNK O 123 -54.08 8.07 -65.60
CA UNK O 123 -53.20 7.02 -65.08
C UNK O 123 -51.94 7.69 -64.52
N UNK O 124 -50.95 6.88 -64.17
CA UNK O 124 -49.67 7.35 -63.63
C UNK O 124 -48.56 7.27 -64.66
N UNK O 125 -48.86 7.58 -65.93
CA UNK O 125 -47.86 7.52 -66.99
C UNK O 125 -46.67 8.43 -66.73
N UNK O 126 -46.87 9.50 -65.94
CA UNK O 126 -45.76 10.38 -65.59
C UNK O 126 -44.67 9.61 -64.87
N UNK O 127 -45.04 8.60 -64.07
CA UNK O 127 -44.04 7.79 -63.39
C UNK O 127 -43.20 7.00 -64.38
N UNK O 128 -43.84 6.39 -65.38
CA UNK O 128 -43.10 5.68 -66.41
C UNK O 128 -42.21 6.63 -67.19
N UNK O 129 -42.68 7.85 -67.43
CA UNK O 129 -41.85 8.84 -68.12
C UNK O 129 -40.61 9.19 -67.30
N UNK O 130 -40.80 9.43 -66.00
CA UNK O 130 -39.66 9.73 -65.14
C UNK O 130 -38.70 8.55 -65.09
N UNK O 131 -39.22 7.33 -65.11
CA UNK O 131 -38.36 6.15 -65.12
C UNK O 131 -37.56 6.08 -66.41
N UNK O 132 -38.23 6.29 -67.55
CA UNK O 132 -37.54 6.26 -68.83
C UNK O 132 -36.54 7.39 -68.98
N UNK O 133 -36.69 8.46 -68.21
CA UNK O 133 -35.70 9.54 -68.21
C UNK O 133 -34.31 8.98 -67.88
N UNK O 134 -34.17 8.39 -66.69
CA UNK O 134 -32.93 7.78 -66.24
C UNK O 134 -33.20 7.06 -64.94
N UNK O 135 -32.27 6.18 -64.55
CA UNK O 135 -32.37 5.42 -63.31
C UNK O 135 -31.03 4.73 -63.06
N UNK O 136 -30.96 4.01 -61.94
CA UNK O 136 -29.85 3.12 -61.57
C UNK O 136 -28.54 3.87 -61.32
N UNK O 137 -28.54 5.19 -61.38
CA UNK O 137 -27.32 5.97 -61.14
C UNK O 137 -27.28 6.46 -59.70
N UNK O 138 -26.07 6.82 -59.26
CA UNK O 138 -25.85 7.29 -57.90
C UNK O 138 -26.59 8.60 -57.66
N UNK O 139 -26.24 9.64 -58.43
CA UNK O 139 -26.89 10.94 -58.26
C UNK O 139 -28.38 10.86 -58.58
N UNK O 140 -28.74 10.01 -59.55
CA UNK O 140 -30.15 9.80 -59.85
C UNK O 140 -30.90 9.26 -58.64
N UNK O 141 -30.35 8.23 -58.00
CA UNK O 141 -30.97 7.67 -56.81
C UNK O 141 -30.99 8.67 -55.66
N UNK O 142 -29.96 9.51 -55.57
CA UNK O 142 -29.94 10.54 -54.52
C UNK O 142 -31.07 11.54 -54.71
N UNK O 143 -31.20 12.07 -55.93
CA UNK O 143 -32.30 12.98 -56.22
C UNK O 143 -33.65 12.31 -56.02
N UNK O 144 -33.75 11.03 -56.40
CA UNK O 144 -34.99 10.30 -56.19
C UNK O 144 -35.32 10.18 -54.71
N UNK O 145 -34.32 9.92 -53.88
CA UNK O 145 -34.53 9.83 -52.44
C UNK O 145 -34.97 11.17 -51.87
N UNK O 146 -34.35 12.26 -52.33
CA UNK O 146 -34.74 13.59 -51.86
C UNK O 146 -36.18 13.89 -52.25
N UNK O 147 -36.55 13.61 -53.50
CA UNK O 147 -37.92 13.87 -53.95
C UNK O 147 -38.91 12.97 -53.21
N UNK O 148 -38.51 11.75 -52.88
CA UNK O 148 -39.39 10.88 -52.12
C UNK O 148 -39.58 11.37 -50.69
N UNK O 149 -38.52 11.89 -50.08
CA UNK O 149 -38.63 12.46 -48.74
C UNK O 149 -39.55 13.67 -48.74
N UNK O 150 -39.35 14.58 -49.67
CA UNK O 150 -40.20 15.77 -49.79
C UNK O 150 -41.47 15.52 -50.61
N UNK O 151 -41.81 14.27 -50.87
CA UNK O 151 -42.91 13.96 -51.76
C UNK O 151 -44.26 14.38 -51.16
N UNK O 152 -45.21 14.63 -52.05
CA UNK O 152 -46.58 14.95 -51.68
C UNK O 152 -47.52 14.30 -52.69
N UNK O 153 -48.50 13.56 -52.19
CA UNK O 153 -49.36 12.76 -53.06
C UNK O 153 -50.59 12.33 -52.26
N UNK O 154 -51.35 11.42 -52.84
CA UNK O 154 -52.55 10.86 -52.23
C UNK O 154 -52.15 9.70 -51.30
N UNK O 155 -53.11 8.86 -50.93
CA UNK O 155 -52.90 7.81 -49.95
C UNK O 155 -51.77 6.87 -50.35
N UNK O 156 -51.39 6.00 -49.40
CA UNK O 156 -50.15 5.22 -49.39
C UNK O 156 -49.67 4.72 -50.75
N UNK O 157 -50.57 4.15 -51.55
CA UNK O 157 -50.18 3.53 -52.81
C UNK O 157 -50.05 4.63 -53.86
N UNK O 158 -48.85 5.18 -53.99
CA UNK O 158 -48.60 6.26 -54.94
C UNK O 158 -47.62 5.84 -56.03
N UNK O 159 -46.41 5.39 -55.68
CA UNK O 159 -45.37 5.06 -56.65
C UNK O 159 -44.78 3.70 -56.30
N UNK O 160 -45.35 2.64 -56.89
CA UNK O 160 -44.83 1.29 -56.67
C UNK O 160 -43.72 0.95 -57.66
N UNK O 161 -44.03 0.99 -58.96
CA UNK O 161 -43.06 0.66 -60.01
C UNK O 161 -42.12 1.85 -60.19
N UNK O 162 -41.14 1.95 -59.29
CA UNK O 162 -40.22 3.08 -59.28
C UNK O 162 -38.92 2.80 -60.01
N UNK O 163 -38.49 1.55 -60.11
CA UNK O 163 -37.19 1.23 -60.70
C UNK O 163 -37.24 -0.13 -61.37
N UNK O 164 -36.16 -0.44 -62.08
CA UNK O 164 -35.98 -1.74 -62.74
C UNK O 164 -34.46 -2.00 -62.80
N UNK O 165 -33.97 -2.80 -61.87
CA UNK O 165 -32.53 -3.03 -61.73
C UNK O 165 -32.29 -4.35 -61.01
N UNK O 166 -31.07 -4.56 -60.55
CA UNK O 166 -30.63 -5.82 -59.95
C UNK O 166 -30.94 -5.82 -58.45
N UNK O 167 -31.13 -7.01 -57.89
CA UNK O 167 -31.58 -7.13 -56.50
C UNK O 167 -30.41 -7.05 -55.52
N UNK O 168 -29.48 -7.99 -55.61
CA UNK O 168 -28.57 -8.27 -54.49
C UNK O 168 -27.71 -7.07 -54.13
N UNK O 169 -26.86 -6.63 -55.06
CA UNK O 169 -25.92 -5.56 -54.75
C UNK O 169 -26.62 -4.21 -54.58
N UNK O 170 -27.88 -4.11 -55.00
CA UNK O 170 -28.61 -2.85 -54.87
C UNK O 170 -28.76 -2.44 -53.41
N UNK O 171 -29.01 -3.41 -52.51
CA UNK O 171 -29.16 -3.08 -51.11
C UNK O 171 -27.83 -2.66 -50.49
N UNK O 172 -26.76 -3.37 -50.83
CA UNK O 172 -25.44 -2.99 -50.33
C UNK O 172 -25.05 -1.59 -50.83
N UNK O 173 -25.47 -1.23 -52.04
CA UNK O 173 -25.18 0.11 -52.54
C UNK O 173 -26.06 1.15 -51.87
N UNK O 174 -27.35 0.86 -51.68
CA UNK O 174 -28.28 1.77 -51.05
C UNK O 174 -28.08 1.88 -49.54
N UNK O 175 -27.18 1.06 -48.97
CA UNK O 175 -26.72 1.35 -47.62
C UNK O 175 -26.18 2.78 -47.52
N UNK O 176 -25.60 3.30 -48.59
CA UNK O 176 -25.15 4.68 -48.61
C UNK O 176 -26.33 5.65 -48.57
N UNK O 177 -27.39 5.35 -49.34
CA UNK O 177 -28.60 6.18 -49.27
C UNK O 177 -29.20 6.13 -47.87
N UNK O 178 -29.10 4.99 -47.20
CA UNK O 178 -29.56 4.89 -45.82
C UNK O 178 -28.74 5.78 -44.90
N UNK O 179 -27.41 5.69 -45.01
CA UNK O 179 -26.53 6.57 -44.26
C UNK O 179 -26.74 8.04 -44.61
N UNK O 180 -27.36 8.31 -45.75
CA UNK O 180 -27.73 9.66 -46.16
C UNK O 180 -28.99 10.09 -45.42
N UNK O 181 -29.65 11.15 -45.91
CA UNK O 181 -30.84 11.75 -45.30
C UNK O 181 -31.76 10.73 -44.64
N UNK O 182 -32.23 11.06 -43.44
CA UNK O 182 -32.88 10.09 -42.56
C UNK O 182 -34.06 9.41 -43.25
N UNK O 183 -34.34 8.20 -42.80
CA UNK O 183 -35.41 7.40 -43.39
C UNK O 183 -36.77 7.80 -42.84
N UNK O 184 -36.89 7.86 -41.50
CA UNK O 184 -38.15 8.15 -40.82
C UNK O 184 -39.21 7.11 -41.20
N UNK O 185 -38.94 5.87 -40.82
CA UNK O 185 -39.82 4.72 -41.08
C UNK O 185 -39.95 4.45 -42.58
N UNK O 186 -38.87 4.64 -43.32
CA UNK O 186 -38.79 4.24 -44.72
C UNK O 186 -38.33 2.80 -44.87
N UNK O 187 -38.13 2.09 -43.76
CA UNK O 187 -37.76 0.68 -43.83
C UNK O 187 -38.80 -0.13 -44.58
N UNK O 188 -40.07 0.26 -44.49
CA UNK O 188 -41.11 -0.41 -45.26
C UNK O 188 -40.83 -0.31 -46.75
N UNK O 189 -40.50 0.89 -47.22
CA UNK O 189 -40.18 1.08 -48.64
C UNK O 189 -38.93 0.30 -49.03
N UNK O 190 -37.89 0.37 -48.19
CA UNK O 190 -36.67 -0.37 -48.50
C UNK O 190 -36.92 -1.87 -48.61
N UNK O 191 -37.71 -2.41 -47.67
CA UNK O 191 -38.00 -3.83 -47.67
C UNK O 191 -38.87 -4.22 -48.87
N UNK O 192 -39.85 -3.39 -49.21
CA UNK O 192 -40.66 -3.66 -50.39
C UNK O 192 -39.79 -3.68 -51.65
N UNK O 193 -38.88 -2.72 -51.76
CA UNK O 193 -37.99 -2.68 -52.91
C UNK O 193 -37.12 -3.93 -52.98
N UNK O 194 -36.51 -4.30 -51.85
CA UNK O 194 -35.64 -5.47 -51.84
C UNK O 194 -36.42 -6.74 -52.18
N UNK O 195 -37.61 -6.91 -51.60
CA UNK O 195 -38.40 -8.10 -51.86
C UNK O 195 -38.85 -8.17 -53.32
N UNK O 196 -39.34 -7.06 -53.86
CA UNK O 196 -39.76 -7.05 -55.26
C UNK O 196 -38.59 -7.27 -56.21
N UNK O 197 -37.39 -6.79 -55.85
CA UNK O 197 -36.23 -7.03 -56.68
C UNK O 197 -35.77 -8.48 -56.60
N UNK O 198 -35.95 -9.12 -55.44
CA UNK O 198 -35.57 -10.52 -55.28
C UNK O 198 -36.53 -11.39 -56.06
N UNK O 199 -36.11 -11.83 -57.24
CA UNK O 199 -36.96 -12.59 -58.13
C UNK O 199 -36.08 -13.57 -58.90
N UNK O 200 -36.63 -14.14 -59.98
CA UNK O 200 -35.94 -15.12 -60.81
C UNK O 200 -35.47 -16.32 -60.00
#